data_9MVZ
#
_entry.id   9MVZ
#
_cell.length_a   1.00
_cell.length_b   1.00
_cell.length_c   1.00
_cell.angle_alpha   90.00
_cell.angle_beta   90.00
_cell.angle_gamma   90.00
#
_symmetry.space_group_name_H-M   'P 1'
#
loop_
_entity.id
_entity.type
_entity.pdbx_description
1 polymer 'MmpL5 protein'
2 polymer 'Meromycolate extension acyl carrier protein'
3 polymer 'MmpS5 protein'
4 non-polymer "4'-PHOSPHOPANTETHEINE"
#
loop_
_entity_poly.entity_id
_entity_poly.type
_entity_poly.pdbx_seq_one_letter_code
_entity_poly.pdbx_strand_id
1 'polypeptide(L)'
;MSAPTDDTPTDAIAAPRHSAPPRPRLPWFLRTFAVPIILAWVAVVAILNTVVPTLDEVGEMRAVSMAPNDAPSTLAIKRV
GQVFEEYDTSSSVMIVLEGEEPLGIEAHAFYDKMVADLRADTEHVQHVQDFWGDTLTASGAQSVDGKAAYVQVYIAGDQG
ESLANESVEAVRKIATERETPSGVKAYVTGAAATSADQRAEGDASMKLIEGVTFAVITVMLLAVYRSVITTLIVLAMVVL
GLSGARGIVAFLGFYNVFGLTTFATNMVVTLAIAAATDYAIFLIGRYQEARRAGEDRESAYYTMFHGTAHVVLASGLTIA
GATLCLHFTRLPYFQTMGVPLAIGMLIVVAAALTAGPAVISVVSRFGKTLEPKRFSRSPGWHRVGTATVRWPGAILVCAV
VAALIGLLALPGYYTTYDDRRYLPDDVPANVGYDAAFRHFSQAKMNPDLMMVETDRDLRNPADFLVIDKIAKALKNVHGI
AQVQTITRPDGDPIEHSTIPYTIGQSGTTQIMNNDYMQTNLDNLLKQADDLQTSIDSMTEMMNIQTELAAVSQSMADKMA
QTSDDTADVRDHLADFDDFFRPIRNYLYWEPHCYDIPMCWSMRSIFESIDGINTMSDDFQELVPEMRRMADLMPRMVAVM
PAQIQSMKNQKQTLLNQYQVQKAQQDQNMAMQENATAMSQAFDAAKNDDSFYLPPEAFETDDFQRGMKLFMSPDGHAVRF
TIIHQGDPLTEEGTARMDELKVAAADAIKGTPFEGARIYLGGSAATYNDMQIGADYDLIIVAASALILIFIIMMVLTRAV
VAAAVIVGTVVLSLASAFGLSVLLWQHIVGIPLHWMVLPMSVIVLLAVGADYNLLLVSRMKEEIHAGIRTGIIRAMVGTG
AVVTAAGLVFAFTMASMAVSSLITIGQVGTTIGLGLLFDTLVVRSLMTPSIATLLGRWFWWPQRVRERPVPSKWPTPIQR
TPEEALS
;
D,E,F
2 'polypeptide(L)'
;MAATQEEIIAGLAEIIEEVTGIEPSEVTPEKSFVDDLDIDSLSMVEIAVQTEDKYGVKIPDEDLAGLRTVGDVVAYIQKL
EEENPEAAAALREKFAADQ
;
G,H,I
3 'polypeptide(L)'
;MLGRIWLPVLIVVAVAAGALIVMNVRTVFGSNPVVVTEKTSDNAEDFNPKVVTYEIFGSGSSAVINYMDLEGMPQRVEST
PLPWSLTLQTTLPSVMPHIMAQGDGDSITCRVTVDDVVKEERTATGMNAETFCYVKAA
;
C,A,B
#
# COMPACT_ATOMS: atom_id res chain seq x y z
N ALA A 20 -47.14 -11.93 -71.81
CA ALA A 20 -47.10 -10.90 -70.79
C ALA A 20 -46.19 -11.31 -69.64
N PRO A 21 -45.39 -10.37 -69.13
CA PRO A 21 -44.50 -10.69 -68.01
C PRO A 21 -45.30 -11.04 -66.77
N PRO A 22 -44.94 -12.12 -66.08
CA PRO A 22 -45.63 -12.48 -64.84
C PRO A 22 -45.25 -11.57 -63.68
N ARG A 23 -45.95 -10.45 -63.55
CA ARG A 23 -45.67 -9.52 -62.48
C ARG A 23 -45.91 -10.19 -61.13
N PRO A 24 -45.02 -10.00 -60.14
CA PRO A 24 -45.23 -10.63 -58.84
C PRO A 24 -46.45 -10.05 -58.13
N ARG A 25 -46.98 -10.84 -57.20
CA ARG A 25 -48.24 -10.47 -56.54
C ARG A 25 -48.06 -9.24 -55.66
N LEU A 26 -46.96 -9.16 -54.91
CA LEU A 26 -46.83 -8.11 -53.90
C LEU A 26 -46.70 -6.72 -54.49
N PRO A 27 -45.76 -6.43 -55.39
CA PRO A 27 -45.73 -5.09 -55.99
C PRO A 27 -46.98 -4.77 -56.78
N TRP A 28 -47.59 -5.76 -57.42
CA TRP A 28 -48.84 -5.52 -58.15
C TRP A 28 -49.93 -5.09 -57.19
N PHE A 29 -50.02 -5.75 -56.03
CA PHE A 29 -51.02 -5.37 -55.04
C PHE A 29 -50.77 -3.97 -54.50
N LEU A 30 -49.50 -3.64 -54.27
CA LEU A 30 -49.17 -2.30 -53.80
C LEU A 30 -49.54 -1.25 -54.83
N ARG A 31 -49.34 -1.55 -56.11
CA ARG A 31 -49.60 -0.57 -57.16
C ARG A 31 -51.09 -0.42 -57.41
N THR A 32 -51.85 -1.51 -57.34
CA THR A 32 -53.26 -1.47 -57.72
C THR A 32 -54.09 -0.76 -56.66
N PHE A 33 -53.79 -0.98 -55.38
CA PHE A 33 -54.56 -0.41 -54.28
C PHE A 33 -53.74 0.63 -53.51
N ALA A 34 -53.03 1.49 -54.25
CA ALA A 34 -52.12 2.44 -53.61
C ALA A 34 -52.88 3.46 -52.76
N VAL A 35 -53.93 4.04 -53.31
CA VAL A 35 -54.68 5.09 -52.63
C VAL A 35 -55.30 4.58 -51.33
N PRO A 36 -55.96 3.41 -51.32
CA PRO A 36 -56.47 2.90 -50.03
C PRO A 36 -55.37 2.68 -49.00
N ILE A 37 -54.21 2.19 -49.42
CA ILE A 37 -53.11 1.96 -48.50
C ILE A 37 -52.62 3.26 -47.90
N ILE A 38 -52.44 4.28 -48.74
CA ILE A 38 -51.97 5.57 -48.26
C ILE A 38 -52.98 6.17 -47.28
N LEU A 39 -54.27 6.09 -47.64
CA LEU A 39 -55.29 6.65 -46.76
C LEU A 39 -55.34 5.92 -45.42
N ALA A 40 -55.21 4.59 -45.45
CA ALA A 40 -55.21 3.82 -44.21
C ALA A 40 -54.03 4.20 -43.33
N TRP A 41 -52.86 4.35 -43.94
CA TRP A 41 -51.68 4.73 -43.16
C TRP A 41 -51.85 6.09 -42.52
N VAL A 42 -52.33 7.07 -43.30
CA VAL A 42 -52.50 8.42 -42.77
C VAL A 42 -53.52 8.42 -41.64
N ALA A 43 -54.63 7.69 -41.83
CA ALA A 43 -55.67 7.65 -40.80
C ALA A 43 -55.14 7.02 -39.52
N VAL A 44 -54.43 5.90 -39.63
CA VAL A 44 -53.90 5.23 -38.44
C VAL A 44 -52.93 6.15 -37.71
N VAL A 45 -52.03 6.79 -38.45
CA VAL A 45 -51.03 7.65 -37.82
C VAL A 45 -51.71 8.82 -37.11
N ALA A 46 -52.69 9.44 -37.75
CA ALA A 46 -53.40 10.55 -37.13
C ALA A 46 -54.12 10.10 -35.87
N ILE A 47 -54.77 8.94 -35.92
CA ILE A 47 -55.48 8.43 -34.74
C ILE A 47 -54.50 8.21 -33.59
N LEU A 48 -53.35 7.59 -33.89
CA LEU A 48 -52.37 7.35 -32.83
C LEU A 48 -51.85 8.64 -32.23
N ASN A 49 -51.57 9.64 -33.07
CA ASN A 49 -51.05 10.91 -32.58
C ASN A 49 -52.11 11.76 -31.91
N THR A 50 -53.37 11.43 -32.08
CA THR A 50 -54.43 12.21 -31.46
C THR A 50 -54.96 11.61 -30.16
N VAL A 51 -55.02 10.28 -30.05
CA VAL A 51 -55.68 9.66 -28.90
C VAL A 51 -54.92 9.96 -27.61
N VAL A 52 -53.60 9.85 -27.63
CA VAL A 52 -52.79 9.97 -26.42
C VAL A 52 -52.01 11.28 -26.43
N PRO A 53 -51.44 11.71 -25.30
CA PRO A 53 -50.66 12.96 -25.29
C PRO A 53 -49.38 12.87 -26.11
N THR A 54 -48.61 13.96 -26.12
CA THR A 54 -47.37 13.98 -26.89
C THR A 54 -46.30 13.14 -26.21
N LEU A 55 -45.23 12.87 -26.95
CA LEU A 55 -44.16 12.02 -26.43
C LEU A 55 -43.45 12.66 -25.25
N ASP A 56 -43.39 14.00 -25.23
CA ASP A 56 -42.70 14.68 -24.14
C ASP A 56 -43.41 14.45 -22.81
N GLU A 57 -44.72 14.62 -22.78
CA GLU A 57 -45.47 14.42 -21.54
C GLU A 57 -45.40 12.97 -21.09
N VAL A 58 -45.53 12.03 -22.01
CA VAL A 58 -45.48 10.62 -21.66
C VAL A 58 -44.11 10.26 -21.11
N GLY A 59 -43.06 10.77 -21.72
CA GLY A 59 -41.72 10.53 -21.20
C GLY A 59 -41.51 11.16 -19.85
N GLU A 60 -42.10 12.33 -19.62
CA GLU A 60 -41.99 12.98 -18.32
C GLU A 60 -42.69 12.17 -17.23
N MET A 61 -43.85 11.61 -17.53
CA MET A 61 -44.62 10.92 -16.51
C MET A 61 -44.30 9.43 -16.42
N ARG A 62 -43.33 8.93 -17.19
CA ARG A 62 -42.97 7.52 -17.16
C ARG A 62 -41.46 7.34 -16.99
N ALA A 63 -40.80 8.29 -16.34
CA ALA A 63 -39.35 8.20 -16.18
C ALA A 63 -38.99 7.01 -15.29
N VAL A 64 -37.77 6.51 -15.48
CA VAL A 64 -37.29 5.31 -14.82
C VAL A 64 -36.10 5.67 -13.95
N SER A 65 -36.00 5.00 -12.80
CA SER A 65 -34.89 5.20 -11.88
C SER A 65 -33.56 4.85 -12.54
N MET A 66 -32.54 5.65 -12.26
CA MET A 66 -31.23 5.44 -12.88
C MET A 66 -30.57 4.18 -12.34
N ALA A 67 -30.68 3.92 -11.05
CA ALA A 67 -29.92 2.80 -10.55
C ALA A 67 -30.81 1.60 -10.26
N PRO A 68 -30.37 0.40 -10.60
CA PRO A 68 -31.16 -0.80 -10.33
C PRO A 68 -31.21 -1.10 -8.84
N ASN A 69 -32.21 -1.90 -8.47
CA ASN A 69 -32.38 -2.27 -7.07
C ASN A 69 -31.29 -3.23 -6.61
N ASP A 70 -30.59 -3.85 -7.56
CA ASP A 70 -29.49 -4.73 -7.19
C ASP A 70 -28.26 -3.95 -6.77
N ALA A 71 -28.20 -2.66 -7.07
CA ALA A 71 -27.03 -1.85 -6.81
C ALA A 71 -26.72 -1.83 -5.32
N PRO A 72 -25.50 -2.22 -4.92
CA PRO A 72 -25.16 -2.23 -3.49
C PRO A 72 -25.29 -0.87 -2.82
N SER A 73 -25.00 0.23 -3.52
CA SER A 73 -25.11 1.54 -2.91
C SER A 73 -26.56 1.88 -2.56
N THR A 74 -27.49 1.58 -3.48
CA THR A 74 -28.89 1.82 -3.20
C THR A 74 -29.38 0.98 -2.02
N LEU A 75 -28.97 -0.29 -1.98
CA LEU A 75 -29.33 -1.15 -0.87
C LEU A 75 -28.76 -0.61 0.44
N ALA A 76 -27.54 -0.08 0.39
CA ALA A 76 -26.93 0.48 1.60
C ALA A 76 -27.71 1.68 2.11
N ILE A 77 -28.09 2.59 1.21
CA ILE A 77 -28.82 3.77 1.65
C ILE A 77 -30.19 3.37 2.21
N LYS A 78 -30.90 2.46 1.53
CA LYS A 78 -32.20 2.04 2.03
C LYS A 78 -32.07 1.30 3.35
N ARG A 79 -30.99 0.52 3.53
CA ARG A 79 -30.75 -0.16 4.79
C ARG A 79 -30.53 0.83 5.91
N VAL A 80 -29.75 1.88 5.65
CA VAL A 80 -29.56 2.93 6.64
C VAL A 80 -30.89 3.57 6.99
N GLY A 81 -31.73 3.80 5.98
CA GLY A 81 -33.01 4.43 6.24
C GLY A 81 -33.92 3.58 7.11
N GLN A 82 -33.99 2.28 6.84
CA GLN A 82 -34.91 1.44 7.59
C GLN A 82 -34.37 1.10 8.98
N VAL A 83 -33.06 0.91 9.11
CA VAL A 83 -32.48 0.57 10.42
C VAL A 83 -32.64 1.73 11.38
N PHE A 84 -32.36 2.94 10.91
CA PHE A 84 -32.50 4.13 11.75
C PHE A 84 -33.94 4.60 11.86
N GLU A 85 -34.87 3.98 11.14
CA GLU A 85 -36.29 4.30 11.20
C GLU A 85 -36.55 5.77 10.89
N GLU A 86 -35.95 6.23 9.80
CA GLU A 86 -36.08 7.64 9.42
C GLU A 86 -36.73 7.82 8.06
N TYR A 87 -36.27 7.07 7.06
CA TYR A 87 -36.74 7.21 5.68
C TYR A 87 -36.70 5.86 4.99
N ASP A 88 -37.15 5.83 3.74
CA ASP A 88 -37.08 4.60 2.95
C ASP A 88 -36.68 4.85 1.50
N THR A 89 -36.19 6.04 1.17
CA THR A 89 -35.75 6.35 -0.18
C THR A 89 -34.26 6.11 -0.30
N SER A 90 -33.68 6.56 -1.42
CA SER A 90 -32.24 6.47 -1.63
C SER A 90 -31.67 7.72 -2.27
N SER A 91 -32.45 8.78 -2.41
CA SER A 91 -32.03 10.01 -3.07
C SER A 91 -32.18 11.19 -2.12
N SER A 92 -31.19 12.08 -2.13
CA SER A 92 -31.20 13.24 -1.26
C SER A 92 -30.71 14.46 -2.01
N VAL A 93 -31.14 15.63 -1.57
CA VAL A 93 -30.71 16.90 -2.12
C VAL A 93 -30.23 17.78 -0.97
N MET A 94 -29.42 18.78 -1.32
CA MET A 94 -28.85 19.69 -0.33
C MET A 94 -29.35 21.10 -0.59
N ILE A 95 -29.84 21.74 0.46
CA ILE A 95 -30.28 23.13 0.38
C ILE A 95 -29.14 24.01 0.90
N VAL A 96 -28.75 25.00 0.11
CA VAL A 96 -27.63 25.87 0.45
C VAL A 96 -28.17 27.25 0.77
N LEU A 97 -27.74 27.80 1.89
CA LEU A 97 -28.09 29.17 2.30
C LEU A 97 -26.83 30.01 2.21
N GLU A 98 -26.83 30.99 1.32
CA GLU A 98 -25.69 31.87 1.16
C GLU A 98 -26.08 33.31 1.47
N GLY A 99 -25.18 34.04 2.12
CA GLY A 99 -25.43 35.42 2.48
C GLY A 99 -24.23 36.30 2.18
N GLU A 100 -24.51 37.58 1.96
CA GLU A 100 -23.44 38.54 1.75
C GLU A 100 -22.67 38.81 3.03
N GLU A 101 -23.36 38.82 4.17
CA GLU A 101 -22.78 38.99 5.49
C GLU A 101 -22.85 37.68 6.25
N PRO A 102 -21.99 37.49 7.24
CA PRO A 102 -22.02 36.25 8.01
C PRO A 102 -23.39 36.01 8.64
N LEU A 103 -23.84 34.75 8.60
CA LEU A 103 -25.18 34.42 9.03
C LEU A 103 -25.31 34.51 10.53
N GLY A 104 -26.35 35.20 11.00
CA GLY A 104 -26.51 35.45 12.42
C GLY A 104 -27.78 34.85 13.01
N ILE A 105 -28.38 35.57 13.95
CA ILE A 105 -29.54 35.03 14.68
C ILE A 105 -30.75 34.94 13.75
N GLU A 106 -31.01 35.99 12.97
CA GLU A 106 -32.16 35.99 12.07
C GLU A 106 -32.02 34.87 11.04
N ALA A 107 -30.80 34.60 10.58
CA ALA A 107 -30.59 33.49 9.66
C ALA A 107 -30.98 32.17 10.31
N HIS A 108 -30.61 31.99 11.58
CA HIS A 108 -30.98 30.76 12.28
C HIS A 108 -32.48 30.65 12.45
N ALA A 109 -33.16 31.75 12.75
CA ALA A 109 -34.62 31.70 12.87
C ALA A 109 -35.27 31.32 11.56
N PHE A 110 -34.82 31.93 10.46
CA PHE A 110 -35.34 31.59 9.14
C PHE A 110 -35.06 30.13 8.80
N TYR A 111 -33.87 29.66 9.14
CA TYR A 111 -33.51 28.27 8.90
C TYR A 111 -34.40 27.31 9.67
N ASP A 112 -34.68 27.63 10.93
CA ASP A 112 -35.54 26.76 11.73
C ASP A 112 -36.94 26.72 11.17
N LYS A 113 -37.47 27.87 10.75
CA LYS A 113 -38.81 27.90 10.16
C LYS A 113 -38.86 27.09 8.87
N MET A 114 -37.83 27.23 8.03
CA MET A 114 -37.78 26.47 6.79
C MET A 114 -37.71 24.97 7.05
N VAL A 115 -36.90 24.58 8.04
CA VAL A 115 -36.79 23.16 8.39
C VAL A 115 -38.13 22.61 8.87
N ALA A 116 -38.83 23.38 9.70
CA ALA A 116 -40.13 22.94 10.19
C ALA A 116 -41.10 22.75 9.03
N ASP A 117 -41.14 23.71 8.10
CA ASP A 117 -42.05 23.57 6.97
C ASP A 117 -41.66 22.42 6.06
N LEU A 118 -40.36 22.18 5.87
CA LEU A 118 -39.94 21.03 5.07
C LEU A 118 -40.40 19.73 5.72
N ARG A 119 -40.24 19.63 7.04
CA ARG A 119 -40.70 18.43 7.73
C ARG A 119 -42.22 18.30 7.69
N ALA A 120 -42.92 19.41 7.48
CA ALA A 120 -44.38 19.35 7.39
C ALA A 120 -44.84 18.65 6.12
N ASP A 121 -44.06 18.72 5.03
CA ASP A 121 -44.45 18.17 3.75
C ASP A 121 -44.08 16.69 3.69
N THR A 122 -44.97 15.86 4.23
CA THR A 122 -44.68 14.43 4.33
C THR A 122 -44.67 13.74 2.98
N GLU A 123 -45.39 14.29 2.00
CA GLU A 123 -45.54 13.60 0.73
C GLU A 123 -44.22 13.55 -0.04
N HIS A 124 -43.46 14.64 -0.02
CA HIS A 124 -42.22 14.74 -0.78
C HIS A 124 -40.99 14.55 0.10
N VAL A 125 -40.92 15.27 1.21
CA VAL A 125 -39.76 15.21 2.09
C VAL A 125 -39.96 14.13 3.14
N GLN A 126 -38.96 13.28 3.33
CA GLN A 126 -39.03 12.17 4.27
C GLN A 126 -38.17 12.36 5.50
N HIS A 127 -37.01 13.01 5.38
CA HIS A 127 -36.12 13.18 6.51
C HIS A 127 -35.20 14.36 6.25
N VAL A 128 -35.02 15.19 7.27
CA VAL A 128 -34.09 16.32 7.23
C VAL A 128 -33.14 16.15 8.40
N GLN A 129 -31.85 15.96 8.12
CA GLN A 129 -30.86 15.86 9.18
C GLN A 129 -30.31 17.26 9.42
N ASP A 130 -30.70 17.85 10.55
CA ASP A 130 -30.35 19.22 10.88
C ASP A 130 -29.07 19.22 11.70
N PHE A 131 -27.97 19.65 11.08
CA PHE A 131 -26.69 19.76 11.76
C PHE A 131 -26.37 21.19 12.18
N TRP A 132 -26.80 22.18 11.40
CA TRP A 132 -26.56 23.57 11.76
C TRP A 132 -27.33 23.96 13.02
N GLY A 133 -28.53 23.40 13.20
CA GLY A 133 -29.32 23.75 14.37
C GLY A 133 -28.68 23.25 15.66
N ASP A 134 -28.18 22.02 15.65
CA ASP A 134 -27.56 21.46 16.84
C ASP A 134 -26.15 22.03 17.01
N THR A 135 -25.83 22.46 18.24
CA THR A 135 -24.55 23.10 18.49
C THR A 135 -23.40 22.11 18.44
N LEU A 136 -23.70 20.83 18.69
CA LEU A 136 -22.65 19.82 18.67
C LEU A 136 -22.06 19.65 17.29
N THR A 137 -22.85 19.87 16.24
CA THR A 137 -22.42 19.64 14.87
C THR A 137 -22.49 20.88 14.00
N ALA A 138 -22.73 22.06 14.59
CA ALA A 138 -22.97 23.24 13.78
C ALA A 138 -21.71 23.70 13.06
N SER A 139 -20.52 23.32 13.55
CA SER A 139 -19.29 23.75 12.92
C SER A 139 -19.16 23.15 11.52
N GLY A 140 -19.56 21.91 11.35
CA GLY A 140 -19.45 21.27 10.04
C GLY A 140 -20.37 21.88 9.00
N ALA A 141 -21.58 22.27 9.39
CA ALA A 141 -22.57 22.71 8.41
C ALA A 141 -22.30 24.12 7.91
N GLN A 142 -21.42 24.86 8.57
CA GLN A 142 -21.19 26.24 8.18
C GLN A 142 -19.80 26.44 7.62
N SER A 143 -19.69 27.33 6.64
CA SER A 143 -18.44 27.59 5.95
C SER A 143 -17.47 28.33 6.87
N VAL A 144 -16.20 28.35 6.46
CA VAL A 144 -15.16 28.97 7.28
C VAL A 144 -15.44 30.46 7.44
N ASP A 145 -15.76 31.15 6.34
CA ASP A 145 -16.07 32.57 6.42
C ASP A 145 -17.37 32.85 7.15
N GLY A 146 -18.21 31.84 7.34
CA GLY A 146 -19.46 32.02 8.04
C GLY A 146 -20.57 32.60 7.21
N LYS A 147 -20.41 32.70 5.90
CA LYS A 147 -21.41 33.31 5.03
C LYS A 147 -22.22 32.28 4.26
N ALA A 148 -22.11 31.00 4.61
CA ALA A 148 -22.88 29.97 3.92
C ALA A 148 -23.17 28.83 4.89
N ALA A 149 -24.25 28.10 4.61
CA ALA A 149 -24.61 26.91 5.37
C ALA A 149 -25.42 26.00 4.47
N TYR A 150 -25.45 24.72 4.82
CA TYR A 150 -26.16 23.73 4.02
C TYR A 150 -26.84 22.70 4.92
N VAL A 151 -27.88 22.08 4.37
CA VAL A 151 -28.60 21.01 5.05
C VAL A 151 -28.95 19.95 4.02
N GLN A 152 -28.98 18.69 4.46
CA GLN A 152 -29.28 17.56 3.59
C GLN A 152 -30.70 17.09 3.82
N VAL A 153 -31.43 16.84 2.73
CA VAL A 153 -32.85 16.50 2.78
C VAL A 153 -33.07 15.25 1.95
N TYR A 154 -33.79 14.28 2.51
CA TYR A 154 -34.12 13.05 1.80
C TYR A 154 -35.52 13.17 1.21
N ILE A 155 -35.63 12.97 -0.10
CA ILE A 155 -36.88 13.19 -0.81
C ILE A 155 -37.45 11.85 -1.26
N ALA A 156 -38.76 11.82 -1.46
CA ALA A 156 -39.43 10.60 -1.90
C ALA A 156 -39.01 10.24 -3.33
N GLY A 157 -38.92 8.95 -3.60
CA GLY A 157 -38.54 8.46 -4.91
C GLY A 157 -37.03 8.33 -5.06
N ASP A 158 -36.64 7.56 -6.07
CA ASP A 158 -35.23 7.33 -6.35
C ASP A 158 -34.77 8.21 -7.50
N GLN A 159 -33.47 8.49 -7.54
CA GLN A 159 -32.91 9.44 -8.49
C GLN A 159 -33.25 9.05 -9.92
N GLY A 160 -33.75 10.02 -10.68
CA GLY A 160 -34.11 9.81 -12.06
C GLY A 160 -35.60 9.62 -12.27
N GLU A 161 -36.28 9.04 -11.28
CA GLU A 161 -37.70 8.76 -11.40
C GLU A 161 -38.50 10.06 -11.42
N SER A 162 -39.70 9.99 -11.97
CA SER A 162 -40.56 11.17 -12.05
C SER A 162 -40.93 11.68 -10.67
N LEU A 163 -41.13 10.77 -9.72
CA LEU A 163 -41.45 11.18 -8.35
C LEU A 163 -40.31 11.99 -7.74
N ALA A 164 -39.07 11.59 -8.02
CA ALA A 164 -37.92 12.34 -7.54
C ALA A 164 -37.88 13.75 -8.12
N ASN A 165 -38.17 13.88 -9.41
CA ASN A 165 -38.18 15.19 -10.04
C ASN A 165 -39.26 16.08 -9.42
N GLU A 166 -40.45 15.50 -9.20
CA GLU A 166 -41.51 16.25 -8.54
C GLU A 166 -41.11 16.68 -7.14
N SER A 167 -40.44 15.79 -6.40
CA SER A 167 -39.99 16.11 -5.05
C SER A 167 -38.98 17.25 -5.07
N VAL A 168 -38.06 17.22 -6.03
CA VAL A 168 -37.07 18.30 -6.14
C VAL A 168 -37.76 19.62 -6.41
N GLU A 169 -38.75 19.60 -7.28
CA GLU A 169 -39.50 20.83 -7.55
C GLU A 169 -40.21 21.33 -6.30
N ALA A 170 -40.82 20.42 -5.54
CA ALA A 170 -41.53 20.83 -4.33
C ALA A 170 -40.58 21.43 -3.30
N VAL A 171 -39.40 20.82 -3.13
CA VAL A 171 -38.42 21.35 -2.19
C VAL A 171 -37.94 22.72 -2.62
N ARG A 172 -37.69 22.89 -3.93
CA ARG A 172 -37.29 24.20 -4.43
C ARG A 172 -38.37 25.25 -4.16
N LYS A 173 -39.63 24.90 -4.39
CA LYS A 173 -40.71 25.83 -4.16
C LYS A 173 -40.80 26.23 -2.70
N ILE A 174 -40.70 25.24 -1.80
CA ILE A 174 -40.78 25.52 -0.37
C ILE A 174 -39.63 26.42 0.06
N ALA A 175 -38.42 26.14 -0.44
CA ALA A 175 -37.26 26.93 -0.05
C ALA A 175 -37.36 28.37 -0.56
N THR A 176 -37.84 28.56 -1.80
CA THR A 176 -37.78 29.89 -2.39
C THR A 176 -38.98 30.75 -2.02
N GLU A 177 -40.12 30.13 -1.70
CA GLU A 177 -41.33 30.91 -1.42
C GLU A 177 -41.24 31.68 -0.10
N ARG A 178 -40.22 31.42 0.70
CA ARG A 178 -40.12 32.04 2.02
C ARG A 178 -39.82 33.53 1.90
N GLU A 179 -40.16 34.28 2.94
CA GLU A 179 -39.73 35.67 3.06
C GLU A 179 -38.33 35.69 3.69
N THR A 180 -37.32 35.71 2.84
CA THR A 180 -35.95 35.62 3.33
C THR A 180 -35.49 36.93 3.96
N PRO A 181 -34.56 36.87 4.91
CA PRO A 181 -33.90 38.10 5.36
C PRO A 181 -33.09 38.72 4.24
N SER A 182 -32.85 40.02 4.35
CA SER A 182 -32.11 40.73 3.33
C SER A 182 -30.72 40.13 3.15
N GLY A 183 -30.35 39.88 1.88
CA GLY A 183 -29.03 39.38 1.55
C GLY A 183 -28.87 37.87 1.61
N VAL A 184 -29.91 37.13 1.96
CA VAL A 184 -29.82 35.69 2.11
C VAL A 184 -30.67 35.02 1.04
N LYS A 185 -30.04 34.14 0.26
CA LYS A 185 -30.71 33.42 -0.81
C LYS A 185 -30.49 31.93 -0.64
N ALA A 186 -31.49 31.13 -1.00
CA ALA A 186 -31.48 29.69 -0.83
C ALA A 186 -31.49 28.99 -2.17
N TYR A 187 -30.60 28.00 -2.32
CA TYR A 187 -30.49 27.23 -3.56
C TYR A 187 -30.61 25.75 -3.22
N VAL A 188 -31.26 25.00 -4.11
CA VAL A 188 -31.36 23.55 -3.96
C VAL A 188 -30.44 22.93 -5.01
N THR A 189 -29.45 22.18 -4.55
CA THR A 189 -28.51 21.49 -5.43
C THR A 189 -28.36 20.04 -4.98
N GLY A 190 -27.49 19.31 -5.67
CA GLY A 190 -27.24 17.93 -5.34
C GLY A 190 -27.30 17.03 -6.55
N ALA A 191 -27.16 15.72 -6.34
CA ALA A 191 -27.18 14.79 -7.47
C ALA A 191 -28.59 14.65 -8.04
N ALA A 192 -29.59 14.49 -7.17
CA ALA A 192 -30.95 14.33 -7.65
C ALA A 192 -31.44 15.57 -8.39
N ALA A 193 -31.05 16.76 -7.90
CA ALA A 193 -31.40 17.98 -8.61
C ALA A 193 -30.76 18.02 -9.98
N THR A 194 -29.50 17.56 -10.08
CA THR A 194 -28.84 17.52 -11.37
C THR A 194 -29.54 16.57 -12.32
N SER A 195 -30.00 15.42 -11.81
CA SER A 195 -30.74 14.48 -12.65
C SER A 195 -32.04 15.09 -13.14
N ALA A 196 -32.76 15.79 -12.27
CA ALA A 196 -34.01 16.43 -12.68
C ALA A 196 -33.76 17.46 -13.77
N ASP A 197 -32.72 18.28 -13.60
CA ASP A 197 -32.41 19.29 -14.61
C ASP A 197 -31.95 18.64 -15.91
N GLN A 198 -31.23 17.53 -15.83
CA GLN A 198 -30.82 16.81 -17.02
C GLN A 198 -32.03 16.35 -17.81
N ARG A 199 -33.02 15.77 -17.13
CA ARG A 199 -34.24 15.36 -17.81
C ARG A 199 -34.96 16.56 -18.41
N ALA A 200 -35.03 17.66 -17.66
CA ALA A 200 -35.74 18.84 -18.15
C ALA A 200 -35.12 19.39 -19.42
N GLU A 201 -33.78 19.50 -19.46
CA GLU A 201 -33.12 20.00 -20.65
C GLU A 201 -33.26 19.04 -21.82
N GLY A 202 -33.18 17.73 -21.54
CA GLY A 202 -33.39 16.75 -22.60
C GLY A 202 -34.77 16.87 -23.22
N ASP A 203 -35.78 17.13 -22.40
CA ASP A 203 -37.13 17.30 -22.95
C ASP A 203 -37.29 18.65 -23.64
N ALA A 204 -36.55 19.65 -23.19
CA ALA A 204 -36.72 20.99 -23.78
C ALA A 204 -36.09 21.08 -25.17
N SER A 205 -34.93 20.48 -25.36
CA SER A 205 -34.21 20.68 -26.62
C SER A 205 -34.74 19.85 -27.78
N MET A 206 -35.76 19.01 -27.55
CA MET A 206 -36.19 18.07 -28.58
C MET A 206 -36.80 18.79 -29.78
N LYS A 207 -37.60 19.82 -29.55
CA LYS A 207 -38.22 20.55 -30.66
C LYS A 207 -37.17 21.21 -31.52
N LEU A 208 -36.17 21.84 -30.89
CA LEU A 208 -35.09 22.47 -31.65
C LEU A 208 -34.32 21.44 -32.46
N ILE A 209 -34.05 20.28 -31.86
CA ILE A 209 -33.35 19.22 -32.59
C ILE A 209 -34.14 18.81 -33.82
N GLU A 210 -35.45 18.63 -33.65
CA GLU A 210 -36.29 18.22 -34.77
C GLU A 210 -36.28 19.26 -35.88
N GLY A 211 -36.41 20.54 -35.51
CA GLY A 211 -36.39 21.59 -36.52
C GLY A 211 -35.09 21.63 -37.29
N VAL A 212 -33.96 21.55 -36.58
CA VAL A 212 -32.67 21.60 -37.25
C VAL A 212 -32.49 20.40 -38.17
N THR A 213 -32.89 19.21 -37.71
CA THR A 213 -32.76 18.03 -38.54
C THR A 213 -33.57 18.16 -39.82
N PHE A 214 -34.80 18.66 -39.71
CA PHE A 214 -35.62 18.82 -40.90
C PHE A 214 -34.99 19.83 -41.87
N ALA A 215 -34.45 20.93 -41.34
CA ALA A 215 -33.81 21.92 -42.21
C ALA A 215 -32.62 21.31 -42.95
N VAL A 216 -31.78 20.58 -42.22
CA VAL A 216 -30.58 20.00 -42.84
C VAL A 216 -30.97 18.96 -43.88
N ILE A 217 -31.97 18.15 -43.58
CA ILE A 217 -32.42 17.12 -44.52
C ILE A 217 -32.96 17.77 -45.79
N THR A 218 -33.75 18.84 -45.64
CA THR A 218 -34.28 19.52 -46.82
C THR A 218 -33.15 20.08 -47.67
N VAL A 219 -32.16 20.70 -47.03
CA VAL A 219 -31.05 21.28 -47.79
C VAL A 219 -30.31 20.18 -48.56
N MET A 220 -30.02 19.07 -47.90
CA MET A 220 -29.25 18.02 -48.57
C MET A 220 -30.06 17.36 -49.68
N LEU A 221 -31.36 17.17 -49.48
CA LEU A 221 -32.18 16.59 -50.53
C LEU A 221 -32.26 17.52 -51.73
N LEU A 222 -32.36 18.84 -51.50
CA LEU A 222 -32.33 19.78 -52.60
C LEU A 222 -31.01 19.70 -53.35
N ALA A 223 -29.91 19.58 -52.62
CA ALA A 223 -28.61 19.48 -53.28
C ALA A 223 -28.50 18.21 -54.12
N VAL A 224 -29.06 17.10 -53.62
CA VAL A 224 -28.89 15.83 -54.30
C VAL A 224 -29.81 15.72 -55.52
N TYR A 225 -31.09 16.01 -55.33
CA TYR A 225 -32.07 15.71 -56.37
C TYR A 225 -32.32 16.87 -57.32
N ARG A 226 -31.98 18.09 -56.91
CA ARG A 226 -32.19 19.29 -57.73
C ARG A 226 -33.66 19.49 -58.10
N SER A 227 -34.56 18.84 -57.36
CA SER A 227 -35.99 18.88 -57.67
C SER A 227 -36.75 19.21 -56.39
N VAL A 228 -37.59 20.24 -56.44
CA VAL A 228 -38.38 20.61 -55.28
C VAL A 228 -39.47 19.59 -55.02
N ILE A 229 -40.10 19.08 -56.08
CA ILE A 229 -41.20 18.14 -55.92
C ILE A 229 -40.69 16.82 -55.35
N THR A 230 -39.54 16.36 -55.83
CA THR A 230 -38.95 15.14 -55.29
C THR A 230 -38.63 15.29 -53.81
N THR A 231 -38.08 16.45 -53.44
CA THR A 231 -37.79 16.71 -52.03
C THR A 231 -39.06 16.72 -51.20
N LEU A 232 -40.13 17.30 -51.74
CA LEU A 232 -41.39 17.33 -51.00
C LEU A 232 -41.94 15.92 -50.81
N ILE A 233 -41.82 15.07 -51.83
CA ILE A 233 -42.29 13.70 -51.70
C ILE A 233 -41.49 12.95 -50.64
N VAL A 234 -40.17 13.10 -50.66
CA VAL A 234 -39.34 12.42 -49.67
C VAL A 234 -39.66 12.94 -48.27
N LEU A 235 -39.88 14.25 -48.14
CA LEU A 235 -40.23 14.81 -46.84
C LEU A 235 -41.56 14.28 -46.35
N ALA A 236 -42.53 14.12 -47.26
CA ALA A 236 -43.81 13.54 -46.86
C ALA A 236 -43.63 12.12 -46.34
N MET A 237 -42.81 11.32 -47.03
CA MET A 237 -42.54 9.97 -46.55
C MET A 237 -41.90 9.99 -45.16
N VAL A 238 -40.91 10.86 -44.98
CA VAL A 238 -40.19 10.94 -43.71
C VAL A 238 -41.15 11.36 -42.60
N VAL A 239 -42.02 12.33 -42.87
CA VAL A 239 -42.96 12.80 -41.85
C VAL A 239 -43.92 11.68 -41.48
N LEU A 240 -44.41 10.94 -42.47
CA LEU A 240 -45.30 9.82 -42.16
C LEU A 240 -44.61 8.80 -41.27
N GLY A 241 -43.38 8.42 -41.61
CA GLY A 241 -42.68 7.43 -40.82
C GLY A 241 -42.39 7.90 -39.41
N LEU A 242 -41.90 9.14 -39.28
CA LEU A 242 -41.58 9.68 -37.96
C LEU A 242 -42.82 9.80 -37.10
N SER A 243 -43.93 10.28 -37.67
CA SER A 243 -45.16 10.40 -36.91
C SER A 243 -45.66 9.04 -36.46
N GLY A 244 -45.59 8.04 -37.34
CA GLY A 244 -45.98 6.70 -36.92
C GLY A 244 -45.15 6.18 -35.77
N ALA A 245 -43.83 6.38 -35.85
CA ALA A 245 -42.94 5.88 -34.82
C ALA A 245 -43.22 6.55 -33.48
N ARG A 246 -43.25 7.88 -33.46
CA ARG A 246 -43.48 8.57 -32.19
C ARG A 246 -44.87 8.28 -31.66
N GLY A 247 -45.87 8.17 -32.54
CA GLY A 247 -47.21 7.87 -32.07
C GLY A 247 -47.30 6.52 -31.40
N ILE A 248 -46.72 5.49 -32.03
CA ILE A 248 -46.82 4.16 -31.44
C ILE A 248 -46.04 4.10 -30.14
N VAL A 249 -44.87 4.74 -30.08
CA VAL A 249 -44.08 4.71 -28.85
C VAL A 249 -44.83 5.42 -27.72
N ALA A 250 -45.39 6.59 -28.01
CA ALA A 250 -46.12 7.34 -26.99
C ALA A 250 -47.35 6.57 -26.53
N PHE A 251 -48.08 5.96 -27.47
CA PHE A 251 -49.28 5.21 -27.13
C PHE A 251 -48.95 4.03 -26.23
N LEU A 252 -47.89 3.29 -26.55
CA LEU A 252 -47.53 2.14 -25.74
C LEU A 252 -47.00 2.58 -24.37
N GLY A 253 -46.24 3.68 -24.35
CA GLY A 253 -45.72 4.15 -23.08
C GLY A 253 -46.81 4.66 -22.15
N PHE A 254 -47.85 5.28 -22.71
CA PHE A 254 -48.89 5.86 -21.88
C PHE A 254 -49.63 4.80 -21.07
N TYR A 255 -49.76 3.59 -21.62
CA TYR A 255 -50.43 2.49 -20.93
C TYR A 255 -49.46 1.58 -20.19
N ASN A 256 -48.32 2.10 -19.76
CA ASN A 256 -47.42 1.43 -18.83
C ASN A 256 -46.95 0.07 -19.36
N VAL A 257 -46.85 -0.05 -20.68
CA VAL A 257 -46.23 -1.26 -21.24
C VAL A 257 -44.73 -1.28 -20.93
N PHE A 258 -44.09 -0.12 -20.97
CA PHE A 258 -42.67 -0.02 -20.63
C PHE A 258 -42.38 1.39 -20.14
N GLY A 259 -41.23 1.53 -19.49
CA GLY A 259 -40.78 2.84 -19.04
C GLY A 259 -40.01 3.59 -20.11
N LEU A 260 -39.74 4.86 -19.84
CA LEU A 260 -39.10 5.73 -20.81
C LEU A 260 -38.04 6.59 -20.14
N THR A 261 -37.09 7.06 -20.94
CA THR A 261 -36.11 8.05 -20.52
C THR A 261 -35.98 9.09 -21.62
N THR A 262 -35.31 10.20 -21.29
CA THR A 262 -35.08 11.24 -22.28
C THR A 262 -34.20 10.74 -23.42
N PHE A 263 -33.18 9.94 -23.09
CA PHE A 263 -32.32 9.38 -24.12
C PHE A 263 -33.12 8.52 -25.09
N ALA A 264 -34.04 7.71 -24.56
CA ALA A 264 -34.85 6.85 -25.40
C ALA A 264 -35.68 7.66 -26.38
N THR A 265 -36.29 8.74 -25.91
CA THR A 265 -37.14 9.55 -26.78
C THR A 265 -36.32 10.25 -27.86
N ASN A 266 -35.21 10.86 -27.48
CA ASN A 266 -34.36 11.53 -28.47
C ASN A 266 -33.87 10.55 -29.52
N MET A 267 -33.40 9.37 -29.08
CA MET A 267 -32.91 8.38 -30.01
C MET A 267 -34.01 7.89 -30.93
N VAL A 268 -35.22 7.67 -30.38
CA VAL A 268 -36.34 7.24 -31.20
C VAL A 268 -36.59 8.23 -32.33
N VAL A 269 -36.66 9.52 -31.98
CA VAL A 269 -36.99 10.53 -32.98
C VAL A 269 -35.92 10.58 -34.06
N THR A 270 -34.65 10.69 -33.65
CA THR A 270 -33.59 10.86 -34.63
C THR A 270 -33.43 9.62 -35.51
N LEU A 271 -33.49 8.43 -34.90
CA LEU A 271 -33.35 7.20 -35.66
C LEU A 271 -34.50 7.03 -36.64
N ALA A 272 -35.73 7.36 -36.23
CA ALA A 272 -36.85 7.27 -37.15
C ALA A 272 -36.65 8.16 -38.34
N ILE A 273 -36.25 9.42 -38.10
CA ILE A 273 -36.05 10.36 -39.21
C ILE A 273 -34.98 9.82 -40.16
N ALA A 274 -33.83 9.41 -39.61
CA ALA A 274 -32.73 8.98 -40.45
C ALA A 274 -33.09 7.74 -41.26
N ALA A 275 -33.70 6.75 -40.62
CA ALA A 275 -34.03 5.51 -41.31
C ALA A 275 -35.06 5.74 -42.41
N ALA A 276 -36.08 6.56 -42.12
CA ALA A 276 -37.09 6.83 -43.14
C ALA A 276 -36.45 7.51 -44.34
N THR A 277 -35.59 8.50 -44.09
CA THR A 277 -34.94 9.19 -45.21
C THR A 277 -34.08 8.23 -46.02
N ASP A 278 -33.34 7.35 -45.34
CA ASP A 278 -32.50 6.39 -46.05
C ASP A 278 -33.31 5.46 -46.94
N TYR A 279 -34.43 4.95 -46.42
CA TYR A 279 -35.24 4.05 -47.23
C TYR A 279 -35.83 4.76 -48.43
N ALA A 280 -36.30 6.00 -48.24
CA ALA A 280 -36.81 6.76 -49.36
C ALA A 280 -35.73 6.98 -50.41
N ILE A 281 -34.51 7.30 -49.97
CA ILE A 281 -33.42 7.52 -50.90
C ILE A 281 -33.11 6.26 -51.68
N PHE A 282 -33.05 5.11 -51.00
CA PHE A 282 -32.76 3.85 -51.69
C PHE A 282 -33.81 3.57 -52.77
N LEU A 283 -35.08 3.63 -52.39
CA LEU A 283 -36.15 3.30 -53.34
C LEU A 283 -36.11 4.23 -54.54
N ILE A 284 -36.06 5.55 -54.29
CA ILE A 284 -36.12 6.50 -55.39
C ILE A 284 -34.87 6.41 -56.25
N GLY A 285 -33.71 6.15 -55.64
CA GLY A 285 -32.50 6.02 -56.41
C GLY A 285 -32.55 4.84 -57.36
N ARG A 286 -33.02 3.69 -56.88
CA ARG A 286 -33.14 2.54 -57.77
C ARG A 286 -34.15 2.80 -58.88
N TYR A 287 -35.28 3.43 -58.54
CA TYR A 287 -36.29 3.72 -59.55
C TYR A 287 -35.74 4.65 -60.62
N GLN A 288 -35.00 5.68 -60.21
CA GLN A 288 -34.48 6.63 -61.18
C GLN A 288 -33.36 6.02 -62.01
N GLU A 289 -32.58 5.12 -61.42
CA GLU A 289 -31.58 4.41 -62.21
C GLU A 289 -32.24 3.56 -63.29
N ALA A 290 -33.31 2.85 -62.93
CA ALA A 290 -34.04 2.06 -63.92
C ALA A 290 -34.64 2.96 -65.00
N ARG A 291 -35.20 4.11 -64.61
CA ARG A 291 -35.74 5.04 -65.60
C ARG A 291 -34.67 5.57 -66.53
N ARG A 292 -33.51 5.93 -65.98
CA ARG A 292 -32.43 6.46 -66.80
C ARG A 292 -31.86 5.39 -67.73
N ALA A 293 -31.94 4.13 -67.32
CA ALA A 293 -31.51 3.06 -68.21
C ALA A 293 -32.36 3.01 -69.48
N GLY A 294 -33.66 3.24 -69.35
CA GLY A 294 -34.52 3.31 -70.51
C GLY A 294 -35.89 2.68 -70.34
N GLU A 295 -36.09 1.96 -69.24
CA GLU A 295 -37.35 1.28 -69.01
C GLU A 295 -38.47 2.28 -68.79
N ASP A 296 -39.69 1.88 -69.15
CA ASP A 296 -40.84 2.73 -68.91
C ASP A 296 -41.22 2.69 -67.44
N ARG A 297 -42.20 3.52 -67.07
CA ARG A 297 -42.47 3.77 -65.66
C ARG A 297 -42.96 2.51 -64.95
N GLU A 298 -43.80 1.72 -65.61
CA GLU A 298 -44.26 0.47 -65.02
C GLU A 298 -43.10 -0.48 -64.76
N SER A 299 -42.29 -0.72 -65.78
CA SER A 299 -41.16 -1.63 -65.64
C SER A 299 -40.11 -1.04 -64.70
N ALA A 300 -39.96 0.28 -64.69
CA ALA A 300 -39.03 0.90 -63.74
C ALA A 300 -39.48 0.66 -62.31
N TYR A 301 -40.78 0.81 -62.04
CA TYR A 301 -41.29 0.56 -60.70
C TYR A 301 -41.06 -0.90 -60.29
N TYR A 302 -41.37 -1.84 -61.19
CA TYR A 302 -41.19 -3.24 -60.83
C TYR A 302 -39.72 -3.59 -60.65
N THR A 303 -38.82 -3.02 -61.46
CA THR A 303 -37.40 -3.25 -61.26
C THR A 303 -36.93 -2.68 -59.92
N MET A 304 -37.40 -1.48 -59.58
CA MET A 304 -37.05 -0.88 -58.29
C MET A 304 -37.45 -1.79 -57.15
N PHE A 305 -38.70 -2.27 -57.16
CA PHE A 305 -39.14 -3.13 -56.07
C PHE A 305 -38.33 -4.42 -56.05
N HIS A 306 -38.11 -5.04 -57.21
CA HIS A 306 -37.41 -6.32 -57.24
C HIS A 306 -35.99 -6.17 -56.71
N GLY A 307 -35.34 -5.06 -57.03
CA GLY A 307 -33.95 -4.87 -56.65
C GLY A 307 -33.71 -4.34 -55.26
N THR A 308 -34.67 -3.64 -54.65
CA THR A 308 -34.42 -3.05 -53.34
C THR A 308 -35.37 -3.48 -52.24
N ALA A 309 -36.38 -4.29 -52.54
CA ALA A 309 -37.33 -4.68 -51.50
C ALA A 309 -36.65 -5.46 -50.38
N HIS A 310 -35.83 -6.44 -50.74
CA HIS A 310 -35.22 -7.30 -49.73
C HIS A 310 -34.15 -6.54 -48.95
N VAL A 311 -33.44 -5.63 -49.60
CA VAL A 311 -32.36 -4.90 -48.93
C VAL A 311 -32.92 -3.97 -47.87
N VAL A 312 -34.01 -3.27 -48.17
CA VAL A 312 -34.63 -2.39 -47.19
C VAL A 312 -35.11 -3.19 -45.99
N LEU A 313 -35.75 -4.32 -46.25
CA LEU A 313 -36.25 -5.16 -45.16
C LEU A 313 -35.09 -5.67 -44.30
N ALA A 314 -34.01 -6.10 -44.94
CA ALA A 314 -32.86 -6.62 -44.19
C ALA A 314 -32.22 -5.53 -43.34
N SER A 315 -32.07 -4.34 -43.91
CA SER A 315 -31.50 -3.22 -43.16
C SER A 315 -32.38 -2.88 -41.96
N GLY A 316 -33.68 -2.82 -42.16
CA GLY A 316 -34.58 -2.53 -41.06
C GLY A 316 -34.54 -3.59 -39.98
N LEU A 317 -34.47 -4.86 -40.38
CA LEU A 317 -34.39 -5.94 -39.40
C LEU A 317 -33.08 -5.88 -38.63
N THR A 318 -31.97 -5.55 -39.30
CA THR A 318 -30.71 -5.42 -38.58
C THR A 318 -30.78 -4.29 -37.56
N ILE A 319 -31.35 -3.15 -37.95
CA ILE A 319 -31.45 -2.04 -37.01
C ILE A 319 -32.36 -2.40 -35.84
N ALA A 320 -33.49 -3.04 -36.13
CA ALA A 320 -34.41 -3.42 -35.06
C ALA A 320 -33.81 -4.44 -34.12
N GLY A 321 -33.12 -5.45 -34.66
CA GLY A 321 -32.56 -6.48 -33.82
C GLY A 321 -31.35 -6.02 -33.03
N ALA A 322 -30.57 -5.10 -33.59
CA ALA A 322 -29.42 -4.57 -32.87
C ALA A 322 -29.87 -3.83 -31.62
N THR A 323 -30.81 -2.90 -31.78
CA THR A 323 -31.29 -2.12 -30.63
C THR A 323 -31.98 -3.01 -29.62
N LEU A 324 -32.63 -4.08 -30.07
CA LEU A 324 -33.30 -4.98 -29.15
C LEU A 324 -32.32 -5.73 -28.26
N CYS A 325 -31.05 -5.75 -28.61
CA CYS A 325 -30.05 -6.36 -27.74
C CYS A 325 -29.77 -5.53 -26.50
N LEU A 326 -30.18 -4.26 -26.49
CA LEU A 326 -30.07 -3.45 -25.29
C LEU A 326 -30.98 -3.94 -24.18
N HIS A 327 -31.97 -4.76 -24.51
CA HIS A 327 -32.89 -5.30 -23.51
C HIS A 327 -32.23 -6.28 -22.56
N PHE A 328 -31.03 -6.75 -22.88
CA PHE A 328 -30.33 -7.74 -22.06
C PHE A 328 -29.27 -7.12 -21.16
N THR A 329 -29.24 -5.80 -21.06
CA THR A 329 -28.29 -5.13 -20.18
C THR A 329 -28.83 -5.05 -18.76
N ARG A 330 -28.01 -4.50 -17.87
CA ARG A 330 -28.36 -4.39 -16.45
C ARG A 330 -28.76 -3.00 -16.02
N LEU A 331 -28.15 -1.96 -16.58
CA LEU A 331 -28.51 -0.61 -16.21
C LEU A 331 -29.86 -0.24 -16.82
N PRO A 332 -30.78 0.34 -16.03
CA PRO A 332 -32.09 0.70 -16.59
C PRO A 332 -32.03 1.66 -17.76
N TYR A 333 -31.04 2.56 -17.77
CA TYR A 333 -30.95 3.54 -18.85
C TYR A 333 -30.75 2.86 -20.20
N PHE A 334 -29.89 1.85 -20.25
CA PHE A 334 -29.72 1.11 -21.50
C PHE A 334 -30.90 0.18 -21.75
N GLN A 335 -31.37 -0.49 -20.71
CA GLN A 335 -32.39 -1.52 -20.91
C GLN A 335 -33.71 -0.94 -21.39
N THR A 336 -34.08 0.23 -20.89
CA THR A 336 -35.37 0.77 -21.31
C THR A 336 -35.36 1.31 -22.73
N MET A 337 -34.28 1.17 -23.49
CA MET A 337 -34.24 1.61 -24.88
C MET A 337 -34.53 0.50 -25.88
N GLY A 338 -34.39 -0.76 -25.48
CA GLY A 338 -34.50 -1.88 -26.40
C GLY A 338 -35.83 -1.98 -27.09
N VAL A 339 -36.90 -2.21 -26.33
CA VAL A 339 -38.23 -2.40 -26.90
C VAL A 339 -38.72 -1.16 -27.65
N PRO A 340 -38.64 0.06 -27.08
CA PRO A 340 -39.17 1.22 -27.81
C PRO A 340 -38.50 1.43 -29.16
N LEU A 341 -37.18 1.36 -29.19
CA LEU A 341 -36.45 1.55 -30.44
C LEU A 341 -36.80 0.46 -31.45
N ALA A 342 -36.90 -0.79 -30.99
CA ALA A 342 -37.23 -1.88 -31.88
C ALA A 342 -38.60 -1.68 -32.50
N ILE A 343 -39.59 -1.32 -31.69
CA ILE A 343 -40.95 -1.14 -32.19
C ILE A 343 -41.00 0.04 -33.17
N GLY A 344 -40.32 1.13 -32.83
CA GLY A 344 -40.29 2.27 -33.74
C GLY A 344 -39.66 1.93 -35.07
N MET A 345 -38.54 1.20 -35.04
CA MET A 345 -37.88 0.82 -36.28
C MET A 345 -38.76 -0.11 -37.11
N LEU A 346 -39.45 -1.05 -36.45
CA LEU A 346 -40.35 -1.93 -37.18
C LEU A 346 -41.46 -1.15 -37.87
N ILE A 347 -42.04 -0.17 -37.16
CA ILE A 347 -43.10 0.64 -37.75
C ILE A 347 -42.57 1.42 -38.94
N VAL A 348 -41.38 2.01 -38.79
CA VAL A 348 -40.81 2.80 -39.88
C VAL A 348 -40.55 1.92 -41.10
N VAL A 349 -40.06 0.70 -40.87
CA VAL A 349 -39.76 -0.20 -41.98
C VAL A 349 -41.04 -0.64 -42.68
N ALA A 350 -42.07 -0.97 -41.91
CA ALA A 350 -43.34 -1.35 -42.53
C ALA A 350 -43.92 -0.22 -43.35
N ALA A 351 -43.87 1.01 -42.81
CA ALA A 351 -44.35 2.16 -43.56
C ALA A 351 -43.56 2.37 -44.83
N ALA A 352 -42.24 2.25 -44.75
CA ALA A 352 -41.41 2.48 -45.94
C ALA A 352 -41.63 1.41 -46.99
N LEU A 353 -41.88 0.16 -46.58
CA LEU A 353 -42.05 -0.92 -47.52
C LEU A 353 -43.46 -1.03 -48.08
N THR A 354 -44.46 -0.41 -47.45
CA THR A 354 -45.82 -0.47 -47.98
C THR A 354 -46.26 0.87 -48.55
N ALA A 355 -46.20 1.96 -47.78
CA ALA A 355 -46.67 3.24 -48.30
C ALA A 355 -45.67 3.85 -49.27
N GLY A 356 -44.39 3.51 -49.12
CA GLY A 356 -43.36 4.05 -49.99
C GLY A 356 -43.59 3.72 -51.45
N PRO A 357 -43.62 2.43 -51.77
CA PRO A 357 -43.95 2.02 -53.14
C PRO A 357 -45.29 2.55 -53.63
N ALA A 358 -46.28 2.65 -52.74
CA ALA A 358 -47.58 3.20 -53.14
C ALA A 358 -47.45 4.66 -53.56
N VAL A 359 -46.73 5.45 -52.77
CA VAL A 359 -46.54 6.86 -53.09
C VAL A 359 -45.77 7.00 -54.40
N ILE A 360 -44.73 6.17 -54.58
CA ILE A 360 -43.95 6.21 -55.81
C ILE A 360 -44.83 5.89 -57.01
N SER A 361 -45.68 4.87 -56.87
CA SER A 361 -46.56 4.48 -57.96
C SER A 361 -47.55 5.58 -58.31
N VAL A 362 -48.14 6.21 -57.29
CA VAL A 362 -49.18 7.21 -57.55
C VAL A 362 -48.57 8.45 -58.21
N VAL A 363 -47.50 8.98 -57.63
CA VAL A 363 -47.01 10.29 -58.06
C VAL A 363 -46.38 10.21 -59.44
N SER A 364 -45.62 9.15 -59.71
CA SER A 364 -44.90 9.05 -60.98
C SER A 364 -45.87 9.08 -62.16
N ARG A 365 -47.09 8.60 -61.95
CA ARG A 365 -48.08 8.60 -63.03
C ARG A 365 -48.49 10.02 -63.40
N PHE A 366 -48.57 10.91 -62.40
CA PHE A 366 -49.13 12.25 -62.57
C PHE A 366 -48.04 13.21 -63.03
N GLY A 367 -47.67 13.09 -64.30
CA GLY A 367 -46.67 13.96 -64.88
C GLY A 367 -45.26 13.47 -64.65
N LYS A 368 -44.30 14.29 -65.09
CA LYS A 368 -42.88 13.95 -64.98
C LYS A 368 -42.38 14.38 -63.60
N THR A 369 -42.76 13.61 -62.59
CA THR A 369 -42.47 13.95 -61.20
C THR A 369 -41.16 13.35 -60.71
N LEU A 370 -41.01 12.03 -60.76
CA LEU A 370 -39.81 11.36 -60.26
C LEU A 370 -38.80 11.08 -61.37
N GLU A 371 -38.99 11.66 -62.54
CA GLU A 371 -38.03 11.47 -63.62
C GLU A 371 -36.69 12.08 -63.24
N PRO A 372 -35.58 11.46 -63.64
CA PRO A 372 -34.26 11.99 -63.29
C PRO A 372 -34.06 13.40 -63.81
N LYS A 373 -33.75 14.34 -62.92
CA LYS A 373 -33.67 15.74 -63.31
C LYS A 373 -32.40 16.03 -64.10
N ARG A 374 -31.27 15.47 -63.67
CA ARG A 374 -29.99 15.71 -64.33
C ARG A 374 -29.41 14.36 -64.77
N PHE A 375 -29.38 14.15 -66.08
CA PHE A 375 -28.82 12.92 -66.63
C PHE A 375 -27.30 13.06 -66.71
N SER A 376 -26.58 12.27 -65.93
CA SER A 376 -25.14 12.26 -65.96
C SER A 376 -24.63 10.96 -65.36
N ARG A 377 -23.60 10.39 -65.98
CA ARG A 377 -22.98 9.19 -65.45
C ARG A 377 -22.06 9.55 -64.30
N SER A 378 -21.25 8.58 -63.86
CA SER A 378 -20.40 8.75 -62.70
C SER A 378 -18.95 8.48 -63.08
N PRO A 379 -18.24 9.45 -63.65
CA PRO A 379 -16.81 9.24 -63.93
C PRO A 379 -16.00 8.96 -62.66
N GLY A 380 -16.32 9.64 -61.57
CA GLY A 380 -15.59 9.42 -60.33
C GLY A 380 -15.74 8.00 -59.83
N TRP A 381 -16.95 7.47 -59.87
CA TRP A 381 -17.16 6.10 -59.40
C TRP A 381 -16.56 5.09 -60.36
N HIS A 382 -16.56 5.37 -61.66
CA HIS A 382 -15.81 4.53 -62.58
C HIS A 382 -14.34 4.47 -62.19
N ARG A 383 -13.74 5.63 -61.92
CA ARG A 383 -12.33 5.65 -61.55
C ARG A 383 -12.08 4.90 -60.25
N VAL A 384 -12.93 5.10 -59.25
CA VAL A 384 -12.74 4.43 -57.97
C VAL A 384 -12.88 2.92 -58.13
N GLY A 385 -13.87 2.47 -58.90
CA GLY A 385 -14.03 1.04 -59.13
C GLY A 385 -12.84 0.43 -59.85
N THR A 386 -12.35 1.12 -60.89
CA THR A 386 -11.19 0.60 -61.61
C THR A 386 -9.97 0.53 -60.72
N ALA A 387 -9.74 1.56 -59.91
CA ALA A 387 -8.59 1.55 -59.02
C ALA A 387 -8.72 0.43 -57.99
N THR A 388 -9.92 0.18 -57.50
CA THR A 388 -10.12 -0.85 -56.50
C THR A 388 -10.00 -2.26 -57.09
N VAL A 389 -10.30 -2.42 -58.37
CA VAL A 389 -10.23 -3.72 -59.02
C VAL A 389 -8.81 -4.02 -59.51
N ARG A 390 -8.13 -3.05 -60.10
CA ARG A 390 -6.82 -3.30 -60.68
C ARG A 390 -5.75 -3.48 -59.61
N TRP A 391 -5.74 -2.62 -58.59
CA TRP A 391 -4.71 -2.63 -57.56
C TRP A 391 -5.36 -2.73 -56.19
N PRO A 392 -5.87 -3.91 -55.84
CA PRO A 392 -6.55 -4.05 -54.54
C PRO A 392 -5.60 -4.03 -53.36
N GLY A 393 -4.39 -4.56 -53.52
CA GLY A 393 -3.48 -4.66 -52.40
C GLY A 393 -3.09 -3.31 -51.82
N ALA A 394 -2.69 -2.38 -52.70
CA ALA A 394 -2.27 -1.06 -52.24
C ALA A 394 -3.42 -0.31 -51.60
N ILE A 395 -4.60 -0.37 -52.21
CA ILE A 395 -5.75 0.35 -51.70
C ILE A 395 -6.17 -0.22 -50.34
N LEU A 396 -6.17 -1.54 -50.22
CA LEU A 396 -6.49 -2.15 -48.94
C LEU A 396 -5.49 -1.76 -47.87
N VAL A 397 -4.20 -1.72 -48.23
CA VAL A 397 -3.18 -1.32 -47.27
C VAL A 397 -3.43 0.10 -46.78
N CYS A 398 -3.70 1.01 -47.72
CA CYS A 398 -3.95 2.40 -47.34
C CYS A 398 -5.18 2.52 -46.45
N ALA A 399 -6.25 1.81 -46.80
CA ALA A 399 -7.48 1.90 -46.02
C ALA A 399 -7.28 1.36 -44.61
N VAL A 400 -6.58 0.23 -44.47
CA VAL A 400 -6.35 -0.36 -43.16
C VAL A 400 -5.45 0.55 -42.33
N VAL A 401 -4.45 1.17 -42.95
CA VAL A 401 -3.60 2.10 -42.23
C VAL A 401 -4.43 3.29 -41.74
N ALA A 402 -5.31 3.80 -42.59
CA ALA A 402 -6.15 4.93 -42.19
C ALA A 402 -7.08 4.56 -41.04
N ALA A 403 -7.63 3.34 -41.07
CA ALA A 403 -8.57 2.93 -40.03
C ALA A 403 -7.87 2.78 -38.69
N LEU A 404 -6.62 2.32 -38.68
CA LEU A 404 -5.95 2.04 -37.42
C LEU A 404 -5.37 3.29 -36.78
N ILE A 405 -5.43 4.43 -37.47
CA ILE A 405 -4.91 5.66 -36.90
C ILE A 405 -5.68 6.04 -35.64
N GLY A 406 -6.99 5.81 -35.65
CA GLY A 406 -7.83 6.19 -34.53
C GLY A 406 -7.48 5.50 -33.22
N LEU A 407 -6.79 4.36 -33.28
CA LEU A 407 -6.42 3.67 -32.05
C LEU A 407 -5.43 4.47 -31.21
N LEU A 408 -4.81 5.50 -31.77
CA LEU A 408 -3.86 6.29 -31.01
C LEU A 408 -4.54 7.11 -29.92
N ALA A 409 -5.84 7.33 -30.01
CA ALA A 409 -6.55 8.06 -28.97
C ALA A 409 -6.90 7.20 -27.77
N LEU A 410 -6.82 5.88 -27.92
CA LEU A 410 -7.23 4.98 -26.83
C LEU A 410 -6.43 5.16 -25.55
N PRO A 411 -5.09 5.25 -25.57
CA PRO A 411 -4.37 5.33 -24.29
C PRO A 411 -4.77 6.50 -23.40
N GLY A 412 -5.13 7.63 -24.00
CA GLY A 412 -5.51 8.81 -23.24
C GLY A 412 -6.98 8.96 -22.96
N TYR A 413 -7.79 7.92 -23.15
CA TYR A 413 -9.22 8.04 -22.95
C TYR A 413 -9.59 7.91 -21.48
N TYR A 414 -10.46 8.80 -21.02
CA TYR A 414 -10.98 8.73 -19.66
C TYR A 414 -12.37 9.36 -19.66
N THR A 415 -13.16 9.01 -18.64
CA THR A 415 -14.52 9.52 -18.51
C THR A 415 -14.73 10.10 -17.13
N THR A 416 -15.80 10.87 -16.99
CA THR A 416 -16.17 11.52 -15.74
C THR A 416 -17.65 11.30 -15.48
N TYR A 417 -18.05 11.45 -14.22
CA TYR A 417 -19.41 11.17 -13.80
C TYR A 417 -20.13 12.40 -13.28
N ASP A 418 -19.54 13.58 -13.39
CA ASP A 418 -20.15 14.81 -12.87
C ASP A 418 -21.04 15.39 -13.94
N ASP A 419 -22.35 15.38 -13.71
CA ASP A 419 -23.31 15.81 -14.72
C ASP A 419 -23.45 17.32 -14.82
N ARG A 420 -22.95 18.09 -13.85
CA ARG A 420 -23.03 19.54 -13.96
C ARG A 420 -22.08 20.06 -15.02
N ARG A 421 -21.14 19.24 -15.48
CA ARG A 421 -20.27 19.62 -16.58
C ARG A 421 -20.97 19.50 -17.93
N TYR A 422 -22.07 18.74 -18.00
CA TYR A 422 -22.78 18.47 -19.22
C TYR A 422 -24.07 19.26 -19.34
N LEU A 423 -24.24 20.30 -18.53
CA LEU A 423 -25.44 21.10 -18.50
C LEU A 423 -25.11 22.58 -18.69
N PRO A 424 -26.04 23.38 -19.19
CA PRO A 424 -25.79 24.82 -19.28
C PRO A 424 -25.69 25.45 -17.90
N ASP A 425 -24.98 26.57 -17.82
CA ASP A 425 -24.70 27.19 -16.53
C ASP A 425 -25.93 27.84 -15.90
N ASP A 426 -27.04 27.97 -16.63
CA ASP A 426 -28.20 28.67 -16.09
C ASP A 426 -29.21 27.74 -15.44
N VAL A 427 -28.98 26.43 -15.45
CA VAL A 427 -29.93 25.54 -14.79
C VAL A 427 -29.86 25.75 -13.28
N PRO A 428 -30.93 25.53 -12.53
CA PRO A 428 -30.88 25.80 -11.08
C PRO A 428 -29.82 25.01 -10.34
N ALA A 429 -29.58 23.76 -10.75
CA ALA A 429 -28.57 22.94 -10.08
C ALA A 429 -27.19 23.56 -10.21
N ASN A 430 -26.86 24.08 -11.39
CA ASN A 430 -25.55 24.68 -11.58
C ASN A 430 -25.42 25.99 -10.81
N VAL A 431 -26.51 26.75 -10.68
CA VAL A 431 -26.47 27.95 -9.87
C VAL A 431 -26.19 27.60 -8.41
N GLY A 432 -26.88 26.58 -7.90
CA GLY A 432 -26.62 26.16 -6.53
C GLY A 432 -25.20 25.63 -6.35
N TYR A 433 -24.70 24.91 -7.35
CA TYR A 433 -23.33 24.40 -7.28
C TYR A 433 -22.32 25.54 -7.24
N ASP A 434 -22.54 26.56 -8.05
CA ASP A 434 -21.65 27.71 -8.04
C ASP A 434 -21.67 28.40 -6.69
N ALA A 435 -22.87 28.59 -6.13
CA ALA A 435 -22.98 29.22 -4.82
C ALA A 435 -22.25 28.43 -3.76
N ALA A 436 -22.42 27.10 -3.77
CA ALA A 436 -21.77 26.26 -2.78
C ALA A 436 -20.25 26.28 -2.96
N PHE A 437 -19.79 26.23 -4.21
CA PHE A 437 -18.34 26.15 -4.45
C PHE A 437 -17.64 27.47 -4.18
N ARG A 438 -18.38 28.59 -4.18
CA ARG A 438 -17.76 29.84 -3.79
C ARG A 438 -17.28 29.83 -2.35
N HIS A 439 -17.91 29.05 -1.48
CA HIS A 439 -17.53 29.00 -0.07
C HIS A 439 -17.01 27.64 0.35
N PHE A 440 -17.76 26.56 0.12
CA PHE A 440 -17.35 25.24 0.53
C PHE A 440 -16.38 24.63 -0.49
N SER A 441 -16.04 23.37 -0.27
CA SER A 441 -15.32 22.59 -1.27
C SER A 441 -16.28 21.66 -2.00
N GLN A 442 -15.84 21.18 -3.17
CA GLN A 442 -16.73 20.40 -4.02
C GLN A 442 -17.18 19.12 -3.34
N ALA A 443 -16.31 18.52 -2.53
CA ALA A 443 -16.61 17.21 -1.97
C ALA A 443 -17.72 17.26 -0.93
N LYS A 444 -17.99 18.44 -0.36
CA LYS A 444 -18.98 18.51 0.71
C LYS A 444 -20.40 18.44 0.17
N MET A 445 -20.58 18.66 -1.13
CA MET A 445 -21.91 18.56 -1.72
C MET A 445 -22.28 17.14 -2.10
N ASN A 446 -21.32 16.22 -2.13
CA ASN A 446 -21.56 14.82 -2.45
C ASN A 446 -20.79 13.94 -1.47
N PRO A 447 -21.28 13.81 -0.24
CA PRO A 447 -20.59 12.99 0.75
C PRO A 447 -20.98 11.53 0.63
N ASP A 448 -20.18 10.68 1.27
CA ASP A 448 -20.45 9.25 1.36
C ASP A 448 -21.02 8.91 2.73
N LEU A 449 -21.57 7.71 2.84
CA LEU A 449 -22.19 7.26 4.08
C LEU A 449 -21.82 5.80 4.29
N MET A 450 -21.29 5.50 5.48
CA MET A 450 -20.99 4.13 5.88
C MET A 450 -21.72 3.82 7.18
N MET A 451 -22.28 2.62 7.27
CA MET A 451 -22.95 2.16 8.48
C MET A 451 -22.32 0.85 8.92
N VAL A 452 -22.03 0.74 10.21
CA VAL A 452 -21.56 -0.50 10.82
C VAL A 452 -22.67 -0.99 11.73
N GLU A 453 -23.17 -2.19 11.49
CA GLU A 453 -24.31 -2.73 12.21
C GLU A 453 -23.88 -3.93 13.04
N THR A 454 -24.14 -3.88 14.35
CA THR A 454 -23.84 -4.96 15.26
C THR A 454 -25.15 -5.53 15.80
N ASP A 455 -25.06 -6.47 16.73
CA ASP A 455 -26.24 -7.07 17.35
C ASP A 455 -26.49 -6.61 18.77
N ARG A 456 -25.57 -5.86 19.37
CA ARG A 456 -25.69 -5.42 20.74
C ARG A 456 -25.64 -3.90 20.81
N ASP A 457 -26.07 -3.35 21.95
CA ASP A 457 -26.06 -1.91 22.15
C ASP A 457 -24.63 -1.39 22.19
N LEU A 458 -24.41 -0.26 21.52
CA LEU A 458 -23.07 0.32 21.39
C LEU A 458 -22.91 1.63 22.15
N ARG A 459 -23.80 1.95 23.08
CA ARG A 459 -23.76 3.24 23.78
C ARG A 459 -23.05 3.11 25.12
N ASN A 460 -21.80 2.67 25.06
CA ASN A 460 -20.94 2.55 26.24
C ASN A 460 -19.52 2.90 25.82
N PRO A 461 -18.67 3.32 26.77
CA PRO A 461 -17.32 3.76 26.40
C PRO A 461 -16.48 2.69 25.71
N ALA A 462 -16.67 1.43 26.07
CA ALA A 462 -15.87 0.36 25.48
C ALA A 462 -16.10 0.27 23.98
N ASP A 463 -17.35 0.41 23.54
CA ASP A 463 -17.63 0.40 22.12
C ASP A 463 -17.26 1.73 21.45
N PHE A 464 -17.28 2.83 22.21
CA PHE A 464 -16.84 4.10 21.65
C PHE A 464 -15.36 4.07 21.30
N LEU A 465 -14.56 3.31 22.05
CA LEU A 465 -13.15 3.16 21.68
C LEU A 465 -13.01 2.52 20.30
N VAL A 466 -13.78 1.45 20.04
CA VAL A 466 -13.70 0.78 18.75
C VAL A 466 -14.24 1.68 17.64
N ILE A 467 -15.29 2.45 17.95
CA ILE A 467 -15.83 3.36 16.95
C ILE A 467 -14.80 4.41 16.57
N ASP A 468 -14.07 4.93 17.55
CA ASP A 468 -13.02 5.90 17.24
C ASP A 468 -11.91 5.26 16.43
N LYS A 469 -11.56 4.01 16.73
CA LYS A 469 -10.56 3.31 15.94
C LYS A 469 -10.99 3.20 14.49
N ILE A 470 -12.25 2.85 14.26
CA ILE A 470 -12.77 2.74 12.90
C ILE A 470 -12.72 4.09 12.20
N ALA A 471 -13.10 5.15 12.92
CA ALA A 471 -13.10 6.48 12.32
C ALA A 471 -11.70 6.89 11.90
N LYS A 472 -10.71 6.64 12.75
CA LYS A 472 -9.33 6.94 12.39
C LYS A 472 -8.88 6.12 11.18
N ALA A 473 -9.25 4.85 11.13
CA ALA A 473 -8.88 4.01 9.99
C ALA A 473 -9.47 4.56 8.70
N LEU A 474 -10.74 4.97 8.73
CA LEU A 474 -11.36 5.54 7.55
C LEU A 474 -10.71 6.85 7.15
N LYS A 475 -10.33 7.68 8.12
CA LYS A 475 -9.70 8.95 7.79
C LYS A 475 -8.33 8.75 7.16
N ASN A 476 -7.60 7.72 7.59
CA ASN A 476 -6.24 7.52 7.08
C ASN A 476 -6.20 7.03 5.64
N VAL A 477 -7.35 6.67 5.05
CA VAL A 477 -7.36 6.25 3.65
C VAL A 477 -6.92 7.42 2.77
N HIS A 478 -6.08 7.13 1.78
CA HIS A 478 -5.58 8.18 0.91
C HIS A 478 -6.69 8.76 0.07
N GLY A 479 -6.86 10.08 0.13
CA GLY A 479 -7.89 10.77 -0.62
C GLY A 479 -9.10 11.16 0.18
N ILE A 480 -9.11 10.92 1.49
CA ILE A 480 -10.24 11.25 2.35
C ILE A 480 -9.88 12.50 3.15
N ALA A 481 -10.77 13.49 3.14
CA ALA A 481 -10.53 14.75 3.84
C ALA A 481 -10.85 14.63 5.32
N GLN A 482 -12.10 14.32 5.65
CA GLN A 482 -12.49 14.21 7.05
C GLN A 482 -13.65 13.24 7.19
N VAL A 483 -13.79 12.67 8.38
CA VAL A 483 -14.86 11.75 8.73
C VAL A 483 -15.54 12.29 9.98
N GLN A 484 -16.85 12.42 9.95
CA GLN A 484 -17.59 12.87 11.11
C GLN A 484 -18.54 11.78 11.58
N THR A 485 -18.50 11.47 12.87
CA THR A 485 -19.36 10.48 13.49
C THR A 485 -19.61 10.91 14.93
N ILE A 486 -20.08 9.97 15.76
CA ILE A 486 -20.41 10.33 17.14
C ILE A 486 -19.17 10.75 17.91
N THR A 487 -18.02 10.16 17.63
CA THR A 487 -16.78 10.57 18.29
C THR A 487 -16.12 11.77 17.61
N ARG A 488 -16.58 12.16 16.43
CA ARG A 488 -16.09 13.37 15.75
C ARG A 488 -17.29 14.14 15.21
N PRO A 489 -18.10 14.73 16.09
CA PRO A 489 -19.36 15.31 15.64
C PRO A 489 -19.22 16.39 14.58
N ASP A 490 -18.18 17.22 14.67
CA ASP A 490 -17.97 18.28 13.69
C ASP A 490 -16.87 17.96 12.70
N GLY A 491 -16.40 16.72 12.65
CA GLY A 491 -15.33 16.33 11.77
C GLY A 491 -13.95 16.39 12.38
N ASP A 492 -13.79 17.11 13.47
CA ASP A 492 -12.56 17.19 14.24
C ASP A 492 -12.70 16.36 15.51
N PRO A 493 -11.59 15.89 16.09
CA PRO A 493 -11.69 15.13 17.34
C PRO A 493 -12.31 15.98 18.44
N ILE A 494 -13.06 15.31 19.33
CA ILE A 494 -13.65 16.00 20.46
C ILE A 494 -12.54 16.53 21.37
N GLU A 495 -12.66 17.79 21.76
CA GLU A 495 -11.69 18.37 22.67
C GLU A 495 -11.76 17.68 24.03
N HIS A 496 -10.63 17.65 24.71
CA HIS A 496 -10.53 17.09 26.07
C HIS A 496 -10.80 15.59 26.08
N SER A 497 -10.45 14.91 24.98
CA SER A 497 -10.72 13.49 24.86
C SER A 497 -9.46 12.64 24.78
N THR A 498 -8.28 13.23 24.82
CA THR A 498 -7.05 12.46 24.80
C THR A 498 -6.61 12.09 26.22
N ILE A 499 -5.88 10.99 26.32
CA ILE A 499 -5.28 10.57 27.59
C ILE A 499 -4.30 11.61 28.12
N PRO A 500 -3.41 12.18 27.27
CA PRO A 500 -2.51 13.22 27.78
C PRO A 500 -3.23 14.42 28.36
N TYR A 501 -4.45 14.70 27.89
CA TYR A 501 -5.25 15.75 28.51
C TYR A 501 -5.58 15.39 29.95
N THR A 502 -5.97 14.13 30.19
CA THR A 502 -6.25 13.68 31.54
C THR A 502 -5.00 13.77 32.42
N ILE A 503 -3.84 13.40 31.86
CA ILE A 503 -2.60 13.45 32.63
C ILE A 503 -2.24 14.90 32.96
N GLY A 504 -2.39 15.80 31.99
CA GLY A 504 -1.96 17.18 32.20
C GLY A 504 -2.83 17.96 33.13
N GLN A 505 -4.05 17.47 33.39
CA GLN A 505 -4.98 18.13 34.29
C GLN A 505 -5.02 17.46 35.66
N SER A 506 -4.05 16.61 35.98
CA SER A 506 -4.09 15.86 37.22
C SER A 506 -3.74 16.72 38.43
N GLY A 507 -2.91 17.75 38.26
CA GLY A 507 -2.45 18.54 39.37
C GLY A 507 -3.17 19.83 39.65
N THR A 508 -4.28 20.12 38.96
CA THR A 508 -4.98 21.37 39.16
C THR A 508 -5.66 21.42 40.53
N THR A 509 -6.17 20.28 41.00
CA THR A 509 -6.84 20.25 42.29
C THR A 509 -5.89 20.58 43.43
N GLN A 510 -4.67 20.07 43.37
CA GLN A 510 -3.68 20.42 44.38
C GLN A 510 -3.37 21.90 44.37
N ILE A 511 -3.32 22.50 43.17
CA ILE A 511 -3.10 23.94 43.07
C ILE A 511 -4.26 24.70 43.68
N MET A 512 -5.47 24.19 43.52
CA MET A 512 -6.63 24.88 44.08
C MET A 512 -6.61 24.88 45.60
N ASN A 513 -6.04 23.85 46.22
CA ASN A 513 -6.08 23.75 47.67
C ASN A 513 -4.95 24.51 48.35
N ASN A 514 -4.10 25.21 47.60
CA ASN A 514 -2.87 25.75 48.16
C ASN A 514 -3.12 26.73 49.30
N ASP A 515 -4.07 27.64 49.11
CA ASP A 515 -4.29 28.69 50.11
C ASP A 515 -4.66 28.11 51.46
N TYR A 516 -5.54 27.10 51.47
CA TYR A 516 -6.00 26.53 52.72
C TYR A 516 -4.87 25.79 53.44
N MET A 517 -3.93 25.24 52.68
CA MET A 517 -2.78 24.60 53.32
C MET A 517 -1.81 25.62 53.88
N GLN A 518 -1.60 26.72 53.16
CA GLN A 518 -0.72 27.77 53.67
C GLN A 518 -1.26 28.36 54.97
N THR A 519 -2.59 28.52 55.05
CA THR A 519 -3.17 29.01 56.29
C THR A 519 -2.90 28.05 57.45
N ASN A 520 -3.00 26.74 57.20
CA ASN A 520 -2.70 25.76 58.24
C ASN A 520 -1.25 25.85 58.69
N LEU A 521 -0.32 26.06 57.75
CA LEU A 521 1.08 26.17 58.13
C LEU A 521 1.32 27.41 59.00
N ASP A 522 0.69 28.52 58.64
CA ASP A 522 0.80 29.72 59.48
C ASP A 522 0.21 29.46 60.87
N ASN A 523 -0.90 28.73 60.93
CA ASN A 523 -1.47 28.37 62.21
C ASN A 523 -0.51 27.53 63.04
N LEU A 524 0.24 26.64 62.38
CA LEU A 524 1.25 25.86 63.09
C LEU A 524 2.29 26.77 63.73
N LEU A 525 2.76 27.77 62.99
CA LEU A 525 3.74 28.70 63.55
C LEU A 525 3.16 29.43 64.76
N LYS A 526 1.93 29.93 64.63
CA LYS A 526 1.33 30.67 65.73
C LYS A 526 1.11 29.76 66.94
N GLN A 527 0.80 28.49 66.70
CA GLN A 527 0.63 27.54 67.79
C GLN A 527 1.95 27.30 68.52
N ALA A 528 3.06 27.26 67.77
CA ALA A 528 4.36 27.16 68.42
C ALA A 528 4.63 28.37 69.33
N ASP A 529 4.28 29.56 68.85
CA ASP A 529 4.44 30.75 69.70
C ASP A 529 3.57 30.64 70.97
N ASP A 530 2.34 30.15 70.82
CA ASP A 530 1.47 29.99 71.97
C ASP A 530 2.06 29.01 72.98
N LEU A 531 2.64 27.92 72.47
CA LEU A 531 3.31 26.98 73.36
C LEU A 531 4.43 27.64 74.13
N GLN A 532 5.20 28.51 73.46
CA GLN A 532 6.26 29.22 74.17
C GLN A 532 5.69 30.08 75.29
N THR A 533 4.59 30.78 75.02
CA THR A 533 3.97 31.60 76.07
C THR A 533 3.51 30.75 77.24
N SER A 534 2.93 29.59 76.96
CA SER A 534 2.51 28.68 78.02
C SER A 534 3.71 28.21 78.84
N ILE A 535 4.83 27.93 78.18
CA ILE A 535 6.03 27.52 78.91
C ILE A 535 6.47 28.63 79.86
N ASP A 536 6.44 29.87 79.39
CA ASP A 536 6.81 30.99 80.26
C ASP A 536 5.88 31.07 81.48
N SER A 537 4.58 30.91 81.25
CA SER A 537 3.63 30.96 82.36
C SER A 537 3.90 29.84 83.37
N MET A 538 4.18 28.64 82.87
CA MET A 538 4.45 27.52 83.76
C MET A 538 5.72 27.76 84.57
N THR A 539 6.76 28.32 83.94
CA THR A 539 7.99 28.62 84.68
C THR A 539 7.74 29.61 85.80
N GLU A 540 6.96 30.67 85.51
CA GLU A 540 6.62 31.62 86.55
C GLU A 540 5.84 30.95 87.68
N MET A 541 4.92 30.05 87.32
CA MET A 541 4.15 29.32 88.33
C MET A 541 5.06 28.50 89.22
N MET A 542 6.06 27.85 88.63
CA MET A 542 6.99 27.05 89.43
C MET A 542 7.78 27.93 90.39
N ASN A 543 8.23 29.11 89.93
CA ASN A 543 8.94 30.01 90.82
C ASN A 543 8.06 30.44 91.99
N ILE A 544 6.79 30.75 91.70
CA ILE A 544 5.87 31.16 92.76
C ILE A 544 5.64 30.01 93.73
N GLN A 545 5.57 28.78 93.23
CA GLN A 545 5.41 27.62 94.11
C GLN A 545 6.60 27.47 95.03
N THR A 546 7.81 27.70 94.51
CA THR A 546 9.00 27.64 95.36
C THR A 546 8.94 28.69 96.46
N GLU A 547 8.52 29.91 96.11
CA GLU A 547 8.40 30.96 97.13
C GLU A 547 7.35 30.59 98.18
N LEU A 548 6.24 30.00 97.75
CA LEU A 548 5.22 29.55 98.69
C LEU A 548 5.77 28.49 99.63
N ALA A 549 6.59 27.57 99.10
CA ALA A 549 7.20 26.55 99.95
C ALA A 549 8.10 27.18 101.01
N ALA A 550 8.90 28.18 100.61
CA ALA A 550 9.75 28.86 101.59
C ALA A 550 8.90 29.55 102.66
N VAL A 551 7.83 30.21 102.25
CA VAL A 551 6.95 30.90 103.20
C VAL A 551 6.36 29.90 104.19
N SER A 552 5.89 28.76 103.67
CA SER A 552 5.28 27.74 104.52
C SER A 552 6.28 27.20 105.53
N GLN A 553 7.52 26.97 105.09
CA GLN A 553 8.54 26.48 106.01
C GLN A 553 8.81 27.50 107.12
N SER A 554 8.94 28.77 106.75
CA SER A 554 9.17 29.81 107.75
C SER A 554 8.02 29.88 108.75
N MET A 555 6.79 29.81 108.24
CA MET A 555 5.63 29.85 109.13
C MET A 555 5.63 28.68 110.09
N ALA A 556 5.95 27.48 109.58
CA ALA A 556 5.97 26.31 110.45
C ALA A 556 7.01 26.44 111.55
N ASP A 557 8.21 26.91 111.20
CA ASP A 557 9.25 27.06 112.21
C ASP A 557 8.86 28.09 113.26
N LYS A 558 8.32 29.23 112.83
CA LYS A 558 7.95 30.27 113.78
C LYS A 558 6.79 29.82 114.67
N MET A 559 5.84 29.06 114.11
CA MET A 559 4.76 28.54 114.93
C MET A 559 5.26 27.51 115.93
N ALA A 560 6.27 26.72 115.54
CA ALA A 560 6.88 25.79 116.48
C ALA A 560 7.50 26.55 117.65
N GLN A 561 8.22 27.63 117.36
CA GLN A 561 8.80 28.44 118.43
C GLN A 561 7.71 29.04 119.32
N THR A 562 6.64 29.55 118.70
CA THR A 562 5.54 30.12 119.46
C THR A 562 4.90 29.08 120.37
N SER A 563 4.73 27.86 119.86
CA SER A 563 4.15 26.79 120.67
C SER A 563 5.06 26.42 121.83
N ASP A 564 6.38 26.44 121.60
CA ASP A 564 7.31 26.20 122.70
C ASP A 564 7.14 27.26 123.79
N ASP A 565 7.06 28.52 123.39
CA ASP A 565 6.88 29.59 124.38
C ASP A 565 5.55 29.45 125.11
N THR A 566 4.47 29.13 124.38
CA THR A 566 3.16 28.97 125.02
C THR A 566 3.15 27.77 125.95
N ALA A 567 3.87 26.71 125.60
CA ALA A 567 4.01 25.56 126.49
C ALA A 567 4.74 25.95 127.76
N ASP A 568 5.76 26.80 127.64
CA ASP A 568 6.44 27.31 128.83
C ASP A 568 5.46 28.10 129.70
N VAL A 569 4.63 28.94 129.07
CA VAL A 569 3.65 29.73 129.81
C VAL A 569 2.68 28.82 130.55
N ARG A 570 2.18 27.79 129.86
CA ARG A 570 1.21 26.88 130.46
C ARG A 570 1.85 26.09 131.60
N ASP A 571 3.10 25.67 131.43
CA ASP A 571 3.80 24.96 132.50
C ASP A 571 3.97 25.85 133.72
N HIS A 572 4.31 27.12 133.50
CA HIS A 572 4.44 28.05 134.63
C HIS A 572 3.10 28.24 135.33
N LEU A 573 2.03 28.47 134.56
CA LEU A 573 0.72 28.71 135.16
C LEU A 573 0.21 27.50 135.90
N ALA A 574 0.39 26.30 135.34
CA ALA A 574 0.00 25.08 136.03
C ALA A 574 0.80 24.90 137.31
N ASP A 575 2.12 25.14 137.23
CA ASP A 575 2.95 25.13 138.42
C ASP A 575 2.61 26.27 139.38
N PHE A 576 2.03 27.36 138.87
CA PHE A 576 1.58 28.44 139.73
C PHE A 576 0.32 28.02 140.47
N ASP A 577 -0.19 28.94 141.30
CA ASP A 577 -1.42 28.82 142.07
C ASP A 577 -1.38 27.68 143.10
N ASP A 578 -0.24 26.99 143.24
CA ASP A 578 -0.14 25.93 144.23
C ASP A 578 -0.42 26.45 145.63
N PHE A 579 -0.07 27.72 145.89
CA PHE A 579 -0.45 28.34 147.15
C PHE A 579 -1.96 28.46 147.28
N PHE A 580 -2.63 28.75 146.17
CA PHE A 580 -4.08 28.90 146.12
C PHE A 580 -4.77 27.60 145.68
N ARG A 581 -4.03 26.52 145.49
CA ARG A 581 -4.61 25.31 144.90
C ARG A 581 -5.73 24.70 145.73
N PRO A 582 -5.55 24.42 147.03
CA PRO A 582 -6.73 24.01 147.82
C PRO A 582 -7.79 25.09 147.88
N ILE A 583 -7.35 26.36 147.94
CA ILE A 583 -8.28 27.47 147.87
C ILE A 583 -9.00 27.47 146.53
N ARG A 584 -8.28 27.16 145.45
CA ARG A 584 -8.90 27.08 144.13
C ARG A 584 -9.95 25.99 144.08
N ASN A 585 -9.66 24.83 144.69
CA ASN A 585 -10.66 23.77 144.78
C ASN A 585 -11.89 24.24 145.53
N TYR A 586 -11.67 25.00 146.62
CA TYR A 586 -12.80 25.58 147.34
C TYR A 586 -13.60 26.54 146.45
N LEU A 587 -12.91 27.36 145.66
CA LEU A 587 -13.59 28.32 144.78
C LEU A 587 -14.45 27.58 143.77
N TYR A 588 -13.91 26.52 143.17
CA TYR A 588 -14.68 25.72 142.21
C TYR A 588 -15.87 25.05 142.88
N TRP A 589 -15.68 24.54 144.10
CA TRP A 589 -16.75 23.83 144.78
C TRP A 589 -17.79 24.78 145.34
N GLU A 590 -17.39 26.01 145.66
CA GLU A 590 -18.26 26.95 146.35
C GLU A 590 -19.46 27.33 145.46
N PRO A 591 -20.70 27.12 145.91
CA PRO A 591 -21.84 27.58 145.11
C PRO A 591 -22.06 29.07 145.16
N HIS A 592 -21.85 29.69 146.33
CA HIS A 592 -21.94 31.14 146.47
C HIS A 592 -20.63 31.85 146.19
N CYS A 593 -19.74 31.23 145.40
CA CYS A 593 -18.45 31.83 145.09
C CYS A 593 -18.62 33.13 144.31
N TYR A 594 -19.58 33.16 143.39
CA TYR A 594 -19.71 34.29 142.48
C TYR A 594 -20.60 35.41 143.00
N ASP A 595 -21.40 35.16 144.04
CA ASP A 595 -22.36 36.18 144.45
C ASP A 595 -21.72 37.21 145.39
N ILE A 596 -21.40 36.80 146.62
CA ILE A 596 -20.95 37.73 147.65
C ILE A 596 -19.46 38.09 147.53
N PRO A 597 -18.54 37.12 147.54
CA PRO A 597 -17.14 37.48 147.75
C PRO A 597 -16.39 37.72 146.44
N MET A 598 -15.12 38.08 146.59
CA MET A 598 -14.20 38.16 145.47
C MET A 598 -13.77 36.79 144.97
N CYS A 599 -14.38 35.72 145.48
CA CYS A 599 -14.05 34.36 145.05
C CYS A 599 -14.15 34.21 143.54
N TRP A 600 -15.16 34.84 142.94
CA TRP A 600 -15.38 34.69 141.50
C TRP A 600 -14.20 35.23 140.70
N SER A 601 -13.62 36.34 141.13
CA SER A 601 -12.47 36.90 140.42
C SER A 601 -11.31 35.91 140.40
N MET A 602 -10.94 35.37 141.57
CA MET A 602 -9.86 34.40 141.63
C MET A 602 -10.24 33.11 140.89
N ARG A 603 -11.48 32.67 141.06
CA ARG A 603 -11.94 31.47 140.38
C ARG A 603 -11.89 31.64 138.86
N SER A 604 -12.31 32.81 138.38
CA SER A 604 -12.25 33.06 136.94
C SER A 604 -10.81 33.21 136.46
N ILE A 605 -9.92 33.72 137.30
CA ILE A 605 -8.50 33.76 136.95
C ILE A 605 -7.96 32.34 136.78
N PHE A 606 -8.34 31.44 137.70
CA PHE A 606 -7.89 30.06 137.59
C PHE A 606 -8.51 29.36 136.37
N GLU A 607 -9.77 29.70 136.06
CA GLU A 607 -10.39 29.19 134.85
C GLU A 607 -9.65 29.70 133.60
N SER A 608 -9.21 30.94 133.63
CA SER A 608 -8.40 31.47 132.52
C SER A 608 -7.06 30.76 132.44
N ILE A 609 -6.48 30.38 133.58
CA ILE A 609 -5.24 29.61 133.58
C ILE A 609 -5.48 28.25 132.91
N ASP A 610 -6.60 27.60 133.26
CA ASP A 610 -6.93 26.32 132.62
C ASP A 610 -7.12 26.50 131.12
N GLY A 611 -7.80 27.58 130.73
CA GLY A 611 -8.00 27.84 129.31
C GLY A 611 -6.69 28.14 128.59
N ILE A 612 -5.75 28.79 129.27
CA ILE A 612 -4.45 29.04 128.67
C ILE A 612 -3.67 27.74 128.51
N ASN A 613 -3.81 26.83 129.48
CA ASN A 613 -3.21 25.51 129.32
C ASN A 613 -3.80 24.79 128.11
N THR A 614 -5.12 24.85 127.96
CA THR A 614 -5.75 24.23 126.80
C THR A 614 -5.31 24.93 125.50
N MET A 615 -5.10 26.24 125.55
CA MET A 615 -4.62 26.97 124.39
C MET A 615 -3.21 26.54 124.00
N SER A 616 -2.36 26.31 125.00
CA SER A 616 -1.04 25.76 124.73
C SER A 616 -1.14 24.38 124.11
N ASP A 617 -2.05 23.55 124.62
CA ASP A 617 -2.29 22.24 123.99
C ASP A 617 -2.74 22.41 122.55
N ASP A 618 -3.56 23.42 122.28
CA ASP A 618 -4.01 23.69 120.92
C ASP A 618 -2.85 24.10 120.02
N PHE A 619 -1.92 24.89 120.55
CA PHE A 619 -0.71 25.22 119.80
C PHE A 619 0.11 23.98 119.51
N GLN A 620 0.26 23.09 120.50
CA GLN A 620 0.96 21.83 120.28
C GLN A 620 0.26 20.94 119.28
N GLU A 621 -1.06 21.06 119.15
CA GLU A 621 -1.81 20.35 118.11
C GLU A 621 -1.64 20.99 116.74
N LEU A 622 -1.57 22.32 116.69
CA LEU A 622 -1.45 23.04 115.42
C LEU A 622 -0.05 22.96 114.83
N VAL A 623 0.97 22.72 115.66
CA VAL A 623 2.33 22.60 115.13
C VAL A 623 2.46 21.46 114.11
N PRO A 624 1.97 20.24 114.38
CA PRO A 624 2.03 19.21 113.33
C PRO A 624 1.26 19.58 112.08
N GLU A 625 0.18 20.36 112.22
CA GLU A 625 -0.56 20.80 111.05
C GLU A 625 0.32 21.66 110.14
N MET A 626 1.02 22.64 110.73
CA MET A 626 1.91 23.46 109.93
C MET A 626 3.09 22.66 109.42
N ARG A 627 3.53 21.66 110.18
CA ARG A 627 4.60 20.79 109.70
C ARG A 627 4.18 20.05 108.43
N ARG A 628 3.00 19.45 108.44
CA ARG A 628 2.50 18.75 107.27
C ARG A 628 2.28 19.71 106.10
N MET A 629 1.74 20.90 106.40
CA MET A 629 1.52 21.88 105.34
C MET A 629 2.84 22.29 104.69
N ALA A 630 3.86 22.54 105.50
CA ALA A 630 5.17 22.89 104.95
C ALA A 630 5.82 21.73 104.21
N ASP A 631 5.54 20.49 104.60
CA ASP A 631 6.09 19.34 103.91
C ASP A 631 5.40 19.06 102.59
N LEU A 632 4.14 19.43 102.44
CA LEU A 632 3.43 19.16 101.19
C LEU A 632 3.94 20.03 100.04
N MET A 633 4.34 21.26 100.34
CA MET A 633 4.70 22.25 99.32
C MET A 633 5.85 21.81 98.41
N PRO A 634 6.97 21.30 98.93
CA PRO A 634 8.08 20.92 98.03
C PRO A 634 7.71 19.87 97.00
N ARG A 635 6.76 18.99 97.32
CA ARG A 635 6.32 18.00 96.35
C ARG A 635 5.69 18.66 95.13
N MET A 636 4.87 19.69 95.35
CA MET A 636 4.26 20.40 94.23
C MET A 636 5.32 21.06 93.35
N VAL A 637 6.38 21.59 93.98
CA VAL A 637 7.48 22.16 93.21
C VAL A 637 8.17 21.08 92.39
N ALA A 638 8.40 19.91 93.01
CA ALA A 638 9.08 18.83 92.29
C ALA A 638 8.24 18.28 91.16
N VAL A 639 6.92 18.45 91.22
CA VAL A 639 6.06 17.97 90.14
C VAL A 639 6.24 18.82 88.88
N MET A 640 6.39 20.14 89.05
CA MET A 640 6.33 21.08 87.93
C MET A 640 7.31 20.78 86.79
N PRO A 641 8.60 20.52 87.02
CA PRO A 641 9.56 20.49 85.90
C PRO A 641 9.21 19.51 84.79
N ALA A 642 8.55 18.40 85.13
CA ALA A 642 8.26 17.37 84.13
C ALA A 642 7.35 17.90 83.04
N GLN A 643 6.34 18.69 83.42
CA GLN A 643 5.39 19.20 82.43
C GLN A 643 6.05 20.19 81.48
N ILE A 644 6.94 21.04 81.99
CA ILE A 644 7.59 22.04 81.16
C ILE A 644 8.44 21.37 80.09
N GLN A 645 9.11 20.27 80.44
CA GLN A 645 9.89 19.53 79.46
C GLN A 645 9.00 18.98 78.37
N SER A 646 7.83 18.48 78.74
CA SER A 646 6.88 17.99 77.74
C SER A 646 6.45 19.10 76.80
N MET A 647 6.16 20.29 77.34
CA MET A 647 5.77 21.40 76.48
C MET A 647 6.91 21.80 75.54
N LYS A 648 8.14 21.83 76.05
CA LYS A 648 9.27 22.18 75.20
C LYS A 648 9.45 21.18 74.06
N ASN A 649 9.35 19.88 74.37
CA ASN A 649 9.48 18.87 73.34
C ASN A 649 8.36 18.98 72.31
N GLN A 650 7.15 19.29 72.77
CA GLN A 650 6.03 19.49 71.83
C GLN A 650 6.30 20.68 70.92
N LYS A 651 6.87 21.76 71.46
CA LYS A 651 7.20 22.91 70.62
C LYS A 651 8.24 22.55 69.57
N GLN A 652 9.27 21.79 69.97
CA GLN A 652 10.27 21.36 68.98
C GLN A 652 9.64 20.51 67.90
N THR A 653 8.75 19.60 68.28
CA THR A 653 8.06 18.76 67.30
C THR A 653 7.24 19.59 66.34
N LEU A 654 6.53 20.60 66.87
CA LEU A 654 5.72 21.46 66.01
C LEU A 654 6.59 22.22 65.02
N LEU A 655 7.73 22.74 65.46
CA LEU A 655 8.59 23.48 64.54
C LEU A 655 9.13 22.58 63.44
N ASN A 656 9.57 21.37 63.80
CA ASN A 656 10.09 20.45 62.79
C ASN A 656 8.99 20.05 61.81
N GLN A 657 7.80 19.78 62.32
CA GLN A 657 6.68 19.41 61.44
C GLN A 657 6.35 20.55 60.48
N TYR A 658 6.35 21.78 60.98
CA TYR A 658 6.07 22.92 60.12
C TYR A 658 7.09 22.98 58.99
N GLN A 659 8.38 22.84 59.33
CA GLN A 659 9.41 22.92 58.29
C GLN A 659 9.19 21.85 57.23
N VAL A 660 8.96 20.60 57.67
CA VAL A 660 8.82 19.50 56.73
C VAL A 660 7.63 19.71 55.81
N GLN A 661 6.47 20.02 56.38
CA GLN A 661 5.27 20.14 55.57
C GLN A 661 5.30 21.36 54.68
N LYS A 662 5.89 22.47 55.16
CA LYS A 662 6.04 23.65 54.32
C LYS A 662 6.91 23.34 53.12
N ALA A 663 8.04 22.66 53.34
CA ALA A 663 8.91 22.31 52.21
C ALA A 663 8.18 21.41 51.23
N GLN A 664 7.45 20.42 51.73
CA GLN A 664 6.75 19.51 50.84
C GLN A 664 5.72 20.25 49.99
N GLN A 665 4.93 21.13 50.63
CA GLN A 665 3.89 21.85 49.90
C GLN A 665 4.48 22.78 48.85
N ASP A 666 5.54 23.52 49.22
CA ASP A 666 6.16 24.43 48.26
C ASP A 666 6.78 23.67 47.10
N GLN A 667 7.43 22.55 47.38
CA GLN A 667 8.00 21.73 46.32
C GLN A 667 6.93 21.23 45.37
N ASN A 668 5.81 20.75 45.92
CA ASN A 668 4.74 20.25 45.08
C ASN A 668 4.15 21.37 44.22
N MET A 669 3.98 22.56 44.81
CA MET A 669 3.43 23.67 44.04
C MET A 669 4.39 24.12 42.95
N ALA A 670 5.69 24.04 43.21
CA ALA A 670 6.66 24.36 42.17
C ALA A 670 6.61 23.35 41.03
N MET A 671 6.46 22.07 41.36
CA MET A 671 6.45 21.05 40.30
C MET A 671 5.16 21.09 39.50
N GLN A 672 4.02 21.33 40.16
CA GLN A 672 2.75 21.30 39.45
C GLN A 672 2.43 22.58 38.69
N GLU A 673 3.25 23.62 38.85
CA GLU A 673 2.99 24.87 38.17
C GLU A 673 3.20 24.73 36.67
N ASN A 674 2.27 25.28 35.89
CA ASN A 674 2.35 25.28 34.43
C ASN A 674 2.43 23.85 33.88
N ALA A 675 1.70 22.94 34.51
CA ALA A 675 1.62 21.56 34.03
C ALA A 675 0.45 21.33 33.09
N THR A 676 -0.47 22.28 32.98
CA THR A 676 -1.58 22.19 32.03
C THR A 676 -1.15 22.57 30.62
N ALA A 677 0.10 22.99 30.45
CA ALA A 677 0.60 23.27 29.11
C ALA A 677 0.52 22.03 28.23
N MET A 678 0.68 20.85 28.83
CA MET A 678 0.53 19.62 28.05
C MET A 678 -0.89 19.47 27.51
N SER A 679 -1.88 19.74 28.35
CA SER A 679 -3.27 19.66 27.91
C SER A 679 -3.55 20.68 26.81
N GLN A 680 -3.08 21.91 27.00
CA GLN A 680 -3.31 22.93 25.99
C GLN A 680 -2.63 22.55 24.68
N ALA A 681 -1.42 22.01 24.74
CA ALA A 681 -0.69 21.63 23.55
C ALA A 681 -1.41 20.51 22.80
N PHE A 682 -1.91 19.51 23.53
CA PHE A 682 -2.57 18.42 22.84
C PHE A 682 -3.92 18.84 22.29
N ASP A 683 -4.55 19.85 22.88
CA ASP A 683 -5.80 20.36 22.33
C ASP A 683 -5.56 21.20 21.08
N ALA A 684 -4.54 22.06 21.12
CA ALA A 684 -4.28 22.95 20.00
C ALA A 684 -3.81 22.18 18.77
N ALA A 685 -3.00 21.15 18.96
CA ALA A 685 -2.47 20.38 17.85
C ALA A 685 -3.50 19.47 17.20
N LYS A 686 -4.70 19.36 17.77
CA LYS A 686 -5.72 18.44 17.26
C LYS A 686 -5.19 17.01 17.19
N ASN A 687 -4.43 16.63 18.22
CA ASN A 687 -3.88 15.28 18.28
C ASN A 687 -4.99 14.28 18.51
N ASP A 688 -4.87 13.10 17.88
CA ASP A 688 -5.87 12.06 18.00
C ASP A 688 -5.25 10.67 18.17
N ASP A 689 -4.06 10.59 18.75
CA ASP A 689 -3.42 9.29 18.94
C ASP A 689 -4.19 8.42 19.93
N SER A 690 -4.78 9.04 20.94
CA SER A 690 -5.56 8.33 21.94
C SER A 690 -6.93 8.97 22.07
N PHE A 691 -7.86 8.23 22.67
CA PHE A 691 -9.23 8.70 22.82
C PHE A 691 -9.87 7.99 24.00
N TYR A 692 -10.67 8.71 24.78
CA TYR A 692 -11.45 8.11 25.84
C TYR A 692 -12.55 9.07 26.27
N LEU A 693 -13.77 8.55 26.39
CA LEU A 693 -14.92 9.34 26.82
C LEU A 693 -15.49 8.76 28.10
N PRO A 694 -15.48 9.49 29.21
CA PRO A 694 -15.91 8.91 30.47
C PRO A 694 -17.39 8.59 30.47
N PRO A 695 -17.83 7.65 31.30
CA PRO A 695 -19.27 7.31 31.33
C PRO A 695 -20.16 8.47 31.69
N GLU A 696 -19.65 9.45 32.44
CA GLU A 696 -20.47 10.58 32.86
C GLU A 696 -20.86 11.45 31.67
N ALA A 697 -20.04 11.47 30.61
CA ALA A 697 -20.35 12.29 29.45
C ALA A 697 -21.56 11.76 28.69
N PHE A 698 -21.88 10.48 28.85
CA PHE A 698 -23.01 9.90 28.16
C PHE A 698 -24.35 10.38 28.68
N GLU A 699 -24.37 11.11 29.80
CA GLU A 699 -25.60 11.64 30.37
C GLU A 699 -25.84 13.10 30.03
N THR A 700 -24.83 13.81 29.52
CA THR A 700 -25.01 15.20 29.16
C THR A 700 -25.96 15.32 27.98
N ASP A 701 -26.65 16.46 27.90
CA ASP A 701 -27.65 16.63 26.85
C ASP A 701 -27.00 16.67 25.47
N ASP A 702 -25.78 17.20 25.37
CA ASP A 702 -25.11 17.29 24.08
C ASP A 702 -24.89 15.91 23.48
N PHE A 703 -24.44 14.95 24.30
CA PHE A 703 -24.22 13.61 23.78
C PHE A 703 -25.50 12.80 23.72
N GLN A 704 -26.52 13.18 24.50
CA GLN A 704 -27.83 12.57 24.33
C GLN A 704 -28.41 12.91 22.97
N ARG A 705 -28.24 14.17 22.54
CA ARG A 705 -28.68 14.56 21.20
C ARG A 705 -27.81 13.92 20.14
N GLY A 706 -26.50 13.86 20.37
CA GLY A 706 -25.60 13.31 19.37
C GLY A 706 -25.85 11.85 19.09
N MET A 707 -26.20 11.07 20.12
CA MET A 707 -26.46 9.66 19.93
C MET A 707 -27.80 9.38 19.26
N LYS A 708 -28.67 10.39 19.15
CA LYS A 708 -29.87 10.28 18.33
C LYS A 708 -29.64 10.81 16.93
N LEU A 709 -28.44 11.32 16.64
CA LEU A 709 -28.09 11.80 15.31
C LEU A 709 -27.17 10.88 14.55
N PHE A 710 -26.42 10.02 15.24
CA PHE A 710 -25.46 9.14 14.59
C PHE A 710 -25.66 7.67 14.90
N MET A 711 -26.58 7.31 15.79
CA MET A 711 -26.78 5.92 16.17
C MET A 711 -28.26 5.57 16.11
N SER A 712 -28.55 4.30 15.89
CA SER A 712 -29.92 3.85 15.72
C SER A 712 -30.68 3.94 17.03
N PRO A 713 -32.01 3.97 16.98
CA PRO A 713 -32.79 4.09 18.21
C PRO A 713 -32.51 3.00 19.23
N ASP A 714 -32.23 1.78 18.80
CA ASP A 714 -31.86 0.73 19.73
C ASP A 714 -30.36 0.64 19.96
N GLY A 715 -29.57 1.49 19.32
CA GLY A 715 -28.15 1.54 19.57
C GLY A 715 -27.35 0.40 18.99
N HIS A 716 -27.88 -0.30 18.00
CA HIS A 716 -27.19 -1.42 17.40
C HIS A 716 -26.34 -1.04 16.19
N ALA A 717 -26.43 0.20 15.72
CA ALA A 717 -25.70 0.61 14.53
C ALA A 717 -25.25 2.05 14.66
N VAL A 718 -24.20 2.40 13.91
CA VAL A 718 -23.64 3.73 13.89
C VAL A 718 -23.29 4.08 12.46
N ARG A 719 -23.56 5.32 12.05
CA ARG A 719 -23.31 5.77 10.69
C ARG A 719 -22.15 6.76 10.66
N PHE A 720 -21.35 6.68 9.60
CA PHE A 720 -20.20 7.55 9.40
C PHE A 720 -20.44 8.39 8.15
N THR A 721 -20.02 9.65 8.19
CA THR A 721 -20.06 10.51 7.02
C THR A 721 -18.64 10.74 6.52
N ILE A 722 -18.40 10.49 5.23
CA ILE A 722 -17.07 10.51 4.66
C ILE A 722 -17.03 11.55 3.54
N ILE A 723 -16.00 12.39 3.54
CA ILE A 723 -15.86 13.46 2.57
C ILE A 723 -14.51 13.32 1.87
N HIS A 724 -14.53 13.39 0.54
CA HIS A 724 -13.34 13.16 -0.27
C HIS A 724 -12.48 14.42 -0.35
N GLN A 725 -11.39 14.30 -1.09
CA GLN A 725 -10.54 15.44 -1.45
C GLN A 725 -10.68 15.69 -2.94
N GLY A 726 -10.85 16.94 -3.33
CA GLY A 726 -11.04 17.27 -4.73
C GLY A 726 -12.44 16.95 -5.20
N ASP A 727 -12.56 16.45 -6.42
CA ASP A 727 -13.86 16.10 -6.99
C ASP A 727 -14.14 14.62 -6.72
N PRO A 728 -15.18 14.29 -5.95
CA PRO A 728 -15.45 12.87 -5.69
C PRO A 728 -16.04 12.14 -6.87
N LEU A 729 -16.60 12.85 -7.85
CA LEU A 729 -17.26 12.22 -8.99
C LEU A 729 -16.31 12.04 -10.16
N THR A 730 -15.18 11.39 -9.92
CA THR A 730 -14.20 11.07 -10.94
C THR A 730 -13.84 9.60 -10.85
N GLU A 731 -12.81 9.21 -11.58
CA GLU A 731 -12.37 7.81 -11.54
C GLU A 731 -11.67 7.49 -10.22
N GLU A 732 -10.90 8.44 -9.70
CA GLU A 732 -10.28 8.22 -8.39
C GLU A 732 -11.33 8.13 -7.29
N GLY A 733 -12.33 9.01 -7.34
CA GLY A 733 -13.38 8.98 -6.33
C GLY A 733 -14.12 7.66 -6.32
N THR A 734 -14.45 7.14 -7.50
CA THR A 734 -15.06 5.82 -7.56
C THR A 734 -14.11 4.71 -7.18
N ALA A 735 -12.80 4.90 -7.37
CA ALA A 735 -11.84 3.88 -6.98
C ALA A 735 -11.58 3.85 -5.48
N ARG A 736 -11.98 4.89 -4.74
CA ARG A 736 -11.71 4.91 -3.31
C ARG A 736 -12.64 4.02 -2.48
N MET A 737 -13.70 3.46 -3.08
CA MET A 737 -14.70 2.75 -2.28
C MET A 737 -14.15 1.46 -1.70
N ASP A 738 -13.49 0.64 -2.53
CA ASP A 738 -12.97 -0.63 -2.06
C ASP A 738 -11.93 -0.42 -0.96
N GLU A 739 -11.14 0.64 -1.07
CA GLU A 739 -10.19 0.96 -0.01
C GLU A 739 -10.91 1.24 1.30
N LEU A 740 -12.02 1.98 1.24
CA LEU A 740 -12.77 2.27 2.45
C LEU A 740 -13.33 1.00 3.09
N LYS A 741 -13.89 0.11 2.26
CA LYS A 741 -14.43 -1.12 2.81
C LYS A 741 -13.34 -1.98 3.43
N VAL A 742 -12.19 -2.09 2.77
CA VAL A 742 -11.08 -2.86 3.31
C VAL A 742 -10.59 -2.26 4.62
N ALA A 743 -10.47 -0.93 4.66
CA ALA A 743 -9.98 -0.27 5.86
C ALA A 743 -10.92 -0.49 7.04
N ALA A 744 -12.23 -0.38 6.80
CA ALA A 744 -13.18 -0.62 7.88
C ALA A 744 -13.11 -2.07 8.35
N ALA A 745 -13.03 -3.01 7.41
CA ALA A 745 -12.95 -4.42 7.79
C ALA A 745 -11.70 -4.70 8.60
N ASP A 746 -10.58 -4.08 8.26
CA ASP A 746 -9.35 -4.29 9.00
C ASP A 746 -9.39 -3.62 10.37
N ALA A 747 -10.09 -2.49 10.47
CA ALA A 747 -10.24 -1.85 11.77
C ALA A 747 -11.09 -2.70 12.71
N ILE A 748 -12.13 -3.34 12.17
CA ILE A 748 -12.98 -4.19 13.02
C ILE A 748 -12.21 -5.41 13.52
N LYS A 749 -11.29 -5.93 12.72
CA LYS A 749 -10.61 -7.18 13.03
C LYS A 749 -9.94 -7.14 14.39
N GLY A 750 -10.13 -8.20 15.17
CA GLY A 750 -9.51 -8.33 16.48
C GLY A 750 -10.24 -7.65 17.61
N THR A 751 -11.42 -7.08 17.36
CA THR A 751 -12.17 -6.33 18.34
C THR A 751 -13.50 -7.02 18.63
N PRO A 752 -14.21 -6.64 19.69
CA PRO A 752 -15.55 -7.19 19.92
C PRO A 752 -16.53 -6.90 18.79
N PHE A 753 -16.16 -6.05 17.84
CA PHE A 753 -17.05 -5.75 16.73
C PHE A 753 -17.03 -6.84 15.66
N GLU A 754 -16.21 -7.88 15.83
CA GLU A 754 -16.10 -8.95 14.85
C GLU A 754 -17.46 -9.58 14.58
N GLY A 755 -17.77 -9.76 13.30
CA GLY A 755 -19.09 -10.19 12.89
C GLY A 755 -20.02 -9.09 12.48
N ALA A 756 -19.56 -7.84 12.47
CA ALA A 756 -20.39 -6.72 12.09
C ALA A 756 -20.59 -6.68 10.58
N ARG A 757 -21.58 -5.93 10.15
CA ARG A 757 -21.94 -5.79 8.74
C ARG A 757 -21.69 -4.36 8.31
N ILE A 758 -21.00 -4.19 7.19
CA ILE A 758 -20.57 -2.88 6.72
C ILE A 758 -21.32 -2.55 5.43
N TYR A 759 -21.99 -1.39 5.42
CA TYR A 759 -22.71 -0.91 4.26
C TYR A 759 -22.11 0.43 3.84
N LEU A 760 -21.85 0.59 2.56
CA LEU A 760 -21.30 1.82 2.03
C LEU A 760 -22.19 2.34 0.92
N GLY A 761 -22.62 3.60 1.04
CA GLY A 761 -23.47 4.21 0.04
C GLY A 761 -23.08 5.66 -0.18
N GLY A 762 -23.70 6.26 -1.19
CA GLY A 762 -23.40 7.63 -1.53
C GLY A 762 -23.35 7.85 -3.03
N SER A 763 -22.89 9.02 -3.47
CA SER A 763 -22.82 9.29 -4.90
C SER A 763 -21.69 8.52 -5.55
N ALA A 764 -20.52 8.51 -4.93
CA ALA A 764 -19.37 7.85 -5.53
C ALA A 764 -19.60 6.35 -5.65
N ALA A 765 -20.20 5.73 -4.65
CA ALA A 765 -20.49 4.30 -4.73
C ALA A 765 -21.51 4.02 -5.83
N THR A 766 -22.52 4.87 -5.96
CA THR A 766 -23.51 4.72 -7.01
C THR A 766 -22.85 4.75 -8.38
N TYR A 767 -21.94 5.69 -8.58
CA TYR A 767 -21.29 5.79 -9.89
C TYR A 767 -20.28 4.68 -10.11
N ASN A 768 -19.70 4.15 -9.04
CA ASN A 768 -18.86 2.96 -9.15
C ASN A 768 -19.66 1.78 -9.70
N ASP A 769 -20.85 1.56 -9.13
CA ASP A 769 -21.72 0.50 -9.62
C ASP A 769 -22.17 0.78 -11.06
N MET A 770 -22.46 2.04 -11.36
CA MET A 770 -22.85 2.40 -12.71
C MET A 770 -21.75 2.07 -13.71
N GLN A 771 -20.50 2.36 -13.36
CA GLN A 771 -19.39 2.08 -14.26
C GLN A 771 -19.22 0.59 -14.50
N ILE A 772 -19.33 -0.21 -13.43
CA ILE A 772 -19.21 -1.66 -13.59
C ILE A 772 -20.31 -2.19 -14.51
N GLY A 773 -21.55 -1.74 -14.26
CA GLY A 773 -22.64 -2.14 -15.11
C GLY A 773 -22.46 -1.72 -16.55
N ALA A 774 -21.92 -0.51 -16.76
CA ALA A 774 -21.71 -0.02 -18.13
C ALA A 774 -20.69 -0.87 -18.87
N ASP A 775 -19.60 -1.26 -18.19
CA ASP A 775 -18.62 -2.13 -18.82
C ASP A 775 -19.25 -3.45 -19.27
N TYR A 776 -19.96 -4.11 -18.34
CA TYR A 776 -20.53 -5.40 -18.70
C TYR A 776 -21.59 -5.25 -19.80
N ASP A 777 -22.37 -4.18 -19.74
CA ASP A 777 -23.41 -3.97 -20.76
C ASP A 777 -22.79 -3.71 -22.12
N LEU A 778 -21.67 -2.98 -22.17
CA LEU A 778 -21.01 -2.77 -23.45
C LEU A 778 -20.54 -4.10 -24.04
N ILE A 779 -19.95 -4.96 -23.21
CA ILE A 779 -19.51 -6.27 -23.71
C ILE A 779 -20.69 -7.07 -24.25
N ILE A 780 -21.78 -7.12 -23.47
CA ILE A 780 -22.95 -7.89 -23.88
C ILE A 780 -23.52 -7.37 -25.18
N VAL A 781 -23.68 -6.05 -25.27
CA VAL A 781 -24.28 -5.45 -26.46
C VAL A 781 -23.43 -5.74 -27.69
N ALA A 782 -22.11 -5.56 -27.57
CA ALA A 782 -21.24 -5.82 -28.71
C ALA A 782 -21.36 -7.27 -29.18
N ALA A 783 -21.28 -8.21 -28.24
CA ALA A 783 -21.34 -9.62 -28.63
C ALA A 783 -22.66 -9.97 -29.30
N SER A 784 -23.77 -9.60 -28.65
CA SER A 784 -25.08 -9.96 -29.19
C SER A 784 -25.32 -9.32 -30.55
N ALA A 785 -24.99 -8.04 -30.69
CA ALA A 785 -25.21 -7.35 -31.95
C ALA A 785 -24.38 -7.97 -33.06
N LEU A 786 -23.10 -8.28 -32.78
CA LEU A 786 -22.26 -8.90 -33.80
C LEU A 786 -22.84 -10.23 -34.24
N ILE A 787 -23.25 -11.07 -33.28
CA ILE A 787 -23.76 -12.39 -33.65
C ILE A 787 -25.03 -12.27 -34.47
N LEU A 788 -25.95 -11.40 -34.06
CA LEU A 788 -27.21 -11.26 -34.79
C LEU A 788 -26.98 -10.72 -36.19
N ILE A 789 -26.12 -9.70 -36.33
CA ILE A 789 -25.84 -9.13 -37.64
C ILE A 789 -25.19 -10.17 -38.54
N PHE A 790 -24.27 -10.95 -37.99
CA PHE A 790 -23.63 -12.00 -38.77
C PHE A 790 -24.65 -13.01 -39.26
N ILE A 791 -25.57 -13.41 -38.38
CA ILE A 791 -26.59 -14.38 -38.78
C ILE A 791 -27.45 -13.81 -39.91
N ILE A 792 -27.86 -12.55 -39.78
CA ILE A 792 -28.73 -11.95 -40.79
C ILE A 792 -28.00 -11.85 -42.12
N MET A 793 -26.75 -11.41 -42.10
CA MET A 793 -25.99 -11.27 -43.34
C MET A 793 -25.74 -12.63 -43.99
N MET A 794 -25.47 -13.65 -43.18
CA MET A 794 -25.25 -14.98 -43.71
C MET A 794 -26.52 -15.53 -44.34
N VAL A 795 -27.67 -15.26 -43.72
CA VAL A 795 -28.94 -15.72 -44.28
C VAL A 795 -29.21 -15.01 -45.60
N LEU A 796 -28.98 -13.70 -45.65
CA LEU A 796 -29.34 -12.94 -46.84
C LEU A 796 -28.41 -13.22 -48.01
N THR A 797 -27.09 -13.19 -47.77
CA THR A 797 -26.15 -13.35 -48.87
C THR A 797 -25.85 -14.80 -49.18
N ARG A 798 -26.34 -15.74 -48.37
CA ARG A 798 -26.10 -17.16 -48.54
C ARG A 798 -24.61 -17.51 -48.56
N ALA A 799 -23.78 -16.67 -47.96
CA ALA A 799 -22.34 -16.89 -47.93
C ALA A 799 -21.81 -16.59 -46.54
N VAL A 800 -20.76 -17.30 -46.15
CA VAL A 800 -20.15 -17.11 -44.84
C VAL A 800 -19.05 -16.07 -44.88
N VAL A 801 -18.17 -16.19 -45.88
CA VAL A 801 -17.01 -15.30 -45.95
C VAL A 801 -17.45 -13.86 -46.16
N ALA A 802 -18.49 -13.65 -46.96
CA ALA A 802 -18.98 -12.29 -47.19
C ALA A 802 -19.50 -11.67 -45.89
N ALA A 803 -20.24 -12.44 -45.11
CA ALA A 803 -20.74 -11.94 -43.83
C ALA A 803 -19.59 -11.62 -42.89
N ALA A 804 -18.58 -12.49 -42.84
CA ALA A 804 -17.43 -12.23 -41.98
C ALA A 804 -16.71 -10.96 -42.41
N VAL A 805 -16.56 -10.75 -43.72
CA VAL A 805 -15.88 -9.56 -44.21
C VAL A 805 -16.66 -8.31 -43.81
N ILE A 806 -17.98 -8.35 -44.00
CA ILE A 806 -18.82 -7.21 -43.62
C ILE A 806 -18.63 -6.87 -42.14
N VAL A 807 -18.72 -7.89 -41.29
CA VAL A 807 -18.62 -7.65 -39.85
C VAL A 807 -17.24 -7.10 -39.48
N GLY A 808 -16.18 -7.68 -40.03
CA GLY A 808 -14.85 -7.24 -39.68
C GLY A 808 -14.58 -5.80 -40.11
N THR A 809 -14.99 -5.46 -41.33
CA THR A 809 -14.80 -4.09 -41.80
C THR A 809 -15.59 -3.11 -40.95
N VAL A 810 -16.82 -3.47 -40.57
CA VAL A 810 -17.61 -2.58 -39.72
C VAL A 810 -16.93 -2.38 -38.37
N VAL A 811 -16.35 -3.45 -37.81
CA VAL A 811 -15.67 -3.34 -36.52
C VAL A 811 -14.47 -2.40 -36.62
N LEU A 812 -13.69 -2.54 -37.69
CA LEU A 812 -12.55 -1.64 -37.88
C LEU A 812 -13.00 -0.19 -37.99
N SER A 813 -14.05 0.06 -38.77
CA SER A 813 -14.59 1.41 -38.86
C SER A 813 -15.06 1.91 -37.50
N LEU A 814 -15.59 1.00 -36.68
CA LEU A 814 -16.03 1.38 -35.34
C LEU A 814 -14.86 1.87 -34.49
N ALA A 815 -13.73 1.17 -34.57
CA ALA A 815 -12.55 1.61 -33.82
C ALA A 815 -12.10 2.99 -34.29
N SER A 816 -12.07 3.19 -35.61
CA SER A 816 -11.68 4.51 -36.12
C SER A 816 -12.63 5.60 -35.65
N ALA A 817 -13.93 5.29 -35.63
CA ALA A 817 -14.93 6.25 -35.18
C ALA A 817 -14.71 6.64 -33.72
N PHE A 818 -14.45 5.64 -32.89
CA PHE A 818 -14.17 5.92 -31.48
C PHE A 818 -12.97 6.85 -31.35
N GLY A 819 -11.91 6.58 -32.10
CA GLY A 819 -10.74 7.43 -32.04
C GLY A 819 -11.02 8.87 -32.43
N LEU A 820 -11.74 9.05 -33.54
CA LEU A 820 -12.05 10.40 -34.01
C LEU A 820 -12.92 11.15 -33.01
N SER A 821 -13.93 10.48 -32.45
CA SER A 821 -14.82 11.15 -31.51
C SER A 821 -14.09 11.52 -30.23
N VAL A 822 -13.26 10.61 -29.72
CA VAL A 822 -12.48 10.91 -28.52
C VAL A 822 -11.59 12.11 -28.75
N LEU A 823 -10.90 12.15 -29.89
CA LEU A 823 -10.09 13.32 -30.21
C LEU A 823 -10.94 14.58 -30.19
N LEU A 824 -11.95 14.64 -31.08
CA LEU A 824 -12.75 15.85 -31.25
C LEU A 824 -13.28 16.37 -29.93
N TRP A 825 -13.83 15.49 -29.09
CA TRP A 825 -14.40 16.00 -27.84
C TRP A 825 -13.32 16.28 -26.80
N GLN A 826 -12.61 15.24 -26.37
CA GLN A 826 -11.74 15.36 -25.21
C GLN A 826 -10.61 16.36 -25.45
N HIS A 827 -9.95 16.31 -26.61
CA HIS A 827 -8.74 17.12 -26.81
C HIS A 827 -9.12 18.53 -27.29
N ILE A 828 -10.03 18.62 -28.26
CA ILE A 828 -10.39 19.92 -28.79
C ILE A 828 -11.34 20.65 -27.85
N VAL A 829 -12.53 20.08 -27.62
CA VAL A 829 -13.55 20.81 -26.88
C VAL A 829 -13.19 20.88 -25.40
N GLY A 830 -12.65 19.80 -24.86
CA GLY A 830 -12.23 19.75 -23.48
C GLY A 830 -13.16 18.99 -22.55
N ILE A 831 -14.36 18.66 -23.03
CA ILE A 831 -15.33 17.91 -22.23
C ILE A 831 -15.17 16.43 -22.59
N PRO A 832 -14.75 15.58 -21.67
CA PRO A 832 -14.61 14.16 -21.98
C PRO A 832 -15.96 13.51 -22.26
N LEU A 833 -15.90 12.36 -22.93
CA LEU A 833 -17.11 11.63 -23.27
C LEU A 833 -17.84 11.17 -22.00
N HIS A 834 -19.16 11.21 -22.05
CA HIS A 834 -19.95 10.73 -20.94
C HIS A 834 -19.81 9.21 -20.82
N TRP A 835 -20.10 8.69 -19.64
CA TRP A 835 -19.87 7.27 -19.39
C TRP A 835 -20.83 6.38 -20.14
N MET A 836 -21.90 6.93 -20.72
CA MET A 836 -22.90 6.13 -21.41
C MET A 836 -22.94 6.39 -22.91
N VAL A 837 -21.94 7.07 -23.47
CA VAL A 837 -21.92 7.34 -24.90
C VAL A 837 -21.58 6.08 -25.69
N LEU A 838 -20.62 5.28 -25.19
CA LEU A 838 -20.02 4.23 -26.01
C LEU A 838 -20.99 3.15 -26.45
N PRO A 839 -21.76 2.50 -25.56
CA PRO A 839 -22.67 1.45 -26.05
C PRO A 839 -23.75 1.98 -26.97
N MET A 840 -24.30 3.16 -26.67
CA MET A 840 -25.32 3.75 -27.51
C MET A 840 -24.79 4.01 -28.91
N SER A 841 -23.56 4.50 -29.02
CA SER A 841 -22.98 4.74 -30.33
C SER A 841 -22.70 3.42 -31.06
N VAL A 842 -22.16 2.43 -30.34
CA VAL A 842 -21.75 1.18 -30.98
C VAL A 842 -22.95 0.47 -31.57
N ILE A 843 -24.05 0.41 -30.83
CA ILE A 843 -25.20 -0.39 -31.25
C ILE A 843 -25.77 0.11 -32.57
N VAL A 844 -25.58 1.39 -32.88
CA VAL A 844 -26.10 1.95 -34.12
C VAL A 844 -25.06 1.92 -35.23
N LEU A 845 -23.79 2.18 -34.88
CA LEU A 845 -22.75 2.15 -35.90
C LEU A 845 -22.65 0.78 -36.54
N LEU A 846 -22.66 -0.28 -35.72
CA LEU A 846 -22.58 -1.62 -36.27
C LEU A 846 -23.69 -1.87 -37.29
N ALA A 847 -24.93 -1.59 -36.90
CA ALA A 847 -26.08 -1.91 -37.75
C ALA A 847 -26.04 -1.12 -39.06
N VAL A 848 -25.77 0.19 -38.98
CA VAL A 848 -25.86 1.00 -40.19
C VAL A 848 -24.71 0.68 -41.14
N GLY A 849 -23.50 0.52 -40.61
CA GLY A 849 -22.40 0.12 -41.47
C GLY A 849 -22.65 -1.20 -42.15
N ALA A 850 -23.17 -2.17 -41.39
CA ALA A 850 -23.50 -3.46 -41.97
C ALA A 850 -24.54 -3.32 -43.07
N ASP A 851 -25.53 -2.44 -42.88
CA ASP A 851 -26.56 -2.25 -43.90
C ASP A 851 -25.97 -1.71 -45.19
N TYR A 852 -25.09 -0.72 -45.10
CA TYR A 852 -24.51 -0.17 -46.33
C TYR A 852 -23.65 -1.21 -47.06
N ASN A 853 -22.81 -1.93 -46.30
CA ASN A 853 -22.02 -2.98 -46.92
C ASN A 853 -22.90 -4.05 -47.54
N LEU A 854 -24.01 -4.38 -46.89
CA LEU A 854 -24.94 -5.36 -47.41
C LEU A 854 -25.55 -4.90 -48.72
N LEU A 855 -25.91 -3.62 -48.81
CA LEU A 855 -26.46 -3.12 -50.06
C LEU A 855 -25.46 -3.25 -51.19
N LEU A 856 -24.21 -2.86 -50.94
CA LEU A 856 -23.19 -2.97 -51.98
C LEU A 856 -22.97 -4.42 -52.40
N VAL A 857 -22.88 -5.32 -51.42
CA VAL A 857 -22.59 -6.73 -51.74
C VAL A 857 -23.77 -7.36 -52.46
N SER A 858 -24.99 -6.98 -52.08
CA SER A 858 -26.18 -7.50 -52.75
C SER A 858 -26.22 -7.08 -54.21
N ARG A 859 -25.84 -5.83 -54.50
CA ARG A 859 -25.75 -5.43 -55.90
C ARG A 859 -24.64 -6.19 -56.63
N MET A 860 -23.50 -6.39 -55.95
CA MET A 860 -22.40 -7.15 -56.54
C MET A 860 -22.85 -8.54 -56.95
N LYS A 861 -23.63 -9.20 -56.10
CA LYS A 861 -24.07 -10.55 -56.42
C LYS A 861 -24.94 -10.59 -57.67
N GLU A 862 -25.74 -9.55 -57.91
CA GLU A 862 -26.53 -9.49 -59.12
C GLU A 862 -25.70 -9.17 -60.36
N GLU A 863 -24.62 -8.40 -60.21
CA GLU A 863 -23.79 -8.03 -61.35
C GLU A 863 -22.66 -9.00 -61.63
N ILE A 864 -22.56 -10.10 -60.88
CA ILE A 864 -21.34 -10.90 -60.88
C ILE A 864 -21.26 -11.90 -62.02
N HIS A 865 -22.35 -12.12 -62.76
CA HIS A 865 -22.33 -13.12 -63.81
C HIS A 865 -21.39 -12.75 -64.95
N ALA A 866 -20.96 -11.49 -65.00
CA ALA A 866 -20.09 -11.00 -66.06
C ALA A 866 -18.63 -11.00 -65.68
N GLY A 867 -18.27 -11.62 -64.58
CA GLY A 867 -16.90 -11.59 -64.09
C GLY A 867 -16.87 -10.84 -62.77
N ILE A 868 -16.00 -11.28 -61.88
CA ILE A 868 -15.93 -10.67 -60.55
C ILE A 868 -15.54 -9.21 -60.65
N ARG A 869 -14.52 -8.91 -61.45
CA ARG A 869 -14.00 -7.55 -61.51
C ARG A 869 -14.98 -6.61 -62.20
N THR A 870 -15.51 -7.03 -63.36
CA THR A 870 -16.51 -6.22 -64.03
C THR A 870 -17.77 -6.10 -63.20
N GLY A 871 -18.15 -7.17 -62.51
CA GLY A 871 -19.30 -7.09 -61.63
C GLY A 871 -19.11 -6.07 -60.53
N ILE A 872 -17.93 -6.06 -59.91
CA ILE A 872 -17.66 -5.10 -58.85
C ILE A 872 -17.69 -3.67 -59.39
N ILE A 873 -17.10 -3.47 -60.57
CA ILE A 873 -17.08 -2.13 -61.15
C ILE A 873 -18.49 -1.65 -61.43
N ARG A 874 -19.31 -2.52 -62.03
CA ARG A 874 -20.69 -2.13 -62.34
C ARG A 874 -21.49 -1.87 -61.08
N ALA A 875 -21.29 -2.70 -60.06
CA ALA A 875 -22.01 -2.51 -58.80
C ALA A 875 -21.64 -1.18 -58.14
N MET A 876 -20.35 -0.86 -58.14
CA MET A 876 -19.93 0.41 -57.57
C MET A 876 -20.50 1.58 -58.34
N VAL A 877 -20.44 1.53 -59.67
CA VAL A 877 -20.99 2.62 -60.47
C VAL A 877 -22.49 2.76 -60.23
N GLY A 878 -23.19 1.65 -60.08
CA GLY A 878 -24.61 1.68 -59.80
C GLY A 878 -25.01 2.23 -58.45
N THR A 879 -24.29 1.84 -57.39
CA THR A 879 -24.75 2.16 -56.05
C THR A 879 -24.08 3.40 -55.45
N GLY A 880 -22.83 3.69 -55.81
CA GLY A 880 -22.05 4.73 -55.19
C GLY A 880 -22.76 6.02 -54.84
N ALA A 881 -23.37 6.68 -55.82
CA ALA A 881 -24.02 7.96 -55.56
C ALA A 881 -25.16 7.82 -54.57
N VAL A 882 -26.00 6.78 -54.75
CA VAL A 882 -27.14 6.59 -53.86
C VAL A 882 -26.68 6.34 -52.44
N VAL A 883 -25.71 5.45 -52.27
CA VAL A 883 -25.25 5.11 -50.92
C VAL A 883 -24.55 6.29 -50.29
N THR A 884 -23.78 7.06 -51.07
CA THR A 884 -23.12 8.23 -50.52
C THR A 884 -24.14 9.26 -50.04
N ALA A 885 -25.18 9.51 -50.83
CA ALA A 885 -26.20 10.44 -50.42
C ALA A 885 -26.90 9.98 -49.15
N ALA A 886 -27.26 8.69 -49.08
CA ALA A 886 -27.93 8.18 -47.89
C ALA A 886 -27.03 8.26 -46.66
N GLY A 887 -25.76 7.90 -46.81
CA GLY A 887 -24.85 7.95 -45.69
C GLY A 887 -24.61 9.35 -45.18
N LEU A 888 -24.46 10.31 -46.11
CA LEU A 888 -24.29 11.70 -45.71
C LEU A 888 -25.52 12.21 -44.99
N VAL A 889 -26.71 11.85 -45.49
CA VAL A 889 -27.95 12.28 -44.83
C VAL A 889 -28.01 11.73 -43.41
N PHE A 890 -27.72 10.44 -43.25
CA PHE A 890 -27.76 9.85 -41.92
C PHE A 890 -26.75 10.50 -40.99
N ALA A 891 -25.52 10.72 -41.48
CA ALA A 891 -24.49 11.30 -40.64
C ALA A 891 -24.85 12.71 -40.21
N PHE A 892 -25.38 13.51 -41.13
CA PHE A 892 -25.69 14.90 -40.78
C PHE A 892 -26.98 14.99 -39.98
N THR A 893 -27.83 13.97 -40.03
CA THR A 893 -28.97 13.92 -39.12
C THR A 893 -28.51 13.61 -37.71
N MET A 894 -27.61 12.63 -37.56
CA MET A 894 -27.10 12.30 -36.23
C MET A 894 -26.31 13.46 -35.64
N ALA A 895 -25.49 14.12 -36.44
CA ALA A 895 -24.63 15.18 -35.92
C ALA A 895 -25.43 16.40 -35.51
N SER A 896 -26.65 16.56 -36.02
CA SER A 896 -27.48 17.70 -35.68
C SER A 896 -28.01 17.64 -34.25
N MET A 897 -27.84 16.52 -33.56
CA MET A 897 -28.21 16.44 -32.15
C MET A 897 -27.29 17.27 -31.26
N ALA A 898 -26.18 17.78 -31.80
CA ALA A 898 -25.24 18.56 -31.00
C ALA A 898 -25.80 19.90 -30.56
N VAL A 899 -26.90 20.36 -31.15
CA VAL A 899 -27.50 21.63 -30.71
C VAL A 899 -28.33 21.48 -29.45
N SER A 900 -28.41 20.29 -28.88
CA SER A 900 -29.17 20.09 -27.66
C SER A 900 -28.47 20.75 -26.47
N SER A 901 -29.28 21.16 -25.50
CA SER A 901 -28.73 21.71 -24.26
C SER A 901 -27.96 20.64 -23.50
N LEU A 902 -28.47 19.41 -23.50
CA LEU A 902 -27.76 18.30 -22.87
C LEU A 902 -26.60 17.87 -23.76
N ILE A 903 -25.40 17.83 -23.19
CA ILE A 903 -24.22 17.59 -24.01
C ILE A 903 -23.99 16.10 -24.23
N THR A 904 -24.56 15.24 -23.39
CA THR A 904 -24.43 13.81 -23.60
C THR A 904 -25.07 13.40 -24.93
N ILE A 905 -26.24 13.93 -25.21
CA ILE A 905 -26.93 13.62 -26.47
C ILE A 905 -26.12 14.12 -27.65
N GLY A 906 -25.54 15.32 -27.53
CA GLY A 906 -24.69 15.83 -28.58
C GLY A 906 -23.49 14.95 -28.82
N GLN A 907 -22.87 14.46 -27.75
CA GLN A 907 -21.72 13.58 -27.89
C GLN A 907 -22.10 12.28 -28.61
N VAL A 908 -23.23 11.70 -28.22
CA VAL A 908 -23.69 10.48 -28.90
C VAL A 908 -23.91 10.75 -30.38
N GLY A 909 -24.61 11.84 -30.69
CA GLY A 909 -24.91 12.14 -32.08
C GLY A 909 -23.66 12.36 -32.91
N THR A 910 -22.70 13.13 -32.38
CA THR A 910 -21.49 13.42 -33.14
C THR A 910 -20.64 12.16 -33.31
N THR A 911 -20.60 11.30 -32.30
CA THR A 911 -19.85 10.06 -32.44
C THR A 911 -20.44 9.19 -33.53
N ILE A 912 -21.76 9.02 -33.55
CA ILE A 912 -22.39 8.21 -34.58
C ILE A 912 -22.19 8.85 -35.96
N GLY A 913 -22.27 10.19 -36.01
CA GLY A 913 -22.08 10.87 -37.28
C GLY A 913 -20.69 10.67 -37.85
N LEU A 914 -19.67 10.84 -37.01
CA LEU A 914 -18.30 10.61 -37.46
C LEU A 914 -18.10 9.17 -37.88
N GLY A 915 -18.68 8.23 -37.14
CA GLY A 915 -18.57 6.83 -37.52
C GLY A 915 -19.15 6.55 -38.88
N LEU A 916 -20.36 7.06 -39.14
CA LEU A 916 -20.98 6.83 -40.44
C LEU A 916 -20.24 7.54 -41.55
N LEU A 917 -19.71 8.73 -41.27
CA LEU A 917 -18.91 9.44 -42.28
C LEU A 917 -17.71 8.61 -42.69
N PHE A 918 -16.93 8.14 -41.70
CA PHE A 918 -15.76 7.35 -42.02
C PHE A 918 -16.13 6.06 -42.73
N ASP A 919 -17.18 5.39 -42.25
CA ASP A 919 -17.62 4.15 -42.88
C ASP A 919 -17.95 4.38 -44.35
N THR A 920 -18.82 5.35 -44.62
CA THR A 920 -19.25 5.60 -45.99
C THR A 920 -18.09 5.99 -46.89
N LEU A 921 -17.20 6.86 -46.41
CA LEU A 921 -16.14 7.35 -47.27
C LEU A 921 -14.96 6.39 -47.43
N VAL A 922 -14.81 5.41 -46.54
CA VAL A 922 -13.63 4.56 -46.62
C VAL A 922 -13.99 3.09 -46.73
N VAL A 923 -14.76 2.58 -45.78
CA VAL A 923 -14.93 1.14 -45.67
C VAL A 923 -15.70 0.60 -46.86
N ARG A 924 -16.80 1.26 -47.22
CA ARG A 924 -17.58 0.80 -48.36
C ARG A 924 -16.89 1.10 -49.68
N SER A 925 -16.25 2.26 -49.78
CA SER A 925 -15.70 2.68 -51.07
C SER A 925 -14.43 1.91 -51.42
N LEU A 926 -13.56 1.68 -50.45
CA LEU A 926 -12.23 1.14 -50.71
C LEU A 926 -12.01 -0.24 -50.11
N MET A 927 -12.32 -0.42 -48.82
CA MET A 927 -11.92 -1.65 -48.15
C MET A 927 -12.73 -2.85 -48.63
N THR A 928 -14.05 -2.72 -48.68
CA THR A 928 -14.89 -3.85 -49.06
C THR A 928 -14.65 -4.34 -50.48
N PRO A 929 -14.64 -3.48 -51.52
CA PRO A 929 -14.36 -4.01 -52.87
C PRO A 929 -12.95 -4.55 -53.00
N SER A 930 -11.98 -3.97 -52.30
CA SER A 930 -10.62 -4.49 -52.35
C SER A 930 -10.56 -5.90 -51.79
N ILE A 931 -11.21 -6.12 -50.65
CA ILE A 931 -11.22 -7.47 -50.07
C ILE A 931 -11.96 -8.43 -50.98
N ALA A 932 -13.06 -7.98 -51.57
CA ALA A 932 -13.82 -8.85 -52.47
C ALA A 932 -12.99 -9.25 -53.68
N THR A 933 -12.23 -8.31 -54.23
CA THR A 933 -11.36 -8.63 -55.36
C THR A 933 -10.24 -9.58 -54.95
N LEU A 934 -9.63 -9.35 -53.79
CA LEU A 934 -8.53 -10.18 -53.35
C LEU A 934 -8.97 -11.61 -53.10
N LEU A 935 -10.09 -11.79 -52.40
CA LEU A 935 -10.55 -13.14 -52.10
C LEU A 935 -11.02 -13.87 -53.35
N GLY A 936 -11.62 -13.15 -54.29
CA GLY A 936 -12.05 -13.78 -55.53
C GLY A 936 -13.21 -14.73 -55.28
N ARG A 937 -13.04 -15.97 -55.74
CA ARG A 937 -14.12 -16.95 -55.63
C ARG A 937 -14.40 -17.35 -54.19
N TRP A 938 -13.43 -17.15 -53.29
CA TRP A 938 -13.65 -17.48 -51.89
C TRP A 938 -14.55 -16.48 -51.17
N PHE A 939 -14.78 -15.32 -51.78
CA PHE A 939 -15.65 -14.33 -51.14
C PHE A 939 -17.09 -14.83 -51.05
N TRP A 940 -17.49 -15.73 -51.94
CA TRP A 940 -18.85 -16.22 -51.98
C TRP A 940 -18.98 -17.65 -51.49
N TRP A 941 -17.99 -18.14 -50.75
CA TRP A 941 -18.06 -19.50 -50.23
C TRP A 941 -19.24 -19.61 -49.28
N PRO A 942 -19.94 -20.75 -49.24
CA PRO A 942 -19.70 -22.02 -49.95
C PRO A 942 -20.32 -22.09 -51.33
N GLN A 943 -20.87 -21.00 -51.86
CA GLN A 943 -21.40 -21.04 -53.21
C GLN A 943 -20.28 -21.15 -54.23
N ARG A 944 -20.61 -21.68 -55.40
CA ARG A 944 -19.66 -21.85 -56.49
C ARG A 944 -19.83 -20.73 -57.49
N VAL A 945 -18.77 -19.95 -57.70
CA VAL A 945 -18.81 -18.76 -58.54
C VAL A 945 -17.58 -18.76 -59.44
N ARG A 946 -17.79 -18.50 -60.73
CA ARG A 946 -16.69 -18.36 -61.67
C ARG A 946 -15.98 -17.03 -61.44
N GLU A 947 -14.64 -17.07 -61.42
CA GLU A 947 -13.88 -15.83 -61.34
C GLU A 947 -14.05 -15.00 -62.61
N ARG A 948 -13.92 -15.65 -63.76
CA ARG A 948 -14.17 -15.02 -65.04
C ARG A 948 -15.02 -15.94 -65.90
N PRO A 949 -15.85 -15.39 -66.78
CA PRO A 949 -16.72 -16.24 -67.59
C PRO A 949 -15.93 -16.96 -68.68
N VAL A 950 -16.63 -17.84 -69.37
CA VAL A 950 -16.05 -18.55 -70.52
C VAL A 950 -15.69 -17.50 -71.57
N PRO A 951 -14.48 -17.51 -72.10
CA PRO A 951 -14.11 -16.52 -73.12
C PRO A 951 -15.02 -16.62 -74.34
N SER A 952 -15.34 -15.47 -74.91
CA SER A 952 -16.29 -15.39 -76.02
C SER A 952 -15.58 -14.97 -77.30
N LYS A 953 -16.15 -15.37 -78.42
CA LYS A 953 -15.64 -14.96 -79.72
C LYS A 953 -15.98 -13.51 -79.99
N TRP A 954 -15.11 -12.84 -80.75
CA TRP A 954 -15.31 -11.43 -81.03
C TRP A 954 -16.56 -11.25 -81.89
N PRO A 955 -17.34 -10.19 -81.64
CA PRO A 955 -18.61 -10.03 -82.36
C PRO A 955 -18.40 -9.75 -83.83
N THR A 956 -19.35 -10.18 -84.65
CA THR A 956 -19.32 -9.91 -86.08
C THR A 956 -20.16 -8.69 -86.39
N PRO A 957 -19.59 -7.60 -86.94
CA PRO A 957 -20.33 -6.38 -87.24
C PRO A 957 -21.25 -6.53 -88.45
N ALA B 2 -7.79 -16.59 -86.78
CA ALA B 2 -7.84 -15.55 -85.76
C ALA B 2 -9.13 -14.74 -85.88
N ALA B 3 -9.05 -13.46 -85.54
CA ALA B 3 -10.19 -12.56 -85.63
C ALA B 3 -9.84 -11.40 -86.56
N THR B 4 -10.78 -11.04 -87.43
CA THR B 4 -10.57 -9.93 -88.35
C THR B 4 -10.53 -8.61 -87.59
N GLN B 5 -9.90 -7.62 -88.21
CA GLN B 5 -9.81 -6.29 -87.58
C GLN B 5 -11.20 -5.74 -87.28
N GLU B 6 -12.18 -6.04 -88.14
CA GLU B 6 -13.53 -5.52 -87.96
C GLU B 6 -14.14 -6.03 -86.66
N GLU B 7 -13.96 -7.32 -86.36
CA GLU B 7 -14.55 -7.89 -85.15
C GLU B 7 -13.94 -7.27 -83.90
N ILE B 8 -12.61 -7.14 -83.88
CA ILE B 8 -11.94 -6.55 -82.72
C ILE B 8 -12.38 -5.10 -82.55
N ILE B 9 -12.50 -4.37 -83.65
CA ILE B 9 -12.94 -2.98 -83.57
C ILE B 9 -14.36 -2.90 -83.03
N ALA B 10 -15.24 -3.81 -83.47
CA ALA B 10 -16.62 -3.79 -82.97
C ALA B 10 -16.68 -4.07 -81.48
N GLY B 11 -15.94 -5.08 -81.02
CA GLY B 11 -15.94 -5.38 -79.59
C GLY B 11 -15.37 -4.25 -78.76
N LEU B 12 -14.25 -3.68 -79.20
CA LEU B 12 -13.66 -2.58 -78.46
C LEU B 12 -14.57 -1.36 -78.48
N ALA B 13 -15.28 -1.13 -79.59
CA ALA B 13 -16.20 -0.01 -79.65
C ALA B 13 -17.34 -0.19 -78.66
N GLU B 14 -17.87 -1.41 -78.54
CA GLU B 14 -18.92 -1.66 -77.56
C GLU B 14 -18.41 -1.42 -76.14
N ILE B 15 -17.19 -1.90 -75.84
CA ILE B 15 -16.64 -1.72 -74.50
C ILE B 15 -16.43 -0.23 -74.22
N ILE B 16 -15.90 0.51 -75.19
CA ILE B 16 -15.67 1.93 -75.03
C ILE B 16 -16.97 2.67 -74.83
N GLU B 17 -18.03 2.24 -75.55
CA GLU B 17 -19.34 2.84 -75.35
C GLU B 17 -19.82 2.64 -73.93
N GLU B 18 -19.63 1.44 -73.39
CA GLU B 18 -20.05 1.21 -72.01
C GLU B 18 -19.23 2.05 -71.03
N VAL B 19 -17.92 2.12 -71.22
CA VAL B 19 -17.05 2.76 -70.23
C VAL B 19 -17.23 4.28 -70.26
N THR B 20 -17.19 4.87 -71.45
CA THR B 20 -17.15 6.32 -71.59
C THR B 20 -18.44 6.93 -72.11
N GLY B 21 -19.16 6.21 -72.97
CA GLY B 21 -20.35 6.74 -73.60
C GLY B 21 -20.14 7.18 -75.04
N ILE B 22 -18.92 7.10 -75.56
CA ILE B 22 -18.67 7.45 -76.95
C ILE B 22 -19.35 6.44 -77.86
N GLU B 23 -20.11 6.94 -78.83
CA GLU B 23 -20.89 6.06 -79.69
C GLU B 23 -19.97 5.19 -80.54
N PRO B 24 -20.40 3.97 -80.88
CA PRO B 24 -19.53 3.07 -81.66
C PRO B 24 -19.12 3.63 -83.01
N SER B 25 -19.97 4.44 -83.64
CA SER B 25 -19.65 4.98 -84.96
C SER B 25 -18.42 5.88 -84.91
N GLU B 26 -18.16 6.49 -83.74
CA GLU B 26 -17.01 7.37 -83.63
C GLU B 26 -15.70 6.61 -83.61
N VAL B 27 -15.71 5.37 -83.12
CA VAL B 27 -14.48 4.60 -82.91
C VAL B 27 -14.04 4.05 -84.27
N THR B 28 -12.97 4.63 -84.82
CA THR B 28 -12.34 4.18 -86.04
C THR B 28 -10.85 3.96 -85.79
N PRO B 29 -10.21 3.05 -86.53
CA PRO B 29 -8.85 2.62 -86.16
C PRO B 29 -7.80 3.72 -86.19
N GLU B 30 -8.09 4.86 -86.81
CA GLU B 30 -7.14 5.96 -86.88
C GLU B 30 -7.32 6.99 -85.78
N LYS B 31 -8.26 6.76 -84.85
CA LYS B 31 -8.52 7.71 -83.78
C LYS B 31 -7.48 7.57 -82.67
N SER B 32 -7.03 8.71 -82.13
CA SER B 32 -6.12 8.71 -81.00
C SER B 32 -6.92 8.79 -79.70
N PHE B 33 -6.59 7.91 -78.75
CA PHE B 33 -7.31 7.89 -77.48
C PHE B 33 -7.14 9.20 -76.73
N VAL B 34 -5.94 9.75 -76.72
CA VAL B 34 -5.66 10.94 -75.92
C VAL B 34 -6.35 12.16 -76.50
N ASP B 35 -6.39 12.29 -77.83
CA ASP B 35 -6.86 13.53 -78.43
C ASP B 35 -8.18 13.36 -79.14
N ASP B 36 -8.28 12.42 -80.08
CA ASP B 36 -9.50 12.27 -80.86
C ASP B 36 -10.68 11.87 -79.99
N LEU B 37 -10.50 10.82 -79.19
CA LEU B 37 -11.57 10.31 -78.35
C LEU B 37 -11.55 10.86 -76.94
N ASP B 38 -10.44 11.48 -76.53
CA ASP B 38 -10.30 12.07 -75.20
C ASP B 38 -10.56 11.04 -74.10
N ILE B 39 -9.72 10.02 -74.08
CA ILE B 39 -9.81 8.94 -73.10
C ILE B 39 -8.56 8.99 -72.24
N ASP B 40 -8.74 9.14 -70.93
CA ASP B 40 -7.62 9.20 -70.02
C ASP B 40 -7.12 7.79 -69.70
N SER B 41 -6.04 7.71 -68.91
CA SER B 41 -5.40 6.43 -68.68
C SER B 41 -6.27 5.50 -67.84
N LEU B 42 -7.00 6.05 -66.86
CA LEU B 42 -7.85 5.22 -66.03
C LEU B 42 -8.96 4.58 -66.86
N SER B 43 -9.56 5.33 -67.78
CA SER B 43 -10.53 4.75 -68.68
C SER B 43 -9.89 3.63 -69.51
N MET B 44 -8.63 3.81 -69.90
CA MET B 44 -7.96 2.78 -70.68
C MET B 44 -7.74 1.52 -69.86
N VAL B 45 -7.39 1.64 -68.59
CA VAL B 45 -7.23 0.44 -67.78
C VAL B 45 -8.58 -0.22 -67.52
N GLU B 46 -9.66 0.58 -67.46
CA GLU B 46 -10.99 -0.03 -67.38
C GLU B 46 -11.30 -0.83 -68.64
N ILE B 47 -10.96 -0.27 -69.80
CA ILE B 47 -11.15 -1.00 -71.06
C ILE B 47 -10.35 -2.29 -71.04
N ALA B 48 -9.13 -2.24 -70.52
CA ALA B 48 -8.30 -3.45 -70.44
C ALA B 48 -8.94 -4.49 -69.54
N VAL B 49 -9.48 -4.06 -68.39
CA VAL B 49 -10.12 -5.00 -67.47
C VAL B 49 -11.32 -5.65 -68.13
N GLN B 50 -12.15 -4.86 -68.79
CA GLN B 50 -13.33 -5.40 -69.47
C GLN B 50 -12.92 -6.38 -70.56
N THR B 51 -11.89 -6.04 -71.34
CA THR B 51 -11.44 -6.92 -72.40
C THR B 51 -10.93 -8.24 -71.85
N GLU B 52 -10.17 -8.18 -70.76
CA GLU B 52 -9.66 -9.42 -70.16
C GLU B 52 -10.80 -10.28 -69.62
N ASP B 53 -11.80 -9.66 -69.00
CA ASP B 53 -12.89 -10.42 -68.42
C ASP B 53 -13.88 -10.92 -69.45
N LYS B 54 -13.89 -10.38 -70.66
CA LYS B 54 -14.86 -10.86 -71.64
C LYS B 54 -14.21 -11.77 -72.69
N TYR B 55 -13.13 -11.32 -73.30
CA TYR B 55 -12.49 -12.05 -74.39
C TYR B 55 -11.19 -12.74 -73.97
N GLY B 56 -10.79 -12.63 -72.71
CA GLY B 56 -9.61 -13.34 -72.24
C GLY B 56 -8.30 -12.80 -72.77
N VAL B 57 -8.24 -11.53 -73.12
CA VAL B 57 -7.03 -10.89 -73.60
C VAL B 57 -6.46 -10.04 -72.48
N LYS B 58 -5.25 -10.35 -72.03
CA LYS B 58 -4.63 -9.66 -70.90
C LYS B 58 -3.69 -8.58 -71.42
N ILE B 59 -3.94 -7.34 -71.02
CA ILE B 59 -3.10 -6.22 -71.42
C ILE B 59 -2.48 -5.57 -70.19
N PRO B 60 -1.19 -5.74 -69.95
CA PRO B 60 -0.58 -5.11 -68.77
C PRO B 60 -0.52 -3.60 -68.91
N ASP B 61 -0.32 -2.93 -67.77
CA ASP B 61 -0.36 -1.47 -67.74
C ASP B 61 0.78 -0.86 -68.55
N GLU B 62 1.97 -1.48 -68.49
CA GLU B 62 3.11 -0.94 -69.23
C GLU B 62 2.81 -0.89 -70.72
N ASP B 63 2.17 -1.93 -71.25
CA ASP B 63 1.74 -1.90 -72.63
C ASP B 63 0.66 -0.85 -72.86
N LEU B 64 -0.26 -0.69 -71.88
CA LEU B 64 -1.30 0.32 -72.01
C LEU B 64 -0.70 1.71 -72.19
N ALA B 65 0.45 1.96 -71.56
CA ALA B 65 1.12 3.24 -71.77
C ALA B 65 1.53 3.40 -73.23
N GLY B 66 2.03 2.33 -73.85
CA GLY B 66 2.52 2.43 -75.21
C GLY B 66 1.41 2.66 -76.22
N LEU B 67 0.28 1.99 -76.04
CA LEU B 67 -0.81 2.04 -77.01
C LEU B 67 -1.32 3.47 -77.17
N ARG B 68 -1.45 3.91 -78.42
CA ARG B 68 -1.83 5.29 -78.72
C ARG B 68 -3.15 5.40 -79.44
N THR B 69 -3.32 4.68 -80.54
CA THR B 69 -4.54 4.74 -81.34
C THR B 69 -5.27 3.41 -81.27
N VAL B 70 -6.51 3.42 -81.77
CA VAL B 70 -7.30 2.19 -81.78
C VAL B 70 -6.61 1.13 -82.63
N GLY B 71 -6.03 1.54 -83.76
CA GLY B 71 -5.32 0.58 -84.59
C GLY B 71 -4.18 -0.09 -83.85
N ASP B 72 -3.50 0.65 -82.98
CA ASP B 72 -2.41 0.07 -82.20
C ASP B 72 -2.93 -1.04 -81.29
N VAL B 73 -4.06 -0.79 -80.62
CA VAL B 73 -4.63 -1.79 -79.73
C VAL B 73 -5.07 -3.01 -80.53
N VAL B 74 -5.68 -2.78 -81.69
CA VAL B 74 -6.12 -3.90 -82.54
C VAL B 74 -4.92 -4.73 -82.97
N ALA B 75 -3.83 -4.07 -83.35
CA ALA B 75 -2.62 -4.78 -83.77
C ALA B 75 -2.05 -5.58 -82.61
N TYR B 76 -2.05 -5.01 -81.41
CA TYR B 76 -1.55 -5.71 -80.24
C TYR B 76 -2.38 -6.96 -79.95
N ILE B 77 -3.71 -6.84 -80.05
CA ILE B 77 -4.58 -7.98 -79.79
C ILE B 77 -4.37 -9.07 -80.83
N GLN B 78 -4.23 -8.67 -82.10
CA GLN B 78 -4.00 -9.64 -83.16
C GLN B 78 -2.65 -10.33 -82.98
N LYS B 79 -1.63 -9.59 -82.55
CA LYS B 79 -0.33 -10.19 -82.30
C LYS B 79 -0.41 -11.21 -81.19
N LEU B 80 -1.14 -10.89 -80.11
CA LEU B 80 -1.32 -11.86 -79.03
C LEU B 80 -2.06 -13.09 -79.53
N GLU B 81 -3.10 -12.88 -80.35
CA GLU B 81 -3.88 -14.00 -80.87
C GLU B 81 -3.03 -14.92 -81.74
N GLU B 82 -2.16 -14.33 -82.55
CA GLU B 82 -1.30 -15.11 -83.44
C GLU B 82 -0.11 -15.69 -82.69
N LEU C 2 -1.36 15.77 -59.81
CA LEU C 2 -0.68 16.40 -58.68
C LEU C 2 0.80 16.04 -58.65
N GLY C 3 1.41 15.95 -59.84
CA GLY C 3 2.81 15.57 -59.92
C GLY C 3 3.74 16.56 -59.27
N ARG C 4 3.39 17.85 -59.29
CA ARG C 4 4.20 18.90 -58.68
C ARG C 4 3.57 19.47 -57.42
N ILE C 5 2.58 18.79 -56.85
CA ILE C 5 1.87 19.30 -55.68
C ILE C 5 2.01 18.32 -54.52
N TRP C 6 2.22 17.04 -54.84
CA TRP C 6 2.21 16.02 -53.80
C TRP C 6 3.38 16.20 -52.83
N LEU C 7 4.54 16.65 -53.34
CA LEU C 7 5.71 16.74 -52.47
C LEU C 7 5.59 17.86 -51.44
N PRO C 8 5.38 19.13 -51.83
CA PRO C 8 5.31 20.19 -50.80
C PRO C 8 4.18 20.00 -49.79
N VAL C 9 3.04 19.47 -50.22
CA VAL C 9 1.93 19.25 -49.29
C VAL C 9 2.31 18.22 -48.24
N LEU C 10 2.93 17.11 -48.68
CA LEU C 10 3.36 16.09 -47.72
C LEU C 10 4.45 16.62 -46.80
N ILE C 11 5.34 17.45 -47.34
CA ILE C 11 6.39 18.05 -46.51
C ILE C 11 5.76 18.92 -45.42
N VAL C 12 4.78 19.74 -45.79
CA VAL C 12 4.12 20.60 -44.81
C VAL C 12 3.39 19.76 -43.77
N VAL C 13 2.73 18.68 -44.21
CA VAL C 13 2.01 17.81 -43.29
C VAL C 13 2.98 17.20 -42.27
N ALA C 14 4.11 16.68 -42.76
CA ALA C 14 5.08 16.07 -41.87
C ALA C 14 5.66 17.09 -40.89
N VAL C 15 5.96 18.30 -41.38
CA VAL C 15 6.51 19.34 -40.51
C VAL C 15 5.51 19.71 -39.43
N ALA C 16 4.22 19.82 -39.81
CA ALA C 16 3.19 20.13 -38.82
C ALA C 16 3.08 19.03 -37.78
N ALA C 17 3.13 17.76 -38.21
CA ALA C 17 3.06 16.66 -37.26
C ALA C 17 4.24 16.69 -36.29
N GLY C 18 5.44 16.92 -36.82
CA GLY C 18 6.60 16.98 -35.96
C GLY C 18 6.53 18.14 -34.97
N ALA C 19 6.06 19.30 -35.43
CA ALA C 19 5.92 20.44 -34.55
C ALA C 19 4.90 20.16 -33.46
N LEU C 20 3.79 19.51 -33.82
CA LEU C 20 2.77 19.16 -32.84
C LEU C 20 3.34 18.22 -31.77
N ILE C 21 4.09 17.20 -32.20
CA ILE C 21 4.69 16.26 -31.25
C ILE C 21 5.67 16.98 -30.34
N VAL C 22 6.47 17.88 -30.92
CA VAL C 22 7.44 18.65 -30.12
C VAL C 22 6.71 19.47 -29.07
N MET C 23 5.66 20.19 -29.48
CA MET C 23 4.95 21.06 -28.56
C MET C 23 4.29 20.28 -27.43
N ASN C 24 3.72 19.11 -27.76
CA ASN C 24 2.99 18.34 -26.74
C ASN C 24 3.94 17.81 -25.67
N VAL C 25 5.06 17.23 -26.08
CA VAL C 25 5.91 16.50 -25.13
C VAL C 25 6.85 17.45 -24.39
N ARG C 26 7.17 18.60 -24.99
CA ARG C 26 8.15 19.50 -24.39
C ARG C 26 7.65 20.05 -23.05
N THR C 27 6.34 20.22 -22.91
CA THR C 27 5.79 20.85 -21.72
C THR C 27 5.53 19.86 -20.58
N VAL C 28 5.65 18.56 -20.83
CA VAL C 28 5.32 17.59 -19.79
C VAL C 28 6.37 17.58 -18.69
N PHE C 29 7.62 17.89 -19.03
CA PHE C 29 8.68 17.90 -18.03
C PHE C 29 8.45 19.00 -17.00
N GLY C 30 8.91 18.75 -15.78
CA GLY C 30 8.66 19.69 -14.70
C GLY C 30 7.19 19.69 -14.32
N SER C 31 6.60 20.89 -14.28
CA SER C 31 5.17 21.09 -14.05
C SER C 31 4.69 20.52 -12.72
N ASN C 32 5.58 20.39 -11.74
CA ASN C 32 5.18 19.97 -10.41
C ASN C 32 6.22 20.40 -9.38
N PRO C 33 6.48 21.71 -9.24
CA PRO C 33 7.56 22.14 -8.36
C PRO C 33 7.22 22.13 -6.88
N VAL C 34 5.97 22.45 -6.54
CA VAL C 34 5.54 22.58 -5.15
C VAL C 34 4.28 21.78 -4.93
N VAL C 35 4.05 21.39 -3.68
CA VAL C 35 2.83 20.70 -3.26
C VAL C 35 2.16 21.58 -2.20
N VAL C 36 0.89 21.91 -2.43
CA VAL C 36 0.11 22.74 -1.53
C VAL C 36 -1.03 21.90 -0.97
N THR C 37 -1.06 21.74 0.35
CA THR C 37 -2.10 20.95 0.99
C THR C 37 -3.40 21.74 1.07
N GLU C 38 -4.52 21.01 1.09
CA GLU C 38 -5.83 21.62 1.17
C GLU C 38 -6.16 22.00 2.61
N LYS C 39 -6.97 23.05 2.76
CA LYS C 39 -7.35 23.56 4.08
C LYS C 39 -8.84 23.34 4.28
N THR C 40 -9.20 22.75 5.43
CA THR C 40 -10.58 22.49 5.80
C THR C 40 -10.75 22.90 7.26
N SER C 41 -11.17 24.13 7.49
CA SER C 41 -11.41 24.66 8.83
C SER C 41 -12.89 24.65 9.16
N ASP C 42 -13.20 24.85 10.43
CA ASP C 42 -14.57 24.90 10.91
C ASP C 42 -15.00 26.33 11.16
N ASN C 43 -16.32 26.54 11.15
CA ASN C 43 -16.87 27.87 11.42
C ASN C 43 -16.73 28.20 12.90
N ALA C 44 -15.97 29.24 13.20
CA ALA C 44 -15.75 29.68 14.58
C ALA C 44 -16.78 30.75 14.91
N GLU C 45 -17.92 30.31 15.45
CA GLU C 45 -19.01 31.21 15.81
C GLU C 45 -19.50 30.87 17.21
N ASP C 46 -20.24 31.82 17.80
CA ASP C 46 -20.76 31.68 19.15
C ASP C 46 -22.29 31.80 19.11
N PHE C 47 -22.95 30.68 18.86
CA PHE C 47 -24.40 30.61 18.87
C PHE C 47 -24.83 29.55 19.87
N ASN C 48 -25.78 29.90 20.73
CA ASN C 48 -26.22 29.04 21.83
C ASN C 48 -25.05 28.47 22.64
N PRO C 49 -24.21 29.33 23.23
CA PRO C 49 -23.13 28.79 24.07
C PRO C 49 -23.68 28.38 25.42
N LYS C 50 -23.22 27.24 25.93
CA LYS C 50 -23.67 26.79 27.23
C LYS C 50 -23.15 27.74 28.30
N VAL C 51 -23.99 28.01 29.30
CA VAL C 51 -23.70 28.99 30.34
C VAL C 51 -23.55 28.27 31.66
N VAL C 52 -22.42 28.48 32.33
CA VAL C 52 -22.13 27.89 33.63
C VAL C 52 -22.04 29.00 34.66
N THR C 53 -22.73 28.81 35.78
CA THR C 53 -22.80 29.83 36.83
C THR C 53 -22.33 29.26 38.15
N TYR C 54 -21.38 29.94 38.78
CA TYR C 54 -20.92 29.61 40.12
C TYR C 54 -21.58 30.54 41.13
N GLU C 55 -22.06 29.98 42.24
CA GLU C 55 -22.69 30.77 43.30
C GLU C 55 -22.13 30.35 44.64
N ILE C 56 -21.66 31.32 45.42
CA ILE C 56 -21.19 31.09 46.78
C ILE C 56 -21.94 32.04 47.69
N PHE C 57 -22.53 31.50 48.76
CA PHE C 57 -23.26 32.31 49.72
C PHE C 57 -23.26 31.61 51.07
N GLY C 58 -23.28 32.40 52.14
CA GLY C 58 -23.28 31.82 53.47
C GLY C 58 -23.54 32.89 54.51
N SER C 59 -23.49 32.46 55.78
CA SER C 59 -23.72 33.39 56.88
C SER C 59 -22.52 34.29 57.12
N GLY C 60 -21.37 33.94 56.57
CA GLY C 60 -20.18 34.73 56.80
C GLY C 60 -20.18 36.03 56.01
N SER C 61 -19.18 36.86 56.31
CA SER C 61 -19.04 38.13 55.60
C SER C 61 -18.35 37.94 54.26
N SER C 62 -17.15 37.37 54.27
CA SER C 62 -16.36 37.16 53.07
C SER C 62 -15.91 35.70 52.98
N ALA C 63 -15.23 35.39 51.88
CA ALA C 63 -14.77 34.02 51.64
C ALA C 63 -13.60 34.04 50.68
N VAL C 64 -12.85 32.94 50.67
CA VAL C 64 -11.76 32.74 49.73
C VAL C 64 -12.19 31.66 48.75
N ILE C 65 -12.15 31.96 47.45
CA ILE C 65 -12.76 31.13 46.43
C ILE C 65 -11.71 30.73 45.40
N ASN C 66 -11.65 29.44 45.09
CA ASN C 66 -10.85 28.91 43.99
C ASN C 66 -11.78 28.14 43.06
N TYR C 67 -11.60 28.33 41.76
CA TYR C 67 -12.46 27.67 40.79
C TYR C 67 -11.67 27.42 39.51
N MET C 68 -12.19 26.50 38.70
CA MET C 68 -11.63 26.18 37.40
C MET C 68 -12.46 26.86 36.33
N ASP C 69 -11.83 27.70 35.52
CA ASP C 69 -12.55 28.30 34.41
C ASP C 69 -12.83 27.25 33.34
N LEU C 70 -13.70 27.60 32.40
CA LEU C 70 -14.11 26.63 31.40
C LEU C 70 -13.02 26.29 30.40
N GLU C 71 -11.87 26.94 30.49
CA GLU C 71 -10.70 26.58 29.70
C GLU C 71 -9.81 25.58 30.44
N GLY C 72 -10.22 25.11 31.60
CA GLY C 72 -9.44 24.15 32.35
C GLY C 72 -8.20 24.70 33.01
N MET C 73 -8.28 25.90 33.56
CA MET C 73 -7.16 26.52 34.27
C MET C 73 -7.63 26.96 35.64
N PRO C 74 -6.81 26.79 36.68
CA PRO C 74 -7.22 27.22 38.03
C PRO C 74 -7.22 28.74 38.14
N GLN C 75 -8.26 29.28 38.77
CA GLN C 75 -8.40 30.70 39.06
C GLN C 75 -8.71 30.89 40.53
N ARG C 76 -8.27 32.01 41.08
CA ARG C 76 -8.45 32.28 42.50
C ARG C 76 -8.94 33.70 42.73
N VAL C 77 -9.72 33.86 43.78
CA VAL C 77 -10.20 35.16 44.24
C VAL C 77 -9.68 35.37 45.66
N GLU C 78 -9.01 36.50 45.89
CA GLU C 78 -8.32 36.71 47.15
C GLU C 78 -9.28 36.66 48.34
N SER C 79 -10.19 37.62 48.43
CA SER C 79 -11.19 37.62 49.49
C SER C 79 -12.28 38.61 49.10
N THR C 80 -13.51 38.12 48.99
CA THR C 80 -14.61 38.94 48.51
C THR C 80 -15.83 38.77 49.39
N PRO C 81 -16.60 39.83 49.61
CA PRO C 81 -17.81 39.69 50.42
C PRO C 81 -18.84 38.79 49.76
N LEU C 82 -19.56 38.05 50.58
CA LEU C 82 -20.63 37.17 50.12
C LEU C 82 -21.93 37.95 50.04
N PRO C 83 -22.87 37.59 49.16
CA PRO C 83 -22.82 36.47 48.20
C PRO C 83 -21.98 36.80 46.98
N TRP C 84 -21.44 35.78 46.31
CA TRP C 84 -20.58 35.95 45.16
C TRP C 84 -21.09 35.08 44.03
N SER C 85 -21.10 35.62 42.82
CA SER C 85 -21.59 34.91 41.65
C SER C 85 -20.70 35.21 40.46
N LEU C 86 -20.60 34.24 39.55
CA LEU C 86 -19.82 34.38 38.33
C LEU C 86 -20.48 33.56 37.23
N THR C 87 -20.55 34.13 36.03
CA THR C 87 -21.15 33.45 34.89
C THR C 87 -20.10 33.25 33.80
N LEU C 88 -20.00 32.03 33.30
CA LEU C 88 -19.06 31.69 32.24
C LEU C 88 -19.81 30.99 31.12
N GLN C 89 -19.26 31.11 29.90
CA GLN C 89 -19.85 30.48 28.73
C GLN C 89 -18.76 29.87 27.87
N THR C 90 -19.13 28.82 27.14
CA THR C 90 -18.19 28.12 26.27
C THR C 90 -18.97 27.44 25.16
N THR C 91 -18.23 27.01 24.14
CA THR C 91 -18.81 26.28 23.02
C THR C 91 -18.43 24.80 23.01
N LEU C 92 -17.68 24.34 24.01
CA LEU C 92 -17.21 22.97 24.06
C LEU C 92 -18.34 22.02 24.42
N PRO C 93 -18.35 20.81 23.84
CA PRO C 93 -19.43 19.86 24.16
C PRO C 93 -19.48 19.45 25.62
N SER C 94 -18.34 19.34 26.29
CA SER C 94 -18.30 18.87 27.66
C SER C 94 -17.27 19.66 28.45
N VAL C 95 -17.64 20.08 29.65
CA VAL C 95 -16.77 20.83 30.54
C VAL C 95 -16.85 20.22 31.93
N MET C 96 -15.90 20.63 32.79
CA MET C 96 -15.81 20.15 34.15
C MET C 96 -15.86 21.34 35.10
N PRO C 97 -17.05 21.77 35.52
CA PRO C 97 -17.13 22.84 36.51
C PRO C 97 -16.64 22.37 37.87
N HIS C 98 -15.92 23.25 38.57
CA HIS C 98 -15.28 22.89 39.82
C HIS C 98 -14.98 24.18 40.59
N ILE C 99 -15.31 24.19 41.88
CA ILE C 99 -15.10 25.39 42.69
C ILE C 99 -15.00 25.00 44.16
N MET C 100 -14.15 25.70 44.90
CA MET C 100 -14.02 25.55 46.34
C MET C 100 -14.15 26.93 46.99
N ALA C 101 -14.55 26.93 48.27
CA ALA C 101 -14.72 28.19 48.98
C ALA C 101 -14.63 27.94 50.48
N GLN C 102 -13.95 28.83 51.18
CA GLN C 102 -13.91 28.81 52.64
C GLN C 102 -14.15 30.21 53.16
N GLY C 103 -15.08 30.33 54.12
CA GLY C 103 -15.46 31.60 54.68
C GLY C 103 -15.17 31.71 56.17
N ASP C 104 -15.58 32.85 56.73
CA ASP C 104 -15.44 33.11 58.14
C ASP C 104 -16.73 32.89 58.92
N GLY C 105 -17.77 32.35 58.29
CA GLY C 105 -19.02 32.07 58.95
C GLY C 105 -19.18 30.61 59.31
N ASP C 106 -20.29 30.31 59.97
CA ASP C 106 -20.56 28.95 60.41
C ASP C 106 -21.27 28.12 59.37
N SER C 107 -21.58 28.69 58.20
CA SER C 107 -22.22 27.94 57.14
C SER C 107 -21.87 28.58 55.80
N ILE C 108 -21.66 27.75 54.79
CA ILE C 108 -21.33 28.22 53.44
C ILE C 108 -21.84 27.20 52.44
N THR C 109 -22.28 27.68 51.28
CA THR C 109 -22.93 26.84 50.28
C THR C 109 -22.43 27.22 48.89
N CYS C 110 -22.19 26.21 48.05
CA CYS C 110 -21.90 26.40 46.65
C CYS C 110 -23.00 25.79 45.80
N ARG C 111 -23.15 26.30 44.59
CA ARG C 111 -24.17 25.83 43.66
C ARG C 111 -23.69 26.05 42.24
N VAL C 112 -23.82 25.03 41.40
CA VAL C 112 -23.41 25.10 40.00
C VAL C 112 -24.66 24.96 39.14
N THR C 113 -24.86 25.90 38.22
CA THR C 113 -26.01 25.92 37.34
C THR C 113 -25.53 25.91 35.90
N VAL C 114 -25.94 24.90 35.14
CA VAL C 114 -25.59 24.77 33.74
C VAL C 114 -26.87 24.84 32.92
N ASP C 115 -26.97 25.87 32.08
CA ASP C 115 -28.16 26.10 31.25
C ASP C 115 -29.42 26.16 32.09
N ASP C 116 -29.37 26.96 33.15
CA ASP C 116 -30.51 27.18 34.04
C ASP C 116 -30.99 25.90 34.70
N VAL C 117 -30.07 24.95 34.91
CA VAL C 117 -30.37 23.71 35.62
C VAL C 117 -29.33 23.54 36.71
N VAL C 118 -29.77 23.27 37.93
CA VAL C 118 -28.85 23.10 39.05
C VAL C 118 -28.25 21.70 38.98
N LYS C 119 -26.94 21.63 38.85
CA LYS C 119 -26.24 20.35 38.75
C LYS C 119 -25.70 19.86 40.08
N GLU C 120 -25.40 20.75 41.01
CA GLU C 120 -24.77 20.37 42.26
C GLU C 120 -24.98 21.48 43.28
N GLU C 121 -25.19 21.09 44.54
CA GLU C 121 -25.28 22.05 45.63
C GLU C 121 -24.84 21.37 46.91
N ARG C 122 -23.91 21.99 47.62
CA ARG C 122 -23.30 21.40 48.80
C ARG C 122 -23.15 22.43 49.90
N THR C 123 -23.43 22.03 51.13
CA THR C 123 -23.39 22.91 52.30
C THR C 123 -22.47 22.32 53.36
N ALA C 124 -21.66 23.17 53.97
CA ALA C 124 -20.76 22.78 55.04
C ALA C 124 -21.07 23.59 56.28
N THR C 125 -20.98 22.95 57.45
CA THR C 125 -21.36 23.54 58.71
C THR C 125 -20.22 23.44 59.71
N GLY C 126 -20.08 24.46 60.52
CA GLY C 126 -19.03 24.54 61.51
C GLY C 126 -18.24 25.84 61.39
N MET C 127 -17.40 26.06 62.40
CA MET C 127 -16.56 27.24 62.40
C MET C 127 -15.60 27.21 61.22
N ASN C 128 -15.54 28.33 60.48
CA ASN C 128 -14.72 28.45 59.28
C ASN C 128 -15.00 27.31 58.31
N ALA C 129 -16.28 27.15 57.97
CA ALA C 129 -16.69 26.04 57.12
C ALA C 129 -16.08 26.17 55.73
N GLU C 130 -15.78 25.02 55.13
CA GLU C 130 -15.24 24.95 53.78
C GLU C 130 -16.02 23.92 52.99
N THR C 131 -16.42 24.28 51.78
CA THR C 131 -17.23 23.43 50.92
C THR C 131 -16.65 23.38 49.52
N PHE C 132 -17.19 22.49 48.70
CA PHE C 132 -16.78 22.34 47.32
C PHE C 132 -17.93 21.78 46.51
N CYS C 133 -17.95 22.11 45.21
CA CYS C 133 -18.95 21.62 44.28
C CYS C 133 -18.22 21.10 43.05
N TYR C 134 -18.34 19.80 42.78
CA TYR C 134 -17.64 19.15 41.68
C TYR C 134 -18.62 18.44 40.78
N VAL C 135 -18.52 18.69 39.47
CA VAL C 135 -19.32 18.01 38.47
C VAL C 135 -18.36 17.41 37.45
N LYS C 136 -18.43 16.09 37.27
CA LYS C 136 -17.47 15.40 36.41
C LYS C 136 -17.61 15.84 34.96
N ALA C 137 -18.84 15.90 34.46
CA ALA C 137 -19.09 16.35 33.10
C ALA C 137 -20.41 17.10 33.05
N ALA C 138 -20.42 18.24 32.38
CA ALA C 138 -21.62 19.04 32.27
C ALA C 138 -21.74 19.65 30.88
N ALA D 20 19.48 -62.96 -56.45
CA ALA D 20 18.80 -62.91 -55.16
C ALA D 20 18.95 -61.53 -54.53
N PRO D 21 17.88 -61.01 -53.96
CA PRO D 21 17.94 -59.70 -53.31
C PRO D 21 18.88 -59.73 -52.11
N PRO D 22 19.73 -58.72 -51.96
CA PRO D 22 20.61 -58.66 -50.79
C PRO D 22 19.87 -58.25 -49.52
N ARG D 23 19.28 -59.22 -48.84
CA ARG D 23 18.56 -58.94 -47.61
C ARG D 23 19.50 -58.32 -46.58
N PRO D 24 19.10 -57.27 -45.89
CA PRO D 24 19.98 -56.66 -44.88
C PRO D 24 20.21 -57.60 -43.71
N ARG D 25 21.34 -57.39 -43.03
CA ARG D 25 21.77 -58.31 -41.98
C ARG D 25 20.82 -58.30 -40.79
N LEU D 26 20.34 -57.13 -40.40
CA LEU D 26 19.59 -57.02 -39.15
C LEU D 26 18.22 -57.70 -39.22
N PRO D 27 17.33 -57.37 -40.18
CA PRO D 27 16.06 -58.11 -40.24
C PRO D 27 16.26 -59.59 -40.50
N TRP D 28 17.27 -59.96 -41.29
CA TRP D 28 17.54 -61.37 -41.53
C TRP D 28 17.90 -62.08 -40.23
N PHE D 29 18.73 -61.44 -39.40
CA PHE D 29 19.11 -62.02 -38.13
C PHE D 29 17.90 -62.15 -37.21
N LEU D 30 17.04 -61.13 -37.20
CA LEU D 30 15.85 -61.20 -36.37
C LEU D 30 14.91 -62.31 -36.82
N ARG D 31 14.84 -62.54 -38.14
CA ARG D 31 13.94 -63.57 -38.65
C ARG D 31 14.50 -64.97 -38.44
N THR D 32 15.81 -65.14 -38.57
CA THR D 32 16.39 -66.48 -38.52
C THR D 32 16.40 -67.04 -37.10
N PHE D 33 16.75 -66.21 -36.12
CA PHE D 33 16.89 -66.63 -34.73
C PHE D 33 15.76 -66.07 -33.87
N ALA D 34 14.53 -66.07 -34.40
CA ALA D 34 13.42 -65.43 -33.72
C ALA D 34 13.10 -66.11 -32.40
N VAL D 35 13.03 -67.45 -32.40
CA VAL D 35 12.65 -68.22 -31.23
C VAL D 35 13.66 -68.01 -30.09
N PRO D 36 14.98 -68.11 -30.33
CA PRO D 36 15.91 -67.78 -29.23
C PRO D 36 15.75 -66.38 -28.68
N ILE D 37 15.49 -65.41 -29.54
CA ILE D 37 15.32 -64.02 -29.08
C ILE D 37 14.10 -63.91 -28.18
N ILE D 38 12.98 -64.50 -28.60
CA ILE D 38 11.76 -64.45 -27.80
C ILE D 38 11.98 -65.14 -26.46
N LEU D 39 12.62 -66.30 -26.48
CA LEU D 39 12.87 -67.02 -25.23
C LEU D 39 13.76 -66.23 -24.29
N ALA D 40 14.80 -65.59 -24.84
CA ALA D 40 15.69 -64.79 -24.01
C ALA D 40 14.94 -63.62 -23.39
N TRP D 41 14.10 -62.95 -24.18
CA TRP D 41 13.34 -61.81 -23.65
C TRP D 41 12.40 -62.26 -22.53
N VAL D 42 11.69 -63.37 -22.74
CA VAL D 42 10.75 -63.84 -21.72
C VAL D 42 11.50 -64.23 -20.45
N ALA D 43 12.63 -64.91 -20.61
CA ALA D 43 13.41 -65.33 -19.45
C ALA D 43 13.91 -64.13 -18.66
N VAL D 44 14.44 -63.13 -19.36
CA VAL D 44 14.97 -61.94 -18.67
C VAL D 44 13.84 -61.23 -17.93
N VAL D 45 12.69 -61.07 -18.59
CA VAL D 45 11.57 -60.36 -17.96
C VAL D 45 11.10 -61.10 -16.72
N ALA D 46 10.97 -62.42 -16.82
CA ALA D 46 10.53 -63.20 -15.68
C ALA D 46 11.51 -63.10 -14.52
N ILE D 47 12.81 -63.18 -14.83
CA ILE D 47 13.82 -63.07 -13.78
C ILE D 47 13.72 -61.71 -13.08
N LEU D 48 13.59 -60.64 -13.87
CA LEU D 48 13.49 -59.31 -13.27
C LEU D 48 12.26 -59.17 -12.41
N ASN D 49 11.12 -59.70 -12.85
CA ASN D 49 9.89 -59.57 -12.08
C ASN D 49 9.84 -60.54 -10.90
N THR D 50 10.74 -61.50 -10.85
CA THR D 50 10.74 -62.44 -9.74
C THR D 50 11.75 -62.10 -8.65
N VAL D 51 12.93 -61.58 -9.02
CA VAL D 51 14.00 -61.41 -8.05
C VAL D 51 13.61 -60.40 -6.97
N VAL D 52 13.03 -59.27 -7.39
CA VAL D 52 12.75 -58.16 -6.47
C VAL D 52 11.25 -58.06 -6.20
N PRO D 53 10.83 -57.32 -5.17
CA PRO D 53 9.38 -57.17 -4.91
C PRO D 53 8.66 -56.41 -6.00
N THR D 54 7.35 -56.22 -5.82
CA THR D 54 6.56 -55.51 -6.80
C THR D 54 6.86 -54.02 -6.78
N LEU D 55 6.40 -53.32 -7.82
CA LEU D 55 6.71 -51.90 -7.94
C LEU D 55 6.06 -51.08 -6.84
N ASP D 56 4.89 -51.53 -6.35
CA ASP D 56 4.20 -50.78 -5.30
C ASP D 56 5.02 -50.74 -4.02
N GLU D 57 5.56 -51.89 -3.59
CA GLU D 57 6.33 -51.93 -2.36
C GLU D 57 7.62 -51.11 -2.50
N VAL D 58 8.28 -51.23 -3.65
CA VAL D 58 9.52 -50.48 -3.87
C VAL D 58 9.24 -48.98 -3.86
N GLY D 59 8.16 -48.56 -4.51
CA GLY D 59 7.80 -47.15 -4.48
C GLY D 59 7.43 -46.68 -3.09
N GLU D 60 6.80 -47.54 -2.29
CA GLU D 60 6.46 -47.17 -0.93
C GLU D 60 7.70 -47.00 -0.07
N MET D 61 8.70 -47.88 -0.24
CA MET D 61 9.87 -47.84 0.63
C MET D 61 10.99 -46.96 0.09
N ARG D 62 10.79 -46.28 -1.03
CA ARG D 62 11.80 -45.40 -1.60
C ARG D 62 11.24 -44.01 -1.91
N ALA D 63 10.24 -43.57 -1.15
CA ALA D 63 9.62 -42.29 -1.40
C ALA D 63 10.61 -41.15 -1.15
N VAL D 64 10.36 -40.02 -1.78
CA VAL D 64 11.25 -38.87 -1.76
C VAL D 64 10.55 -37.69 -1.15
N SER D 65 11.29 -36.90 -0.38
CA SER D 65 10.75 -35.70 0.23
C SER D 65 10.25 -34.72 -0.82
N MET D 66 9.12 -34.09 -0.54
CA MET D 66 8.51 -33.17 -1.51
C MET D 66 9.33 -31.89 -1.66
N ALA D 67 9.85 -31.37 -0.56
CA ALA D 67 10.51 -30.08 -0.71
C ALA D 67 12.02 -30.24 -0.66
N PRO D 68 12.73 -29.54 -1.53
CA PRO D 68 14.20 -29.61 -1.52
C PRO D 68 14.78 -28.93 -0.29
N ASN D 69 16.02 -29.31 0.03
CA ASN D 69 16.70 -28.73 1.19
C ASN D 69 17.07 -27.27 0.94
N ASP D 70 17.04 -26.83 -0.31
CA ASP D 70 17.33 -25.44 -0.60
C ASP D 70 16.15 -24.53 -0.25
N ALA D 71 14.97 -25.12 -0.07
CA ALA D 71 13.75 -24.35 0.16
C ALA D 71 13.88 -23.50 1.43
N PRO D 72 13.67 -22.19 1.33
CA PRO D 72 13.78 -21.34 2.54
C PRO D 72 12.85 -21.74 3.66
N SER D 73 11.64 -22.23 3.36
CA SER D 73 10.71 -22.60 4.41
C SER D 73 11.21 -23.79 5.21
N THR D 74 11.74 -24.81 4.53
CA THR D 74 12.29 -25.97 5.22
C THR D 74 13.47 -25.58 6.09
N LEU D 75 14.35 -24.72 5.56
CA LEU D 75 15.47 -24.23 6.35
C LEU D 75 14.98 -23.46 7.56
N ALA D 76 13.92 -22.66 7.41
CA ALA D 76 13.39 -21.90 8.53
C ALA D 76 12.88 -22.82 9.63
N ILE D 77 12.12 -23.86 9.25
CA ILE D 77 11.57 -24.76 10.26
C ILE D 77 12.70 -25.52 10.96
N LYS D 78 13.68 -26.01 10.20
CA LYS D 78 14.79 -26.72 10.83
C LYS D 78 15.60 -25.80 11.73
N ARG D 79 15.78 -24.54 11.32
CA ARG D 79 16.49 -23.57 12.14
C ARG D 79 15.76 -23.31 13.44
N VAL D 80 14.43 -23.17 13.37
CA VAL D 80 13.64 -23.00 14.60
C VAL D 80 13.82 -24.22 15.49
N GLY D 81 13.84 -25.41 14.90
CA GLY D 81 13.99 -26.61 15.70
C GLY D 81 15.33 -26.69 16.41
N GLN D 82 16.41 -26.34 15.71
CA GLN D 82 17.73 -26.48 16.31
C GLN D 82 18.05 -25.35 17.29
N VAL D 83 17.58 -24.14 17.00
CA VAL D 83 17.84 -23.01 17.90
C VAL D 83 17.13 -23.22 19.23
N PHE D 84 15.89 -23.68 19.18
CA PHE D 84 15.13 -23.94 20.40
C PHE D 84 15.46 -25.28 21.04
N GLU D 85 16.30 -26.10 20.39
CA GLU D 85 16.73 -27.39 20.92
C GLU D 85 15.55 -28.28 21.25
N GLU D 86 14.64 -28.40 20.27
CA GLU D 86 13.42 -29.18 20.49
C GLU D 86 13.30 -30.33 19.51
N TYR D 87 13.52 -30.06 18.23
CA TYR D 87 13.36 -31.05 17.17
C TYR D 87 14.35 -30.76 16.05
N ASP D 88 14.38 -31.62 15.04
CA ASP D 88 15.23 -31.39 13.88
C ASP D 88 14.54 -31.74 12.57
N THR D 89 13.23 -31.98 12.57
CA THR D 89 12.47 -32.27 11.36
C THR D 89 11.92 -30.98 10.78
N SER D 90 11.03 -31.12 9.79
CA SER D 90 10.36 -29.98 9.19
C SER D 90 8.89 -30.23 8.93
N SER D 91 8.34 -31.35 9.40
CA SER D 91 6.96 -31.71 9.13
C SER D 91 6.23 -31.95 10.45
N SER D 92 4.99 -31.48 10.52
CA SER D 92 4.19 -31.61 11.72
C SER D 92 2.76 -31.97 11.35
N VAL D 93 2.08 -32.65 12.27
CA VAL D 93 0.67 -32.99 12.12
C VAL D 93 -0.08 -32.48 13.34
N MET D 94 -1.40 -32.37 13.20
CA MET D 94 -2.25 -31.85 14.26
C MET D 94 -3.25 -32.91 14.67
N ILE D 95 -3.36 -33.15 15.97
CA ILE D 95 -4.33 -34.10 16.50
C ILE D 95 -5.52 -33.30 17.01
N VAL D 96 -6.73 -33.70 16.57
CA VAL D 96 -7.95 -32.98 16.91
C VAL D 96 -8.80 -33.87 17.81
N LEU D 97 -9.24 -33.32 18.93
CA LEU D 97 -10.15 -34.01 19.85
C LEU D 97 -11.51 -33.32 19.73
N GLU D 98 -12.52 -34.10 19.35
CA GLU D 98 -13.88 -33.57 19.23
C GLU D 98 -14.82 -34.33 20.15
N GLY D 99 -15.75 -33.61 20.75
CA GLY D 99 -16.73 -34.20 21.63
C GLY D 99 -18.13 -33.67 21.36
N GLU D 100 -19.12 -34.48 21.73
CA GLU D 100 -20.51 -34.04 21.61
C GLU D 100 -20.85 -32.99 22.65
N GLU D 101 -20.27 -33.11 23.84
CA GLU D 101 -20.44 -32.18 24.94
C GLU D 101 -19.14 -31.42 25.15
N PRO D 102 -19.20 -30.22 25.75
CA PRO D 102 -17.97 -29.46 25.99
C PRO D 102 -16.97 -30.25 26.81
N LEU D 103 -15.70 -30.14 26.43
CA LEU D 103 -14.66 -30.95 27.05
C LEU D 103 -14.38 -30.47 28.46
N GLY D 104 -14.33 -31.41 29.40
CA GLY D 104 -14.16 -31.07 30.80
C GLY D 104 -12.91 -31.65 31.44
N ILE D 105 -13.04 -32.07 32.70
CA ILE D 105 -11.88 -32.54 33.46
C ILE D 105 -11.38 -33.87 32.92
N GLU D 106 -12.29 -34.80 32.65
CA GLU D 106 -11.90 -36.11 32.14
C GLU D 106 -11.23 -35.98 30.78
N ALA D 107 -11.69 -35.04 29.96
CA ALA D 107 -11.05 -34.79 28.68
C ALA D 107 -9.61 -34.33 28.88
N HIS D 108 -9.39 -33.46 29.86
CA HIS D 108 -8.03 -32.99 30.14
C HIS D 108 -7.15 -34.14 30.63
N ALA D 109 -7.68 -35.02 31.47
CA ALA D 109 -6.90 -36.16 31.95
C ALA D 109 -6.51 -37.07 30.79
N PHE D 110 -7.47 -37.37 29.91
CA PHE D 110 -7.20 -38.18 28.74
C PHE D 110 -6.16 -37.51 27.84
N TYR D 111 -6.27 -36.20 27.66
CA TYR D 111 -5.33 -35.45 26.84
C TYR D 111 -3.94 -35.51 27.43
N ASP D 112 -3.82 -35.36 28.75
CA ASP D 112 -2.50 -35.42 29.38
C ASP D 112 -1.87 -36.79 29.21
N LYS D 113 -2.67 -37.85 29.39
CA LYS D 113 -2.13 -39.19 29.21
C LYS D 113 -1.68 -39.42 27.78
N MET D 114 -2.48 -38.97 26.81
CA MET D 114 -2.11 -39.13 25.41
C MET D 114 -0.83 -38.37 25.09
N VAL D 115 -0.69 -37.15 25.62
CA VAL D 115 0.50 -36.35 25.39
C VAL D 115 1.72 -37.04 25.96
N ALA D 116 1.59 -37.59 27.18
CA ALA D 116 2.72 -38.30 27.78
C ALA D 116 3.14 -39.49 26.93
N ASP D 117 2.16 -40.28 26.47
CA ASP D 117 2.51 -41.44 25.65
C ASP D 117 3.09 -41.04 24.30
N LEU D 118 2.62 -39.94 23.71
CA LEU D 118 3.21 -39.45 22.48
C LEU D 118 4.66 -39.05 22.70
N ARG D 119 4.94 -38.33 23.79
CA ARG D 119 6.31 -37.95 24.08
C ARG D 119 7.19 -39.16 24.40
N ALA D 120 6.57 -40.27 24.81
CA ALA D 120 7.34 -41.48 25.07
C ALA D 120 7.93 -42.07 23.79
N ASP D 121 7.23 -41.95 22.67
CA ASP D 121 7.65 -42.58 21.42
C ASP D 121 8.67 -41.68 20.73
N THR D 122 9.93 -41.83 21.13
CA THR D 122 10.98 -40.96 20.61
C THR D 122 11.29 -41.23 19.15
N GLU D 123 11.02 -42.44 18.67
CA GLU D 123 11.42 -42.81 17.32
C GLU D 123 10.63 -42.03 16.27
N HIS D 124 9.33 -41.83 16.49
CA HIS D 124 8.48 -41.16 15.52
C HIS D 124 8.19 -39.72 15.91
N VAL D 125 7.83 -39.48 17.17
CA VAL D 125 7.46 -38.14 17.62
C VAL D 125 8.68 -37.47 18.22
N GLN D 126 8.90 -36.21 17.83
CA GLN D 126 10.05 -35.45 18.28
C GLN D 126 9.72 -34.32 19.24
N HIS D 127 8.57 -33.67 19.06
CA HIS D 127 8.20 -32.55 19.91
C HIS D 127 6.69 -32.38 19.88
N VAL D 128 6.10 -32.12 21.05
CA VAL D 128 4.68 -31.83 21.17
C VAL D 128 4.58 -30.50 21.91
N GLN D 129 4.08 -29.46 21.22
CA GLN D 129 3.87 -28.18 21.88
C GLN D 129 2.47 -28.18 22.48
N ASP D 130 2.41 -28.31 23.79
CA ASP D 130 1.14 -28.43 24.50
C ASP D 130 0.67 -27.05 24.92
N PHE D 131 -0.35 -26.54 24.23
CA PHE D 131 -0.97 -25.27 24.58
C PHE D 131 -2.24 -25.43 25.39
N TRP D 132 -2.99 -26.50 25.17
CA TRP D 132 -4.21 -26.71 25.94
C TRP D 132 -3.90 -27.04 27.39
N GLY D 133 -2.78 -27.71 27.64
CA GLY D 133 -2.43 -28.04 29.01
C GLY D 133 -2.10 -26.81 29.85
N ASP D 134 -1.37 -25.86 29.25
CA ASP D 134 -0.98 -24.65 29.96
C ASP D 134 -2.13 -23.66 29.97
N THR D 135 -2.44 -23.12 31.14
CA THR D 135 -3.57 -22.20 31.28
C THR D 135 -3.30 -20.88 30.59
N LEU D 136 -2.03 -20.53 30.39
CA LEU D 136 -1.71 -19.25 29.75
C LEU D 136 -2.19 -19.21 28.30
N THR D 137 -2.12 -20.35 27.61
CA THR D 137 -2.45 -20.42 26.19
C THR D 137 -3.64 -21.32 25.89
N ALA D 138 -4.36 -21.79 26.91
CA ALA D 138 -5.38 -22.80 26.68
C ALA D 138 -6.54 -22.25 25.88
N SER D 139 -6.73 -20.93 25.91
CA SER D 139 -7.85 -20.33 25.18
C SER D 139 -7.69 -20.53 23.68
N GLY D 140 -6.47 -20.40 23.18
CA GLY D 140 -6.26 -20.55 21.74
C GLY D 140 -6.51 -21.96 21.25
N ALA D 141 -6.10 -22.96 22.05
CA ALA D 141 -6.16 -24.34 21.58
C ALA D 141 -7.58 -24.89 21.58
N GLN D 142 -8.52 -24.21 22.22
CA GLN D 142 -9.87 -24.73 22.31
C GLN D 142 -10.85 -23.87 21.51
N SER D 143 -11.85 -24.53 20.94
CA SER D 143 -12.82 -23.86 20.10
C SER D 143 -13.76 -23.00 20.93
N VAL D 144 -14.49 -22.12 20.24
CA VAL D 144 -15.38 -21.19 20.93
C VAL D 144 -16.48 -21.93 21.67
N ASP D 145 -17.08 -22.93 21.02
CA ASP D 145 -18.14 -23.69 21.68
C ASP D 145 -17.59 -24.57 22.78
N GLY D 146 -16.29 -24.80 22.80
CA GLY D 146 -15.66 -25.63 23.81
C GLY D 146 -15.77 -27.11 23.59
N LYS D 147 -16.20 -27.54 22.41
CA LYS D 147 -16.38 -28.96 22.12
C LYS D 147 -15.26 -29.54 21.26
N ALA D 148 -14.17 -28.80 21.07
CA ALA D 148 -13.06 -29.31 20.29
C ALA D 148 -11.75 -28.71 20.81
N ALA D 149 -10.65 -29.41 20.54
CA ALA D 149 -9.32 -28.94 20.89
C ALA D 149 -8.32 -29.61 19.97
N TYR D 150 -7.14 -29.00 19.85
CA TYR D 150 -6.12 -29.53 18.96
C TYR D 150 -4.74 -29.30 19.55
N VAL D 151 -3.78 -30.11 19.08
CA VAL D 151 -2.40 -30.02 19.50
C VAL D 151 -1.53 -30.28 18.27
N GLN D 152 -0.35 -29.66 18.24
CA GLN D 152 0.57 -29.81 17.12
C GLN D 152 1.73 -30.71 17.52
N VAL D 153 2.05 -31.67 16.65
CA VAL D 153 3.05 -32.70 16.93
C VAL D 153 4.05 -32.71 15.79
N TYR D 154 5.33 -32.68 16.12
CA TYR D 154 6.40 -32.74 15.13
C TYR D 154 6.89 -34.18 14.99
N ILE D 155 6.81 -34.72 13.79
CA ILE D 155 7.11 -36.12 13.53
C ILE D 155 8.44 -36.22 12.80
N ALA D 156 9.09 -37.37 12.94
CA ALA D 156 10.37 -37.59 12.28
C ALA D 156 10.19 -37.70 10.77
N GLY D 157 11.18 -37.23 10.03
CA GLY D 157 11.13 -37.26 8.59
C GLY D 157 10.44 -36.03 8.01
N ASP D 158 10.72 -35.76 6.74
CA ASP D 158 10.15 -34.62 6.04
C ASP D 158 8.95 -35.06 5.22
N GLN D 159 8.06 -34.10 4.96
CA GLN D 159 6.79 -34.40 4.30
C GLN D 159 7.01 -35.08 2.96
N GLY D 160 6.32 -36.20 2.76
CA GLY D 160 6.44 -36.95 1.53
C GLY D 160 7.30 -38.18 1.65
N GLU D 161 8.31 -38.11 2.51
CA GLU D 161 9.24 -39.23 2.68
C GLU D 161 8.54 -40.40 3.31
N SER D 162 9.10 -41.60 3.11
CA SER D 162 8.51 -42.81 3.68
C SER D 162 8.52 -42.77 5.20
N LEU D 163 9.58 -42.21 5.79
CA LEU D 163 9.65 -42.12 7.25
C LEU D 163 8.53 -41.25 7.80
N ALA D 164 8.19 -40.18 7.08
CA ALA D 164 7.08 -39.33 7.51
C ALA D 164 5.76 -40.09 7.47
N ASN D 165 5.55 -40.89 6.43
CA ASN D 165 4.31 -41.68 6.34
C ASN D 165 4.23 -42.68 7.48
N GLU D 166 5.35 -43.34 7.78
CA GLU D 166 5.37 -44.27 8.91
C GLU D 166 5.09 -43.55 10.23
N SER D 167 5.66 -42.35 10.40
CA SER D 167 5.41 -41.58 11.61
C SER D 167 3.95 -41.20 11.74
N VAL D 168 3.33 -40.80 10.64
CA VAL D 168 1.90 -40.45 10.67
C VAL D 168 1.08 -41.65 11.08
N GLU D 169 1.41 -42.82 10.54
CA GLU D 169 0.69 -44.02 10.94
C GLU D 169 0.87 -44.31 12.44
N ALA D 170 2.09 -44.16 12.94
CA ALA D 170 2.34 -44.42 14.35
C ALA D 170 1.56 -43.46 15.25
N VAL D 171 1.53 -42.18 14.88
CA VAL D 171 0.79 -41.19 15.67
C VAL D 171 -0.70 -41.50 15.65
N ARG D 172 -1.22 -41.87 14.49
CA ARG D 172 -2.63 -42.24 14.39
C ARG D 172 -2.93 -43.43 15.29
N LYS D 173 -2.06 -44.43 15.28
CA LYS D 173 -2.27 -45.62 16.11
C LYS D 173 -2.27 -45.25 17.58
N ILE D 174 -1.30 -44.43 18.00
CA ILE D 174 -1.22 -44.05 19.41
C ILE D 174 -2.47 -43.28 19.82
N ALA D 175 -2.93 -42.37 18.96
CA ALA D 175 -4.10 -41.57 19.30
C ALA D 175 -5.36 -42.41 19.39
N THR D 176 -5.53 -43.38 18.48
CA THR D 176 -6.80 -44.09 18.40
C THR D 176 -6.86 -45.27 19.37
N GLU D 177 -5.71 -45.85 19.71
CA GLU D 177 -5.73 -47.04 20.57
C GLU D 177 -6.16 -46.73 21.99
N ARG D 178 -6.27 -45.47 22.37
CA ARG D 178 -6.57 -45.12 23.75
C ARG D 178 -8.00 -45.50 24.11
N GLU D 179 -8.24 -45.67 25.41
CA GLU D 179 -9.59 -45.83 25.92
C GLU D 179 -10.20 -44.45 26.13
N THR D 180 -10.89 -43.96 25.12
CA THR D 180 -11.39 -42.59 25.18
C THR D 180 -12.61 -42.48 26.10
N PRO D 181 -12.85 -41.31 26.67
CA PRO D 181 -14.11 -41.08 27.36
C PRO D 181 -15.26 -41.13 26.37
N SER D 182 -16.47 -41.36 26.90
CA SER D 182 -17.65 -41.44 26.05
C SER D 182 -17.86 -40.14 25.29
N GLY D 183 -18.07 -40.26 23.99
CA GLY D 183 -18.38 -39.13 23.14
C GLY D 183 -17.19 -38.37 22.61
N VAL D 184 -15.96 -38.76 22.97
CA VAL D 184 -14.76 -38.05 22.56
C VAL D 184 -14.01 -38.90 21.56
N LYS D 185 -13.77 -38.35 20.36
CA LYS D 185 -13.05 -39.04 19.31
C LYS D 185 -11.87 -38.18 18.87
N ALA D 186 -10.77 -38.85 18.51
CA ALA D 186 -9.54 -38.18 18.14
C ALA D 186 -9.21 -38.46 16.68
N TYR D 187 -8.81 -37.42 15.95
CA TYR D 187 -8.45 -37.52 14.55
C TYR D 187 -7.08 -36.91 14.35
N VAL D 188 -6.30 -37.47 13.43
CA VAL D 188 -5.00 -36.92 13.06
C VAL D 188 -5.15 -36.32 11.67
N THR D 189 -4.93 -35.02 11.56
CA THR D 189 -4.97 -34.32 10.29
C THR D 189 -3.72 -33.47 10.12
N GLY D 190 -3.67 -32.74 9.01
CA GLY D 190 -2.55 -31.87 8.75
C GLY D 190 -2.01 -32.02 7.34
N ALA D 191 -0.94 -31.29 7.02
CA ALA D 191 -0.38 -31.38 5.68
C ALA D 191 0.34 -32.70 5.46
N ALA D 192 1.15 -33.13 6.44
CA ALA D 192 1.88 -34.39 6.30
C ALA D 192 0.93 -35.56 6.22
N ALA D 193 -0.16 -35.53 6.99
CA ALA D 193 -1.16 -36.58 6.90
C ALA D 193 -1.79 -36.62 5.51
N THR D 194 -2.06 -35.45 4.95
CA THR D 194 -2.62 -35.39 3.60
C THR D 194 -1.65 -35.97 2.58
N SER D 195 -0.35 -35.69 2.75
CA SER D 195 0.64 -36.26 1.84
C SER D 195 0.70 -37.78 1.95
N ALA D 196 0.64 -38.30 3.18
CA ALA D 196 0.65 -39.75 3.35
C ALA D 196 -0.57 -40.40 2.70
N ASP D 197 -1.75 -39.78 2.87
CA ASP D 197 -2.95 -40.32 2.24
C ASP D 197 -2.88 -40.22 0.72
N GLN D 198 -2.27 -39.14 0.21
CA GLN D 198 -2.09 -39.00 -1.22
C GLN D 198 -1.25 -40.15 -1.78
N ARG D 199 -0.16 -40.46 -1.10
CA ARG D 199 0.67 -41.59 -1.55
C ARG D 199 -0.11 -42.90 -1.46
N ALA D 200 -0.88 -43.08 -0.38
CA ALA D 200 -1.62 -44.32 -0.21
C ALA D 200 -2.64 -44.52 -1.33
N GLU D 201 -3.39 -43.48 -1.67
CA GLU D 201 -4.38 -43.59 -2.74
C GLU D 201 -3.72 -43.79 -4.09
N GLY D 202 -2.59 -43.11 -4.32
CA GLY D 202 -1.87 -43.31 -5.57
C GLY D 202 -1.39 -44.74 -5.74
N ASP D 203 -0.95 -45.36 -4.64
CA ASP D 203 -0.53 -46.76 -4.72
C ASP D 203 -1.73 -47.70 -4.83
N ALA D 204 -2.86 -47.32 -4.26
CA ALA D 204 -4.01 -48.21 -4.26
C ALA D 204 -4.67 -48.28 -5.63
N SER D 205 -4.79 -47.15 -6.33
CA SER D 205 -5.58 -47.14 -7.56
C SER D 205 -4.83 -47.70 -8.77
N MET D 206 -3.58 -48.12 -8.59
CA MET D 206 -2.77 -48.53 -9.74
C MET D 206 -3.32 -49.79 -10.41
N LYS D 207 -3.75 -50.77 -9.61
CA LYS D 207 -4.28 -52.00 -10.18
C LYS D 207 -5.55 -51.74 -10.98
N LEU D 208 -6.44 -50.91 -10.46
CA LEU D 208 -7.65 -50.57 -11.18
C LEU D 208 -7.33 -49.84 -12.48
N ILE D 209 -6.36 -48.92 -12.43
CA ILE D 209 -5.96 -48.22 -13.64
C ILE D 209 -5.46 -49.20 -14.69
N GLU D 210 -4.62 -50.15 -14.26
CA GLU D 210 -4.07 -51.12 -15.20
C GLU D 210 -5.18 -51.98 -15.82
N GLY D 211 -6.12 -52.44 -15.00
CA GLY D 211 -7.21 -53.24 -15.52
C GLY D 211 -8.06 -52.50 -16.53
N VAL D 212 -8.42 -51.25 -16.21
CA VAL D 212 -9.24 -50.47 -17.13
C VAL D 212 -8.50 -50.21 -18.43
N THR D 213 -7.21 -49.88 -18.34
CA THR D 213 -6.43 -49.63 -19.55
C THR D 213 -6.40 -50.86 -20.44
N PHE D 214 -6.17 -52.04 -19.85
CA PHE D 214 -6.13 -53.25 -20.65
C PHE D 214 -7.48 -53.53 -21.30
N ALA D 215 -8.57 -53.33 -20.56
CA ALA D 215 -9.90 -53.55 -21.15
C ALA D 215 -10.13 -52.63 -22.34
N VAL D 216 -9.81 -51.33 -22.17
CA VAL D 216 -10.06 -50.36 -23.24
C VAL D 216 -9.19 -50.69 -24.46
N ILE D 217 -7.93 -51.05 -24.22
CA ILE D 217 -7.04 -51.37 -25.32
C ILE D 217 -7.56 -52.59 -26.08
N THR D 218 -8.02 -53.61 -25.37
CA THR D 218 -8.55 -54.79 -26.03
C THR D 218 -9.76 -54.44 -26.88
N VAL D 219 -10.66 -53.61 -26.33
CA VAL D 219 -11.85 -53.23 -27.10
C VAL D 219 -11.46 -52.50 -28.37
N MET D 220 -10.54 -51.54 -28.26
CA MET D 220 -10.17 -50.76 -29.44
C MET D 220 -9.44 -51.61 -30.47
N LEU D 221 -8.58 -52.52 -30.02
CA LEU D 221 -7.89 -53.41 -30.95
C LEU D 221 -8.87 -54.31 -31.67
N LEU D 222 -9.87 -54.83 -30.96
CA LEU D 222 -10.91 -55.63 -31.62
C LEU D 222 -11.64 -54.81 -32.65
N ALA D 223 -11.95 -53.55 -32.33
CA ALA D 223 -12.66 -52.70 -33.29
C ALA D 223 -11.81 -52.44 -34.53
N VAL D 224 -10.51 -52.24 -34.34
CA VAL D 224 -9.64 -51.86 -35.47
C VAL D 224 -9.33 -53.06 -36.36
N TYR D 225 -8.92 -54.17 -35.75
CA TYR D 225 -8.38 -55.28 -36.54
C TYR D 225 -9.43 -56.32 -36.91
N ARG D 226 -10.55 -56.36 -36.19
CA ARG D 226 -11.63 -57.33 -36.44
C ARG D 226 -11.13 -58.77 -36.30
N SER D 227 -9.99 -58.97 -35.66
CA SER D 227 -9.38 -60.29 -35.55
C SER D 227 -9.01 -60.53 -34.10
N VAL D 228 -9.46 -61.66 -33.55
CA VAL D 228 -9.13 -61.99 -32.17
C VAL D 228 -7.66 -62.37 -32.03
N ILE D 229 -7.13 -63.12 -33.00
CA ILE D 229 -5.74 -63.58 -32.92
C ILE D 229 -4.79 -62.40 -33.02
N THR D 230 -5.08 -61.45 -33.91
CA THR D 230 -4.26 -60.25 -34.01
C THR D 230 -4.26 -59.47 -32.71
N THR D 231 -5.44 -59.34 -32.10
CA THR D 231 -5.54 -58.64 -30.82
C THR D 231 -4.72 -59.36 -29.75
N LEU D 232 -4.77 -60.69 -29.75
CA LEU D 232 -3.99 -61.44 -28.76
C LEU D 232 -2.50 -61.25 -28.96
N ILE D 233 -2.05 -61.21 -30.22
CA ILE D 233 -0.64 -60.99 -30.50
C ILE D 233 -0.20 -59.62 -29.99
N VAL D 234 -1.00 -58.59 -30.30
CA VAL D 234 -0.66 -57.24 -29.85
C VAL D 234 -0.65 -57.16 -28.34
N LEU D 235 -1.63 -57.82 -27.69
CA LEU D 235 -1.68 -57.83 -26.24
C LEU D 235 -0.47 -58.52 -25.64
N ALA D 236 -0.01 -59.60 -26.27
CA ALA D 236 1.19 -60.28 -25.79
C ALA D 236 2.40 -59.36 -25.88
N MET D 237 2.53 -58.65 -27.01
CA MET D 237 3.64 -57.71 -27.14
C MET D 237 3.58 -56.63 -26.06
N VAL D 238 2.39 -56.08 -25.82
CA VAL D 238 2.23 -55.02 -24.83
C VAL D 238 2.57 -55.54 -23.45
N VAL D 239 2.12 -56.75 -23.12
CA VAL D 239 2.41 -57.32 -21.80
C VAL D 239 3.90 -57.51 -21.63
N LEU D 240 4.57 -58.01 -22.66
CA LEU D 240 6.02 -58.19 -22.56
C LEU D 240 6.73 -56.87 -22.30
N GLY D 241 6.37 -55.83 -23.08
CA GLY D 241 7.01 -54.55 -22.90
C GLY D 241 6.75 -53.93 -21.54
N LEU D 242 5.50 -53.98 -21.09
CA LEU D 242 5.13 -53.41 -19.80
C LEU D 242 5.82 -54.14 -18.66
N SER D 243 5.85 -55.47 -18.72
CA SER D 243 6.52 -56.23 -17.68
C SER D 243 8.00 -55.92 -17.64
N GLY D 244 8.64 -55.81 -18.81
CA GLY D 244 10.05 -55.43 -18.83
C GLY D 244 10.28 -54.08 -18.19
N ALA D 245 9.45 -53.09 -18.54
CA ALA D 245 9.63 -51.75 -18.01
C ALA D 245 9.47 -51.72 -16.49
N ARG D 246 8.35 -52.27 -16.00
CA ARG D 246 8.12 -52.22 -14.55
C ARG D 246 9.17 -53.04 -13.81
N GLY D 247 9.59 -54.17 -14.38
CA GLY D 247 10.60 -54.98 -13.73
C GLY D 247 11.92 -54.25 -13.61
N ILE D 248 12.37 -53.60 -14.68
CA ILE D 248 13.66 -52.93 -14.61
C ILE D 248 13.59 -51.74 -13.67
N VAL D 249 12.48 -51.00 -13.67
CA VAL D 249 12.36 -49.85 -12.78
C VAL D 249 12.35 -50.31 -11.32
N ALA D 250 11.58 -51.36 -11.02
CA ALA D 250 11.53 -51.86 -9.65
C ALA D 250 12.88 -52.40 -9.21
N PHE D 251 13.58 -53.12 -10.10
CA PHE D 251 14.88 -53.67 -9.74
C PHE D 251 15.88 -52.58 -9.45
N LEU D 252 15.91 -51.53 -10.27
CA LEU D 252 16.85 -50.44 -10.04
C LEU D 252 16.49 -49.65 -8.79
N GLY D 253 15.19 -49.46 -8.55
CA GLY D 253 14.77 -48.72 -7.37
C GLY D 253 15.07 -49.45 -6.08
N PHE D 254 14.95 -50.78 -6.09
CA PHE D 254 15.13 -51.56 -4.87
C PHE D 254 16.56 -51.44 -4.35
N TYR D 255 17.53 -51.21 -5.25
CA TYR D 255 18.91 -51.06 -4.85
C TYR D 255 19.35 -49.60 -4.78
N ASN D 256 18.41 -48.70 -4.49
CA ASN D 256 18.71 -47.32 -4.13
C ASN D 256 19.51 -46.59 -5.21
N VAL D 257 19.33 -46.99 -6.47
CA VAL D 257 19.93 -46.23 -7.56
C VAL D 257 19.26 -44.88 -7.69
N PHE D 258 17.95 -44.81 -7.49
CA PHE D 258 17.23 -43.55 -7.52
C PHE D 258 15.99 -43.66 -6.63
N GLY D 259 15.45 -42.50 -6.26
CA GLY D 259 14.22 -42.46 -5.51
C GLY D 259 12.99 -42.56 -6.40
N LEU D 260 11.84 -42.73 -5.77
CA LEU D 260 10.58 -42.93 -6.49
C LEU D 260 9.47 -42.12 -5.85
N THR D 261 8.46 -41.82 -6.66
CA THR D 261 7.21 -41.23 -6.19
C THR D 261 6.06 -41.97 -6.83
N THR D 262 4.85 -41.74 -6.30
CA THR D 262 3.66 -42.38 -6.85
C THR D 262 3.42 -41.93 -8.29
N PHE D 263 3.63 -40.64 -8.55
CA PHE D 263 3.48 -40.13 -9.91
C PHE D 263 4.42 -40.82 -10.87
N ALA D 264 5.66 -41.05 -10.43
CA ALA D 264 6.64 -41.72 -11.28
C ALA D 264 6.17 -43.12 -11.66
N THR D 265 5.66 -43.87 -10.68
CA THR D 265 5.22 -45.23 -10.95
C THR D 265 4.02 -45.26 -11.89
N ASN D 266 3.03 -44.42 -11.62
CA ASN D 266 1.85 -44.40 -12.48
C ASN D 266 2.22 -44.01 -13.91
N MET D 267 3.05 -42.97 -14.06
CA MET D 267 3.46 -42.53 -15.39
C MET D 267 4.26 -43.62 -16.09
N VAL D 268 5.13 -44.31 -15.37
CA VAL D 268 5.90 -45.40 -15.98
C VAL D 268 4.96 -46.44 -16.55
N VAL D 269 3.99 -46.88 -15.75
CA VAL D 269 3.10 -47.95 -16.20
C VAL D 269 2.31 -47.51 -17.44
N THR D 270 1.67 -46.35 -17.35
CA THR D 270 0.79 -45.93 -18.44
C THR D 270 1.58 -45.64 -19.71
N LEU D 271 2.71 -44.96 -19.59
CA LEU D 271 3.53 -44.66 -20.75
C LEU D 271 4.06 -45.92 -21.40
N ALA D 272 4.50 -46.90 -20.60
CA ALA D 272 4.97 -48.15 -21.17
C ALA D 272 3.87 -48.84 -21.96
N ILE D 273 2.67 -48.92 -21.39
CA ILE D 273 1.57 -49.57 -22.10
C ILE D 273 1.28 -48.87 -23.41
N ALA D 274 1.16 -47.54 -23.36
CA ALA D 274 0.79 -46.79 -24.56
C ALA D 274 1.85 -46.90 -25.64
N ALA D 275 3.12 -46.75 -25.27
CA ALA D 275 4.20 -46.80 -26.26
C ALA D 275 4.31 -48.17 -26.89
N ALA D 276 4.20 -49.22 -26.08
CA ALA D 276 4.28 -50.58 -26.64
C ALA D 276 3.15 -50.81 -27.62
N THR D 277 1.94 -50.39 -27.27
CA THR D 277 0.81 -50.57 -28.17
C THR D 277 1.02 -49.80 -29.47
N ASP D 278 1.53 -48.57 -29.38
CA ASP D 278 1.76 -47.77 -30.58
C ASP D 278 2.77 -48.43 -31.51
N TYR D 279 3.88 -48.93 -30.94
CA TYR D 279 4.89 -49.55 -31.78
C TYR D 279 4.35 -50.81 -32.45
N ALA D 280 3.59 -51.61 -31.70
CA ALA D 280 2.98 -52.80 -32.30
C ALA D 280 2.04 -52.42 -33.43
N ILE D 281 1.24 -51.37 -33.22
CA ILE D 281 0.29 -50.95 -34.25
C ILE D 281 1.03 -50.49 -35.50
N PHE D 282 2.10 -49.70 -35.33
CA PHE D 282 2.87 -49.23 -36.48
C PHE D 282 3.42 -50.41 -37.27
N LEU D 283 4.10 -51.33 -36.59
CA LEU D 283 4.72 -52.46 -37.29
C LEU D 283 3.68 -53.29 -38.03
N ILE D 284 2.61 -53.67 -37.34
CA ILE D 284 1.61 -54.55 -37.96
C ILE D 284 0.89 -53.82 -39.08
N GLY D 285 0.65 -52.52 -38.92
CA GLY D 285 0.00 -51.77 -39.98
C GLY D 285 0.82 -51.73 -41.25
N ARG D 286 2.12 -51.47 -41.12
CA ARG D 286 2.97 -51.47 -42.29
C ARG D 286 3.03 -52.86 -42.93
N TYR D 287 3.14 -53.90 -42.12
CA TYR D 287 3.20 -55.25 -42.66
C TYR D 287 1.93 -55.60 -43.41
N GLN D 288 0.77 -55.24 -42.86
CA GLN D 288 -0.49 -55.56 -43.51
C GLN D 288 -0.69 -54.73 -44.77
N GLU D 289 -0.21 -53.50 -44.77
CA GLU D 289 -0.26 -52.71 -46.00
C GLU D 289 0.57 -53.35 -47.10
N ALA D 290 1.78 -53.82 -46.75
CA ALA D 290 2.61 -54.50 -47.74
C ALA D 290 1.95 -55.77 -48.23
N ARG D 291 1.32 -56.52 -47.33
CA ARG D 291 0.62 -57.74 -47.74
C ARG D 291 -0.54 -57.42 -48.66
N ARG D 292 -1.31 -56.38 -48.34
CA ARG D 292 -2.47 -56.01 -49.15
C ARG D 292 -2.03 -55.52 -50.52
N ALA D 293 -0.83 -54.92 -50.61
CA ALA D 293 -0.31 -54.51 -51.90
C ALA D 293 -0.10 -55.70 -52.83
N GLY D 294 0.38 -56.82 -52.28
CA GLY D 294 0.50 -58.03 -53.06
C GLY D 294 1.76 -58.83 -52.80
N GLU D 295 2.67 -58.28 -51.99
CA GLU D 295 3.93 -58.96 -51.72
C GLU D 295 3.69 -60.21 -50.89
N ASP D 296 4.58 -61.18 -51.04
CA ASP D 296 4.52 -62.38 -50.22
C ASP D 296 5.01 -62.07 -48.81
N ARG D 297 4.89 -63.07 -47.93
CA ARG D 297 5.11 -62.82 -46.51
C ARG D 297 6.55 -62.43 -46.21
N GLU D 298 7.51 -63.07 -46.87
CA GLU D 298 8.91 -62.71 -46.67
C GLU D 298 9.17 -61.26 -47.09
N SER D 299 8.75 -60.91 -48.32
CA SER D 299 8.97 -59.56 -48.80
C SER D 299 8.15 -58.56 -48.02
N ALA D 300 6.96 -58.95 -47.56
CA ALA D 300 6.15 -58.07 -46.73
C ALA D 300 6.87 -57.75 -45.42
N TYR D 301 7.44 -58.78 -44.79
CA TYR D 301 8.18 -58.56 -43.55
C TYR D 301 9.37 -57.64 -43.78
N TYR D 302 10.12 -57.86 -44.85
CA TYR D 302 11.29 -57.02 -45.10
C TYR D 302 10.90 -55.59 -45.43
N THR D 303 9.81 -55.41 -46.18
CA THR D 303 9.31 -54.06 -46.45
C THR D 303 8.88 -53.38 -45.16
N MET D 304 8.19 -54.11 -44.28
CA MET D 304 7.77 -53.55 -43.01
C MET D 304 8.97 -53.05 -42.21
N PHE D 305 9.99 -53.89 -42.08
CA PHE D 305 11.15 -53.48 -41.31
C PHE D 305 11.84 -52.29 -41.97
N HIS D 306 12.02 -52.33 -43.28
CA HIS D 306 12.72 -51.24 -43.95
C HIS D 306 11.99 -49.93 -43.80
N GLY D 307 10.66 -49.95 -43.85
CA GLY D 307 9.89 -48.74 -43.78
C GLY D 307 9.62 -48.19 -42.40
N THR D 308 9.62 -49.02 -41.36
CA THR D 308 9.26 -48.52 -40.04
C THR D 308 10.32 -48.71 -38.97
N ALA D 309 11.45 -49.35 -39.27
CA ALA D 309 12.46 -49.58 -38.26
C ALA D 309 13.00 -48.27 -37.69
N HIS D 310 13.35 -47.33 -38.57
CA HIS D 310 13.96 -46.08 -38.11
C HIS D 310 12.94 -45.20 -37.41
N VAL D 311 11.68 -45.25 -37.85
CA VAL D 311 10.65 -44.38 -37.27
C VAL D 311 10.36 -44.77 -35.83
N VAL D 312 10.26 -46.08 -35.57
CA VAL D 312 10.01 -46.54 -34.21
C VAL D 312 11.16 -46.15 -33.30
N LEU D 313 12.40 -46.34 -33.77
CA LEU D 313 13.56 -45.97 -32.97
C LEU D 313 13.58 -44.47 -32.69
N ALA D 314 13.27 -43.66 -33.70
CA ALA D 314 13.26 -42.21 -33.52
C ALA D 314 12.20 -41.79 -32.51
N SER D 315 11.01 -42.38 -32.63
CA SER D 315 9.93 -42.07 -31.69
C SER D 315 10.32 -42.44 -30.26
N GLY D 316 10.92 -43.62 -30.09
CA GLY D 316 11.36 -44.03 -28.77
C GLY D 316 12.43 -43.13 -28.20
N LEU D 317 13.38 -42.71 -29.04
CA LEU D 317 14.42 -41.81 -28.58
C LEU D 317 13.85 -40.45 -28.21
N THR D 318 12.88 -39.95 -28.97
CA THR D 318 12.25 -38.68 -28.61
C THR D 318 11.55 -38.78 -27.26
N ILE D 319 10.80 -39.88 -27.04
CA ILE D 319 10.08 -40.02 -25.78
C ILE D 319 11.06 -40.19 -24.62
N ALA D 320 12.14 -40.94 -24.83
CA ALA D 320 13.11 -41.13 -23.77
C ALA D 320 13.85 -39.84 -23.45
N GLY D 321 14.25 -39.09 -24.48
CA GLY D 321 15.01 -37.88 -24.25
C GLY D 321 14.17 -36.75 -23.68
N ALA D 322 12.90 -36.68 -24.06
CA ALA D 322 12.02 -35.66 -23.51
C ALA D 322 11.86 -35.84 -22.00
N THR D 323 11.57 -37.07 -21.57
CA THR D 323 11.41 -37.34 -20.15
C THR D 323 12.71 -37.12 -19.39
N LEU D 324 13.84 -37.41 -20.02
CA LEU D 324 15.12 -37.22 -19.36
C LEU D 324 15.43 -35.75 -19.09
N CYS D 325 14.70 -34.83 -19.73
CA CYS D 325 14.88 -33.42 -19.42
C CYS D 325 14.31 -33.05 -18.07
N LEU D 326 13.46 -33.90 -17.49
CA LEU D 326 12.96 -33.65 -16.15
C LEU D 326 14.05 -33.79 -15.09
N HIS D 327 15.18 -34.39 -15.44
CA HIS D 327 16.29 -34.55 -14.52
C HIS D 327 16.97 -33.22 -14.19
N PHE D 328 16.68 -32.16 -14.94
CA PHE D 328 17.33 -30.87 -14.75
C PHE D 328 16.45 -29.88 -14.00
N THR D 329 15.34 -30.33 -13.41
CA THR D 329 14.48 -29.46 -12.63
C THR D 329 14.95 -29.40 -11.19
N ARG D 330 14.29 -28.54 -10.41
CA ARG D 330 14.65 -28.34 -9.02
C ARG D 330 13.73 -29.05 -8.03
N LEU D 331 12.45 -29.18 -8.34
CA LEU D 331 11.55 -29.86 -7.42
C LEU D 331 11.80 -31.36 -7.48
N PRO D 332 11.94 -32.03 -6.34
CA PRO D 332 12.20 -33.48 -6.36
C PRO D 332 11.11 -34.28 -7.05
N TYR D 333 9.85 -33.83 -6.99
CA TYR D 333 8.77 -34.57 -7.63
C TYR D 333 8.98 -34.67 -9.13
N PHE D 334 9.39 -33.57 -9.77
CA PHE D 334 9.69 -33.62 -11.19
C PHE D 334 11.01 -34.34 -11.45
N GLN D 335 12.03 -34.05 -10.65
CA GLN D 335 13.36 -34.56 -10.94
C GLN D 335 13.42 -36.07 -10.82
N THR D 336 12.74 -36.65 -9.85
CA THR D 336 12.83 -38.10 -9.70
C THR D 336 12.10 -38.86 -10.79
N MET D 337 11.53 -38.21 -11.81
CA MET D 337 10.86 -38.92 -12.88
C MET D 337 11.74 -39.11 -14.11
N GLY D 338 12.80 -38.33 -14.27
CA GLY D 338 13.60 -38.36 -15.46
C GLY D 338 14.22 -39.71 -15.78
N VAL D 339 15.11 -40.17 -14.91
CA VAL D 339 15.82 -41.43 -15.13
C VAL D 339 14.88 -42.63 -15.22
N PRO D 340 13.91 -42.82 -14.30
CA PRO D 340 13.05 -43.99 -14.40
C PRO D 340 12.27 -44.06 -15.70
N LEU D 341 11.66 -42.95 -16.10
CA LEU D 341 10.89 -42.92 -17.34
C LEU D 341 11.79 -43.19 -18.54
N ALA D 342 12.98 -42.60 -18.55
CA ALA D 342 13.89 -42.79 -19.67
C ALA D 342 14.30 -44.25 -19.79
N ILE D 343 14.65 -44.88 -18.67
CA ILE D 343 15.07 -46.28 -18.72
C ILE D 343 13.92 -47.17 -19.15
N GLY D 344 12.72 -46.92 -18.62
CA GLY D 344 11.57 -47.71 -19.02
C GLY D 344 11.27 -47.59 -20.50
N MET D 345 11.32 -46.36 -21.02
CA MET D 345 11.07 -46.15 -22.45
C MET D 345 12.12 -46.84 -23.30
N LEU D 346 13.38 -46.78 -22.88
CA LEU D 346 14.44 -47.47 -23.63
C LEU D 346 14.20 -48.96 -23.67
N ILE D 347 13.82 -49.55 -22.53
CA ILE D 347 13.57 -50.98 -22.49
C ILE D 347 12.41 -51.35 -23.38
N VAL D 348 11.33 -50.56 -23.34
CA VAL D 348 10.17 -50.84 -24.17
C VAL D 348 10.53 -50.76 -25.65
N VAL D 349 11.34 -49.76 -26.02
CA VAL D 349 11.72 -49.58 -27.42
C VAL D 349 12.58 -50.75 -27.89
N ALA D 350 13.55 -51.16 -27.06
CA ALA D 350 14.38 -52.30 -27.43
C ALA D 350 13.54 -53.56 -27.61
N ALA D 351 12.59 -53.77 -26.69
CA ALA D 351 11.71 -54.93 -26.82
C ALA D 351 10.88 -54.86 -28.10
N ALA D 352 10.35 -53.69 -28.42
CA ALA D 352 9.51 -53.56 -29.61
C ALA D 352 10.32 -53.72 -30.89
N LEU D 353 11.58 -53.29 -30.89
CA LEU D 353 12.41 -53.39 -32.08
C LEU D 353 13.09 -54.74 -32.24
N THR D 354 13.17 -55.57 -31.20
CA THR D 354 13.79 -56.88 -31.35
C THR D 354 12.76 -58.00 -31.27
N ALA D 355 11.95 -58.07 -30.21
CA ALA D 355 10.99 -59.16 -30.09
C ALA D 355 9.81 -58.96 -31.02
N GLY D 356 9.45 -57.71 -31.32
CA GLY D 356 8.34 -57.41 -32.19
C GLY D 356 8.46 -58.04 -33.56
N PRO D 357 9.52 -57.69 -34.29
CA PRO D 357 9.75 -58.36 -35.58
C PRO D 357 9.88 -59.87 -35.47
N ALA D 358 10.49 -60.37 -34.38
CA ALA D 358 10.60 -61.81 -34.22
C ALA D 358 9.23 -62.47 -34.09
N VAL D 359 8.36 -61.88 -33.27
CA VAL D 359 7.01 -62.41 -33.11
C VAL D 359 6.25 -62.35 -34.43
N ILE D 360 6.38 -61.24 -35.14
CA ILE D 360 5.70 -61.10 -36.42
C ILE D 360 6.17 -62.17 -37.39
N SER D 361 7.48 -62.40 -37.44
CA SER D 361 8.03 -63.40 -38.34
C SER D 361 7.54 -64.81 -37.99
N VAL D 362 7.52 -65.13 -36.69
CA VAL D 362 7.16 -66.49 -36.29
C VAL D 362 5.68 -66.76 -36.58
N VAL D 363 4.80 -65.85 -36.14
CA VAL D 363 3.38 -66.14 -36.15
C VAL D 363 2.84 -66.17 -37.58
N SER D 364 3.26 -65.21 -38.41
CA SER D 364 2.70 -65.11 -39.76
C SER D 364 2.97 -66.37 -40.56
N ARG D 365 4.05 -67.08 -40.25
CA ARG D 365 4.36 -68.32 -40.94
C ARG D 365 3.33 -69.40 -40.63
N PHE D 366 2.82 -69.42 -39.40
CA PHE D 366 1.95 -70.49 -38.90
C PHE D 366 0.50 -70.17 -39.23
N GLY D 367 0.16 -70.30 -40.51
CA GLY D 367 -1.19 -70.05 -40.96
C GLY D 367 -1.44 -68.60 -41.31
N LYS D 368 -2.70 -68.31 -41.67
CA LYS D 368 -3.10 -66.96 -42.09
C LYS D 368 -3.46 -66.15 -40.85
N THR D 369 -2.44 -65.79 -40.08
CA THR D 369 -2.63 -65.11 -38.81
C THR D 369 -2.69 -63.59 -38.94
N LEU D 370 -1.65 -62.97 -39.49
CA LEU D 370 -1.59 -61.52 -39.59
C LEU D 370 -2.08 -61.01 -40.94
N GLU D 371 -2.70 -61.86 -41.74
CA GLU D 371 -3.24 -61.44 -43.02
C GLU D 371 -4.36 -60.43 -42.81
N PRO D 372 -4.47 -59.41 -43.67
CA PRO D 372 -5.54 -58.42 -43.49
C PRO D 372 -6.92 -59.04 -43.49
N LYS D 373 -7.68 -58.79 -42.42
CA LYS D 373 -8.98 -59.44 -42.29
C LYS D 373 -10.01 -58.83 -43.23
N ARG D 374 -10.02 -57.50 -43.33
CA ARG D 374 -10.99 -56.80 -44.17
C ARG D 374 -10.23 -55.96 -45.20
N PHE D 375 -10.33 -56.34 -46.46
CA PHE D 375 -9.67 -55.61 -47.54
C PHE D 375 -10.57 -54.45 -47.96
N SER D 376 -10.10 -53.22 -47.73
CA SER D 376 -10.82 -52.03 -48.15
C SER D 376 -9.85 -50.88 -48.22
N ARG D 377 -10.01 -50.04 -49.24
CA ARG D 377 -9.19 -48.84 -49.37
C ARG D 377 -9.72 -47.75 -48.45
N SER D 378 -9.20 -46.53 -48.61
CA SER D 378 -9.54 -45.42 -47.74
C SER D 378 -10.10 -44.28 -48.57
N PRO D 379 -11.41 -44.28 -48.88
CA PRO D 379 -11.98 -43.13 -49.60
C PRO D 379 -11.92 -41.84 -48.79
N GLY D 380 -12.14 -41.92 -47.48
CA GLY D 380 -12.10 -40.72 -46.67
C GLY D 380 -10.73 -40.06 -46.66
N TRP D 381 -9.68 -40.88 -46.58
CA TRP D 381 -8.33 -40.31 -46.58
C TRP D 381 -7.95 -39.79 -47.95
N HIS D 382 -8.45 -40.41 -49.02
CA HIS D 382 -8.30 -39.83 -50.33
C HIS D 382 -8.91 -38.44 -50.38
N ARG D 383 -10.13 -38.30 -49.87
CA ARG D 383 -10.79 -37.00 -49.90
C ARG D 383 -10.04 -35.97 -49.08
N VAL D 384 -9.58 -36.36 -47.89
CA VAL D 384 -8.87 -35.41 -47.04
C VAL D 384 -7.55 -35.00 -47.68
N GLY D 385 -6.82 -35.94 -48.27
CA GLY D 385 -5.57 -35.59 -48.93
C GLY D 385 -5.78 -34.67 -50.11
N THR D 386 -6.81 -34.95 -50.93
CA THR D 386 -7.08 -34.08 -52.06
C THR D 386 -7.47 -32.69 -51.61
N ALA D 387 -8.29 -32.59 -50.56
CA ALA D 387 -8.67 -31.27 -50.06
C ALA D 387 -7.47 -30.52 -49.52
N THR D 388 -6.56 -31.23 -48.86
CA THR D 388 -5.39 -30.59 -48.28
C THR D 388 -4.37 -30.18 -49.33
N VAL D 389 -4.35 -30.85 -50.48
CA VAL D 389 -3.43 -30.53 -51.56
C VAL D 389 -3.98 -29.43 -52.47
N ARG D 390 -5.27 -29.51 -52.82
CA ARG D 390 -5.85 -28.56 -53.78
C ARG D 390 -6.01 -27.17 -53.16
N TRP D 391 -6.53 -27.10 -51.94
CA TRP D 391 -6.83 -25.83 -51.29
C TRP D 391 -6.15 -25.78 -49.94
N PRO D 392 -4.84 -25.58 -49.91
CA PRO D 392 -4.12 -25.60 -48.64
C PRO D 392 -4.34 -24.34 -47.80
N GLY D 393 -4.51 -23.20 -48.45
CA GLY D 393 -4.64 -21.96 -47.70
C GLY D 393 -5.87 -21.92 -46.81
N ALA D 394 -7.03 -22.29 -47.37
CA ALA D 394 -8.26 -22.27 -46.60
C ALA D 394 -8.21 -23.27 -45.45
N ILE D 395 -7.71 -24.47 -45.72
CA ILE D 395 -7.65 -25.50 -44.70
C ILE D 395 -6.70 -25.10 -43.58
N LEU D 396 -5.56 -24.52 -43.95
CA LEU D 396 -4.62 -24.04 -42.95
C LEU D 396 -5.25 -22.95 -42.10
N VAL D 397 -6.00 -22.03 -42.73
CA VAL D 397 -6.65 -20.97 -41.98
C VAL D 397 -7.63 -21.56 -40.98
N CYS D 398 -8.45 -22.52 -41.42
CA CYS D 398 -9.42 -23.12 -40.52
C CYS D 398 -8.72 -23.84 -39.36
N ALA D 399 -7.66 -24.57 -39.65
CA ALA D 399 -6.96 -25.31 -38.60
C ALA D 399 -6.33 -24.37 -37.59
N VAL D 400 -5.72 -23.29 -38.06
CA VAL D 400 -5.08 -22.33 -37.15
C VAL D 400 -6.13 -21.64 -36.30
N VAL D 401 -7.28 -21.29 -36.90
CA VAL D 401 -8.36 -20.69 -36.12
C VAL D 401 -8.84 -21.65 -35.04
N ALA D 402 -8.98 -22.93 -35.40
CA ALA D 402 -9.43 -23.91 -34.42
C ALA D 402 -8.41 -24.05 -33.28
N ALA D 403 -7.12 -24.02 -33.60
CA ALA D 403 -6.10 -24.22 -32.58
C ALA D 403 -6.04 -23.04 -31.62
N LEU D 404 -6.28 -21.82 -32.10
CA LEU D 404 -6.13 -20.65 -31.24
C LEU D 404 -7.35 -20.42 -30.37
N ILE D 405 -8.43 -21.19 -30.56
CA ILE D 405 -9.61 -21.03 -29.73
C ILE D 405 -9.29 -21.33 -28.28
N GLY D 406 -8.44 -22.32 -28.04
CA GLY D 406 -8.11 -22.73 -26.69
C GLY D 406 -7.46 -21.65 -25.85
N LEU D 407 -6.85 -20.65 -26.48
CA LEU D 407 -6.22 -19.59 -25.71
C LEU D 407 -7.22 -18.76 -24.92
N LEU D 408 -8.51 -18.87 -25.23
CA LEU D 408 -9.51 -18.10 -24.50
C LEU D 408 -9.64 -18.53 -23.05
N ALA D 409 -9.20 -19.74 -22.71
CA ALA D 409 -9.28 -20.19 -21.33
C ALA D 409 -8.15 -19.66 -20.47
N LEU D 410 -7.09 -19.13 -21.09
CA LEU D 410 -5.93 -18.68 -20.34
C LEU D 410 -6.23 -17.56 -19.35
N PRO D 411 -6.96 -16.50 -19.68
CA PRO D 411 -7.14 -15.42 -18.71
C PRO D 411 -7.79 -15.85 -17.40
N GLY D 412 -8.66 -16.86 -17.43
CA GLY D 412 -9.32 -17.33 -16.24
C GLY D 412 -8.64 -18.48 -15.53
N TYR D 413 -7.40 -18.81 -15.89
CA TYR D 413 -6.73 -19.95 -15.30
C TYR D 413 -6.17 -19.60 -13.92
N TYR D 414 -6.36 -20.51 -12.97
CA TYR D 414 -5.76 -20.38 -11.64
C TYR D 414 -5.59 -21.76 -11.06
N THR D 415 -4.70 -21.88 -10.08
CA THR D 415 -4.41 -23.15 -9.43
C THR D 415 -4.55 -23.01 -7.93
N THR D 416 -4.55 -24.15 -7.24
CA THR D 416 -4.67 -24.21 -5.80
C THR D 416 -3.66 -25.22 -5.26
N TYR D 417 -3.45 -25.20 -3.95
CA TYR D 417 -2.45 -26.06 -3.31
C TYR D 417 -3.04 -26.94 -2.22
N ASP D 418 -4.35 -26.90 -2.00
CA ASP D 418 -4.99 -27.68 -0.95
C ASP D 418 -5.23 -29.09 -1.47
N ASP D 419 -4.47 -30.06 -0.95
CA ASP D 419 -4.56 -31.42 -1.45
C ASP D 419 -5.80 -32.17 -0.97
N ARG D 420 -6.47 -31.69 0.07
CA ARG D 420 -7.68 -32.36 0.50
C ARG D 420 -8.82 -32.20 -0.51
N ARG D 421 -8.68 -31.27 -1.44
CA ARG D 421 -9.65 -31.14 -2.51
C ARG D 421 -9.46 -32.20 -3.60
N TYR D 422 -8.30 -32.85 -3.63
CA TYR D 422 -7.97 -33.83 -4.66
C TYR D 422 -8.00 -35.26 -4.14
N LEU D 423 -8.64 -35.49 -3.00
CA LEU D 423 -8.71 -36.80 -2.38
C LEU D 423 -10.15 -37.18 -2.10
N PRO D 424 -10.46 -38.47 -2.03
CA PRO D 424 -11.83 -38.87 -1.66
C PRO D 424 -12.13 -38.48 -0.22
N ASP D 425 -13.41 -38.27 0.06
CA ASP D 425 -13.83 -37.77 1.36
C ASP D 425 -13.63 -38.77 2.49
N ASP D 426 -13.36 -40.04 2.17
CA ASP D 426 -13.27 -41.05 3.22
C ASP D 426 -11.86 -41.28 3.72
N VAL D 427 -10.86 -40.57 3.19
CA VAL D 427 -9.51 -40.76 3.70
C VAL D 427 -9.43 -40.18 5.11
N PRO D 428 -8.56 -40.70 5.99
CA PRO D 428 -8.51 -40.19 7.36
C PRO D 428 -8.23 -38.69 7.46
N ALA D 429 -7.38 -38.16 6.58
CA ALA D 429 -7.06 -36.74 6.62
C ALA D 429 -8.30 -35.90 6.39
N ASN D 430 -9.15 -36.31 5.43
CA ASN D 430 -10.35 -35.53 5.16
C ASN D 430 -11.36 -35.65 6.29
N VAL D 431 -11.41 -36.81 6.95
CA VAL D 431 -12.28 -36.95 8.11
C VAL D 431 -11.85 -35.98 9.22
N GLY D 432 -10.55 -35.94 9.49
CA GLY D 432 -10.05 -35.00 10.48
C GLY D 432 -10.30 -33.56 10.08
N TYR D 433 -10.13 -33.26 8.80
CA TYR D 433 -10.38 -31.90 8.32
C TYR D 433 -11.84 -31.50 8.52
N ASP D 434 -12.76 -32.41 8.21
CA ASP D 434 -14.18 -32.12 8.42
C ASP D 434 -14.47 -31.88 9.89
N ALA D 435 -13.90 -32.73 10.76
CA ALA D 435 -14.13 -32.56 12.19
C ALA D 435 -13.62 -31.22 12.67
N ALA D 436 -12.42 -30.83 12.23
CA ALA D 436 -11.86 -29.56 12.64
C ALA D 436 -12.67 -28.39 12.10
N PHE D 437 -13.10 -28.48 10.84
CA PHE D 437 -13.80 -27.36 10.23
C PHE D 437 -15.21 -27.19 10.76
N ARG D 438 -15.79 -28.23 11.36
CA ARG D 438 -17.08 -28.04 12.00
C ARG D 438 -17.01 -27.10 13.19
N HIS D 439 -15.85 -26.99 13.84
CA HIS D 439 -15.69 -26.12 15.00
C HIS D 439 -14.73 -24.97 14.74
N PHE D 440 -13.50 -25.26 14.32
CA PHE D 440 -12.50 -24.23 14.11
C PHE D 440 -12.67 -23.58 12.74
N SER D 441 -11.73 -22.71 12.38
CA SER D 441 -11.65 -22.18 11.03
C SER D 441 -10.56 -22.94 10.26
N GLN D 442 -10.59 -22.79 8.95
CA GLN D 442 -9.68 -23.54 8.10
C GLN D 442 -8.23 -23.16 8.36
N ALA D 443 -7.98 -21.89 8.65
CA ALA D 443 -6.59 -21.41 8.74
C ALA D 443 -5.88 -21.94 9.98
N LYS D 444 -6.64 -22.40 10.99
CA LYS D 444 -6.00 -22.81 12.22
C LYS D 444 -5.32 -24.17 12.10
N MET D 445 -5.69 -24.95 11.08
CA MET D 445 -5.04 -26.24 10.87
C MET D 445 -3.72 -26.12 10.11
N ASN D 446 -3.45 -24.97 9.51
CA ASN D 446 -2.21 -24.74 8.75
C ASN D 446 -1.65 -23.39 9.12
N PRO D 447 -1.02 -23.27 10.28
CA PRO D 447 -0.47 -21.98 10.71
C PRO D 447 0.94 -21.77 10.16
N ASP D 448 1.37 -20.51 10.22
CA ASP D 448 2.72 -20.13 9.85
C ASP D 448 3.55 -19.88 11.10
N LEU D 449 4.87 -19.86 10.92
CA LEU D 449 5.80 -19.69 12.02
C LEU D 449 6.89 -18.72 11.61
N MET D 450 7.10 -17.68 12.41
CA MET D 450 8.19 -16.74 12.20
C MET D 450 9.07 -16.70 13.44
N MET D 451 10.39 -16.64 13.22
CA MET D 451 11.35 -16.55 14.31
C MET D 451 12.25 -15.35 14.07
N VAL D 452 12.46 -14.55 15.10
CA VAL D 452 13.41 -13.44 15.06
C VAL D 452 14.54 -13.80 16.01
N GLU D 453 15.76 -13.85 15.47
CA GLU D 453 16.92 -14.30 16.23
C GLU D 453 17.90 -13.14 16.42
N THR D 454 18.11 -12.75 17.66
CA THR D 454 19.08 -11.71 18.01
C THR D 454 20.31 -12.37 18.61
N ASP D 455 21.24 -11.56 19.10
CA ASP D 455 22.45 -12.06 19.74
C ASP D 455 22.47 -11.90 21.24
N ARG D 456 21.55 -11.14 21.83
CA ARG D 456 21.51 -10.89 23.25
C ARG D 456 20.21 -11.43 23.85
N ASP D 457 20.22 -11.60 25.17
CA ASP D 457 19.02 -12.08 25.86
C ASP D 457 17.88 -11.08 25.72
N LEU D 458 16.68 -11.59 25.50
CA LEU D 458 15.51 -10.76 25.23
C LEU D 458 14.46 -10.83 26.34
N ARG D 459 14.81 -11.34 27.52
CA ARG D 459 13.83 -11.53 28.59
C ARG D 459 13.86 -10.36 29.58
N ASN D 460 13.51 -9.18 29.06
CA ASN D 460 13.43 -7.96 29.86
C ASN D 460 12.35 -7.07 29.25
N PRO D 461 11.79 -6.14 30.03
CA PRO D 461 10.68 -5.33 29.51
C PRO D 461 11.02 -4.51 28.27
N ALA D 462 12.25 -4.02 28.17
CA ALA D 462 12.62 -3.16 27.04
C ALA D 462 12.52 -3.92 25.73
N ASP D 463 12.96 -5.19 25.71
CA ASP D 463 12.83 -5.98 24.51
C ASP D 463 11.40 -6.47 24.30
N PHE D 464 10.64 -6.63 25.37
CA PHE D 464 9.23 -7.00 25.22
C PHE D 464 8.44 -5.91 24.52
N LEU D 465 8.82 -4.65 24.71
CA LEU D 465 8.19 -3.57 23.96
C LEU D 465 8.38 -3.76 22.45
N VAL D 466 9.61 -4.07 22.03
CA VAL D 466 9.88 -4.26 20.62
C VAL D 466 9.18 -5.51 20.10
N ILE D 467 9.11 -6.56 20.92
CA ILE D 467 8.43 -7.78 20.51
C ILE D 467 6.96 -7.50 20.26
N ASP D 468 6.32 -6.73 21.15
CA ASP D 468 4.92 -6.38 20.94
C ASP D 468 4.75 -5.51 19.70
N LYS D 469 5.71 -4.62 19.45
CA LYS D 469 5.64 -3.81 18.24
C LYS D 469 5.66 -4.68 17.00
N ILE D 470 6.55 -5.68 16.98
CA ILE D 470 6.62 -6.60 15.84
C ILE D 470 5.33 -7.38 15.69
N ALA D 471 4.76 -7.83 16.82
CA ALA D 471 3.52 -8.60 16.76
C ALA D 471 2.39 -7.76 16.18
N LYS D 472 2.28 -6.50 16.59
CA LYS D 472 1.26 -5.63 16.03
C LYS D 472 1.49 -5.40 14.54
N ALA D 473 2.73 -5.21 14.13
CA ALA D 473 3.03 -5.01 12.72
C ALA D 473 2.62 -6.22 11.90
N LEU D 474 2.91 -7.41 12.40
CA LEU D 474 2.51 -8.64 11.70
C LEU D 474 1.00 -8.77 11.64
N LYS D 475 0.30 -8.43 12.72
CA LYS D 475 -1.15 -8.56 12.72
C LYS D 475 -1.79 -7.59 11.73
N ASN D 476 -1.21 -6.40 11.58
CA ASN D 476 -1.82 -5.41 10.69
C ASN D 476 -1.71 -5.75 9.21
N VAL D 477 -0.94 -6.77 8.84
CA VAL D 477 -0.85 -7.16 7.44
C VAL D 477 -2.21 -7.63 6.96
N HIS D 478 -2.60 -7.21 5.76
CA HIS D 478 -3.92 -7.55 5.25
C HIS D 478 -4.02 -9.05 4.98
N GLY D 479 -5.05 -9.67 5.52
CA GLY D 479 -5.27 -11.10 5.37
C GLY D 479 -4.86 -11.94 6.55
N ILE D 480 -4.37 -11.33 7.63
CA ILE D 480 -3.94 -12.07 8.81
C ILE D 480 -4.99 -11.92 9.89
N ALA D 481 -5.40 -13.05 10.48
CA ALA D 481 -6.43 -13.04 11.50
C ALA D 481 -5.87 -12.67 12.86
N GLN D 482 -4.92 -13.46 13.37
CA GLN D 482 -4.36 -13.20 14.69
C GLN D 482 -2.94 -13.74 14.75
N VAL D 483 -2.15 -13.14 15.64
CA VAL D 483 -0.77 -13.53 15.89
C VAL D 483 -0.62 -13.79 17.38
N GLN D 484 -0.08 -14.94 17.74
CA GLN D 484 0.16 -15.27 19.14
C GLN D 484 1.65 -15.44 19.40
N THR D 485 2.14 -14.79 20.45
CA THR D 485 3.53 -14.87 20.87
C THR D 485 3.57 -14.68 22.38
N ILE D 486 4.76 -14.38 22.91
CA ILE D 486 4.89 -14.26 24.37
C ILE D 486 4.06 -13.10 24.88
N THR D 487 3.95 -12.01 24.12
CA THR D 487 3.13 -10.88 24.54
C THR D 487 1.65 -11.06 24.19
N ARG D 488 1.30 -12.06 23.39
CA ARG D 488 -0.10 -12.40 23.10
C ARG D 488 -0.27 -13.90 23.20
N PRO D 489 -0.17 -14.46 24.41
CA PRO D 489 -0.11 -15.93 24.53
C PRO D 489 -1.31 -16.65 23.93
N ASP D 490 -2.51 -16.09 24.06
CA ASP D 490 -3.70 -16.74 23.53
C ASP D 490 -4.21 -16.11 22.25
N GLY D 491 -3.42 -15.23 21.63
CA GLY D 491 -3.82 -14.55 20.42
C GLY D 491 -4.44 -13.18 20.63
N ASP D 492 -4.89 -12.90 21.81
CA ASP D 492 -5.41 -11.62 22.25
C ASP D 492 -4.38 -10.90 23.10
N PRO D 493 -4.41 -9.58 23.18
CA PRO D 493 -3.47 -8.87 24.03
C PRO D 493 -3.64 -9.25 25.49
N ILE D 494 -2.52 -9.24 26.22
CA ILE D 494 -2.56 -9.56 27.64
C ILE D 494 -3.39 -8.50 28.36
N GLU D 495 -4.29 -8.96 29.22
CA GLU D 495 -5.09 -8.03 30.01
C GLU D 495 -4.21 -7.26 30.98
N HIS D 496 -4.64 -6.04 31.30
CA HIS D 496 -3.96 -5.18 32.26
C HIS D 496 -2.56 -4.80 31.79
N SER D 497 -2.40 -4.63 30.48
CA SER D 497 -1.09 -4.34 29.91
C SER D 497 -1.01 -2.99 29.21
N THR D 498 -2.10 -2.23 29.15
CA THR D 498 -2.06 -0.92 28.54
C THR D 498 -1.70 0.15 29.56
N ILE D 499 -1.12 1.24 29.08
CA ILE D 499 -0.81 2.40 29.90
C ILE D 499 -2.08 3.00 30.50
N PRO D 500 -3.18 3.16 29.73
CA PRO D 500 -4.41 3.68 30.34
C PRO D 500 -4.94 2.83 31.48
N TYR D 501 -4.64 1.53 31.48
CA TYR D 501 -5.00 0.70 32.63
C TYR D 501 -4.24 1.13 33.86
N THR D 502 -2.95 1.42 33.72
CA THR D 502 -2.15 1.90 34.84
C THR D 502 -2.67 3.26 35.32
N ILE D 503 -3.04 4.13 34.39
CA ILE D 503 -3.56 5.44 34.78
C ILE D 503 -4.88 5.32 35.51
N GLY D 504 -5.78 4.47 35.02
CA GLY D 504 -7.11 4.39 35.58
C GLY D 504 -7.16 3.71 36.93
N GLN D 505 -6.11 2.98 37.29
CA GLN D 505 -6.03 2.31 38.57
C GLN D 505 -5.16 3.06 39.58
N SER D 506 -4.86 4.32 39.30
CA SER D 506 -3.96 5.08 40.17
C SER D 506 -4.61 5.50 41.48
N GLY D 507 -5.92 5.75 41.48
CA GLY D 507 -6.59 6.25 42.65
C GLY D 507 -7.27 5.24 43.54
N THR D 508 -7.09 3.94 43.29
CA THR D 508 -7.78 2.94 44.10
C THR D 508 -7.23 2.89 45.51
N THR D 509 -5.92 3.08 45.66
CA THR D 509 -5.32 3.01 46.99
C THR D 509 -5.85 4.11 47.90
N GLN D 510 -6.04 5.32 47.35
CA GLN D 510 -6.62 6.39 48.15
C GLN D 510 -8.03 6.05 48.60
N ILE D 511 -8.79 5.38 47.73
CA ILE D 511 -10.13 4.93 48.12
C ILE D 511 -10.04 3.90 49.23
N MET D 512 -9.02 3.04 49.19
CA MET D 512 -8.87 2.04 50.24
C MET D 512 -8.57 2.69 51.58
N ASN D 513 -7.83 3.78 51.60
CA ASN D 513 -7.44 4.42 52.85
C ASN D 513 -8.53 5.32 53.44
N ASN D 514 -9.71 5.38 52.81
CA ASN D 514 -10.66 6.42 53.15
C ASN D 514 -11.16 6.32 54.59
N ASP D 515 -11.44 5.10 55.05
CA ASP D 515 -12.07 4.92 56.36
C ASP D 515 -11.21 5.47 57.49
N TYR D 516 -9.92 5.15 57.44
CA TYR D 516 -9.01 5.55 58.53
C TYR D 516 -8.87 7.06 58.59
N MET D 517 -8.85 7.72 57.43
CA MET D 517 -8.80 9.18 57.42
C MET D 517 -10.05 9.78 58.06
N GLN D 518 -11.21 9.20 57.77
CA GLN D 518 -12.44 9.68 58.38
C GLN D 518 -12.40 9.52 59.89
N THR D 519 -11.88 8.39 60.36
CA THR D 519 -11.74 8.19 61.80
C THR D 519 -10.82 9.25 62.41
N ASN D 520 -9.74 9.58 61.71
CA ASN D 520 -8.85 10.63 62.20
C ASN D 520 -9.56 11.97 62.29
N LEU D 521 -10.38 12.30 61.30
CA LEU D 521 -11.10 13.57 61.34
C LEU D 521 -12.09 13.62 62.50
N ASP D 522 -12.79 12.51 62.74
CA ASP D 522 -13.69 12.46 63.90
C ASP D 522 -12.90 12.61 65.20
N ASN D 523 -11.72 12.01 65.27
CA ASN D 523 -10.88 12.19 66.44
C ASN D 523 -10.47 13.65 66.61
N LEU D 524 -10.23 14.36 65.51
CA LEU D 524 -9.92 15.77 65.60
C LEU D 524 -11.07 16.54 66.24
N LEU D 525 -12.30 16.25 65.81
CA LEU D 525 -13.45 16.93 66.41
C LEU D 525 -13.57 16.65 67.90
N LYS D 526 -13.41 15.38 68.28
CA LYS D 526 -13.50 15.04 69.70
C LYS D 526 -12.39 15.70 70.50
N GLN D 527 -11.21 15.83 69.90
CA GLN D 527 -10.11 16.51 70.58
C GLN D 527 -10.42 17.98 70.80
N ALA D 528 -11.09 18.61 69.83
CA ALA D 528 -11.52 19.99 70.03
C ALA D 528 -12.49 20.10 71.21
N ASP D 529 -13.43 19.16 71.31
CA ASP D 529 -14.34 19.18 72.46
C ASP D 529 -13.57 19.01 73.78
N ASP D 530 -12.58 18.12 73.78
CA ASP D 530 -11.78 17.92 74.99
C ASP D 530 -11.04 19.20 75.38
N LEU D 531 -10.51 19.90 74.38
CA LEU D 531 -9.86 21.19 74.66
C LEU D 531 -10.84 22.16 75.29
N GLN D 532 -12.09 22.18 74.80
CA GLN D 532 -13.08 23.06 75.41
C GLN D 532 -13.30 22.70 76.88
N THR D 533 -13.38 21.41 77.19
CA THR D 533 -13.55 20.99 78.58
C THR D 533 -12.38 21.43 79.43
N SER D 534 -11.16 21.30 78.91
CA SER D 534 -9.98 21.73 79.65
C SER D 534 -10.01 23.23 79.90
N ILE D 535 -10.45 24.01 78.91
CA ILE D 535 -10.58 25.46 79.09
C ILE D 535 -11.55 25.77 80.22
N ASP D 536 -12.68 25.06 80.25
CA ASP D 536 -13.63 25.27 81.34
C ASP D 536 -13.01 24.98 82.70
N SER D 537 -12.27 23.87 82.79
CA SER D 537 -11.64 23.51 84.06
C SER D 537 -10.64 24.58 84.48
N MET D 538 -9.83 25.06 83.54
CA MET D 538 -8.85 26.09 83.87
C MET D 538 -9.52 27.38 84.32
N THR D 539 -10.64 27.75 83.69
CA THR D 539 -11.35 28.96 84.10
C THR D 539 -11.87 28.82 85.53
N GLU D 540 -12.44 27.66 85.86
CA GLU D 540 -12.88 27.43 87.23
C GLU D 540 -11.72 27.51 88.20
N MET D 541 -10.57 26.93 87.81
CA MET D 541 -9.40 26.98 88.67
C MET D 541 -8.95 28.42 88.93
N MET D 542 -9.00 29.26 87.90
CA MET D 542 -8.62 30.67 88.07
C MET D 542 -9.58 31.37 89.02
N ASN D 543 -10.89 31.09 88.90
CA ASN D 543 -11.84 31.69 89.83
C ASN D 543 -11.56 31.28 91.26
N ILE D 544 -11.25 30.00 91.47
CA ILE D 544 -10.96 29.53 92.83
C ILE D 544 -9.68 30.16 93.35
N GLN D 545 -8.70 30.37 92.47
CA GLN D 545 -7.46 31.03 92.89
C GLN D 545 -7.74 32.46 93.33
N THR D 546 -8.62 33.16 92.61
CA THR D 546 -8.99 34.52 93.03
C THR D 546 -9.65 34.50 94.40
N GLU D 547 -10.55 33.54 94.63
CA GLU D 547 -11.18 33.44 95.95
C GLU D 547 -10.16 33.15 97.04
N LEU D 548 -9.18 32.29 96.75
CA LEU D 548 -8.13 32.01 97.72
C LEU D 548 -7.32 33.25 98.02
N ALA D 549 -7.03 34.06 97.00
CA ALA D 549 -6.31 35.31 97.23
C ALA D 549 -7.08 36.23 98.15
N ALA D 550 -8.39 36.35 97.92
CA ALA D 550 -9.21 37.18 98.81
C ALA D 550 -9.19 36.66 100.23
N VAL D 551 -9.29 35.33 100.40
CA VAL D 551 -9.26 34.74 101.74
C VAL D 551 -7.93 35.04 102.42
N SER D 552 -6.83 34.90 101.69
CA SER D 552 -5.51 35.14 102.26
C SER D 552 -5.35 36.59 102.69
N GLN D 553 -5.85 37.52 101.86
CA GLN D 553 -5.76 38.93 102.24
C GLN D 553 -6.56 39.21 103.50
N SER D 554 -7.77 38.66 103.60
CA SER D 554 -8.58 38.87 104.80
C SER D 554 -7.89 38.29 106.03
N MET D 555 -7.31 37.10 105.89
CA MET D 555 -6.60 36.49 107.01
C MET D 555 -5.42 37.35 107.45
N ALA D 556 -4.66 37.88 106.48
CA ALA D 556 -3.52 38.71 106.82
C ALA D 556 -3.95 39.96 107.57
N ASP D 557 -5.01 40.63 107.10
CA ASP D 557 -5.48 41.83 107.78
C ASP D 557 -5.95 41.53 109.20
N LYS D 558 -6.73 40.45 109.36
CA LYS D 558 -7.23 40.11 110.69
C LYS D 558 -6.10 39.70 111.62
N MET D 559 -5.09 39.00 111.10
CA MET D 559 -3.94 38.64 111.93
C MET D 559 -3.14 39.88 112.32
N ALA D 560 -3.06 40.86 111.42
CA ALA D 560 -2.39 42.11 111.78
C ALA D 560 -3.11 42.81 112.92
N GLN D 561 -4.44 42.87 112.86
CA GLN D 561 -5.21 43.46 113.94
C GLN D 561 -5.02 42.68 115.25
N THR D 562 -5.04 41.35 115.15
CA THR D 562 -4.86 40.52 116.35
C THR D 562 -3.48 40.75 116.96
N SER D 563 -2.46 40.87 116.12
CA SER D 563 -1.10 41.11 116.62
C SER D 563 -1.00 42.48 117.26
N ASP D 564 -1.70 43.47 116.72
CA ASP D 564 -1.72 44.79 117.37
C ASP D 564 -2.35 44.68 118.76
N ASP D 565 -3.46 43.96 118.87
CA ASP D 565 -4.08 43.79 120.18
C ASP D 565 -3.18 43.02 121.14
N THR D 566 -2.51 41.99 120.66
CA THR D 566 -1.61 41.21 121.52
C THR D 566 -0.42 42.05 121.95
N ALA D 567 0.07 42.91 121.07
CA ALA D 567 1.14 43.83 121.44
C ALA D 567 0.67 44.79 122.53
N ASP D 568 -0.58 45.25 122.43
CA ASP D 568 -1.14 46.08 123.48
C ASP D 568 -1.17 45.33 124.82
N VAL D 569 -1.60 44.06 124.77
CA VAL D 569 -1.65 43.25 125.99
C VAL D 569 -0.25 43.09 126.59
N ARG D 570 0.73 42.80 125.74
CA ARG D 570 2.09 42.61 126.22
C ARG D 570 2.67 43.89 126.81
N ASP D 571 2.39 45.03 126.17
CA ASP D 571 2.84 46.31 126.69
C ASP D 571 2.22 46.58 128.05
N HIS D 572 0.92 46.33 128.19
CA HIS D 572 0.26 46.52 129.48
C HIS D 572 0.87 45.63 130.55
N LEU D 573 1.10 44.36 130.22
CA LEU D 573 1.67 43.43 131.19
C LEU D 573 3.08 43.84 131.59
N ALA D 574 3.90 44.26 130.62
CA ALA D 574 5.26 44.67 130.91
C ALA D 574 5.28 45.93 131.78
N ASP D 575 4.43 46.90 131.45
CA ASP D 575 4.32 48.11 132.26
C ASP D 575 3.76 47.83 133.65
N PHE D 576 2.96 46.79 133.81
CA PHE D 576 2.50 46.37 135.12
C PHE D 576 3.65 45.70 135.87
N ASP D 577 3.32 45.21 137.07
CA ASP D 577 4.22 44.48 137.97
C ASP D 577 5.38 45.35 138.47
N ASP D 578 5.46 46.62 138.07
CA ASP D 578 6.50 47.51 138.60
C ASP D 578 6.38 47.63 140.11
N PHE D 579 5.16 47.53 140.65
CA PHE D 579 4.98 47.46 142.09
C PHE D 579 5.62 46.21 142.67
N PHE D 580 5.66 45.13 141.88
CA PHE D 580 6.25 43.86 142.29
C PHE D 580 7.60 43.60 141.62
N ARG D 581 8.13 44.57 140.85
CA ARG D 581 9.31 44.29 140.04
C ARG D 581 10.55 43.95 140.87
N PRO D 582 10.96 44.74 141.88
CA PRO D 582 12.04 44.25 142.74
C PRO D 582 11.67 42.97 143.46
N ILE D 583 10.41 42.85 143.87
CA ILE D 583 9.93 41.60 144.45
C ILE D 583 10.01 40.48 143.42
N ARG D 584 9.71 40.78 142.16
CA ARG D 584 9.82 39.78 141.09
C ARG D 584 11.26 39.31 140.92
N ASN D 585 12.21 40.24 140.95
CA ASN D 585 13.62 39.87 140.89
C ASN D 585 14.00 39.00 142.07
N TYR D 586 13.44 39.31 143.25
CA TYR D 586 13.65 38.46 144.42
C TYR D 586 13.10 37.06 144.19
N LEU D 587 11.91 36.95 143.61
CA LEU D 587 11.30 35.65 143.34
C LEU D 587 12.18 34.84 142.40
N TYR D 588 12.67 35.49 141.34
CA TYR D 588 13.54 34.80 140.38
C TYR D 588 14.85 34.36 141.04
N TRP D 589 15.41 35.20 141.90
CA TRP D 589 16.70 34.88 142.51
C TRP D 589 16.55 33.90 143.68
N GLU D 590 15.37 33.83 144.26
CA GLU D 590 15.17 33.03 145.47
C GLU D 590 15.33 31.54 145.18
N PRO D 591 16.22 30.83 145.89
CA PRO D 591 16.33 29.38 145.66
C PRO D 591 15.19 28.59 146.27
N HIS D 592 14.70 28.99 147.44
CA HIS D 592 13.54 28.36 148.07
C HIS D 592 12.23 29.01 147.64
N CYS D 593 12.20 29.65 146.47
CA CYS D 593 10.99 30.32 146.01
C CYS D 593 9.88 29.32 145.77
N TYR D 594 10.22 28.14 145.25
CA TYR D 594 9.23 27.16 144.84
C TYR D 594 8.71 26.29 145.98
N ASP D 595 9.38 26.27 147.14
CA ASP D 595 9.02 25.33 148.16
C ASP D 595 7.92 25.83 149.10
N ILE D 596 8.27 26.71 150.04
CA ILE D 596 7.33 27.10 151.10
C ILE D 596 6.30 28.12 150.62
N PRO D 597 6.69 29.29 150.10
CA PRO D 597 5.73 30.40 150.01
C PRO D 597 4.99 30.41 148.69
N MET D 598 4.13 31.42 148.55
CA MET D 598 3.51 31.77 147.28
C MET D 598 4.48 32.43 146.31
N CYS D 599 5.77 32.47 146.68
CA CYS D 599 6.80 32.99 145.78
C CYS D 599 6.74 32.28 144.44
N TRP D 600 6.54 30.96 144.47
CA TRP D 600 6.48 30.20 143.23
C TRP D 600 5.29 30.63 142.38
N SER D 601 4.12 30.82 143.01
CA SER D 601 2.94 31.24 142.27
C SER D 601 3.17 32.60 141.61
N MET D 602 3.68 33.57 142.38
CA MET D 602 3.92 34.90 141.83
C MET D 602 4.98 34.88 140.74
N ARG D 603 6.06 34.12 140.97
CA ARG D 603 7.13 34.04 140.00
C ARG D 603 6.66 33.39 138.71
N SER D 604 5.82 32.37 138.81
CA SER D 604 5.28 31.73 137.61
C SER D 604 4.28 32.63 136.90
N ILE D 605 3.54 33.45 137.65
CA ILE D 605 2.68 34.46 137.00
C ILE D 605 3.54 35.43 136.19
N PHE D 606 4.66 35.87 136.76
CA PHE D 606 5.54 36.78 136.04
C PHE D 606 6.20 36.10 134.85
N GLU D 607 6.53 34.81 135.00
CA GLU D 607 7.05 34.04 133.87
C GLU D 607 6.02 33.93 132.76
N SER D 608 4.75 33.75 133.13
CA SER D 608 3.68 33.74 132.13
C SER D 608 3.55 35.10 131.46
N ILE D 609 3.76 36.18 132.20
CA ILE D 609 3.74 37.52 131.60
C ILE D 609 4.87 37.65 130.58
N ASP D 610 6.07 37.18 130.93
CA ASP D 610 7.19 37.21 129.99
C ASP D 610 6.89 36.37 128.76
N GLY D 611 6.30 35.20 128.96
CA GLY D 611 5.93 34.36 127.83
C GLY D 611 4.86 34.98 126.97
N ILE D 612 3.95 35.74 127.57
CA ILE D 612 2.93 36.44 126.79
C ILE D 612 3.56 37.55 125.97
N ASN D 613 4.56 38.23 126.53
CA ASN D 613 5.32 39.21 125.75
C ASN D 613 6.01 38.54 124.57
N THR D 614 6.62 37.37 124.81
CA THR D 614 7.26 36.64 123.72
C THR D 614 6.24 36.16 122.69
N MET D 615 5.03 35.80 123.16
CA MET D 615 3.96 35.41 122.25
C MET D 615 3.51 36.58 121.38
N SER D 616 3.47 37.78 121.97
CA SER D 616 3.19 38.97 121.18
C SER D 616 4.28 39.20 120.13
N ASP D 617 5.54 39.00 120.53
CA ASP D 617 6.63 39.08 119.55
C ASP D 617 6.44 38.04 118.44
N ASP D 618 5.96 36.84 118.81
CA ASP D 618 5.70 35.81 117.82
C ASP D 618 4.61 36.23 116.85
N PHE D 619 3.56 36.88 117.36
CA PHE D 619 2.52 37.41 116.49
C PHE D 619 3.08 38.47 115.54
N GLN D 620 3.93 39.36 116.07
CA GLN D 620 4.58 40.36 115.24
C GLN D 620 5.49 39.75 114.20
N GLU D 621 6.06 38.57 114.48
CA GLU D 621 6.83 37.83 113.48
C GLU D 621 5.95 37.11 112.47
N LEU D 622 4.79 36.62 112.89
CA LEU D 622 3.91 35.87 112.00
C LEU D 622 3.15 36.77 111.04
N VAL D 623 2.91 38.02 111.42
CA VAL D 623 2.20 38.94 110.52
C VAL D 623 2.90 39.11 109.18
N PRO D 624 4.23 39.34 109.12
CA PRO D 624 4.88 39.42 107.80
C PRO D 624 4.73 38.15 106.97
N GLU D 625 4.64 36.99 107.62
CA GLU D 625 4.44 35.75 106.89
C GLU D 625 3.11 35.76 106.14
N MET D 626 2.04 36.13 106.83
CA MET D 626 0.74 36.24 106.17
C MET D 626 0.75 37.34 105.12
N ARG D 627 1.51 38.42 105.37
CA ARG D 627 1.64 39.47 104.36
C ARG D 627 2.26 38.92 103.08
N ARG D 628 3.32 38.14 103.23
CA ARG D 628 4.00 37.57 102.06
C ARG D 628 3.09 36.57 101.35
N MET D 629 2.33 35.78 102.11
CA MET D 629 1.39 34.85 101.47
C MET D 629 0.31 35.58 100.69
N ALA D 630 -0.28 36.62 101.28
CA ALA D 630 -1.33 37.39 100.64
C ALA D 630 -0.80 38.23 99.49
N ASP D 631 0.51 38.46 99.44
CA ASP D 631 1.11 39.09 98.27
C ASP D 631 1.46 38.08 97.18
N LEU D 632 1.75 36.83 97.56
CA LEU D 632 2.08 35.83 96.55
C LEU D 632 0.83 35.35 95.82
N MET D 633 -0.30 35.24 96.52
CA MET D 633 -1.51 34.72 95.87
C MET D 633 -1.92 35.48 94.60
N PRO D 634 -1.93 36.83 94.60
CA PRO D 634 -2.30 37.53 93.36
C PRO D 634 -1.40 37.22 92.18
N ARG D 635 -0.13 36.91 92.42
CA ARG D 635 0.74 36.51 91.31
C ARG D 635 0.25 35.22 90.66
N MET D 636 -0.12 34.24 91.48
CA MET D 636 -0.68 33.00 90.93
C MET D 636 -1.98 33.26 90.20
N VAL D 637 -2.79 34.19 90.71
CA VAL D 637 -4.02 34.54 90.01
C VAL D 637 -3.70 35.14 88.64
N ALA D 638 -2.70 36.02 88.58
CA ALA D 638 -2.41 36.73 87.34
C ALA D 638 -1.67 35.85 86.34
N VAL D 639 -1.09 34.74 86.79
CA VAL D 639 -0.42 33.84 85.86
C VAL D 639 -1.43 33.13 84.95
N MET D 640 -2.58 32.74 85.51
CA MET D 640 -3.52 31.86 84.82
C MET D 640 -3.97 32.34 83.44
N PRO D 641 -4.38 33.61 83.23
CA PRO D 641 -5.08 33.96 81.98
C PRO D 641 -4.32 33.64 80.71
N ALA D 642 -2.98 33.69 80.76
CA ALA D 642 -2.18 33.47 79.55
C ALA D 642 -2.38 32.07 79.01
N GLN D 643 -2.44 31.07 79.89
CA GLN D 643 -2.56 29.69 79.44
C GLN D 643 -3.90 29.42 78.77
N ILE D 644 -4.97 30.00 79.31
CA ILE D 644 -6.31 29.80 78.76
C ILE D 644 -6.38 30.34 77.33
N GLN D 645 -5.74 31.48 77.08
CA GLN D 645 -5.71 32.02 75.73
C GLN D 645 -5.00 31.07 74.78
N SER D 646 -3.91 30.46 75.24
CA SER D 646 -3.20 29.49 74.42
C SER D 646 -4.10 28.30 74.08
N MET D 647 -4.84 27.80 75.07
CA MET D 647 -5.74 26.69 74.81
C MET D 647 -6.83 27.08 73.82
N LYS D 648 -7.38 28.29 73.95
CA LYS D 648 -8.42 28.72 73.02
C LYS D 648 -7.88 28.83 71.61
N ASN D 649 -6.67 29.38 71.45
CA ASN D 649 -6.08 29.49 70.12
C ASN D 649 -5.82 28.11 69.53
N GLN D 650 -5.38 27.16 70.36
CA GLN D 650 -5.17 25.80 69.88
C GLN D 650 -6.48 25.17 69.42
N LYS D 651 -7.58 25.42 70.15
CA LYS D 651 -8.88 24.90 69.74
C LYS D 651 -9.32 25.48 68.40
N GLN D 652 -9.13 26.78 68.22
CA GLN D 652 -9.48 27.40 66.94
C GLN D 652 -8.66 26.79 65.80
N THR D 653 -7.36 26.60 66.04
CA THR D 653 -6.50 25.98 65.03
C THR D 653 -6.98 24.59 64.68
N LEU D 654 -7.36 23.81 65.71
CA LEU D 654 -7.85 22.46 65.45
C LEU D 654 -9.11 22.46 64.61
N LEU D 655 -10.05 23.37 64.91
CA LEU D 655 -11.28 23.42 64.13
C LEU D 655 -11.01 23.79 62.67
N ASN D 656 -10.16 24.79 62.46
CA ASN D 656 -9.83 25.17 61.09
C ASN D 656 -9.14 24.03 60.34
N GLN D 657 -8.21 23.35 61.01
CA GLN D 657 -7.52 22.23 60.38
C GLN D 657 -8.49 21.13 60.02
N TYR D 658 -9.44 20.83 60.91
CA TYR D 658 -10.43 19.81 60.62
C TYR D 658 -11.22 20.17 59.38
N GLN D 659 -11.69 21.41 59.29
CA GLN D 659 -12.47 21.81 58.13
C GLN D 659 -11.67 21.65 56.86
N VAL D 660 -10.42 22.13 56.85
CA VAL D 660 -9.60 22.09 55.65
C VAL D 660 -9.36 20.65 55.20
N GLN D 661 -8.94 19.80 56.13
CA GLN D 661 -8.59 18.44 55.75
C GLN D 661 -9.83 17.62 55.38
N LYS D 662 -10.95 17.86 56.05
CA LYS D 662 -12.20 17.21 55.68
C LYS D 662 -12.60 17.56 54.26
N ALA D 663 -12.53 18.85 53.92
CA ALA D 663 -12.87 19.27 52.56
C ALA D 663 -11.94 18.63 51.54
N GLN D 664 -10.64 18.61 51.84
CA GLN D 664 -9.69 18.03 50.89
C GLN D 664 -9.97 16.54 50.67
N GLN D 665 -10.21 15.81 51.75
CA GLN D 665 -10.44 14.37 51.63
C GLN D 665 -11.73 14.08 50.88
N ASP D 666 -12.81 14.81 51.20
CA ASP D 666 -14.07 14.58 50.51
C ASP D 666 -13.97 14.94 49.03
N GLN D 667 -13.26 16.01 48.70
CA GLN D 667 -13.07 16.40 47.31
C GLN D 667 -12.30 15.33 46.56
N ASN D 668 -11.24 14.81 47.17
CA ASN D 668 -10.45 13.77 46.52
C ASN D 668 -11.28 12.50 46.30
N MET D 669 -12.10 12.14 47.29
CA MET D 669 -12.92 10.95 47.14
C MET D 669 -14.00 11.14 46.09
N ALA D 670 -14.52 12.36 45.96
CA ALA D 670 -15.49 12.62 44.90
C ALA D 670 -14.84 12.52 43.53
N MET D 671 -13.60 13.01 43.39
CA MET D 671 -12.95 12.97 42.09
C MET D 671 -12.51 11.56 41.71
N GLN D 672 -12.05 10.77 42.68
CA GLN D 672 -11.53 9.45 42.38
C GLN D 672 -12.60 8.38 42.25
N GLU D 673 -13.85 8.71 42.54
CA GLU D 673 -14.93 7.73 42.47
C GLU D 673 -15.21 7.36 41.02
N ASN D 674 -15.36 6.06 40.78
CA ASN D 674 -15.68 5.53 39.44
C ASN D 674 -14.65 5.96 38.41
N ALA D 675 -13.38 5.97 38.82
CA ALA D 675 -12.28 6.27 37.91
C ALA D 675 -11.69 5.03 37.28
N THR D 676 -12.03 3.84 37.76
CA THR D 676 -11.58 2.59 37.17
C THR D 676 -12.38 2.23 35.92
N ALA D 677 -13.41 3.00 35.61
CA ALA D 677 -14.17 2.78 34.38
C ALA D 677 -13.26 2.87 33.16
N MET D 678 -12.22 3.71 33.22
CA MET D 678 -11.27 3.78 32.11
C MET D 678 -10.55 2.45 31.93
N SER D 679 -10.09 1.86 33.02
CA SER D 679 -9.41 0.57 32.94
C SER D 679 -10.34 -0.51 32.42
N GLN D 680 -11.58 -0.54 32.93
CA GLN D 680 -12.53 -1.53 32.47
C GLN D 680 -12.83 -1.36 30.98
N ALA D 681 -12.97 -0.11 30.53
CA ALA D 681 -13.25 0.15 29.13
C ALA D 681 -12.10 -0.32 28.25
N PHE D 682 -10.88 -0.02 28.64
CA PHE D 682 -9.75 -0.41 27.80
C PHE D 682 -9.56 -1.91 27.79
N ASP D 683 -9.94 -2.60 28.87
CA ASP D 683 -9.87 -4.05 28.87
C ASP D 683 -10.96 -4.67 28.03
N ALA D 684 -12.18 -4.13 28.11
CA ALA D 684 -13.29 -4.68 27.36
C ALA D 684 -13.12 -4.45 25.86
N ALA D 685 -12.58 -3.30 25.47
CA ALA D 685 -12.40 -2.99 24.06
C ALA D 685 -11.27 -3.76 23.41
N LYS D 686 -10.47 -4.51 24.17
CA LYS D 686 -9.29 -5.20 23.65
C LYS D 686 -8.36 -4.23 22.94
N ASN D 687 -8.20 -3.05 23.52
CA ASN D 687 -7.33 -2.04 22.96
C ASN D 687 -5.87 -2.46 23.08
N ASP D 688 -5.08 -2.14 22.06
CA ASP D 688 -3.66 -2.51 22.05
C ASP D 688 -2.77 -1.39 21.53
N ASP D 689 -3.18 -0.13 21.72
CA ASP D 689 -2.35 0.98 21.23
C ASP D 689 -1.04 1.08 21.99
N SER D 690 -1.06 0.78 23.29
CA SER D 690 0.14 0.79 24.11
C SER D 690 0.30 -0.54 24.81
N PHE D 691 1.51 -0.79 25.31
CA PHE D 691 1.81 -2.05 25.98
C PHE D 691 2.98 -1.83 26.93
N TYR D 692 2.92 -2.49 28.09
CA TYR D 692 4.03 -2.47 29.04
C TYR D 692 3.86 -3.60 30.05
N LEU D 693 4.93 -4.33 30.30
CA LEU D 693 4.93 -5.42 31.27
C LEU D 693 5.97 -5.14 32.33
N PRO D 694 5.58 -4.99 33.60
CA PRO D 694 6.55 -4.59 34.61
C PRO D 694 7.55 -5.69 34.88
N PRO D 695 8.73 -5.35 35.40
CA PRO D 695 9.73 -6.39 35.69
C PRO D 695 9.27 -7.42 36.68
N GLU D 696 8.30 -7.07 37.54
CA GLU D 696 7.83 -8.02 38.54
C GLU D 696 7.06 -9.16 37.91
N ALA D 697 6.48 -8.95 36.72
CA ALA D 697 5.69 -9.99 36.07
C ALA D 697 6.58 -11.09 35.52
N PHE D 698 7.86 -10.81 35.29
CA PHE D 698 8.76 -11.80 34.74
C PHE D 698 9.11 -12.91 35.73
N GLU D 699 8.74 -12.76 37.00
CA GLU D 699 9.02 -13.77 38.00
C GLU D 699 7.85 -14.68 38.30
N THR D 700 6.65 -14.34 37.85
CA THR D 700 5.49 -15.18 38.08
C THR D 700 5.61 -16.47 37.30
N ASP D 701 4.99 -17.54 37.81
CA ASP D 701 5.12 -18.85 37.18
C ASP D 701 4.48 -18.86 35.80
N ASP D 702 3.40 -18.09 35.61
CA ASP D 702 2.72 -18.09 34.32
C ASP D 702 3.64 -17.58 33.21
N PHE D 703 4.40 -16.52 33.49
CA PHE D 703 5.31 -16.01 32.48
C PHE D 703 6.63 -16.75 32.46
N GLN D 704 6.95 -17.47 33.54
CA GLN D 704 8.11 -18.36 33.50
C GLN D 704 7.86 -19.54 32.57
N ARG D 705 6.63 -20.07 32.60
CA ARG D 705 6.27 -21.12 31.65
C ARG D 705 6.16 -20.57 30.24
N GLY D 706 5.60 -19.38 30.08
CA GLY D 706 5.43 -18.83 28.74
C GLY D 706 6.75 -18.57 28.05
N MET D 707 7.74 -18.06 28.77
CA MET D 707 9.03 -17.78 28.16
C MET D 707 9.81 -19.04 27.80
N LYS D 708 9.41 -20.20 28.34
CA LYS D 708 9.94 -21.48 27.88
C LYS D 708 9.12 -22.06 26.75
N LEU D 709 8.02 -21.41 26.38
CA LEU D 709 7.15 -21.86 25.30
C LEU D 709 7.31 -21.06 24.03
N PHE D 710 7.76 -19.80 24.11
CA PHE D 710 7.89 -18.96 22.94
C PHE D 710 9.30 -18.42 22.73
N MET D 711 10.24 -18.69 23.62
CA MET D 711 11.59 -18.15 23.50
C MET D 711 12.61 -19.25 23.69
N SER D 712 13.79 -19.04 23.10
CA SER D 712 14.85 -20.04 23.13
C SER D 712 15.40 -20.19 24.55
N PRO D 713 16.01 -21.33 24.86
CA PRO D 713 16.50 -21.55 26.22
C PRO D 713 17.48 -20.49 26.70
N ASP D 714 18.31 -19.95 25.82
CA ASP D 714 19.21 -18.87 26.19
C ASP D 714 18.58 -17.50 25.95
N GLY D 715 17.35 -17.44 25.48
CA GLY D 715 16.64 -16.17 25.35
C GLY D 715 17.09 -15.31 24.20
N HIS D 716 17.77 -15.88 23.21
CA HIS D 716 18.28 -15.12 22.09
C HIS D 716 17.30 -15.03 20.92
N ALA D 717 16.20 -15.78 20.97
CA ALA D 717 15.26 -15.81 19.86
C ALA D 717 13.84 -15.95 20.38
N VAL D 718 12.88 -15.53 19.56
CA VAL D 718 11.46 -15.60 19.89
C VAL D 718 10.70 -16.01 18.63
N ARG D 719 9.69 -16.85 18.80
CA ARG D 719 8.91 -17.36 17.68
C ARG D 719 7.50 -16.81 17.71
N PHE D 720 6.94 -16.56 16.53
CA PHE D 720 5.59 -16.05 16.38
C PHE D 720 4.75 -17.09 15.64
N THR D 721 3.47 -17.19 15.99
CA THR D 721 2.53 -18.03 15.27
C THR D 721 1.54 -17.15 14.54
N ILE D 722 1.39 -17.36 13.24
CA ILE D 722 0.58 -16.49 12.38
C ILE D 722 -0.52 -17.33 11.75
N ILE D 723 -1.75 -16.82 11.80
CA ILE D 723 -2.92 -17.52 11.29
C ILE D 723 -3.60 -16.63 10.26
N HIS D 724 -3.86 -17.19 9.08
CA HIS D 724 -4.41 -16.43 7.97
C HIS D 724 -5.93 -16.27 8.13
N GLN D 725 -6.53 -15.59 7.15
CA GLN D 725 -7.98 -15.51 7.02
C GLN D 725 -8.40 -16.32 5.81
N GLY D 726 -9.47 -17.09 5.97
CA GLY D 726 -9.93 -17.93 4.89
C GLY D 726 -9.04 -19.14 4.69
N ASP D 727 -8.92 -19.60 3.45
CA ASP D 727 -8.07 -20.75 3.15
C ASP D 727 -6.64 -20.27 2.92
N PRO D 728 -5.68 -20.71 3.75
CA PRO D 728 -4.31 -20.23 3.55
C PRO D 728 -3.60 -20.88 2.38
N LEU D 729 -4.08 -22.03 1.91
CA LEU D 729 -3.43 -22.76 0.83
C LEU D 729 -4.01 -22.39 -0.54
N THR D 730 -4.00 -21.11 -0.86
CA THR D 730 -4.47 -20.61 -2.14
C THR D 730 -3.43 -19.69 -2.73
N GLU D 731 -3.77 -19.08 -3.87
CA GLU D 731 -2.87 -18.11 -4.47
C GLU D 731 -2.80 -16.83 -3.64
N GLU D 732 -3.89 -16.48 -2.98
CA GLU D 732 -3.87 -15.33 -2.06
C GLU D 732 -3.04 -15.65 -0.83
N GLY D 733 -3.13 -16.89 -0.33
CA GLY D 733 -2.39 -17.25 0.86
C GLY D 733 -0.89 -17.18 0.68
N THR D 734 -0.40 -17.71 -0.44
CA THR D 734 1.04 -17.71 -0.68
C THR D 734 1.57 -16.32 -1.03
N ALA D 735 0.72 -15.38 -1.40
CA ALA D 735 1.16 -14.04 -1.74
C ALA D 735 1.43 -13.18 -0.51
N ARG D 736 1.03 -13.65 0.68
CA ARG D 736 1.24 -12.87 1.89
C ARG D 736 2.60 -13.09 2.51
N MET D 737 3.41 -13.99 1.98
CA MET D 737 4.69 -14.32 2.61
C MET D 737 5.65 -13.15 2.54
N ASP D 738 5.76 -12.50 1.38
CA ASP D 738 6.66 -11.37 1.25
C ASP D 738 6.22 -10.20 2.11
N GLU D 739 4.91 -9.98 2.21
CA GLU D 739 4.39 -8.89 3.01
C GLU D 739 4.76 -9.06 4.47
N LEU D 740 4.69 -10.29 4.99
CA LEU D 740 5.05 -10.52 6.39
C LEU D 740 6.50 -10.20 6.66
N LYS D 741 7.39 -10.63 5.77
CA LYS D 741 8.81 -10.37 5.95
C LYS D 741 9.11 -8.88 5.86
N VAL D 742 8.48 -8.18 4.92
CA VAL D 742 8.67 -6.74 4.81
C VAL D 742 8.18 -6.05 6.07
N ALA D 743 7.01 -6.46 6.57
CA ALA D 743 6.44 -5.82 7.75
C ALA D 743 7.34 -6.04 8.97
N ALA D 744 7.85 -7.25 9.15
CA ALA D 744 8.74 -7.52 10.28
C ALA D 744 10.03 -6.72 10.16
N ALA D 745 10.60 -6.66 8.95
CA ALA D 745 11.83 -5.90 8.77
C ALA D 745 11.61 -4.41 9.03
N ASP D 746 10.44 -3.90 8.68
CA ASP D 746 10.14 -2.49 8.95
C ASP D 746 9.88 -2.24 10.43
N ALA D 747 9.28 -3.20 11.11
CA ALA D 747 9.05 -3.05 12.55
C ALA D 747 10.37 -3.07 13.32
N ILE D 748 11.32 -3.88 12.86
CA ILE D 748 12.63 -3.91 13.52
C ILE D 748 13.37 -2.60 13.33
N LYS D 749 13.18 -1.95 12.18
CA LYS D 749 13.96 -0.77 11.81
C LYS D 749 13.86 0.32 12.88
N GLY D 750 15.01 0.90 13.23
CA GLY D 750 15.08 1.97 14.19
C GLY D 750 15.12 1.55 15.64
N THR D 751 15.18 0.25 15.93
CA THR D 751 15.12 -0.28 17.27
C THR D 751 16.42 -1.01 17.60
N PRO D 752 16.65 -1.34 18.88
CA PRO D 752 17.83 -2.15 19.21
C PRO D 752 17.85 -3.51 18.55
N PHE D 753 16.73 -3.94 17.96
CA PHE D 753 16.68 -5.23 17.28
C PHE D 753 17.39 -5.21 15.94
N GLU D 754 17.89 -4.05 15.50
CA GLU D 754 18.55 -3.93 14.21
C GLU D 754 19.70 -4.91 14.11
N GLY D 755 19.78 -5.59 12.97
CA GLY D 755 20.74 -6.66 12.78
C GLY D 755 20.19 -8.05 13.06
N ALA D 756 18.90 -8.17 13.37
CA ALA D 756 18.30 -9.46 13.64
C ALA D 756 18.08 -10.23 12.35
N ARG D 757 17.80 -11.53 12.49
CA ARG D 757 17.58 -12.41 11.36
C ARG D 757 16.15 -12.94 11.43
N ILE D 758 15.44 -12.88 10.31
CA ILE D 758 14.02 -13.22 10.26
C ILE D 758 13.85 -14.47 9.43
N TYR D 759 13.21 -15.48 10.01
CA TYR D 759 12.93 -16.75 9.33
C TYR D 759 11.42 -16.95 9.29
N LEU D 760 10.91 -17.34 8.13
CA LEU D 760 9.48 -17.58 7.96
C LEU D 760 9.28 -18.98 7.40
N GLY D 761 8.38 -19.75 8.02
CA GLY D 761 8.10 -21.10 7.58
C GLY D 761 6.65 -21.46 7.83
N GLY D 762 6.27 -22.62 7.31
CA GLY D 762 4.90 -23.08 7.42
C GLY D 762 4.41 -23.73 6.15
N SER D 763 3.11 -24.00 6.06
CA SER D 763 2.57 -24.62 4.85
C SER D 763 2.55 -23.64 3.69
N ALA D 764 2.08 -22.41 3.95
CA ALA D 764 1.95 -21.43 2.88
C ALA D 764 3.30 -21.05 2.29
N ALA D 765 4.33 -20.91 3.13
CA ALA D 765 5.66 -20.62 2.62
C ALA D 765 6.19 -21.77 1.79
N THR D 766 5.95 -23.00 2.24
CA THR D 766 6.38 -24.17 1.48
C THR D 766 5.75 -24.16 0.10
N TYR D 767 4.45 -23.88 0.01
CA TYR D 767 3.80 -23.91 -1.29
C TYR D 767 4.17 -22.70 -2.15
N ASN D 768 4.53 -21.58 -1.53
CA ASN D 768 5.08 -20.46 -2.28
C ASN D 768 6.37 -20.87 -2.98
N ASP D 769 7.27 -21.52 -2.23
CA ASP D 769 8.50 -22.03 -2.83
C ASP D 769 8.21 -23.06 -3.90
N MET D 770 7.23 -23.94 -3.65
CA MET D 770 6.86 -24.95 -4.64
C MET D 770 6.40 -24.30 -5.94
N GLN D 771 5.60 -23.24 -5.84
CA GLN D 771 5.11 -22.58 -7.04
C GLN D 771 6.24 -21.94 -7.83
N ILE D 772 7.18 -21.29 -7.13
CA ILE D 772 8.31 -20.70 -7.83
C ILE D 772 9.12 -21.77 -8.55
N GLY D 773 9.40 -22.87 -7.85
CA GLY D 773 10.11 -23.97 -8.48
C GLY D 773 9.37 -24.54 -9.67
N ALA D 774 8.04 -24.65 -9.57
CA ALA D 774 7.27 -25.20 -10.66
C ALA D 774 7.33 -24.32 -11.89
N ASP D 775 7.26 -22.99 -11.71
CA ASP D 775 7.40 -22.09 -12.85
C ASP D 775 8.73 -22.28 -13.55
N TYR D 776 9.82 -22.24 -12.77
CA TYR D 776 11.13 -22.35 -13.41
C TYR D 776 11.32 -23.71 -14.07
N ASP D 777 10.81 -24.76 -13.43
CA ASP D 777 10.95 -26.10 -14.00
C ASP D 777 10.15 -26.22 -15.30
N LEU D 778 8.97 -25.60 -15.37
CA LEU D 778 8.21 -25.64 -16.60
C LEU D 778 8.99 -24.96 -17.73
N ILE D 779 9.59 -23.81 -17.45
CA ILE D 779 10.36 -23.13 -18.49
C ILE D 779 11.53 -24.01 -18.95
N ILE D 780 12.27 -24.58 -17.99
CA ILE D 780 13.42 -25.41 -18.32
C ILE D 780 13.01 -26.60 -19.17
N VAL D 781 11.95 -27.29 -18.74
CA VAL D 781 11.52 -28.50 -19.43
C VAL D 781 11.08 -28.17 -20.85
N ALA D 782 10.30 -27.11 -21.00
CA ALA D 782 9.85 -26.74 -22.34
C ALA D 782 11.03 -26.45 -23.26
N ALA D 783 11.97 -25.63 -22.79
CA ALA D 783 13.11 -25.27 -23.64
C ALA D 783 13.93 -26.50 -24.02
N SER D 784 14.30 -27.31 -23.03
CA SER D 784 15.15 -28.47 -23.31
C SER D 784 14.46 -29.46 -24.23
N ALA D 785 13.18 -29.75 -23.98
CA ALA D 785 12.47 -30.70 -24.81
C ALA D 785 12.36 -30.20 -26.23
N LEU D 786 12.04 -28.92 -26.42
CA LEU D 786 11.92 -28.38 -27.77
C LEU D 786 13.25 -28.50 -28.51
N ILE D 787 14.34 -28.13 -27.85
CA ILE D 787 15.64 -28.17 -28.52
C ILE D 787 16.01 -29.61 -28.90
N LEU D 788 15.81 -30.54 -27.97
CA LEU D 788 16.18 -31.93 -28.24
C LEU D 788 15.33 -32.52 -29.36
N ILE D 789 14.02 -32.26 -29.35
CA ILE D 789 13.14 -32.78 -30.38
C ILE D 789 13.51 -32.18 -31.73
N PHE D 790 13.83 -30.89 -31.76
CA PHE D 790 14.24 -30.26 -33.01
C PHE D 790 15.52 -30.90 -33.54
N ILE D 791 16.48 -31.17 -32.67
CA ILE D 791 17.73 -31.79 -33.11
C ILE D 791 17.45 -33.17 -33.69
N ILE D 792 16.63 -33.96 -33.01
CA ILE D 792 16.35 -35.32 -33.46
C ILE D 792 15.64 -35.30 -34.82
N MET D 793 14.65 -34.42 -34.97
CA MET D 793 13.92 -34.35 -36.22
C MET D 793 14.81 -33.86 -37.35
N MET D 794 15.70 -32.91 -37.07
CA MET D 794 16.62 -32.43 -38.08
C MET D 794 17.59 -33.51 -38.51
N VAL D 795 18.05 -34.32 -37.56
CA VAL D 795 18.95 -35.42 -37.91
C VAL D 795 18.22 -36.46 -38.76
N LEU D 796 16.99 -36.79 -38.40
CA LEU D 796 16.29 -37.87 -39.08
C LEU D 796 15.82 -37.45 -40.47
N THR D 797 15.21 -36.27 -40.60
CA THR D 797 14.65 -35.88 -41.89
C THR D 797 15.65 -35.15 -42.77
N ARG D 798 16.84 -34.84 -42.25
CA ARG D 798 17.88 -34.14 -43.00
C ARG D 798 17.42 -32.79 -43.51
N ALA D 799 16.41 -32.19 -42.88
CA ALA D 799 15.88 -30.91 -43.31
C ALA D 799 15.65 -30.03 -42.09
N VAL D 800 15.81 -28.72 -42.28
CA VAL D 800 15.61 -27.77 -41.18
C VAL D 800 14.17 -27.27 -41.13
N VAL D 801 13.63 -26.88 -42.29
CA VAL D 801 12.29 -26.30 -42.33
C VAL D 801 11.25 -27.33 -41.89
N ALA D 802 11.44 -28.60 -42.27
CA ALA D 802 10.50 -29.63 -41.86
C ALA D 802 10.47 -29.79 -40.35
N ALA D 803 11.65 -29.81 -39.73
CA ALA D 803 11.71 -29.93 -38.27
C ALA D 803 11.06 -28.73 -37.60
N ALA D 804 11.32 -27.52 -38.13
CA ALA D 804 10.72 -26.33 -37.56
C ALA D 804 9.20 -26.38 -37.66
N VAL D 805 8.67 -26.85 -38.79
CA VAL D 805 7.24 -26.98 -38.96
C VAL D 805 6.66 -27.96 -37.96
N ILE D 806 7.32 -29.11 -37.80
CA ILE D 806 6.85 -30.11 -36.84
C ILE D 806 6.76 -29.50 -35.45
N VAL D 807 7.83 -28.82 -35.03
CA VAL D 807 7.88 -28.27 -33.67
C VAL D 807 6.80 -27.21 -33.49
N GLY D 808 6.65 -26.31 -34.47
CA GLY D 808 5.68 -25.24 -34.33
C GLY D 808 4.25 -25.76 -34.27
N THR D 809 3.92 -26.72 -35.13
CA THR D 809 2.58 -27.29 -35.11
C THR D 809 2.31 -27.99 -33.78
N VAL D 810 3.30 -28.72 -33.26
CA VAL D 810 3.11 -29.38 -31.98
C VAL D 810 2.87 -28.36 -30.87
N VAL D 811 3.59 -27.24 -30.91
CA VAL D 811 3.41 -26.20 -29.90
C VAL D 811 1.99 -25.62 -29.96
N LEU D 812 1.50 -25.35 -31.16
CA LEU D 812 0.15 -24.84 -31.31
C LEU D 812 -0.88 -25.83 -30.75
N SER D 813 -0.71 -27.12 -31.08
CA SER D 813 -1.58 -28.14 -30.53
C SER D 813 -1.50 -28.18 -29.01
N LEU D 814 -0.31 -27.92 -28.47
CA LEU D 814 -0.14 -27.90 -27.02
C LEU D 814 -0.98 -26.80 -26.39
N ALA D 815 -0.98 -25.61 -27.01
CA ALA D 815 -1.80 -24.52 -26.49
C ALA D 815 -3.28 -24.89 -26.53
N SER D 816 -3.73 -25.48 -27.63
CA SER D 816 -5.13 -25.89 -27.71
C SER D 816 -5.48 -26.92 -26.65
N ALA D 817 -4.56 -27.86 -26.41
CA ALA D 817 -4.78 -28.88 -25.39
C ALA D 817 -4.93 -28.27 -24.01
N PHE D 818 -4.04 -27.32 -23.69
CA PHE D 818 -4.15 -26.63 -22.41
C PHE D 818 -5.50 -25.96 -22.26
N GLY D 819 -5.96 -25.29 -23.31
CA GLY D 819 -7.26 -24.64 -23.24
C GLY D 819 -8.40 -25.61 -23.00
N LEU D 820 -8.42 -26.71 -23.74
CA LEU D 820 -9.49 -27.68 -23.58
C LEU D 820 -9.48 -28.30 -22.19
N SER D 821 -8.30 -28.64 -21.68
CA SER D 821 -8.22 -29.26 -20.36
C SER D 821 -8.65 -28.29 -19.28
N VAL D 822 -8.21 -27.04 -19.37
CA VAL D 822 -8.61 -26.03 -18.39
C VAL D 822 -10.12 -25.89 -18.37
N LEU D 823 -10.73 -25.79 -19.56
CA LEU D 823 -12.18 -25.73 -19.63
C LEU D 823 -12.81 -26.93 -18.94
N LEU D 824 -12.52 -28.13 -19.44
CA LEU D 824 -13.17 -29.34 -18.95
C LEU D 824 -13.08 -29.46 -17.44
N TRP D 825 -11.90 -29.25 -16.87
CA TRP D 825 -11.78 -29.43 -15.43
C TRP D 825 -12.34 -28.24 -14.67
N GLN D 826 -11.73 -27.06 -14.84
CA GLN D 826 -12.05 -25.93 -13.99
C GLN D 826 -13.50 -25.48 -14.13
N HIS D 827 -13.99 -25.34 -15.36
CA HIS D 827 -15.32 -24.74 -15.55
C HIS D 827 -16.42 -25.78 -15.37
N ILE D 828 -16.24 -26.96 -15.96
CA ILE D 828 -17.28 -27.98 -15.88
C ILE D 828 -17.24 -28.69 -14.54
N VAL D 829 -16.12 -29.38 -14.24
CA VAL D 829 -16.08 -30.22 -13.05
C VAL D 829 -16.04 -29.36 -11.80
N GLY D 830 -15.29 -28.27 -11.83
CA GLY D 830 -15.19 -27.35 -10.71
C GLY D 830 -13.91 -27.47 -9.93
N ILE D 831 -13.13 -28.52 -10.14
CA ILE D 831 -11.86 -28.72 -9.45
C ILE D 831 -10.76 -28.15 -10.34
N PRO D 832 -10.09 -27.07 -9.94
CA PRO D 832 -9.03 -26.50 -10.77
C PRO D 832 -7.85 -27.45 -10.88
N LEU D 833 -7.05 -27.23 -11.92
CA LEU D 833 -5.89 -28.09 -12.18
C LEU D 833 -4.90 -28.00 -11.04
N HIS D 834 -4.28 -29.14 -10.72
CA HIS D 834 -3.24 -29.18 -9.71
C HIS D 834 -2.02 -28.40 -10.21
N TRP D 835 -1.21 -27.93 -9.26
CA TRP D 835 -0.10 -27.06 -9.63
C TRP D 835 1.00 -27.78 -10.38
N MET D 836 0.99 -29.10 -10.41
CA MET D 836 2.05 -29.86 -11.08
C MET D 836 1.59 -30.60 -12.33
N VAL D 837 0.38 -30.34 -12.81
CA VAL D 837 -0.13 -31.02 -13.99
C VAL D 837 0.59 -30.54 -15.24
N LEU D 838 0.86 -29.25 -15.33
CA LEU D 838 1.27 -28.65 -16.60
C LEU D 838 2.59 -29.20 -17.13
N PRO D 839 3.70 -29.21 -16.38
CA PRO D 839 4.94 -29.73 -16.97
C PRO D 839 4.86 -31.20 -17.34
N MET D 840 4.21 -32.01 -16.50
CA MET D 840 4.09 -33.43 -16.79
C MET D 840 3.30 -33.64 -18.07
N SER D 841 2.25 -32.86 -18.30
CA SER D 841 1.49 -32.99 -19.53
C SER D 841 2.31 -32.52 -20.74
N VAL D 842 3.03 -31.40 -20.60
CA VAL D 842 3.75 -30.82 -21.72
C VAL D 842 4.83 -31.78 -22.22
N ILE D 843 5.57 -32.38 -21.28
CA ILE D 843 6.72 -33.19 -21.65
C ILE D 843 6.33 -34.38 -22.50
N VAL D 844 5.08 -34.85 -22.36
CA VAL D 844 4.62 -36.00 -23.13
C VAL D 844 3.91 -35.57 -24.40
N LEU D 845 3.13 -34.48 -24.33
CA LEU D 845 2.43 -34.02 -25.52
C LEU D 845 3.42 -33.64 -26.61
N LEU D 846 4.48 -32.92 -26.26
CA LEU D 846 5.47 -32.54 -27.26
C LEU D 846 6.03 -33.76 -27.98
N ALA D 847 6.49 -34.74 -27.21
CA ALA D 847 7.16 -35.90 -27.80
C ALA D 847 6.22 -36.71 -28.68
N VAL D 848 5.00 -36.97 -28.21
CA VAL D 848 4.11 -37.83 -28.98
C VAL D 848 3.62 -37.13 -30.25
N GLY D 849 3.27 -35.85 -30.15
CA GLY D 849 2.88 -35.12 -31.34
C GLY D 849 4.00 -35.08 -32.37
N ALA D 850 5.22 -34.84 -31.90
CA ALA D 850 6.37 -34.85 -32.81
C ALA D 850 6.55 -36.20 -33.46
N ASP D 851 6.33 -37.29 -32.72
CA ASP D 851 6.47 -38.62 -33.30
C ASP D 851 5.47 -38.86 -34.42
N TYR D 852 4.20 -38.48 -34.21
CA TYR D 852 3.21 -38.70 -35.25
C TYR D 852 3.52 -37.86 -36.49
N ASN D 853 3.87 -36.59 -36.30
CA ASN D 853 4.23 -35.76 -37.44
C ASN D 853 5.46 -36.32 -38.16
N LEU D 854 6.41 -36.85 -37.40
CA LEU D 854 7.60 -37.45 -37.99
C LEU D 854 7.24 -38.65 -38.84
N LEU D 855 6.32 -39.48 -38.38
CA LEU D 855 5.89 -40.63 -39.17
C LEU D 855 5.31 -40.17 -40.50
N LEU D 856 4.41 -39.18 -40.45
CA LEU D 856 3.80 -38.68 -41.68
C LEU D 856 4.85 -38.11 -42.64
N VAL D 857 5.77 -37.30 -42.11
CA VAL D 857 6.76 -36.65 -42.96
C VAL D 857 7.72 -37.67 -43.54
N SER D 858 8.07 -38.69 -42.75
CA SER D 858 8.97 -39.73 -43.24
C SER D 858 8.34 -40.51 -44.38
N ARG D 859 7.03 -40.79 -44.29
CA ARG D 859 6.35 -41.42 -45.42
C ARG D 859 6.32 -40.49 -46.62
N MET D 860 6.07 -39.20 -46.39
CA MET D 860 6.04 -38.22 -47.47
C MET D 860 7.35 -38.21 -48.24
N LYS D 861 8.48 -38.25 -47.52
CA LYS D 861 9.77 -38.21 -48.19
C LYS D 861 9.99 -39.42 -49.10
N GLU D 862 9.45 -40.58 -48.73
CA GLU D 862 9.54 -41.74 -49.59
C GLU D 862 8.61 -41.67 -50.79
N GLU D 863 7.45 -41.02 -50.65
CA GLU D 863 6.50 -40.94 -51.75
C GLU D 863 6.69 -39.72 -52.65
N ILE D 864 7.71 -38.90 -52.39
CA ILE D 864 7.77 -37.57 -52.99
C ILE D 864 8.35 -37.56 -54.40
N HIS D 865 8.94 -38.67 -54.86
CA HIS D 865 9.57 -38.67 -56.17
C HIS D 865 8.56 -38.52 -57.29
N ALA D 866 7.27 -38.67 -56.99
CA ALA D 866 6.21 -38.59 -57.98
C ALA D 866 5.55 -37.22 -58.03
N GLY D 867 6.11 -36.24 -57.36
CA GLY D 867 5.50 -34.93 -57.28
C GLY D 867 5.10 -34.67 -55.83
N ILE D 868 5.26 -33.42 -55.40
CA ILE D 868 4.99 -33.08 -54.01
C ILE D 868 3.54 -33.35 -53.65
N ARG D 869 2.62 -32.92 -54.52
CA ARG D 869 1.20 -33.07 -54.21
C ARG D 869 0.77 -34.54 -54.26
N THR D 870 1.17 -35.25 -55.31
CA THR D 870 0.85 -36.67 -55.38
C THR D 870 1.53 -37.44 -54.25
N GLY D 871 2.76 -37.06 -53.91
CA GLY D 871 3.44 -37.69 -52.79
C GLY D 871 2.70 -37.51 -51.49
N ILE D 872 2.22 -36.29 -51.24
CA ILE D 872 1.48 -36.02 -50.01
C ILE D 872 0.20 -36.83 -49.98
N ILE D 873 -0.52 -36.88 -51.10
CA ILE D 873 -1.77 -37.64 -51.13
C ILE D 873 -1.51 -39.11 -50.86
N ARG D 874 -0.49 -39.68 -51.51
CA ARG D 874 -0.18 -41.08 -51.31
C ARG D 874 0.26 -41.35 -49.87
N ALA D 875 1.05 -40.45 -49.29
CA ALA D 875 1.50 -40.64 -47.92
C ALA D 875 0.33 -40.60 -46.95
N MET D 876 -0.59 -39.66 -47.15
CA MET D 876 -1.77 -39.61 -46.29
C MET D 876 -2.60 -40.87 -46.42
N VAL D 877 -2.85 -41.33 -47.64
CA VAL D 877 -3.62 -42.55 -47.83
C VAL D 877 -2.92 -43.73 -47.17
N GLY D 878 -1.60 -43.78 -47.25
CA GLY D 878 -0.84 -44.85 -46.63
C GLY D 878 -0.85 -44.87 -45.12
N THR D 879 -0.73 -43.70 -44.49
CA THR D 879 -0.53 -43.69 -43.05
C THR D 879 -1.80 -43.40 -42.25
N GLY D 880 -2.74 -42.64 -42.80
CA GLY D 880 -3.89 -42.16 -42.06
C GLY D 880 -4.57 -43.10 -41.09
N ALA D 881 -5.01 -44.26 -41.57
CA ALA D 881 -5.72 -45.19 -40.70
C ALA D 881 -4.83 -45.68 -39.57
N VAL D 882 -3.58 -46.03 -39.88
CA VAL D 882 -2.66 -46.54 -38.87
C VAL D 882 -2.40 -45.49 -37.81
N VAL D 883 -2.10 -44.26 -38.24
CA VAL D 883 -1.77 -43.21 -37.27
C VAL D 883 -3.00 -42.84 -36.46
N THR D 884 -4.17 -42.83 -37.07
CA THR D 884 -5.39 -42.53 -36.32
C THR D 884 -5.65 -43.59 -35.26
N ALA D 885 -5.48 -44.87 -35.60
CA ALA D 885 -5.68 -45.92 -34.63
C ALA D 885 -4.68 -45.81 -33.48
N ALA D 886 -3.41 -45.55 -33.80
CA ALA D 886 -2.40 -45.44 -32.75
C ALA D 886 -2.68 -44.24 -31.85
N GLY D 887 -3.06 -43.11 -32.44
CA GLY D 887 -3.34 -41.92 -31.65
C GLY D 887 -4.53 -42.10 -30.75
N LEU D 888 -5.59 -42.72 -31.27
CA LEU D 888 -6.77 -42.99 -30.44
C LEU D 888 -6.42 -43.92 -29.30
N VAL D 889 -5.63 -44.97 -29.57
CA VAL D 889 -5.25 -45.90 -28.51
C VAL D 889 -4.46 -45.17 -27.42
N PHE D 890 -3.49 -44.35 -27.82
CA PHE D 890 -2.70 -43.62 -26.84
C PHE D 890 -3.56 -42.68 -26.02
N ALA D 891 -4.44 -41.94 -26.70
CA ALA D 891 -5.28 -40.96 -26.00
C ALA D 891 -6.21 -41.65 -25.01
N PHE D 892 -6.82 -42.76 -25.40
CA PHE D 892 -7.76 -43.44 -24.50
C PHE D 892 -7.02 -44.20 -23.41
N THR D 893 -5.76 -44.56 -23.63
CA THR D 893 -4.96 -45.11 -22.54
C THR D 893 -4.65 -44.04 -21.50
N MET D 894 -4.25 -42.85 -21.97
CA MET D 894 -3.96 -41.77 -21.04
C MET D 894 -5.20 -41.35 -20.27
N ALA D 895 -6.35 -41.27 -20.95
CA ALA D 895 -7.56 -40.78 -20.30
C ALA D 895 -8.11 -41.78 -19.28
N SER D 896 -7.73 -43.04 -19.39
CA SER D 896 -8.21 -44.05 -18.45
C SER D 896 -7.60 -43.90 -17.06
N MET D 897 -6.61 -43.03 -16.89
CA MET D 897 -6.09 -42.74 -15.57
C MET D 897 -7.06 -41.95 -14.71
N ALA D 898 -8.15 -41.46 -15.29
CA ALA D 898 -9.13 -40.66 -14.55
C ALA D 898 -9.91 -41.48 -13.52
N VAL D 899 -9.86 -42.81 -13.58
CA VAL D 899 -10.54 -43.63 -12.59
C VAL D 899 -9.76 -43.74 -11.29
N SER D 900 -8.60 -43.09 -11.19
CA SER D 900 -7.81 -43.14 -9.97
C SER D 900 -8.48 -42.36 -8.86
N SER D 901 -8.22 -42.78 -7.62
CA SER D 901 -8.72 -42.03 -6.46
C SER D 901 -8.04 -40.68 -6.35
N LEU D 902 -6.78 -40.61 -6.76
CA LEU D 902 -6.05 -39.35 -6.73
C LEU D 902 -6.39 -38.53 -7.97
N ILE D 903 -7.00 -37.37 -7.77
CA ILE D 903 -7.54 -36.62 -8.90
C ILE D 903 -6.42 -35.94 -9.69
N THR D 904 -5.25 -35.74 -9.09
CA THR D 904 -4.15 -35.14 -9.82
C THR D 904 -3.73 -36.01 -11.01
N ILE D 905 -3.62 -37.32 -10.76
CA ILE D 905 -3.24 -38.24 -11.83
C ILE D 905 -4.31 -38.26 -12.91
N GLY D 906 -5.59 -38.23 -12.51
CA GLY D 906 -6.65 -38.16 -13.50
C GLY D 906 -6.57 -36.91 -14.35
N GLN D 907 -6.25 -35.77 -13.72
CA GLN D 907 -6.12 -34.53 -14.47
C GLN D 907 -4.99 -34.60 -15.48
N VAL D 908 -3.84 -35.15 -15.06
CA VAL D 908 -2.72 -35.30 -15.98
C VAL D 908 -3.11 -36.18 -17.15
N GLY D 909 -3.74 -37.32 -16.85
CA GLY D 909 -4.13 -38.24 -17.91
C GLY D 909 -5.09 -37.63 -18.90
N THR D 910 -6.12 -36.94 -18.39
CA THR D 910 -7.12 -36.36 -19.27
C THR D 910 -6.52 -35.23 -20.11
N THR D 911 -5.61 -34.44 -19.53
CA THR D 911 -4.96 -33.39 -20.30
C THR D 911 -4.16 -33.97 -21.45
N ILE D 912 -3.36 -35.01 -21.17
CA ILE D 912 -2.57 -35.62 -22.24
C ILE D 912 -3.48 -36.26 -23.28
N GLY D 913 -4.59 -36.87 -22.83
CA GLY D 913 -5.51 -37.49 -23.76
C GLY D 913 -6.16 -36.49 -24.69
N LEU D 914 -6.62 -35.36 -24.15
CA LEU D 914 -7.21 -34.32 -24.98
C LEU D 914 -6.17 -33.75 -25.95
N GLY D 915 -4.95 -33.57 -25.47
CA GLY D 915 -3.90 -33.08 -26.35
C GLY D 915 -3.65 -34.00 -27.53
N LEU D 916 -3.54 -35.30 -27.26
CA LEU D 916 -3.29 -36.24 -28.35
C LEU D 916 -4.50 -36.35 -29.28
N LEU D 917 -5.71 -36.28 -28.73
CA LEU D 917 -6.89 -36.28 -29.57
C LEU D 917 -6.86 -35.12 -30.55
N PHE D 918 -6.66 -33.90 -30.04
CA PHE D 918 -6.64 -32.73 -30.91
C PHE D 918 -5.50 -32.82 -31.92
N ASP D 919 -4.31 -33.23 -31.46
CA ASP D 919 -3.18 -33.35 -32.37
C ASP D 919 -3.50 -34.30 -33.51
N THR D 920 -3.95 -35.52 -33.18
CA THR D 920 -4.23 -36.53 -34.20
C THR D 920 -5.30 -36.07 -35.17
N LEU D 921 -6.37 -35.46 -34.66
CA LEU D 921 -7.48 -35.12 -35.54
C LEU D 921 -7.28 -33.82 -36.32
N VAL D 922 -6.35 -32.96 -35.92
CA VAL D 922 -6.22 -31.69 -36.61
C VAL D 922 -4.81 -31.45 -37.14
N VAL D 923 -3.80 -31.51 -36.26
CA VAL D 923 -2.47 -31.06 -36.65
C VAL D 923 -1.89 -31.96 -37.71
N ARG D 924 -1.99 -33.28 -37.51
CA ARG D 924 -1.43 -34.20 -38.50
C ARG D 924 -2.29 -34.25 -39.75
N SER D 925 -3.61 -34.22 -39.60
CA SER D 925 -4.48 -34.43 -40.76
C SER D 925 -4.54 -33.21 -41.66
N LEU D 926 -4.60 -32.01 -41.09
CA LEU D 926 -4.87 -30.80 -41.86
C LEU D 926 -3.70 -29.83 -41.87
N MET D 927 -3.13 -29.52 -40.71
CA MET D 927 -2.16 -28.42 -40.63
C MET D 927 -0.85 -28.80 -41.32
N THR D 928 -0.30 -29.97 -40.99
CA THR D 928 1.00 -30.35 -41.53
C THR D 928 0.99 -30.51 -43.06
N PRO D 929 0.06 -31.26 -43.66
CA PRO D 929 0.08 -31.34 -45.13
C PRO D 929 -0.20 -30.02 -45.81
N SER D 930 -1.02 -29.16 -45.20
CA SER D 930 -1.27 -27.84 -45.77
C SER D 930 0.01 -27.02 -45.81
N ILE D 931 0.75 -27.01 -44.70
CA ILE D 931 2.01 -26.27 -44.67
C ILE D 931 3.00 -26.86 -45.66
N ALA D 932 3.05 -28.19 -45.75
CA ALA D 932 3.97 -28.84 -46.67
C ALA D 932 3.65 -28.46 -48.12
N THR D 933 2.36 -28.40 -48.46
CA THR D 933 1.97 -28.01 -49.80
C THR D 933 2.31 -26.55 -50.07
N LEU D 934 2.04 -25.68 -49.09
CA LEU D 934 2.28 -24.25 -49.28
C LEU D 934 3.77 -23.96 -49.48
N LEU D 935 4.61 -24.52 -48.61
CA LEU D 935 6.04 -24.24 -48.73
C LEU D 935 6.64 -24.85 -49.98
N GLY D 936 6.13 -26.01 -50.40
CA GLY D 936 6.62 -26.61 -51.63
C GLY D 936 8.04 -27.11 -51.47
N ARG D 937 8.92 -26.66 -52.36
CA ARG D 937 10.30 -27.14 -52.35
C ARG D 937 11.06 -26.64 -51.12
N TRP D 938 10.59 -25.57 -50.49
CA TRP D 938 11.27 -25.05 -49.31
C TRP D 938 11.01 -25.89 -48.07
N PHE D 939 10.06 -26.83 -48.13
CA PHE D 939 9.78 -27.68 -46.98
C PHE D 939 10.94 -28.63 -46.71
N TRP D 940 11.75 -28.93 -47.72
CA TRP D 940 12.85 -29.88 -47.58
C TRP D 940 14.21 -29.20 -47.64
N TRP D 941 14.27 -27.90 -47.42
CA TRP D 941 15.55 -27.20 -47.41
C TRP D 941 16.42 -27.77 -46.30
N PRO D 942 17.75 -27.88 -46.49
CA PRO D 942 18.56 -27.46 -47.63
C PRO D 942 18.66 -28.49 -48.75
N GLN D 943 17.92 -29.59 -48.69
CA GLN D 943 17.95 -30.55 -49.79
C GLN D 943 17.27 -29.97 -51.02
N ARG D 944 17.62 -30.52 -52.18
CA ARG D 944 17.06 -30.09 -53.45
C ARG D 944 16.00 -31.10 -53.89
N VAL D 945 14.77 -30.63 -54.04
CA VAL D 945 13.63 -31.47 -54.37
C VAL D 945 12.83 -30.82 -55.49
N ARG D 946 12.50 -31.61 -56.50
CA ARG D 946 11.64 -31.14 -57.58
C ARG D 946 10.20 -30.99 -57.09
N GLU D 947 9.58 -29.87 -57.44
CA GLU D 947 8.17 -29.68 -57.10
C GLU D 947 7.30 -30.64 -57.91
N ARG D 948 7.57 -30.75 -59.20
CA ARG D 948 6.90 -31.71 -60.07
C ARG D 948 7.93 -32.40 -60.95
N PRO D 949 7.70 -33.65 -61.31
CA PRO D 949 8.67 -34.37 -62.13
C PRO D 949 8.66 -33.86 -63.56
N VAL D 950 9.64 -34.34 -64.34
CA VAL D 950 9.71 -34.02 -65.76
C VAL D 950 8.46 -34.59 -66.43
N PRO D 951 7.75 -33.80 -67.22
CA PRO D 951 6.52 -34.32 -67.85
C PRO D 951 6.83 -35.51 -68.74
N SER D 952 5.91 -36.46 -68.76
CA SER D 952 6.09 -37.71 -69.47
C SER D 952 5.12 -37.81 -70.64
N LYS D 953 5.50 -38.56 -71.66
CA LYS D 953 4.64 -38.81 -72.80
C LYS D 953 3.52 -39.78 -72.42
N TRP D 954 2.39 -39.63 -73.08
CA TRP D 954 1.24 -40.48 -72.76
C TRP D 954 1.53 -41.93 -73.13
N PRO D 955 1.08 -42.89 -72.34
CA PRO D 955 1.44 -44.29 -72.57
C PRO D 955 0.81 -44.82 -73.86
N THR D 956 1.50 -45.79 -74.46
CA THR D 956 0.98 -46.45 -75.66
C THR D 956 0.34 -47.78 -75.27
N PRO D 957 -0.96 -47.98 -75.52
CA PRO D 957 -1.65 -49.22 -75.16
C PRO D 957 -1.27 -50.39 -76.07
N ALA E 20 32.19 18.43 -78.41
CA ALA E 20 32.77 18.33 -77.06
C ALA E 20 31.67 18.14 -76.03
N PRO E 21 31.91 17.28 -75.04
CA PRO E 21 30.92 17.07 -73.99
C PRO E 21 30.71 18.32 -73.17
N PRO E 22 29.46 18.69 -72.92
CA PRO E 22 29.19 19.88 -72.10
C PRO E 22 29.45 19.63 -70.61
N ARG E 23 30.70 19.82 -70.19
CA ARG E 23 31.04 19.62 -68.79
C ARG E 23 30.24 20.57 -67.91
N PRO E 24 29.71 20.11 -66.78
CA PRO E 24 28.95 21.01 -65.90
C PRO E 24 29.86 22.05 -65.27
N ARG E 25 29.23 23.16 -64.85
CA ARG E 25 29.99 24.31 -64.38
C ARG E 25 30.71 24.00 -63.06
N LEU E 26 30.03 23.34 -62.14
CA LEU E 26 30.57 23.18 -60.79
C LEU E 26 31.82 22.30 -60.74
N PRO E 27 31.80 21.06 -61.24
CA PRO E 27 33.05 20.28 -61.23
C PRO E 27 34.14 20.93 -62.06
N TRP E 28 33.79 21.59 -63.16
CA TRP E 28 34.81 22.28 -63.95
C TRP E 28 35.48 23.38 -63.14
N PHE E 29 34.68 24.15 -62.39
CA PHE E 29 35.23 25.20 -61.56
C PHE E 29 36.12 24.62 -60.47
N LEU E 30 35.70 23.52 -59.87
CA LEU E 30 36.52 22.89 -58.83
C LEU E 30 37.83 22.38 -59.41
N ARG E 31 37.81 21.86 -60.64
CA ARG E 31 39.02 21.30 -61.23
C ARG E 31 39.96 22.40 -61.69
N THR E 32 39.42 23.50 -62.22
CA THR E 32 40.28 24.53 -62.81
C THR E 32 41.01 25.34 -61.75
N PHE E 33 40.34 25.65 -60.65
CA PHE E 33 40.90 26.49 -59.60
C PHE E 33 41.16 25.68 -58.33
N ALA E 34 41.69 24.47 -58.49
CA ALA E 34 41.84 23.56 -57.36
C ALA E 34 42.85 24.10 -56.34
N VAL E 35 44.01 24.55 -56.82
CA VAL E 35 45.08 25.02 -55.93
C VAL E 35 44.62 26.22 -55.11
N PRO E 36 44.00 27.25 -55.68
CA PRO E 36 43.49 28.35 -54.84
C PRO E 36 42.49 27.88 -53.79
N ILE E 37 41.62 26.93 -54.13
CA ILE E 37 40.63 26.44 -53.18
C ILE E 37 41.32 25.73 -52.02
N ILE E 38 42.29 24.87 -52.33
CA ILE E 38 43.01 24.14 -51.28
C ILE E 38 43.75 25.12 -50.38
N LEU E 39 44.42 26.11 -50.99
CA LEU E 39 45.15 27.08 -50.19
C LEU E 39 44.22 27.88 -49.29
N ALA E 40 43.06 28.29 -49.82
CA ALA E 40 42.10 29.03 -49.01
C ALA E 40 41.62 28.19 -47.84
N TRP E 41 41.31 26.91 -48.08
CA TRP E 41 40.85 26.05 -47.00
C TRP E 41 41.91 25.91 -45.92
N VAL E 42 43.16 25.67 -46.32
CA VAL E 42 44.23 25.49 -45.34
C VAL E 42 44.43 26.78 -44.55
N ALA E 43 44.41 27.93 -45.23
CA ALA E 43 44.59 29.20 -44.54
C ALA E 43 43.48 29.45 -43.53
N VAL E 44 42.24 29.22 -43.93
CA VAL E 44 41.11 29.45 -43.02
C VAL E 44 41.20 28.54 -41.81
N VAL E 45 41.51 27.26 -42.04
CA VAL E 45 41.58 26.31 -40.93
C VAL E 45 42.69 26.71 -39.97
N ALA E 46 43.86 27.08 -40.50
CA ALA E 46 44.97 27.49 -39.64
C ALA E 46 44.61 28.73 -38.83
N ILE E 47 43.96 29.71 -39.46
CA ILE E 47 43.57 30.92 -38.75
C ILE E 47 42.61 30.57 -37.61
N LEU E 48 41.63 29.72 -37.89
CA LEU E 48 40.67 29.35 -36.86
C LEU E 48 41.33 28.62 -35.70
N ASN E 49 42.27 27.72 -35.99
CA ASN E 49 42.94 26.96 -34.94
C ASN E 49 44.01 27.78 -34.23
N THR E 50 44.37 28.92 -34.76
CA THR E 50 45.39 29.74 -34.10
C THR E 50 44.81 30.88 -33.29
N VAL E 51 43.72 31.50 -33.74
CA VAL E 51 43.22 32.71 -33.08
C VAL E 51 42.78 32.41 -31.65
N VAL E 52 42.06 31.32 -31.44
CA VAL E 52 41.45 31.02 -30.14
C VAL E 52 42.16 29.84 -29.49
N PRO E 53 41.95 29.58 -28.18
CA PRO E 53 42.60 28.44 -27.55
C PRO E 53 42.11 27.09 -28.06
N THR E 54 42.64 26.02 -27.49
CA THR E 54 42.24 24.68 -27.91
C THR E 54 40.83 24.37 -27.42
N LEU E 55 40.27 23.28 -27.97
CA LEU E 55 38.89 22.92 -27.64
C LEU E 55 38.76 22.50 -26.18
N ASP E 56 39.82 21.92 -25.61
CA ASP E 56 39.75 21.46 -24.22
C ASP E 56 39.56 22.64 -23.28
N GLU E 57 40.35 23.70 -23.45
CA GLU E 57 40.23 24.86 -22.57
C GLU E 57 38.87 25.54 -22.72
N VAL E 58 38.40 25.67 -23.96
CA VAL E 58 37.11 26.30 -24.20
C VAL E 58 35.99 25.48 -23.56
N GLY E 59 36.05 24.15 -23.70
CA GLY E 59 35.06 23.31 -23.07
C GLY E 59 35.14 23.38 -21.55
N GLU E 60 36.34 23.53 -21.00
CA GLU E 60 36.48 23.66 -19.56
C GLU E 60 35.87 24.96 -19.05
N MET E 61 36.07 26.06 -19.78
CA MET E 61 35.61 27.35 -19.29
C MET E 61 34.20 27.70 -19.74
N ARG E 62 33.50 26.80 -20.44
CA ARG E 62 32.15 27.06 -20.91
C ARG E 62 31.19 25.93 -20.54
N ALA E 63 31.47 25.23 -19.45
CA ALA E 63 30.62 24.10 -19.05
C ALA E 63 29.24 24.59 -18.65
N VAL E 64 28.26 23.69 -18.77
CA VAL E 64 26.86 24.01 -18.54
C VAL E 64 26.35 23.18 -17.38
N SER E 65 25.45 23.76 -16.60
CA SER E 65 24.84 23.07 -15.47
C SER E 65 24.05 21.85 -15.96
N MET E 66 24.10 20.78 -15.16
CA MET E 66 23.42 19.55 -15.56
C MET E 66 21.92 19.67 -15.44
N ALA E 67 21.44 20.30 -14.36
CA ALA E 67 19.99 20.29 -14.22
C ALA E 67 19.39 21.62 -14.63
N PRO E 68 18.27 21.61 -15.34
CA PRO E 68 17.62 22.85 -15.73
C PRO E 68 16.99 23.56 -14.55
N ASN E 69 16.74 24.85 -14.72
CA ASN E 69 16.14 25.64 -13.65
C ASN E 69 14.68 25.27 -13.43
N ASP E 70 14.07 24.58 -14.40
CA ASP E 70 12.69 24.14 -14.23
C ASP E 70 12.60 22.96 -13.27
N ALA E 71 13.71 22.29 -13.01
CA ALA E 71 13.71 21.08 -12.20
C ALA E 71 13.17 21.36 -10.81
N PRO E 72 12.15 20.64 -10.36
CA PRO E 72 11.62 20.87 -9.01
C PRO E 72 12.64 20.68 -7.90
N SER E 73 13.58 19.75 -8.05
CA SER E 73 14.57 19.53 -6.99
C SER E 73 15.50 20.72 -6.82
N THR E 74 15.97 21.29 -7.94
CA THR E 74 16.82 22.47 -7.87
C THR E 74 16.07 23.64 -7.25
N LEU E 75 14.81 23.82 -7.65
CA LEU E 75 13.99 24.88 -7.05
C LEU E 75 13.81 24.66 -5.56
N ALA E 76 13.63 23.41 -5.14
CA ALA E 76 13.46 23.11 -3.73
C ALA E 76 14.71 23.47 -2.94
N ILE E 77 15.88 23.09 -3.47
CA ILE E 77 17.12 23.41 -2.75
C ILE E 77 17.35 24.91 -2.66
N LYS E 78 17.13 25.62 -3.78
CA LYS E 78 17.31 27.07 -3.74
C LYS E 78 16.29 27.74 -2.82
N ARG E 79 15.06 27.21 -2.78
CA ARG E 79 14.05 27.74 -1.89
C ARG E 79 14.46 27.55 -0.43
N VAL E 80 14.99 26.38 -0.10
CA VAL E 80 15.50 26.15 1.25
C VAL E 80 16.62 27.14 1.56
N GLY E 81 17.49 27.39 0.59
CA GLY E 81 18.59 28.30 0.83
C GLY E 81 18.13 29.72 1.10
N GLN E 82 17.17 30.21 0.33
CA GLN E 82 16.75 31.59 0.48
C GLN E 82 15.84 31.78 1.68
N VAL E 83 14.98 30.81 1.98
CA VAL E 83 14.08 30.93 3.12
C VAL E 83 14.87 30.96 4.42
N PHE E 84 15.85 30.06 4.55
CA PHE E 84 16.68 30.01 5.73
C PHE E 84 17.78 31.06 5.74
N GLU E 85 17.92 31.82 4.65
CA GLU E 85 18.89 32.91 4.55
C GLU E 85 20.31 32.42 4.83
N GLU E 86 20.67 31.33 4.16
CA GLU E 86 21.98 30.72 4.36
C GLU E 86 22.82 30.69 3.09
N TYR E 87 22.21 30.28 1.98
CA TYR E 87 22.92 30.13 0.71
C TYR E 87 21.95 30.40 -0.44
N ASP E 88 22.46 30.35 -1.67
CA ASP E 88 21.61 30.50 -2.83
C ASP E 88 21.99 29.54 -3.96
N THR E 89 22.83 28.56 -3.71
CA THR E 89 23.22 27.57 -4.70
C THR E 89 22.31 26.36 -4.59
N SER E 90 22.67 25.29 -5.32
CA SER E 90 21.93 24.05 -5.27
C SER E 90 22.84 22.82 -5.24
N SER E 91 24.15 23.01 -5.12
CA SER E 91 25.11 21.93 -5.13
C SER E 91 25.94 21.95 -3.86
N SER E 92 26.19 20.77 -3.31
CA SER E 92 26.95 20.65 -2.07
C SER E 92 27.87 19.45 -2.15
N VAL E 93 28.95 19.50 -1.37
CA VAL E 93 29.90 18.41 -1.26
C VAL E 93 30.05 18.05 0.21
N MET E 94 30.69 16.92 0.46
CA MET E 94 30.89 16.42 1.82
C MET E 94 32.38 16.19 2.06
N ILE E 95 32.87 16.70 3.17
CA ILE E 95 34.26 16.49 3.58
C ILE E 95 34.28 15.38 4.62
N VAL E 96 35.07 14.35 4.36
CA VAL E 96 35.15 13.18 5.23
C VAL E 96 36.49 13.20 5.94
N LEU E 97 36.46 13.08 7.26
CA LEU E 97 37.67 12.98 8.08
C LEU E 97 37.76 11.55 8.60
N GLU E 98 38.81 10.84 8.21
CA GLU E 98 39.01 9.47 8.65
C GLU E 98 40.33 9.35 9.42
N GLY E 99 40.33 8.54 10.47
CA GLY E 99 41.52 8.34 11.26
C GLY E 99 41.71 6.87 11.59
N GLU E 100 42.96 6.53 11.91
CA GLU E 100 43.28 5.16 12.32
C GLU E 100 42.75 4.87 13.72
N GLU E 101 42.76 5.88 14.59
CA GLU E 101 42.27 5.80 15.95
C GLU E 101 41.02 6.65 16.11
N PRO E 102 40.17 6.37 17.09
CA PRO E 102 38.96 7.17 17.28
C PRO E 102 39.28 8.64 17.48
N LEU E 103 38.48 9.49 16.85
CA LEU E 103 38.77 10.92 16.83
C LEU E 103 38.52 11.54 18.20
N GLY E 104 39.50 12.31 18.68
CA GLY E 104 39.44 12.88 20.01
C GLY E 104 39.41 14.39 20.04
N ILE E 105 40.06 14.98 21.05
CA ILE E 105 40.00 16.42 21.24
C ILE E 105 40.78 17.14 20.15
N GLU E 106 41.97 16.66 19.82
CA GLU E 106 42.77 17.31 18.78
C GLU E 106 42.06 17.25 17.44
N ALA E 107 41.33 16.17 17.17
CA ALA E 107 40.55 16.09 15.95
C ALA E 107 39.49 17.17 15.92
N HIS E 108 38.83 17.42 17.05
CA HIS E 108 37.82 18.47 17.10
C HIS E 108 38.45 19.84 16.91
N ALA E 109 39.62 20.08 17.48
CA ALA E 109 40.28 21.36 17.28
C ALA E 109 40.63 21.58 15.82
N PHE E 110 41.19 20.55 15.17
CA PHE E 110 41.51 20.62 13.75
C PHE E 110 40.25 20.86 12.93
N TYR E 111 39.16 20.17 13.28
CA TYR E 111 37.89 20.32 12.58
C TYR E 111 37.36 21.73 12.71
N ASP E 112 37.43 22.31 13.91
CA ASP E 112 36.95 23.68 14.12
C ASP E 112 37.77 24.67 13.31
N LYS E 113 39.09 24.49 13.28
CA LYS E 113 39.91 25.40 12.49
C LYS E 113 39.60 25.29 11.01
N MET E 114 39.41 24.06 10.52
CA MET E 114 39.07 23.86 9.12
C MET E 114 37.73 24.47 8.78
N VAL E 115 36.75 24.33 9.67
CA VAL E 115 35.43 24.91 9.43
C VAL E 115 35.51 26.43 9.39
N ALA E 116 36.29 27.02 10.30
CA ALA E 116 36.45 28.47 10.31
C ALA E 116 37.06 28.96 9.00
N ASP E 117 38.11 28.28 8.54
CA ASP E 117 38.75 28.71 7.31
C ASP E 117 37.86 28.48 6.08
N LEU E 118 37.05 27.41 6.10
CA LEU E 118 36.10 27.21 5.01
C LEU E 118 35.08 28.33 4.98
N ARG E 119 34.55 28.72 6.14
CA ARG E 119 33.61 29.83 6.19
C ARG E 119 34.28 31.15 5.81
N ALA E 120 35.60 31.23 5.93
CA ALA E 120 36.31 32.44 5.52
C ALA E 120 36.24 32.66 4.01
N ASP E 121 36.24 31.59 3.22
CA ASP E 121 36.29 31.68 1.77
C ASP E 121 34.89 31.91 1.22
N THR E 122 34.50 33.19 1.19
CA THR E 122 33.14 33.52 0.77
C THR E 122 32.92 33.29 -0.72
N GLU E 123 33.98 33.36 -1.53
CA GLU E 123 33.82 33.28 -2.97
C GLU E 123 33.33 31.90 -3.40
N HIS E 124 33.87 30.83 -2.80
CA HIS E 124 33.55 29.47 -3.20
C HIS E 124 32.56 28.81 -2.25
N VAL E 125 32.81 28.91 -0.95
CA VAL E 125 31.95 28.27 0.05
C VAL E 125 30.89 29.25 0.51
N GLN E 126 29.64 28.79 0.54
CA GLN E 126 28.51 29.63 0.93
C GLN E 126 27.94 29.28 2.30
N HIS E 127 27.92 28.01 2.66
CA HIS E 127 27.34 27.60 3.93
C HIS E 127 27.93 26.27 4.35
N VAL E 128 28.25 26.14 5.64
CA VAL E 128 28.72 24.90 6.22
C VAL E 128 27.79 24.58 7.39
N GLN E 129 27.07 23.46 7.30
CA GLN E 129 26.22 23.05 8.41
C GLN E 129 27.04 22.13 9.31
N ASP E 130 27.43 22.65 10.47
CA ASP E 130 28.30 21.93 11.39
C ASP E 130 27.46 21.14 12.38
N PHE E 131 27.38 19.83 12.18
CA PHE E 131 26.67 18.95 13.10
C PHE E 131 27.60 18.26 14.09
N TRP E 132 28.84 17.99 13.72
CA TRP E 132 29.76 17.33 14.64
C TRP E 132 30.17 18.28 15.76
N GLY E 133 30.27 19.57 15.47
CA GLY E 133 30.66 20.52 16.51
C GLY E 133 29.61 20.65 17.60
N ASP E 134 28.33 20.71 17.20
CA ASP E 134 27.25 20.83 18.16
C ASP E 134 26.98 19.49 18.82
N THR E 135 26.87 19.49 20.16
CA THR E 135 26.68 18.25 20.89
C THR E 135 25.30 17.66 20.68
N LEU E 136 24.33 18.49 20.32
CA LEU E 136 22.97 18.01 20.13
C LEU E 136 22.90 17.05 18.93
N THR E 137 23.73 17.29 17.92
CA THR E 137 23.68 16.51 16.68
C THR E 137 24.98 15.79 16.39
N ALA E 138 25.91 15.71 17.34
CA ALA E 138 27.22 15.15 17.06
C ALA E 138 27.14 13.65 16.82
N SER E 139 26.11 13.00 17.35
CA SER E 139 26.00 11.56 17.21
C SER E 139 25.83 11.16 15.75
N GLY E 140 25.04 11.92 15.00
CA GLY E 140 24.82 11.58 13.60
C GLY E 140 26.05 11.74 12.75
N ALA E 141 26.82 12.80 12.98
CA ALA E 141 27.95 13.11 12.10
C ALA E 141 29.11 12.15 12.27
N GLN E 142 29.12 11.36 13.33
CA GLN E 142 30.25 10.47 13.58
C GLN E 142 29.84 9.01 13.43
N SER E 143 30.77 8.21 12.92
CA SER E 143 30.52 6.81 12.67
C SER E 143 30.42 6.02 13.97
N VAL E 144 29.91 4.79 13.86
CA VAL E 144 29.71 3.96 15.04
C VAL E 144 31.03 3.66 15.72
N ASP E 145 32.05 3.30 14.94
CA ASP E 145 33.35 2.99 15.53
C ASP E 145 34.03 4.24 16.06
N GLY E 146 33.58 5.42 15.65
CA GLY E 146 34.16 6.66 16.09
C GLY E 146 35.42 7.07 15.38
N LYS E 147 35.76 6.41 14.27
CA LYS E 147 36.99 6.70 13.54
C LYS E 147 36.74 7.51 12.27
N ALA E 148 35.54 8.05 12.09
CA ALA E 148 35.26 8.87 10.91
C ALA E 148 34.22 9.91 11.27
N ALA E 149 34.23 11.00 10.50
CA ALA E 149 33.24 12.06 10.63
C ALA E 149 33.12 12.78 9.30
N TYR E 150 31.97 13.44 9.10
CA TYR E 150 31.72 14.12 7.84
C TYR E 150 30.95 15.41 8.10
N VAL E 151 31.07 16.33 7.14
CA VAL E 151 30.39 17.62 7.19
C VAL E 151 29.96 17.99 5.79
N GLN E 152 28.82 18.67 5.67
CA GLN E 152 28.26 19.04 4.39
C GLN E 152 28.51 20.52 4.11
N VAL E 153 29.00 20.83 2.92
CA VAL E 153 29.42 22.18 2.54
C VAL E 153 28.71 22.57 1.26
N TYR E 154 28.11 23.75 1.25
CA TYR E 154 27.44 24.26 0.05
C TYR E 154 28.39 25.19 -0.71
N ILE E 155 28.63 24.90 -1.97
CA ILE E 155 29.61 25.62 -2.77
C ILE E 155 28.91 26.45 -3.83
N ALA E 156 29.58 27.50 -4.27
CA ALA E 156 29.01 28.39 -5.28
C ALA E 156 28.91 27.67 -6.62
N GLY E 157 27.84 27.96 -7.36
CA GLY E 157 27.60 27.37 -8.65
C GLY E 157 26.78 26.08 -8.55
N ASP E 158 26.16 25.72 -9.67
CA ASP E 158 25.35 24.52 -9.74
C ASP E 158 26.15 23.38 -10.34
N GLN E 159 25.73 22.16 -10.01
CA GLN E 159 26.49 20.96 -10.38
C GLN E 159 26.71 20.89 -11.88
N GLY E 160 27.96 20.66 -12.27
CA GLY E 160 28.30 20.54 -13.67
C GLY E 160 28.92 21.80 -14.24
N GLU E 161 28.54 22.95 -13.70
CA GLU E 161 29.05 24.22 -14.19
C GLU E 161 30.53 24.37 -13.87
N SER E 162 31.21 25.23 -14.63
CA SER E 162 32.64 25.45 -14.40
C SER E 162 32.90 26.05 -13.03
N LEU E 163 32.01 26.93 -12.58
CA LEU E 163 32.18 27.53 -11.26
C LEU E 163 32.11 26.47 -10.17
N ALA E 164 31.23 25.48 -10.33
CA ALA E 164 31.15 24.39 -9.36
C ALA E 164 32.44 23.59 -9.32
N ASN E 165 33.04 23.31 -10.48
CA ASN E 165 34.29 22.58 -10.52
C ASN E 165 35.40 23.37 -9.83
N GLU E 166 35.45 24.68 -10.09
CA GLU E 166 36.43 25.53 -9.42
C GLU E 166 36.22 25.52 -7.91
N SER E 167 34.96 25.56 -7.47
CA SER E 167 34.66 25.54 -6.05
C SER E 167 35.11 24.23 -5.41
N VAL E 168 34.87 23.12 -6.10
CA VAL E 168 35.30 21.82 -5.57
C VAL E 168 36.81 21.80 -5.42
N GLU E 169 37.53 22.32 -6.42
CA GLU E 169 38.98 22.37 -6.31
C GLU E 169 39.42 23.22 -5.13
N ALA E 170 38.78 24.38 -4.93
CA ALA E 170 39.15 25.25 -3.83
C ALA E 170 38.91 24.59 -2.49
N VAL E 171 37.77 23.91 -2.34
CA VAL E 171 37.47 23.20 -1.09
C VAL E 171 38.50 22.10 -0.83
N ARG E 172 38.85 21.36 -1.88
CA ARG E 172 39.87 20.32 -1.73
C ARG E 172 41.19 20.91 -1.28
N LYS E 173 41.59 22.03 -1.88
CA LYS E 173 42.85 22.67 -1.51
C LYS E 173 42.83 23.12 -0.06
N ILE E 174 41.73 23.74 0.37
CA ILE E 174 41.61 24.21 1.75
C ILE E 174 41.67 23.04 2.71
N ALA E 175 40.98 21.95 2.38
CA ALA E 175 40.97 20.80 3.28
C ALA E 175 42.33 20.14 3.39
N THR E 176 43.06 20.03 2.27
CA THR E 176 44.29 19.24 2.30
C THR E 176 45.50 20.06 2.71
N GLU E 177 45.46 21.39 2.53
CA GLU E 177 46.61 22.21 2.86
C GLU E 177 46.87 22.29 4.37
N ARG E 178 45.93 21.81 5.19
CA ARG E 178 46.05 21.98 6.64
C ARG E 178 47.17 21.10 7.19
N GLU E 179 47.69 21.50 8.35
CA GLU E 179 48.59 20.65 9.11
C GLU E 179 47.76 19.67 9.93
N THR E 180 47.52 18.51 9.38
CA THR E 180 46.61 17.56 10.01
C THR E 180 47.28 16.89 11.21
N PRO E 181 46.49 16.44 12.19
CA PRO E 181 47.05 15.59 13.24
C PRO E 181 47.50 14.26 12.65
N SER E 182 48.41 13.60 13.35
CA SER E 182 48.93 12.33 12.88
C SER E 182 47.81 11.30 12.75
N GLY E 183 47.76 10.64 11.59
CA GLY E 183 46.80 9.59 11.34
C GLY E 183 45.46 10.02 10.81
N VAL E 184 45.23 11.31 10.65
CA VAL E 184 43.93 11.83 10.22
C VAL E 184 44.08 12.41 8.83
N LYS E 185 43.27 11.92 7.89
CA LYS E 185 43.29 12.38 6.51
C LYS E 185 41.89 12.82 6.11
N ALA E 186 41.81 13.85 5.27
CA ALA E 186 40.55 14.44 4.85
C ALA E 186 40.34 14.22 3.36
N TYR E 187 39.11 13.86 2.99
CA TYR E 187 38.74 13.62 1.61
C TYR E 187 37.49 14.43 1.29
N VAL E 188 37.42 14.96 0.07
CA VAL E 188 36.24 15.67 -0.39
C VAL E 188 35.53 14.75 -1.39
N THR E 189 34.28 14.41 -1.09
CA THR E 189 33.47 13.58 -1.96
C THR E 189 32.09 14.19 -2.12
N GLY E 190 31.22 13.48 -2.83
CA GLY E 190 29.86 13.94 -3.04
C GLY E 190 29.45 13.88 -4.50
N ALA E 191 28.24 14.33 -4.81
CA ALA E 191 27.78 14.31 -6.19
C ALA E 191 28.49 15.36 -7.03
N ALA E 192 28.65 16.57 -6.50
CA ALA E 192 29.32 17.63 -7.26
C ALA E 192 30.78 17.27 -7.53
N ALA E 193 31.44 16.66 -6.55
CA ALA E 193 32.82 16.21 -6.76
C ALA E 193 32.88 15.17 -7.85
N THR E 194 31.92 14.25 -7.87
CA THR E 194 31.88 13.24 -8.91
C THR E 194 31.69 13.87 -10.28
N SER E 195 30.82 14.88 -10.37
CA SER E 195 30.62 15.57 -11.64
C SER E 195 31.89 16.26 -12.11
N ALA E 196 32.61 16.91 -11.19
CA ALA E 196 33.86 17.56 -11.54
C ALA E 196 34.87 16.56 -12.07
N ASP E 197 34.99 15.41 -11.39
CA ASP E 197 35.93 14.39 -11.84
C ASP E 197 35.50 13.79 -13.18
N GLN E 198 34.20 13.66 -13.39
CA GLN E 198 33.69 13.18 -14.68
C GLN E 198 34.13 14.10 -15.80
N ARG E 199 33.96 15.40 -15.61
CA ARG E 199 34.41 16.35 -16.62
C ARG E 199 35.93 16.26 -16.82
N ALA E 200 36.67 16.14 -15.72
CA ALA E 200 38.13 16.09 -15.82
C ALA E 200 38.60 14.89 -16.64
N GLU E 201 38.03 13.71 -16.36
CA GLU E 201 38.42 12.51 -17.11
C GLU E 201 37.99 12.61 -18.57
N GLY E 202 36.79 13.16 -18.81
CA GLY E 202 36.35 13.34 -20.19
C GLY E 202 37.27 14.24 -20.98
N ASP E 203 37.81 15.28 -20.33
CA ASP E 203 38.76 16.15 -21.03
C ASP E 203 40.12 15.51 -21.16
N ALA E 204 40.48 14.63 -20.21
CA ALA E 204 41.81 14.03 -20.24
C ALA E 204 41.93 12.98 -21.33
N SER E 205 40.91 12.15 -21.51
CA SER E 205 41.04 11.01 -22.41
C SER E 205 40.92 11.38 -23.89
N MET E 206 40.67 12.64 -24.21
CA MET E 206 40.39 13.03 -25.60
C MET E 206 41.59 12.81 -26.51
N LYS E 207 42.79 13.17 -26.04
CA LYS E 207 43.98 13.02 -26.86
C LYS E 207 44.24 11.54 -27.17
N LEU E 208 44.10 10.69 -26.17
CA LEU E 208 44.30 9.25 -26.38
C LEU E 208 43.26 8.71 -27.36
N ILE E 209 42.01 9.15 -27.22
CA ILE E 209 40.97 8.71 -28.16
C ILE E 209 41.33 9.10 -29.58
N GLU E 210 41.78 10.34 -29.76
CA GLU E 210 42.15 10.82 -31.09
C GLU E 210 43.30 10.00 -31.68
N GLY E 211 44.31 9.73 -30.86
CA GLY E 211 45.44 8.96 -31.35
C GLY E 211 45.05 7.55 -31.77
N VAL E 212 44.24 6.88 -30.94
CA VAL E 212 43.83 5.52 -31.26
C VAL E 212 42.97 5.51 -32.52
N THR E 213 42.06 6.48 -32.66
CA THR E 213 41.21 6.53 -33.85
C THR E 213 42.07 6.70 -35.10
N PHE E 214 43.05 7.59 -35.05
CA PHE E 214 43.90 7.79 -36.21
C PHE E 214 44.68 6.53 -36.56
N ALA E 215 45.21 5.84 -35.54
CA ALA E 215 45.94 4.60 -35.81
C ALA E 215 45.04 3.56 -36.47
N VAL E 216 43.83 3.38 -35.94
CA VAL E 216 42.91 2.37 -36.48
C VAL E 216 42.51 2.72 -37.90
N ILE E 217 42.23 4.00 -38.16
CA ILE E 217 41.85 4.42 -39.50
C ILE E 217 42.98 4.17 -40.48
N THR E 218 44.22 4.48 -40.09
CA THR E 218 45.35 4.25 -40.97
C THR E 218 45.49 2.76 -41.29
N VAL E 219 45.35 1.91 -40.27
CA VAL E 219 45.47 0.47 -40.49
C VAL E 219 44.41 -0.01 -41.47
N MET E 220 43.16 0.41 -41.26
CA MET E 220 42.08 -0.07 -42.12
C MET E 220 42.23 0.46 -43.55
N LEU E 221 42.67 1.70 -43.70
CA LEU E 221 42.88 2.24 -45.04
C LEU E 221 44.00 1.50 -45.76
N LEU E 222 45.07 1.17 -45.04
CA LEU E 222 46.13 0.36 -45.65
C LEU E 222 45.60 -0.99 -46.08
N ALA E 223 44.75 -1.60 -45.26
CA ALA E 223 44.18 -2.89 -45.63
C ALA E 223 43.30 -2.79 -46.87
N VAL E 224 42.53 -1.71 -46.99
CA VAL E 224 41.57 -1.59 -48.08
C VAL E 224 42.25 -1.21 -49.38
N TYR E 225 43.07 -0.16 -49.37
CA TYR E 225 43.59 0.40 -50.61
C TYR E 225 44.93 -0.20 -51.04
N ARG E 226 45.66 -0.83 -50.13
CA ARG E 226 46.96 -1.42 -50.44
C ARG E 226 47.96 -0.39 -50.96
N SER E 227 47.70 0.89 -50.73
CA SER E 227 48.53 1.96 -51.26
C SER E 227 48.83 2.95 -50.15
N VAL E 228 50.12 3.24 -49.95
CA VAL E 228 50.50 4.19 -48.91
C VAL E 228 50.13 5.61 -49.32
N ILE E 229 50.29 5.95 -50.60
CA ILE E 229 50.02 7.31 -51.05
C ILE E 229 48.53 7.61 -50.96
N THR E 230 47.69 6.63 -51.35
CA THR E 230 46.25 6.80 -51.23
C THR E 230 45.85 7.02 -49.77
N THR E 231 46.43 6.23 -48.87
CA THR E 231 46.15 6.39 -47.45
C THR E 231 46.57 7.77 -46.96
N LEU E 232 47.73 8.26 -47.42
CA LEU E 232 48.17 9.57 -47.01
C LEU E 232 47.23 10.67 -47.51
N ILE E 233 46.73 10.52 -48.74
CA ILE E 233 45.79 11.51 -49.26
C ILE E 233 44.51 11.52 -48.43
N VAL E 234 43.98 10.33 -48.13
CA VAL E 234 42.75 10.27 -47.34
C VAL E 234 42.99 10.85 -45.95
N LEU E 235 44.15 10.55 -45.36
CA LEU E 235 44.47 11.10 -44.05
C LEU E 235 44.57 12.62 -44.09
N ALA E 236 45.14 13.16 -45.16
CA ALA E 236 45.19 14.62 -45.29
C ALA E 236 43.79 15.21 -45.34
N MET E 237 42.91 14.59 -46.11
CA MET E 237 41.52 15.07 -46.17
C MET E 237 40.86 15.01 -44.79
N VAL E 238 41.05 13.90 -44.08
CA VAL E 238 40.43 13.73 -42.77
C VAL E 238 40.96 14.77 -41.79
N VAL E 239 42.27 15.02 -41.82
CA VAL E 239 42.87 16.00 -40.92
C VAL E 239 42.32 17.39 -41.21
N LEU E 240 42.20 17.74 -42.50
CA LEU E 240 41.64 19.04 -42.85
C LEU E 240 40.22 19.19 -42.31
N GLY E 241 39.39 18.18 -42.53
CA GLY E 241 38.00 18.26 -42.06
C GLY E 241 37.91 18.34 -40.55
N LEU E 242 38.66 17.49 -39.85
CA LEU E 242 38.61 17.48 -38.39
C LEU E 242 39.10 18.80 -37.81
N SER E 243 40.20 19.33 -38.37
CA SER E 243 40.72 20.60 -37.88
C SER E 243 39.72 21.72 -38.11
N GLY E 244 39.08 21.74 -39.29
CA GLY E 244 38.05 22.75 -39.52
C GLY E 244 36.91 22.66 -38.52
N ALA E 245 36.44 21.44 -38.26
CA ALA E 245 35.32 21.26 -37.35
C ALA E 245 35.67 21.71 -35.94
N ARG E 246 36.78 21.21 -35.41
CA ARG E 246 37.15 21.58 -34.04
C ARG E 246 37.47 23.07 -33.94
N GLY E 247 38.10 23.64 -34.97
CA GLY E 247 38.41 25.06 -34.94
C GLY E 247 37.17 25.91 -34.89
N ILE E 248 36.18 25.61 -35.74
CA ILE E 248 34.98 26.43 -35.76
C ILE E 248 34.20 26.27 -34.46
N VAL E 249 34.14 25.04 -33.92
CA VAL E 249 33.41 24.85 -32.68
C VAL E 249 34.08 25.59 -31.53
N ALA E 250 35.40 25.49 -31.44
CA ALA E 250 36.12 26.20 -30.38
C ALA E 250 35.98 27.70 -30.52
N PHE E 251 36.07 28.22 -31.75
CA PHE E 251 35.96 29.65 -31.98
C PHE E 251 34.58 30.16 -31.58
N LEU E 252 33.53 29.44 -31.95
CA LEU E 252 32.19 29.89 -31.60
C LEU E 252 31.92 29.76 -30.11
N GLY E 253 32.47 28.71 -29.48
CA GLY E 253 32.27 28.54 -28.05
C GLY E 253 32.99 29.61 -27.24
N PHE E 254 34.16 30.03 -27.70
CA PHE E 254 34.96 30.99 -26.94
C PHE E 254 34.24 32.33 -26.79
N TYR E 255 33.42 32.69 -27.78
CA TYR E 255 32.68 33.94 -27.74
C TYR E 255 31.25 33.75 -27.25
N ASN E 256 31.00 32.72 -26.44
CA ASN E 256 29.75 32.58 -25.69
C ASN E 256 28.54 32.50 -26.60
N VAL E 257 28.73 31.99 -27.82
CA VAL E 257 27.57 31.75 -28.68
C VAL E 257 26.72 30.61 -28.12
N PHE E 258 27.36 29.59 -27.55
CA PHE E 258 26.63 28.49 -26.94
C PHE E 258 27.51 27.86 -25.87
N GLY E 259 26.88 27.06 -25.01
CA GLY E 259 27.60 26.33 -23.99
C GLY E 259 28.12 25.01 -24.49
N LEU E 260 28.95 24.36 -23.68
CA LEU E 260 29.60 23.12 -24.07
C LEU E 260 29.60 22.13 -22.92
N THR E 261 29.72 20.86 -23.27
CA THR E 261 29.94 19.78 -22.32
C THR E 261 31.04 18.86 -22.85
N THR E 262 31.54 17.99 -21.98
CA THR E 262 32.56 17.04 -22.42
C THR E 262 32.02 16.09 -23.48
N PHE E 263 30.78 15.64 -23.31
CA PHE E 263 30.16 14.76 -24.29
C PHE E 263 30.09 15.45 -25.65
N ALA E 264 29.73 16.73 -25.67
CA ALA E 264 29.63 17.45 -26.92
C ALA E 264 30.96 17.48 -27.65
N THR E 265 32.04 17.76 -26.92
CA THR E 265 33.36 17.84 -27.55
C THR E 265 33.82 16.49 -28.08
N ASN E 266 33.67 15.45 -27.27
CA ASN E 266 34.08 14.11 -27.72
C ASN E 266 33.28 13.69 -28.95
N MET E 267 31.97 13.90 -28.92
CA MET E 267 31.12 13.53 -30.06
C MET E 267 31.51 14.33 -31.30
N VAL E 268 31.78 15.63 -31.14
CA VAL E 268 32.17 16.45 -32.28
C VAL E 268 33.42 15.88 -32.93
N VAL E 269 34.44 15.57 -32.13
CA VAL E 269 35.69 15.10 -32.69
C VAL E 269 35.50 13.78 -33.42
N THR E 270 34.86 12.80 -32.75
CA THR E 270 34.74 11.48 -33.35
C THR E 270 33.86 11.51 -34.60
N LEU E 271 32.74 12.25 -34.53
CA LEU E 271 31.86 12.33 -35.68
C LEU E 271 32.54 13.02 -36.86
N ALA E 272 33.30 14.08 -36.61
CA ALA E 272 34.01 14.74 -37.69
C ALA E 272 34.98 13.78 -38.36
N ILE E 273 35.76 13.04 -37.57
CA ILE E 273 36.71 12.09 -38.14
C ILE E 273 35.99 11.06 -38.99
N ALA E 274 34.94 10.45 -38.44
CA ALA E 274 34.24 9.38 -39.15
C ALA E 274 33.62 9.89 -40.44
N ALA E 275 32.94 11.04 -40.39
CA ALA E 275 32.25 11.55 -41.56
C ALA E 275 33.23 11.95 -42.65
N ALA E 276 34.33 12.59 -42.28
CA ALA E 276 35.33 12.96 -43.29
C ALA E 276 35.88 11.72 -43.96
N THR E 277 36.19 10.69 -43.18
CA THR E 277 36.72 9.46 -43.78
C THR E 277 35.70 8.83 -44.70
N ASP E 278 34.43 8.81 -44.30
CA ASP E 278 33.39 8.21 -45.14
C ASP E 278 33.26 8.93 -46.47
N TYR E 279 33.26 10.26 -46.44
CA TYR E 279 33.12 11.02 -47.69
C TYR E 279 34.32 10.79 -48.59
N ALA E 280 35.52 10.77 -48.02
CA ALA E 280 36.70 10.49 -48.83
C ALA E 280 36.61 9.11 -49.47
N ILE E 281 36.17 8.12 -48.69
CA ILE E 281 36.05 6.77 -49.21
C ILE E 281 35.05 6.71 -50.35
N PHE E 282 33.90 7.35 -50.19
CA PHE E 282 32.89 7.34 -51.25
C PHE E 282 33.45 7.94 -52.53
N LEU E 283 34.03 9.14 -52.44
CA LEU E 283 34.52 9.82 -53.63
C LEU E 283 35.60 9.01 -54.33
N ILE E 284 36.59 8.53 -53.56
CA ILE E 284 37.70 7.82 -54.17
C ILE E 284 37.23 6.48 -54.74
N GLY E 285 36.29 5.83 -54.06
CA GLY E 285 35.76 4.57 -54.58
C GLY E 285 35.07 4.74 -55.92
N ARG E 286 34.23 5.77 -56.03
CA ARG E 286 33.58 6.01 -57.31
C ARG E 286 34.59 6.35 -58.40
N TYR E 287 35.58 7.19 -58.07
CA TYR E 287 36.59 7.56 -59.06
C TYR E 287 37.36 6.33 -59.53
N GLN E 288 37.76 5.47 -58.60
CA GLN E 288 38.54 4.29 -58.98
C GLN E 288 37.70 3.29 -59.75
N GLU E 289 36.41 3.20 -59.44
CA GLU E 289 35.53 2.35 -60.23
C GLU E 289 35.44 2.86 -61.67
N ALA E 290 35.29 4.17 -61.83
CA ALA E 290 35.25 4.73 -63.18
C ALA E 290 36.57 4.49 -63.91
N ARG E 291 37.70 4.63 -63.21
CA ARG E 291 38.99 4.37 -63.84
C ARG E 291 39.11 2.91 -64.24
N ARG E 292 38.70 1.99 -63.37
CA ARG E 292 38.79 0.57 -63.66
C ARG E 292 37.90 0.18 -64.83
N ALA E 293 36.79 0.90 -65.00
CA ALA E 293 35.92 0.64 -66.13
C ALA E 293 36.63 0.90 -67.45
N GLY E 294 37.44 1.95 -67.51
CA GLY E 294 38.23 2.23 -68.68
C GLY E 294 38.32 3.69 -69.06
N GLU E 295 37.56 4.54 -68.39
CA GLU E 295 37.56 5.97 -68.71
C GLU E 295 38.89 6.59 -68.35
N ASP E 296 39.24 7.66 -69.07
CA ASP E 296 40.44 8.40 -68.73
C ASP E 296 40.20 9.26 -67.49
N ARG E 297 41.28 9.88 -67.01
CA ARG E 297 41.24 10.53 -65.71
C ARG E 297 40.26 11.68 -65.68
N GLU E 298 40.18 12.47 -66.76
CA GLU E 298 39.23 13.57 -66.81
C GLU E 298 37.80 13.05 -66.73
N SER E 299 37.46 12.10 -67.60
CA SER E 299 36.11 11.55 -67.60
C SER E 299 35.83 10.78 -66.32
N ALA E 300 36.85 10.14 -65.75
CA ALA E 300 36.66 9.47 -64.47
C ALA E 300 36.30 10.46 -63.37
N TYR E 301 37.00 11.59 -63.33
CA TYR E 301 36.70 12.61 -62.34
C TYR E 301 35.28 13.14 -62.50
N TYR E 302 34.89 13.44 -63.74
CA TYR E 302 33.55 13.97 -63.95
C TYR E 302 32.47 12.94 -63.64
N THR E 303 32.71 11.67 -63.96
CA THR E 303 31.78 10.62 -63.60
C THR E 303 31.65 10.48 -62.08
N MET E 304 32.78 10.53 -61.38
CA MET E 304 32.76 10.46 -59.92
C MET E 304 31.91 11.57 -59.34
N PHE E 305 32.16 12.81 -59.78
CA PHE E 305 31.38 13.92 -59.24
C PHE E 305 29.91 13.78 -59.57
N HIS E 306 29.59 13.43 -60.82
CA HIS E 306 28.19 13.32 -61.20
C HIS E 306 27.46 12.25 -60.40
N GLY E 307 28.14 11.14 -60.12
CA GLY E 307 27.52 10.04 -59.44
C GLY E 307 27.48 10.11 -57.92
N THR E 308 28.36 10.87 -57.28
CA THR E 308 28.37 10.88 -55.82
C THR E 308 28.24 12.26 -55.20
N ALA E 309 28.16 13.33 -55.99
CA ALA E 309 28.08 14.66 -55.40
C ALA E 309 26.81 14.83 -54.58
N HIS E 310 25.67 14.40 -55.12
CA HIS E 310 24.42 14.59 -54.41
C HIS E 310 24.31 13.67 -53.20
N VAL E 311 24.89 12.47 -53.29
CA VAL E 311 24.76 11.51 -52.19
C VAL E 311 25.54 11.99 -50.97
N VAL E 312 26.74 12.51 -51.18
CA VAL E 312 27.53 13.04 -50.07
C VAL E 312 26.81 14.19 -49.41
N LEU E 313 26.25 15.10 -50.22
CA LEU E 313 25.51 16.23 -49.67
C LEU E 313 24.31 15.77 -48.88
N ALA E 314 23.57 14.79 -49.40
CA ALA E 314 22.38 14.30 -48.71
C ALA E 314 22.74 13.63 -47.39
N SER E 315 23.81 12.84 -47.40
CA SER E 315 24.26 12.19 -46.17
C SER E 315 24.66 13.22 -45.13
N GLY E 316 25.41 14.25 -45.55
CA GLY E 316 25.79 15.29 -44.62
C GLY E 316 24.60 16.05 -44.07
N LEU E 317 23.62 16.33 -44.93
CA LEU E 317 22.43 17.04 -44.47
C LEU E 317 21.63 16.19 -43.49
N THR E 318 21.54 14.88 -43.73
CA THR E 318 20.84 14.02 -42.77
C THR E 318 21.55 14.01 -41.43
N ILE E 319 22.89 13.91 -41.44
CA ILE E 319 23.63 13.88 -40.19
C ILE E 319 23.49 15.22 -39.45
N ALA E 320 23.56 16.33 -40.19
CA ALA E 320 23.44 17.64 -39.57
C ALA E 320 22.03 17.85 -39.00
N GLY E 321 21.01 17.51 -39.77
CA GLY E 321 19.64 17.75 -39.32
C GLY E 321 19.24 16.87 -38.17
N ALA E 322 19.70 15.62 -38.17
CA ALA E 322 19.37 14.71 -37.07
C ALA E 322 19.92 15.24 -35.75
N THR E 323 21.20 15.61 -35.74
CA THR E 323 21.82 16.14 -34.52
C THR E 323 21.17 17.45 -34.10
N LEU E 324 20.70 18.25 -35.05
CA LEU E 324 20.06 19.50 -34.71
C LEU E 324 18.72 19.29 -34.01
N CYS E 325 18.17 18.08 -34.06
CA CYS E 325 16.95 17.80 -33.33
C CYS E 325 17.18 17.69 -31.82
N LEU E 326 18.44 17.56 -31.40
CA LEU E 326 18.75 17.57 -29.97
C LEU E 326 18.50 18.94 -29.36
N HIS E 327 18.40 19.98 -30.18
CA HIS E 327 18.15 21.33 -29.68
C HIS E 327 16.75 21.50 -29.11
N PHE E 328 15.86 20.54 -29.33
CA PHE E 328 14.48 20.63 -28.88
C PHE E 328 14.21 19.83 -27.62
N THR E 329 15.25 19.34 -26.95
CA THR E 329 15.10 18.57 -25.72
C THR E 329 15.08 19.51 -24.52
N ARG E 330 14.92 18.92 -23.34
CA ARG E 330 14.80 19.69 -22.11
C ARG E 330 16.06 19.65 -21.26
N LEU E 331 16.75 18.51 -21.21
CA LEU E 331 17.96 18.42 -20.41
C LEU E 331 19.09 19.20 -21.07
N PRO E 332 19.84 20.01 -20.32
CA PRO E 332 20.93 20.78 -20.94
C PRO E 332 21.99 19.93 -21.59
N TYR E 333 22.24 18.72 -21.07
CA TYR E 333 23.28 17.87 -21.64
C TYR E 333 22.97 17.50 -23.08
N PHE E 334 21.71 17.17 -23.36
CA PHE E 334 21.33 16.87 -24.73
C PHE E 334 21.24 18.14 -25.56
N GLN E 335 20.64 19.19 -25.00
CA GLN E 335 20.37 20.40 -25.76
C GLN E 335 21.65 21.08 -26.21
N THR E 336 22.67 21.10 -25.38
CA THR E 336 23.89 21.80 -25.78
C THR E 336 24.68 21.05 -26.85
N MET E 337 24.18 19.94 -27.38
CA MET E 337 24.86 19.23 -28.45
C MET E 337 24.33 19.54 -29.83
N GLY E 338 23.11 20.07 -29.93
CA GLY E 338 22.47 20.27 -31.21
C GLY E 338 23.22 21.19 -32.15
N VAL E 339 23.37 22.46 -31.78
CA VAL E 339 24.02 23.45 -32.62
C VAL E 339 25.48 23.10 -32.89
N PRO E 340 26.31 22.75 -31.89
CA PRO E 340 27.72 22.48 -32.18
C PRO E 340 27.91 21.34 -33.17
N LEU E 341 27.22 20.23 -32.97
CA LEU E 341 27.35 19.10 -33.87
C LEU E 341 26.88 19.46 -35.27
N ALA E 342 25.77 20.19 -35.37
CA ALA E 342 25.26 20.58 -36.68
C ALA E 342 26.26 21.43 -37.43
N ILE E 343 26.84 22.42 -36.74
CA ILE E 343 27.80 23.31 -37.39
C ILE E 343 29.05 22.55 -37.81
N GLY E 344 29.54 21.66 -36.94
CA GLY E 344 30.71 20.87 -37.29
C GLY E 344 30.45 19.99 -38.49
N MET E 345 29.29 19.34 -38.53
CA MET E 345 28.97 18.47 -39.65
C MET E 345 28.86 19.28 -40.94
N LEU E 346 28.25 20.47 -40.88
CA LEU E 346 28.15 21.31 -42.06
C LEU E 346 29.53 21.68 -42.58
N ILE E 347 30.43 22.06 -41.67
CA ILE E 347 31.78 22.44 -42.09
C ILE E 347 32.49 21.25 -42.73
N VAL E 348 32.37 20.07 -42.12
CA VAL E 348 33.03 18.89 -42.67
C VAL E 348 32.48 18.57 -44.05
N VAL E 349 31.16 18.69 -44.23
CA VAL E 349 30.55 18.38 -45.52
C VAL E 349 31.00 19.36 -46.58
N ALA E 350 31.03 20.66 -46.25
CA ALA E 350 31.50 21.65 -47.21
C ALA E 350 32.95 21.38 -47.60
N ALA E 351 33.79 21.07 -46.62
CA ALA E 351 35.18 20.75 -46.91
C ALA E 351 35.28 19.53 -47.82
N ALA E 352 34.52 18.49 -47.55
CA ALA E 352 34.59 17.28 -48.36
C ALA E 352 34.10 17.53 -49.77
N LEU E 353 33.07 18.36 -49.95
CA LEU E 353 32.49 18.60 -51.26
C LEU E 353 33.24 19.63 -52.07
N THR E 354 34.10 20.45 -51.46
CA THR E 354 34.87 21.44 -52.22
C THR E 354 36.34 21.08 -52.30
N ALA E 355 37.02 20.88 -51.16
CA ALA E 355 38.45 20.58 -51.21
C ALA E 355 38.70 19.14 -51.65
N GLY E 356 37.75 18.24 -51.39
CA GLY E 356 37.88 16.85 -51.74
C GLY E 356 38.10 16.64 -53.23
N PRO E 357 37.13 17.04 -54.04
CA PRO E 357 37.32 16.96 -55.50
C PRO E 357 38.55 17.72 -55.99
N ALA E 358 38.88 18.85 -55.37
CA ALA E 358 40.08 19.58 -55.78
C ALA E 358 41.33 18.75 -55.54
N VAL E 359 41.44 18.13 -54.36
CA VAL E 359 42.60 17.31 -54.06
C VAL E 359 42.66 16.12 -55.02
N ILE E 360 41.51 15.50 -55.28
CA ILE E 360 41.47 14.36 -56.19
C ILE E 360 41.94 14.78 -57.57
N SER E 361 41.49 15.94 -58.03
CA SER E 361 41.89 16.42 -59.36
C SER E 361 43.38 16.71 -59.43
N VAL E 362 43.92 17.35 -58.39
CA VAL E 362 45.33 17.75 -58.44
C VAL E 362 46.24 16.53 -58.42
N VAL E 363 46.01 15.63 -57.47
CA VAL E 363 46.96 14.54 -57.23
C VAL E 363 46.96 13.55 -58.38
N SER E 364 45.77 13.19 -58.87
CA SER E 364 45.69 12.16 -59.90
C SER E 364 46.46 12.55 -61.15
N ARG E 365 46.60 13.85 -61.39
CA ARG E 365 47.37 14.31 -62.55
C ARG E 365 48.86 13.99 -62.39
N PHE E 366 49.37 14.08 -61.16
CA PHE E 366 50.80 13.99 -60.88
C PHE E 366 51.20 12.53 -60.69
N GLY E 367 51.21 11.78 -61.78
CA GLY E 367 51.58 10.38 -61.73
C GLY E 367 50.41 9.46 -61.48
N LYS E 368 50.73 8.16 -61.35
CA LYS E 368 49.72 7.13 -61.15
C LYS E 368 49.42 7.01 -59.65
N THR E 369 48.79 8.04 -59.12
CA THR E 369 48.55 8.15 -57.68
C THR E 369 47.27 7.44 -57.24
N LEU E 370 46.13 7.82 -57.78
CA LEU E 370 44.85 7.24 -57.36
C LEU E 370 44.40 6.10 -58.25
N GLU E 371 45.29 5.59 -59.10
CA GLU E 371 44.93 4.46 -59.95
C GLU E 371 44.68 3.23 -59.10
N PRO E 372 43.72 2.38 -59.48
CA PRO E 372 43.44 1.17 -58.68
C PRO E 372 44.65 0.28 -58.53
N LYS E 373 45.04 0.00 -57.29
CA LYS E 373 46.27 -0.75 -57.06
C LYS E 373 46.10 -2.22 -57.40
N ARG E 374 44.98 -2.81 -57.00
CA ARG E 374 44.71 -4.23 -57.25
C ARG E 374 43.42 -4.33 -58.06
N PHE E 375 43.55 -4.78 -59.32
CA PHE E 375 42.40 -4.96 -60.18
C PHE E 375 41.80 -6.33 -59.90
N SER E 376 40.58 -6.34 -59.37
CA SER E 376 39.85 -7.58 -59.12
C SER E 376 38.38 -7.26 -59.01
N ARG E 377 37.55 -8.12 -59.60
CA ARG E 377 36.11 -7.97 -59.51
C ARG E 377 35.62 -8.46 -58.15
N SER E 378 34.31 -8.59 -58.01
CA SER E 378 33.69 -8.95 -56.74
C SER E 378 32.82 -10.19 -56.92
N PRO E 379 33.40 -11.39 -56.90
CA PRO E 379 32.57 -12.60 -56.97
C PRO E 379 31.60 -12.74 -55.81
N GLY E 380 32.04 -12.38 -54.61
CA GLY E 380 31.16 -12.50 -53.45
C GLY E 380 29.94 -11.63 -53.56
N TRP E 381 30.11 -10.40 -54.05
CA TRP E 381 28.97 -9.50 -54.17
C TRP E 381 28.06 -9.93 -55.31
N HIS E 382 28.63 -10.52 -56.37
CA HIS E 382 27.79 -11.14 -57.39
C HIS E 382 26.91 -12.22 -56.77
N ARG E 383 27.51 -13.09 -55.95
CA ARG E 383 26.73 -14.16 -55.33
C ARG E 383 25.65 -13.61 -54.42
N VAL E 384 25.99 -12.61 -53.61
CA VAL E 384 25.01 -12.03 -52.69
C VAL E 384 23.86 -11.38 -53.46
N GLY E 385 24.17 -10.63 -54.51
CA GLY E 385 23.12 -10.01 -55.30
C GLY E 385 22.21 -11.01 -55.96
N THR E 386 22.81 -12.07 -56.53
CA THR E 386 21.98 -13.10 -57.17
C THR E 386 21.09 -13.80 -56.16
N ALA E 387 21.64 -14.12 -54.99
CA ALA E 387 20.83 -14.77 -53.95
C ALA E 387 19.69 -13.86 -53.50
N THR E 388 19.97 -12.56 -53.39
CA THR E 388 18.94 -11.63 -52.94
C THR E 388 17.87 -11.36 -53.99
N VAL E 389 18.21 -11.50 -55.27
CA VAL E 389 17.26 -11.29 -56.34
C VAL E 389 16.45 -12.54 -56.64
N ARG E 390 17.08 -13.71 -56.64
CA ARG E 390 16.38 -14.93 -57.02
C ARG E 390 15.41 -15.39 -55.93
N TRP E 391 15.84 -15.38 -54.67
CA TRP E 391 15.04 -15.86 -53.55
C TRP E 391 14.94 -14.78 -52.49
N PRO E 392 14.15 -13.74 -52.74
CA PRO E 392 14.06 -12.65 -51.77
C PRO E 392 13.27 -13.01 -50.52
N GLY E 393 12.27 -13.88 -50.63
CA GLY E 393 11.44 -14.19 -49.49
C GLY E 393 12.19 -14.86 -48.37
N ALA E 394 12.98 -15.89 -48.70
CA ALA E 394 13.73 -16.62 -47.68
C ALA E 394 14.78 -15.72 -47.03
N ILE E 395 15.48 -14.93 -47.83
CA ILE E 395 16.52 -14.05 -47.30
C ILE E 395 15.92 -12.99 -46.40
N LEU E 396 14.78 -12.43 -46.81
CA LEU E 396 14.11 -11.44 -45.97
C LEU E 396 13.67 -12.05 -44.66
N VAL E 397 13.15 -13.28 -44.71
CA VAL E 397 12.73 -13.96 -43.48
C VAL E 397 13.91 -14.13 -42.55
N CYS E 398 15.05 -14.59 -43.08
CA CYS E 398 16.23 -14.80 -42.26
C CYS E 398 16.70 -13.48 -41.65
N ALA E 399 16.73 -12.41 -42.45
CA ALA E 399 17.21 -11.13 -41.95
C ALA E 399 16.30 -10.59 -40.85
N VAL E 400 14.99 -10.70 -41.04
CA VAL E 400 14.04 -10.21 -40.04
C VAL E 400 14.18 -11.03 -38.75
N VAL E 401 14.35 -12.34 -38.88
CA VAL E 401 14.54 -13.17 -37.70
C VAL E 401 15.81 -12.76 -36.96
N ALA E 402 16.88 -12.50 -37.71
CA ALA E 402 18.12 -12.07 -37.07
C ALA E 402 17.97 -10.74 -36.37
N ALA E 403 17.21 -9.81 -36.97
CA ALA E 403 17.07 -8.49 -36.38
C ALA E 403 16.25 -8.52 -35.10
N LEU E 404 15.27 -9.42 -35.02
CA LEU E 404 14.37 -9.42 -33.87
C LEU E 404 14.96 -10.16 -32.68
N ILE E 405 16.12 -10.81 -32.85
CA ILE E 405 16.76 -11.51 -31.75
C ILE E 405 17.11 -10.54 -30.64
N GLY E 406 17.56 -9.34 -31.00
CA GLY E 406 17.99 -8.36 -30.02
C GLY E 406 16.91 -7.91 -29.05
N LEU E 407 15.63 -8.09 -29.41
CA LEU E 407 14.56 -7.69 -28.51
C LEU E 407 14.51 -8.54 -27.24
N LEU E 408 15.23 -9.67 -27.21
CA LEU E 408 15.23 -10.51 -26.03
C LEU E 408 15.94 -9.85 -24.86
N ALA E 409 16.80 -8.86 -25.11
CA ALA E 409 17.49 -8.19 -24.01
C ALA E 409 16.64 -7.11 -23.37
N LEU E 410 15.53 -6.73 -24.00
CA LEU E 410 14.71 -5.65 -23.48
C LEU E 410 14.12 -5.93 -22.10
N PRO E 411 13.54 -7.10 -21.81
CA PRO E 411 12.91 -7.28 -20.49
C PRO E 411 13.86 -7.10 -19.32
N GLY E 412 15.13 -7.45 -19.46
CA GLY E 412 16.10 -7.33 -18.40
C GLY E 412 16.87 -6.03 -18.36
N TYR E 413 16.45 -5.02 -19.10
CA TYR E 413 17.20 -3.77 -19.17
C TYR E 413 16.89 -2.88 -17.96
N TYR E 414 17.94 -2.33 -17.37
CA TYR E 414 17.80 -1.37 -16.28
C TYR E 414 19.00 -0.44 -16.33
N THR E 415 18.84 0.74 -15.73
CA THR E 415 19.88 1.74 -15.69
C THR E 415 20.14 2.19 -14.26
N THR E 416 21.25 2.88 -14.07
CA THR E 416 21.66 3.37 -12.77
C THR E 416 22.14 4.82 -12.90
N TYR E 417 22.21 5.50 -11.77
CA TYR E 417 22.55 6.93 -11.76
C TYR E 417 23.80 7.24 -10.94
N ASP E 418 24.49 6.22 -10.42
CA ASP E 418 25.66 6.43 -9.59
C ASP E 418 26.88 6.59 -10.50
N ASP E 419 27.39 7.82 -10.60
CA ASP E 419 28.48 8.10 -11.53
C ASP E 419 29.83 7.59 -11.05
N ARG E 420 29.96 7.18 -9.78
CA ARG E 420 31.24 6.65 -9.33
C ARG E 420 31.50 5.26 -9.86
N ARG E 421 30.49 4.60 -10.42
CA ARG E 421 30.70 3.31 -11.07
C ARG E 421 31.28 3.46 -12.46
N TYR E 422 31.22 4.65 -13.04
CA TYR E 422 31.68 4.90 -14.39
C TYR E 422 33.02 5.63 -14.43
N LEU E 423 33.71 5.71 -13.31
CA LEU E 423 34.98 6.41 -13.21
C LEU E 423 36.07 5.47 -12.72
N PRO E 424 37.33 5.76 -13.04
CA PRO E 424 38.42 4.94 -12.51
C PRO E 424 38.55 5.12 -11.00
N ASP E 425 39.09 4.10 -10.35
CA ASP E 425 39.16 4.08 -8.89
C ASP E 425 40.14 5.08 -8.31
N ASP E 426 40.98 5.72 -9.14
CA ASP E 426 41.99 6.62 -8.62
C ASP E 426 41.54 8.07 -8.60
N VAL E 427 40.34 8.38 -9.07
CA VAL E 427 39.91 9.78 -9.04
C VAL E 427 39.66 10.19 -7.59
N PRO E 428 39.81 11.46 -7.23
CA PRO E 428 39.63 11.84 -5.81
C PRO E 428 38.25 11.50 -5.25
N ALA E 429 37.20 11.64 -6.07
CA ALA E 429 35.86 11.35 -5.58
C ALA E 429 35.72 9.89 -5.18
N ASN E 430 36.28 8.99 -5.97
CA ASN E 430 36.18 7.58 -5.63
C ASN E 430 37.03 7.23 -4.42
N VAL E 431 38.16 7.91 -4.24
CA VAL E 431 38.94 7.71 -3.03
C VAL E 431 38.14 8.12 -1.80
N GLY E 432 37.50 9.29 -1.87
CA GLY E 432 36.67 9.72 -0.77
C GLY E 432 35.51 8.79 -0.50
N TYR E 433 34.90 8.27 -1.58
CA TYR E 433 33.80 7.33 -1.43
C TYR E 433 34.27 6.05 -0.76
N ASP E 434 35.44 5.55 -1.15
CA ASP E 434 35.98 4.35 -0.52
C ASP E 434 36.24 4.58 0.96
N ALA E 435 36.80 5.74 1.30
CA ALA E 435 37.05 6.05 2.70
C ALA E 435 35.76 6.09 3.49
N ALA E 436 34.73 6.75 2.96
CA ALA E 436 33.47 6.87 3.69
C ALA E 436 32.77 5.53 3.82
N PHE E 437 32.81 4.71 2.78
CA PHE E 437 32.05 3.46 2.79
C PHE E 437 32.64 2.42 3.71
N ARG E 438 33.89 2.61 4.16
CA ARG E 438 34.46 1.68 5.13
C ARG E 438 33.86 1.85 6.51
N HIS E 439 33.29 3.01 6.82
CA HIS E 439 32.72 3.28 8.13
C HIS E 439 31.23 3.56 8.06
N PHE E 440 30.79 4.49 7.22
CA PHE E 440 29.38 4.82 7.11
C PHE E 440 28.68 3.88 6.14
N SER E 441 27.40 4.13 5.91
CA SER E 441 26.66 3.48 4.85
C SER E 441 26.61 4.38 3.62
N GLN E 442 26.29 3.78 2.48
CA GLN E 442 26.33 4.53 1.22
C GLN E 442 25.33 5.67 1.22
N ALA E 443 24.19 5.48 1.88
CA ALA E 443 23.11 6.46 1.79
C ALA E 443 23.43 7.74 2.52
N LYS E 444 24.40 7.71 3.44
CA LYS E 444 24.68 8.91 4.23
C LYS E 444 25.44 9.96 3.44
N MET E 445 26.07 9.55 2.34
CA MET E 445 26.80 10.51 1.52
C MET E 445 25.90 11.25 0.54
N ASN E 446 24.68 10.77 0.32
CA ASN E 446 23.72 11.42 -0.57
C ASN E 446 22.36 11.47 0.11
N PRO E 447 22.18 12.40 1.05
CA PRO E 447 20.90 12.51 1.75
C PRO E 447 19.92 13.37 0.98
N ASP E 448 18.65 13.26 1.37
CA ASP E 448 17.58 14.09 0.85
C ASP E 448 17.24 15.19 1.83
N LEU E 449 16.49 16.19 1.34
CA LEU E 449 16.10 17.32 2.15
C LEU E 449 14.65 17.65 1.86
N MET E 450 13.84 17.78 2.89
CA MET E 450 12.45 18.20 2.77
C MET E 450 12.22 19.41 3.67
N MET E 451 11.47 20.38 3.16
CA MET E 451 11.11 21.58 3.92
C MET E 451 9.60 21.73 3.92
N VAL E 452 9.03 21.97 5.08
CA VAL E 452 7.61 22.30 5.22
C VAL E 452 7.53 23.75 5.64
N GLU E 453 6.86 24.57 4.83
CA GLU E 453 6.82 26.01 5.04
C GLU E 453 5.38 26.41 5.39
N THR E 454 5.22 27.12 6.50
CA THR E 454 3.93 27.62 6.95
C THR E 454 3.97 29.14 6.96
N ASP E 455 2.89 29.77 7.42
CA ASP E 455 2.81 31.21 7.50
C ASP E 455 2.94 31.76 8.91
N ARG E 456 2.96 30.90 9.93
CA ARG E 456 3.03 31.34 11.32
C ARG E 456 4.26 30.74 12.00
N ASP E 457 4.62 31.32 13.13
CA ASP E 457 5.76 30.83 13.90
C ASP E 457 5.49 29.43 14.42
N LEU E 458 6.50 28.57 14.36
CA LEU E 458 6.34 27.17 14.70
C LEU E 458 7.14 26.76 15.93
N ARG E 459 7.62 27.70 16.73
CA ARG E 459 8.49 27.37 17.86
C ARG E 459 7.69 27.31 19.17
N ASN E 460 6.69 26.43 19.17
CA ASN E 460 5.86 26.19 20.35
C ASN E 460 5.57 24.70 20.42
N PRO E 461 5.24 24.17 21.60
CA PRO E 461 5.04 22.72 21.72
C PRO E 461 3.94 22.15 20.85
N ALA E 462 2.87 22.92 20.64
CA ALA E 462 1.75 22.44 19.85
C ALA E 462 2.17 22.12 18.42
N ASP E 463 3.00 22.98 17.82
CA ASP E 463 3.50 22.69 16.48
C ASP E 463 4.56 21.62 16.50
N PHE E 464 5.30 21.49 17.61
CA PHE E 464 6.29 20.42 17.69
C PHE E 464 5.63 19.05 17.66
N LEU E 465 4.42 18.94 18.21
CA LEU E 465 3.70 17.67 18.09
C LEU E 465 3.44 17.31 16.63
N VAL E 466 3.00 18.27 15.82
CA VAL E 466 2.75 18.00 14.42
C VAL E 466 4.04 17.72 13.67
N ILE E 467 5.12 18.41 14.04
CA ILE E 467 6.41 18.16 13.40
C ILE E 467 6.86 16.73 13.67
N ASP E 468 6.70 16.26 14.90
CA ASP E 468 7.05 14.87 15.20
C ASP E 468 6.16 13.89 14.46
N LYS E 469 4.88 14.22 14.31
CA LYS E 469 4.00 13.36 13.53
C LYS E 469 4.48 13.24 12.09
N ILE E 470 4.87 14.36 11.48
CA ILE E 470 5.38 14.33 10.11
C ILE E 470 6.66 13.51 10.04
N ALA E 471 7.54 13.67 11.03
CA ALA E 471 8.80 12.93 11.02
C ALA E 471 8.54 11.42 11.10
N LYS E 472 7.61 11.00 11.95
CA LYS E 472 7.27 9.58 12.02
C LYS E 472 6.68 9.09 10.69
N ALA E 473 5.82 9.91 10.07
CA ALA E 473 5.25 9.52 8.79
C ALA E 473 6.33 9.33 7.73
N LEU E 474 7.30 10.24 7.69
CA LEU E 474 8.39 10.12 6.73
C LEU E 474 9.24 8.89 7.01
N LYS E 475 9.50 8.60 8.29
CA LYS E 475 10.32 7.45 8.62
C LYS E 475 9.62 6.14 8.25
N ASN E 476 8.30 6.08 8.39
CA ASN E 476 7.60 4.83 8.13
C ASN E 476 7.52 4.45 6.66
N VAL E 477 7.93 5.33 5.74
CA VAL E 477 7.93 4.99 4.32
C VAL E 477 8.90 3.85 4.08
N HIS E 478 8.51 2.89 3.26
CA HIS E 478 9.35 1.74 2.99
C HIS E 478 10.60 2.17 2.22
N GLY E 479 11.76 1.80 2.76
CA GLY E 479 13.03 2.14 2.15
C GLY E 479 13.75 3.31 2.78
N ILE E 480 13.26 3.84 3.89
CA ILE E 480 13.87 4.97 4.57
C ILE E 480 14.52 4.48 5.85
N ALA E 481 15.79 4.82 6.05
CA ALA E 481 16.53 4.37 7.22
C ALA E 481 16.21 5.24 8.44
N GLN E 482 16.47 6.54 8.35
CA GLN E 482 16.23 7.42 9.47
C GLN E 482 15.98 8.84 8.99
N VAL E 483 15.29 9.61 9.81
CA VAL E 483 14.98 11.01 9.55
C VAL E 483 15.44 11.81 10.75
N GLN E 484 16.17 12.89 10.52
CA GLN E 484 16.59 13.77 11.60
C GLN E 484 16.04 15.17 11.39
N THR E 485 15.45 15.73 12.44
CA THR E 485 14.90 17.08 12.43
C THR E 485 15.01 17.62 13.85
N ILE E 486 14.28 18.71 14.12
CA ILE E 486 14.40 19.35 15.44
C ILE E 486 13.92 18.43 16.54
N THR E 487 12.94 17.56 16.25
CA THR E 487 12.49 16.60 17.25
C THR E 487 13.31 15.32 17.27
N ARG E 488 14.20 15.12 16.28
CA ARG E 488 15.12 13.99 16.26
C ARG E 488 16.49 14.48 15.83
N PRO E 489 17.15 15.27 16.68
CA PRO E 489 18.39 15.94 16.23
C PRO E 489 19.47 14.98 15.75
N ASP E 490 19.61 13.81 16.37
CA ASP E 490 20.62 12.84 15.98
C ASP E 490 20.06 11.67 15.19
N GLY E 491 18.81 11.74 14.75
CA GLY E 491 18.18 10.68 14.01
C GLY E 491 17.38 9.72 14.84
N ASP E 492 17.62 9.67 16.12
CA ASP E 492 16.89 8.90 17.11
C ASP E 492 15.94 9.81 17.88
N PRO E 493 14.86 9.27 18.45
CA PRO E 493 13.97 10.11 19.25
C PRO E 493 14.69 10.69 20.45
N ILE E 494 14.28 11.91 20.83
CA ILE E 494 14.87 12.55 22.00
C ILE E 494 14.52 11.74 23.23
N GLU E 495 15.52 11.50 24.08
CA GLU E 495 15.28 10.79 25.32
C GLU E 495 14.38 11.62 26.23
N HIS E 496 13.61 10.92 27.07
CA HIS E 496 12.74 11.55 28.06
C HIS E 496 11.64 12.37 27.39
N SER E 497 11.16 11.91 26.26
CA SER E 497 10.16 12.65 25.50
C SER E 497 8.83 11.91 25.35
N THR E 498 8.70 10.71 25.87
CA THR E 498 7.46 9.97 25.78
C THR E 498 6.59 10.25 26.99
N ILE E 499 5.28 10.10 26.81
CA ILE E 499 4.31 10.22 27.89
C ILE E 499 4.57 9.17 28.97
N PRO E 500 4.81 7.89 28.62
CA PRO E 500 5.12 6.90 29.66
C PRO E 500 6.33 7.27 30.50
N TYR E 501 7.29 8.01 29.94
CA TYR E 501 8.40 8.49 30.76
C TYR E 501 7.91 9.44 31.84
N THR E 502 7.01 10.35 31.48
CA THR E 502 6.43 11.25 32.46
C THR E 502 5.66 10.49 33.52
N ILE E 503 4.91 9.46 33.10
CA ILE E 503 4.15 8.67 34.07
C ILE E 503 5.08 7.91 35.01
N GLY E 504 6.15 7.34 34.48
CA GLY E 504 7.01 6.49 35.29
C GLY E 504 7.86 7.26 36.27
N GLN E 505 8.01 8.57 36.07
CA GLN E 505 8.78 9.42 36.97
C GLN E 505 7.88 10.21 37.92
N SER E 506 6.60 9.85 38.00
CA SER E 506 5.67 10.62 38.82
C SER E 506 5.92 10.45 40.31
N GLY E 507 6.29 9.25 40.75
CA GLY E 507 6.46 8.96 42.15
C GLY E 507 7.84 9.18 42.73
N THR E 508 8.77 9.74 41.95
CA THR E 508 10.14 9.91 42.45
C THR E 508 10.19 10.92 43.59
N THR E 509 9.38 11.98 43.51
CA THR E 509 9.43 13.02 44.54
C THR E 509 8.95 12.49 45.88
N GLN E 510 7.93 11.65 45.88
CA GLN E 510 7.44 11.07 47.14
C GLN E 510 8.52 10.21 47.80
N ILE E 511 9.35 9.56 46.99
CA ILE E 511 10.45 8.77 47.53
C ILE E 511 11.48 9.66 48.17
N MET E 512 11.72 10.83 47.58
CA MET E 512 12.69 11.76 48.15
C MET E 512 12.26 12.26 49.52
N ASN E 513 10.97 12.55 49.69
CA ASN E 513 10.49 13.09 50.95
C ASN E 513 10.39 12.05 52.06
N ASN E 514 10.82 10.81 51.82
CA ASN E 514 10.49 9.73 52.74
C ASN E 514 11.11 9.94 54.12
N ASP E 515 12.37 10.36 54.17
CA ASP E 515 13.07 10.43 55.45
C ASP E 515 12.40 11.38 56.43
N TYR E 516 11.98 12.54 55.92
CA TYR E 516 11.40 13.57 56.78
C TYR E 516 10.06 13.12 57.36
N MET E 517 9.28 12.40 56.55
CA MET E 517 8.02 11.85 57.06
C MET E 517 8.26 10.85 58.16
N GLN E 518 9.27 9.98 58.01
CA GLN E 518 9.58 9.02 59.04
C GLN E 518 10.02 9.72 60.33
N THR E 519 10.80 10.79 60.20
CA THR E 519 11.19 11.56 61.38
C THR E 519 9.96 12.16 62.06
N ASN E 520 9.01 12.65 61.28
CA ASN E 520 7.78 13.16 61.87
C ASN E 520 7.02 12.09 62.63
N LEU E 521 6.95 10.88 62.08
CA LEU E 521 6.24 9.80 62.76
C LEU E 521 6.92 9.43 64.08
N ASP E 522 8.26 9.37 64.07
CA ASP E 522 8.98 9.12 65.31
C ASP E 522 8.72 10.22 66.34
N ASN E 523 8.65 11.47 65.87
CA ASN E 523 8.31 12.56 66.76
C ASN E 523 6.92 12.38 67.35
N LEU E 524 5.98 11.85 66.55
CA LEU E 524 4.64 11.58 67.07
C LEU E 524 4.69 10.59 68.22
N LEU E 525 5.48 9.51 68.06
CA LEU E 525 5.60 8.53 69.13
C LEU E 525 6.19 9.16 70.39
N LYS E 526 7.26 9.95 70.23
CA LYS E 526 7.88 10.56 71.40
C LYS E 526 6.92 11.55 72.06
N GLN E 527 6.09 12.24 71.28
CA GLN E 527 5.11 13.15 71.84
C GLN E 527 4.06 12.38 72.65
N ALA E 528 3.67 11.20 72.18
CA ALA E 528 2.77 10.37 72.98
C ALA E 528 3.40 10.01 74.33
N ASP E 529 4.69 9.66 74.32
CA ASP E 529 5.36 9.37 75.60
C ASP E 529 5.37 10.60 76.51
N ASP E 530 5.61 11.77 75.94
CA ASP E 530 5.61 13.00 76.73
C ASP E 530 4.23 13.24 77.34
N LEU E 531 3.16 12.99 76.57
CA LEU E 531 1.82 13.12 77.11
C LEU E 531 1.62 12.18 78.29
N GLN E 532 2.14 10.96 78.20
CA GLN E 532 2.03 10.04 79.33
C GLN E 532 2.72 10.60 80.57
N THR E 533 3.91 11.16 80.39
CA THR E 533 4.63 11.75 81.53
C THR E 533 3.83 12.89 82.14
N SER E 534 3.23 13.74 81.30
CA SER E 534 2.41 14.83 81.81
C SER E 534 1.21 14.31 82.59
N ILE E 535 0.60 13.22 82.11
CA ILE E 535 -0.52 12.63 82.84
C ILE E 535 -0.08 12.17 84.22
N ASP E 536 1.09 11.55 84.30
CA ASP E 536 1.60 11.11 85.60
C ASP E 536 1.80 12.31 86.53
N SER E 537 2.38 13.38 86.01
CA SER E 537 2.60 14.57 86.84
C SER E 537 1.28 15.15 87.34
N MET E 538 0.29 15.22 86.46
CA MET E 538 -1.01 15.75 86.86
C MET E 538 -1.67 14.88 87.93
N THR E 539 -1.54 13.56 87.80
CA THR E 539 -2.09 12.66 88.82
C THR E 539 -1.45 12.90 90.18
N GLU E 540 -0.13 13.03 90.19
CA GLU E 540 0.55 13.32 91.45
C GLU E 540 0.10 14.66 92.03
N MET E 541 -0.07 15.66 91.17
CA MET E 541 -0.54 16.96 91.63
C MET E 541 -1.92 16.85 92.27
N MET E 542 -2.80 16.05 91.67
CA MET E 542 -4.14 15.87 92.23
C MET E 542 -4.08 15.21 93.61
N ASN E 543 -3.21 14.21 93.75
CA ASN E 543 -3.06 13.57 95.07
C ASN E 543 -2.58 14.57 96.12
N ILE E 544 -1.60 15.40 95.75
CA ILE E 544 -1.09 16.40 96.68
C ILE E 544 -2.18 17.40 97.04
N GLN E 545 -3.02 17.77 96.07
CA GLN E 545 -4.12 18.69 96.35
C GLN E 545 -5.10 18.07 97.34
N THR E 546 -5.39 16.78 97.20
CA THR E 546 -6.26 16.11 98.16
C THR E 546 -5.66 16.15 99.56
N GLU E 547 -4.36 15.89 99.68
CA GLU E 547 -3.72 15.96 100.99
C GLU E 547 -3.78 17.37 101.57
N LEU E 548 -3.58 18.39 100.71
CA LEU E 548 -3.70 19.77 101.19
C LEU E 548 -5.10 20.07 101.69
N ALA E 549 -6.13 19.55 101.00
CA ALA E 549 -7.50 19.75 101.45
C ALA E 549 -7.72 19.12 102.83
N ALA E 550 -7.19 17.91 103.03
CA ALA E 550 -7.33 17.27 104.34
C ALA E 550 -6.64 18.10 105.43
N VAL E 551 -5.44 18.60 105.13
CA VAL E 551 -4.71 19.41 106.11
C VAL E 551 -5.51 20.67 106.45
N SER E 552 -6.07 21.32 105.42
CA SER E 552 -6.83 22.55 105.65
C SER E 552 -8.04 22.28 106.53
N GLN E 553 -8.75 21.17 106.28
CA GLN E 553 -9.90 20.84 107.10
C GLN E 553 -9.51 20.61 108.55
N SER E 554 -8.40 19.88 108.77
CA SER E 554 -7.95 19.63 110.13
C SER E 554 -7.58 20.94 110.83
N MET E 555 -6.88 21.82 110.12
CA MET E 555 -6.50 23.09 110.71
C MET E 555 -7.73 23.93 111.07
N ALA E 556 -8.73 23.95 110.20
CA ALA E 556 -9.94 24.71 110.48
C ALA E 556 -10.65 24.18 111.72
N ASP E 557 -10.77 22.85 111.83
CA ASP E 557 -11.44 22.28 113.01
C ASP E 557 -10.67 22.61 114.29
N LYS E 558 -9.35 22.47 114.27
CA LYS E 558 -8.57 22.75 115.46
C LYS E 558 -8.62 24.23 115.83
N MET E 559 -8.62 25.11 114.84
CA MET E 559 -8.75 26.54 115.13
C MET E 559 -10.12 26.85 115.71
N ALA E 560 -11.17 26.17 115.24
CA ALA E 560 -12.49 26.36 115.82
C ALA E 560 -12.49 25.97 117.30
N GLN E 561 -11.87 24.84 117.62
CA GLN E 561 -11.79 24.42 119.02
C GLN E 561 -10.99 25.43 119.84
N THR E 562 -9.88 25.92 119.30
CA THR E 562 -9.07 26.89 120.01
C THR E 562 -9.84 28.18 120.26
N SER E 563 -10.63 28.62 119.27
CA SER E 563 -11.43 29.83 119.45
C SER E 563 -12.51 29.62 120.50
N ASP E 564 -13.08 28.41 120.56
CA ASP E 564 -14.04 28.10 121.62
C ASP E 564 -13.39 28.22 123.00
N ASP E 565 -12.19 27.65 123.14
CA ASP E 565 -11.49 27.75 124.42
C ASP E 565 -11.15 29.20 124.76
N THR E 566 -10.71 29.98 123.76
CA THR E 566 -10.38 31.38 124.01
C THR E 566 -11.61 32.19 124.37
N ALA E 567 -12.76 31.86 123.76
CA ALA E 567 -14.01 32.51 124.14
C ALA E 567 -14.36 32.20 125.59
N ASP E 568 -14.13 30.95 126.01
CA ASP E 568 -14.35 30.60 127.41
C ASP E 568 -13.45 31.43 128.32
N VAL E 569 -12.18 31.57 127.95
CA VAL E 569 -11.23 32.35 128.75
C VAL E 569 -11.68 33.81 128.83
N ARG E 570 -12.09 34.37 127.70
CA ARG E 570 -12.51 35.77 127.66
C ARG E 570 -13.77 35.99 128.50
N ASP E 571 -14.72 35.05 128.43
CA ASP E 571 -15.92 35.16 129.26
C ASP E 571 -15.57 35.09 130.73
N HIS E 572 -14.67 34.19 131.10
CA HIS E 572 -14.24 34.10 132.51
C HIS E 572 -13.62 35.41 132.96
N LEU E 573 -12.71 35.96 132.14
CA LEU E 573 -12.03 37.19 132.53
C LEU E 573 -13.00 38.37 132.61
N ALA E 574 -13.94 38.45 131.67
CA ALA E 574 -14.92 39.54 131.68
C ALA E 574 -15.83 39.43 132.91
N ASP E 575 -16.27 38.22 133.24
CA ASP E 575 -17.09 38.02 134.42
C ASP E 575 -16.30 38.27 135.70
N PHE E 576 -14.98 38.10 135.67
CA PHE E 576 -14.15 38.39 136.82
C PHE E 576 -14.04 39.90 137.04
N ASP E 577 -13.24 40.28 138.02
CA ASP E 577 -12.90 41.66 138.37
C ASP E 577 -14.12 42.46 138.83
N ASP E 578 -15.30 41.84 138.94
CA ASP E 578 -16.48 42.56 139.41
C ASP E 578 -16.26 43.10 140.82
N PHE E 579 -15.47 42.40 141.63
CA PHE E 579 -15.09 42.94 142.93
C PHE E 579 -14.22 44.19 142.78
N PHE E 580 -13.44 44.25 141.70
CA PHE E 580 -12.58 45.39 141.41
C PHE E 580 -13.18 46.32 140.36
N ARG E 581 -14.39 46.04 139.89
CA ARG E 581 -14.93 46.79 138.75
C ARG E 581 -15.12 48.28 139.03
N PRO E 582 -15.78 48.70 140.13
CA PRO E 582 -15.75 50.14 140.44
C PRO E 582 -14.34 50.64 140.70
N ILE E 583 -13.51 49.83 141.35
CA ILE E 583 -12.12 50.18 141.53
C ILE E 583 -11.42 50.28 140.18
N ARG E 584 -11.75 49.38 139.25
CA ARG E 584 -11.17 49.44 137.91
C ARG E 584 -11.53 50.74 137.21
N ASN E 585 -12.80 51.15 137.31
CA ASN E 585 -13.22 52.43 136.74
C ASN E 585 -12.44 53.58 137.37
N TYR E 586 -12.21 53.49 138.68
CA TYR E 586 -11.37 54.50 139.35
C TYR E 586 -9.96 54.50 138.76
N LEU E 587 -9.38 53.31 138.55
CA LEU E 587 -8.03 53.22 138.01
C LEU E 587 -7.95 53.86 136.63
N TYR E 588 -8.94 53.58 135.78
CA TYR E 588 -8.96 54.18 134.45
C TYR E 588 -9.13 55.69 134.53
N TRP E 589 -9.97 56.16 135.45
CA TRP E 589 -10.23 57.60 135.55
C TRP E 589 -9.16 58.32 136.36
N GLU E 590 -8.30 57.57 137.04
CA GLU E 590 -7.30 58.17 137.91
C GLU E 590 -6.21 58.88 137.09
N PRO E 591 -5.95 60.17 137.36
CA PRO E 591 -4.88 60.85 136.61
C PRO E 591 -3.48 60.49 137.11
N HIS E 592 -3.31 60.30 138.42
CA HIS E 592 -2.04 59.86 139.00
C HIS E 592 -2.01 58.35 139.22
N CYS E 593 -2.70 57.60 138.37
CA CYS E 593 -2.78 56.14 138.53
C CYS E 593 -1.40 55.50 138.39
N TYR E 594 -0.59 56.01 137.46
CA TYR E 594 0.68 55.38 137.15
C TYR E 594 1.81 55.79 138.08
N ASP E 595 1.83 57.05 138.54
CA ASP E 595 3.01 57.55 139.24
C ASP E 595 3.22 56.85 140.58
N ILE E 596 2.38 57.16 141.57
CA ILE E 596 2.60 56.72 142.93
C ILE E 596 2.16 55.27 143.19
N PRO E 597 0.90 54.91 142.97
CA PRO E 597 0.39 53.65 143.54
C PRO E 597 0.56 52.47 142.59
N MET E 598 0.15 51.31 143.08
CA MET E 598 -0.02 50.11 142.26
C MET E 598 -1.27 50.18 141.39
N CYS E 599 -1.92 51.36 141.34
CA CYS E 599 -3.02 51.59 140.43
C CYS E 599 -2.62 51.26 139.00
N TRP E 600 -1.38 51.61 138.63
CA TRP E 600 -0.91 51.32 137.29
C TRP E 600 -0.86 49.82 137.03
N SER E 601 -0.36 49.05 137.99
CA SER E 601 -0.29 47.61 137.83
C SER E 601 -1.69 47.01 137.69
N MET E 602 -2.62 47.44 138.55
CA MET E 602 -3.97 46.90 138.49
C MET E 602 -4.67 47.29 137.19
N ARG E 603 -4.53 48.54 136.78
CA ARG E 603 -5.14 49.02 135.55
C ARG E 603 -4.55 48.30 134.35
N SER E 604 -3.24 48.03 134.38
CA SER E 604 -2.62 47.32 133.27
C SER E 604 -3.05 45.85 133.22
N ILE E 605 -3.28 45.24 134.38
CA ILE E 605 -3.84 43.89 134.40
C ILE E 605 -5.24 43.90 133.76
N PHE E 606 -6.05 44.89 134.10
CA PHE E 606 -7.39 44.97 133.51
C PHE E 606 -7.32 45.28 132.02
N GLU E 607 -6.33 46.09 131.60
CA GLU E 607 -6.13 46.34 130.18
C GLU E 607 -5.73 45.06 129.46
N SER E 608 -4.90 44.23 130.10
CA SER E 608 -4.57 42.93 129.52
C SER E 608 -5.82 42.06 129.40
N ILE E 609 -6.70 42.13 130.39
CA ILE E 609 -7.96 41.37 130.31
C ILE E 609 -8.79 41.85 129.12
N ASP E 610 -8.89 43.17 128.94
CA ASP E 610 -9.63 43.70 127.80
C ASP E 610 -9.00 43.27 126.48
N GLY E 611 -7.67 43.32 126.40
CA GLY E 611 -6.99 42.88 125.20
C GLY E 611 -7.18 41.40 124.93
N ILE E 612 -7.27 40.59 125.99
CA ILE E 612 -7.54 39.16 125.81
C ILE E 612 -8.94 38.94 125.30
N ASN E 613 -9.90 39.74 125.77
CA ASN E 613 -11.24 39.68 125.22
C ASN E 613 -11.25 40.02 123.74
N THR E 614 -10.52 41.08 123.37
CA THR E 614 -10.42 41.44 121.96
C THR E 614 -9.72 40.35 121.15
N MET E 615 -8.74 39.69 121.76
CA MET E 615 -8.04 38.59 121.10
C MET E 615 -8.98 37.41 120.86
N SER E 616 -9.85 37.13 121.82
CA SER E 616 -10.87 36.10 121.63
C SER E 616 -11.82 36.48 120.49
N ASP E 617 -12.21 37.76 120.44
CA ASP E 617 -13.01 38.22 119.31
C ASP E 617 -12.26 38.03 117.99
N ASP E 618 -10.95 38.26 118.01
CA ASP E 618 -10.15 38.06 116.80
C ASP E 618 -10.12 36.60 116.39
N PHE E 619 -10.04 35.68 117.36
CA PHE E 619 -10.11 34.26 117.05
C PHE E 619 -11.47 33.90 116.46
N GLN E 620 -12.55 34.45 117.02
CA GLN E 620 -13.88 34.26 116.45
C GLN E 620 -13.98 34.81 115.04
N GLU E 621 -13.24 35.86 114.72
CA GLU E 621 -13.17 36.37 113.36
C GLU E 621 -12.33 35.49 112.44
N LEU E 622 -11.27 34.89 112.98
CA LEU E 622 -10.36 34.08 112.17
C LEU E 622 -10.95 32.72 111.82
N VAL E 623 -11.82 32.18 112.68
CA VAL E 623 -12.41 30.86 112.40
C VAL E 623 -13.15 30.83 111.06
N PRO E 624 -14.01 31.78 110.73
CA PRO E 624 -14.65 31.74 109.40
C PRO E 624 -13.67 31.76 108.24
N GLU E 625 -12.51 32.42 108.42
CA GLU E 625 -11.51 32.45 107.37
C GLU E 625 -10.99 31.04 107.08
N MET E 626 -10.64 30.29 108.12
CA MET E 626 -10.20 28.92 107.93
C MET E 626 -11.33 28.05 107.40
N ARG E 627 -12.56 28.33 107.81
CA ARG E 627 -13.71 27.61 107.26
C ARG E 627 -13.80 27.81 105.75
N ARG E 628 -13.67 29.05 105.30
CA ARG E 628 -13.75 29.36 103.88
C ARG E 628 -12.60 28.71 103.12
N MET E 629 -11.39 28.73 103.69
CA MET E 629 -10.25 28.09 103.03
C MET E 629 -10.45 26.58 102.90
N ALA E 630 -10.88 25.93 103.98
CA ALA E 630 -11.10 24.49 103.95
C ALA E 630 -12.29 24.11 103.09
N ASP E 631 -13.19 25.05 102.80
CA ASP E 631 -14.22 24.80 101.81
C ASP E 631 -13.74 25.02 100.39
N LEU E 632 -12.81 25.95 100.19
CA LEU E 632 -12.30 26.22 98.85
C LEU E 632 -11.43 25.08 98.35
N MET E 633 -10.63 24.47 99.23
CA MET E 633 -9.70 23.43 98.80
C MET E 633 -10.35 22.28 98.03
N PRO E 634 -11.46 21.70 98.51
CA PRO E 634 -12.07 20.59 97.76
C PRO E 634 -12.50 20.96 96.36
N ARG E 635 -12.84 22.22 96.11
CA ARG E 635 -13.17 22.65 94.75
C ARG E 635 -11.96 22.47 93.83
N MET E 636 -10.79 22.93 94.28
CA MET E 636 -9.57 22.75 93.49
C MET E 636 -9.25 21.27 93.32
N VAL E 637 -9.55 20.46 94.35
CA VAL E 637 -9.35 19.02 94.21
C VAL E 637 -10.25 18.45 93.11
N ALA E 638 -11.51 18.87 93.09
CA ALA E 638 -12.47 18.29 92.16
C ALA E 638 -12.29 18.83 90.75
N VAL E 639 -11.57 19.94 90.59
CA VAL E 639 -11.32 20.47 89.26
C VAL E 639 -10.40 19.55 88.46
N MET E 640 -9.40 18.95 89.13
CA MET E 640 -8.31 18.25 88.45
C MET E 640 -8.74 17.14 87.49
N PRO E 641 -9.64 16.20 87.85
CA PRO E 641 -9.81 15.00 87.03
C PRO E 641 -10.19 15.26 85.58
N ALA E 642 -10.86 16.39 85.31
CA ALA E 642 -11.32 16.66 83.95
C ALA E 642 -10.14 16.82 82.99
N GLN E 643 -9.07 17.49 83.42
CA GLN E 643 -7.94 17.72 82.53
C GLN E 643 -7.21 16.42 82.21
N ILE E 644 -7.09 15.52 83.20
CA ILE E 644 -6.37 14.27 82.98
C ILE E 644 -7.08 13.42 81.94
N GLN E 645 -8.40 13.42 81.94
CA GLN E 645 -9.15 12.68 80.92
C GLN E 645 -8.89 13.27 79.54
N SER E 646 -8.81 14.60 79.44
CA SER E 646 -8.50 15.23 78.18
C SER E 646 -7.12 14.82 77.68
N MET E 647 -6.13 14.78 78.57
CA MET E 647 -4.80 14.37 78.17
C MET E 647 -4.79 12.91 77.72
N LYS E 648 -5.51 12.05 78.42
CA LYS E 648 -5.57 10.64 78.03
C LYS E 648 -6.18 10.48 76.65
N ASN E 649 -7.29 11.18 76.39
CA ASN E 649 -7.93 11.09 75.09
C ASN E 649 -7.01 11.63 73.99
N GLN E 650 -6.28 12.70 74.28
CA GLN E 650 -5.33 13.22 73.30
C GLN E 650 -4.23 12.20 73.00
N LYS E 651 -3.76 11.49 74.02
CA LYS E 651 -2.74 10.47 73.80
C LYS E 651 -3.28 9.33 72.93
N GLN E 652 -4.51 8.91 73.18
CA GLN E 652 -5.11 7.86 72.35
C GLN E 652 -5.22 8.33 70.90
N THR E 653 -5.66 9.57 70.71
CA THR E 653 -5.77 10.12 69.36
C THR E 653 -4.42 10.15 68.67
N LEU E 654 -3.37 10.53 69.40
CA LEU E 654 -2.04 10.59 68.81
C LEU E 654 -1.57 9.20 68.39
N LEU E 655 -1.79 8.19 69.23
CA LEU E 655 -1.37 6.84 68.86
C LEU E 655 -2.11 6.34 67.62
N ASN E 656 -3.42 6.56 67.58
CA ASN E 656 -4.19 6.13 66.40
C ASN E 656 -3.73 6.84 65.15
N GLN E 657 -3.49 8.16 65.25
CA GLN E 657 -3.03 8.92 64.10
C GLN E 657 -1.68 8.41 63.62
N TYR E 658 -0.79 8.10 64.56
CA TYR E 658 0.52 7.57 64.18
C TYR E 658 0.36 6.27 63.40
N GLN E 659 -0.47 5.36 63.91
CA GLN E 659 -0.65 4.09 63.22
C GLN E 659 -1.17 4.31 61.80
N VAL E 660 -2.19 5.16 61.65
CA VAL E 660 -2.80 5.36 60.34
C VAL E 660 -1.80 5.96 59.37
N GLN E 661 -1.10 7.02 59.78
CA GLN E 661 -0.21 7.70 58.86
C GLN E 661 1.02 6.85 58.54
N LYS E 662 1.52 6.10 59.52
CA LYS E 662 2.64 5.19 59.26
C LYS E 662 2.26 4.15 58.23
N ALA E 663 1.06 3.57 58.39
CA ALA E 663 0.62 2.57 57.42
C ALA E 663 0.49 3.18 56.04
N GLN E 664 -0.09 4.37 55.94
CA GLN E 664 -0.25 5.01 54.64
C GLN E 664 1.10 5.27 53.98
N GLN E 665 2.05 5.81 54.74
CA GLN E 665 3.35 6.15 54.18
C GLN E 665 4.10 4.91 53.73
N ASP E 666 4.11 3.87 54.57
CA ASP E 666 4.81 2.63 54.19
C ASP E 666 4.17 1.98 52.98
N GLN E 667 2.85 1.98 52.91
CA GLN E 667 2.16 1.40 51.75
C GLN E 667 2.50 2.17 50.49
N ASN E 668 2.50 3.49 50.56
CA ASN E 668 2.83 4.29 49.38
C ASN E 668 4.26 4.06 48.94
N MET E 669 5.19 3.97 49.90
CA MET E 669 6.58 3.74 49.54
C MET E 669 6.78 2.35 48.94
N ALA E 670 6.03 1.35 49.43
CA ALA E 670 6.12 0.02 48.84
C ALA E 670 5.59 0.03 47.41
N MET E 671 4.48 0.73 47.17
CA MET E 671 3.92 0.73 45.82
C MET E 671 4.79 1.52 44.84
N GLN E 672 5.35 2.64 45.28
CA GLN E 672 6.12 3.49 44.39
C GLN E 672 7.54 2.99 44.16
N GLU E 673 7.97 1.97 44.89
CA GLU E 673 9.32 1.46 44.74
C GLU E 673 9.49 0.78 43.38
N ASN E 674 10.60 1.11 42.70
CA ASN E 674 10.94 0.51 41.42
C ASN E 674 9.87 0.78 40.37
N ALA E 675 9.21 1.93 40.48
CA ALA E 675 8.25 2.35 39.48
C ALA E 675 8.89 3.08 38.32
N THR E 676 10.16 3.45 38.43
CA THR E 676 10.89 4.09 37.34
C THR E 676 11.41 3.08 36.33
N ALA E 677 11.12 1.80 36.50
CA ALA E 677 11.49 0.81 35.50
C ALA E 677 10.76 1.07 34.20
N MET E 678 9.55 1.63 34.27
CA MET E 678 8.81 1.94 33.05
C MET E 678 9.54 2.98 32.21
N SER E 679 10.08 4.01 32.86
CA SER E 679 10.80 5.06 32.15
C SER E 679 12.04 4.51 31.46
N GLN E 680 12.82 3.72 32.20
CA GLN E 680 14.03 3.15 31.62
C GLN E 680 13.70 2.18 30.50
N ALA E 681 12.61 1.43 30.65
CA ALA E 681 12.20 0.51 29.60
C ALA E 681 11.85 1.27 28.33
N PHE E 682 11.10 2.37 28.46
CA PHE E 682 10.70 3.10 27.28
C PHE E 682 11.86 3.85 26.64
N ASP E 683 12.87 4.22 27.45
CA ASP E 683 14.04 4.88 26.89
C ASP E 683 14.96 3.89 26.19
N ALA E 684 15.13 2.71 26.77
CA ALA E 684 16.04 1.72 26.19
C ALA E 684 15.49 1.16 24.89
N ALA E 685 14.17 1.00 24.80
CA ALA E 685 13.56 0.45 23.60
C ALA E 685 13.44 1.45 22.48
N LYS E 686 13.79 2.71 22.70
CA LYS E 686 13.67 3.77 21.68
C LYS E 686 12.24 3.86 21.17
N ASN E 687 11.28 3.73 22.09
CA ASN E 687 9.88 3.84 21.73
C ASN E 687 9.55 5.26 21.30
N ASP E 688 8.67 5.39 20.31
CA ASP E 688 8.28 6.70 19.80
C ASP E 688 6.79 6.78 19.51
N ASP E 689 5.96 6.03 20.23
CA ASP E 689 4.53 6.09 19.99
C ASP E 689 3.95 7.45 20.36
N SER E 690 4.45 8.06 21.42
CA SER E 690 4.02 9.38 21.85
C SER E 690 5.21 10.31 21.96
N PHE E 691 4.93 11.61 22.01
CA PHE E 691 5.98 12.61 22.08
C PHE E 691 5.42 13.86 22.72
N TYR E 692 6.23 14.53 23.53
CA TYR E 692 5.85 15.82 24.12
C TYR E 692 7.09 16.53 24.63
N LEU E 693 7.20 17.82 24.33
CA LEU E 693 8.30 18.64 24.80
C LEU E 693 7.74 19.80 25.60
N PRO E 694 8.08 19.93 26.88
CA PRO E 694 7.48 20.98 27.70
C PRO E 694 7.95 22.35 27.25
N PRO E 695 7.18 23.40 27.56
CA PRO E 695 7.61 24.75 27.17
C PRO E 695 8.93 25.17 27.79
N GLU E 696 9.29 24.58 28.93
CA GLU E 696 10.54 24.98 29.60
C GLU E 696 11.76 24.53 28.81
N ALA E 697 11.63 23.47 28.02
CA ALA E 697 12.77 22.98 27.26
C ALA E 697 13.15 23.93 26.14
N PHE E 698 12.21 24.74 25.66
CA PHE E 698 12.48 25.67 24.58
C PHE E 698 13.41 26.80 25.00
N GLU E 699 13.69 26.97 26.28
CA GLU E 699 14.58 28.00 26.76
C GLU E 699 16.01 27.52 26.99
N THR E 700 16.24 26.21 27.01
CA THR E 700 17.57 25.69 27.21
C THR E 700 18.45 26.00 26.02
N ASP E 701 19.77 26.09 26.26
CA ASP E 701 20.68 26.48 25.20
C ASP E 701 20.75 25.42 24.10
N ASP E 702 20.61 24.14 24.46
CA ASP E 702 20.69 23.08 23.47
C ASP E 702 19.59 23.20 22.44
N PHE E 703 18.36 23.50 22.88
CA PHE E 703 17.28 23.65 21.92
C PHE E 703 17.25 25.03 21.30
N GLN E 704 17.88 26.02 21.93
CA GLN E 704 18.06 27.31 21.29
C GLN E 704 19.00 27.19 20.10
N ARG E 705 20.04 26.37 20.24
CA ARG E 705 20.92 26.11 19.10
C ARG E 705 20.24 25.24 18.06
N GLY E 706 19.49 24.23 18.50
CA GLY E 706 18.84 23.34 17.54
C GLY E 706 17.82 24.04 16.68
N MET E 707 17.08 24.99 17.25
CA MET E 707 16.09 25.72 16.47
C MET E 707 16.71 26.71 15.50
N LYS E 708 17.99 27.03 15.65
CA LYS E 708 18.72 27.80 14.65
C LYS E 708 19.43 26.89 13.65
N LEU E 709 19.32 25.57 13.84
CA LEU E 709 19.93 24.60 12.96
C LEU E 709 18.93 23.86 12.08
N PHE E 710 17.65 23.83 12.46
CA PHE E 710 16.65 23.13 11.69
C PHE E 710 15.44 23.99 11.33
N MET E 711 15.38 25.24 11.78
CA MET E 711 14.21 26.09 11.52
C MET E 711 14.66 27.45 11.02
N SER E 712 13.77 28.10 10.27
CA SER E 712 14.08 29.38 9.67
C SER E 712 14.22 30.45 10.75
N PRO E 713 14.93 31.55 10.45
CA PRO E 713 15.13 32.59 11.46
C PRO E 713 13.83 33.15 12.02
N ASP E 714 12.80 33.30 11.19
CA ASP E 714 11.50 33.75 11.68
C ASP E 714 10.62 32.60 12.14
N GLY E 715 11.11 31.37 12.06
CA GLY E 715 10.38 30.23 12.59
C GLY E 715 9.22 29.77 11.76
N HIS E 716 9.14 30.17 10.50
CA HIS E 716 8.02 29.83 9.65
C HIS E 716 8.22 28.52 8.88
N ALA E 717 9.41 27.92 8.93
CA ALA E 717 9.69 26.73 8.15
C ALA E 717 10.61 25.80 8.93
N VAL E 718 10.54 24.52 8.61
CA VAL E 718 11.36 23.49 9.24
C VAL E 718 11.85 22.54 8.16
N ARG E 719 13.12 22.15 8.23
CA ARG E 719 13.71 21.25 7.25
C ARG E 719 13.94 19.88 7.85
N PHE E 720 13.84 18.84 7.01
CA PHE E 720 14.04 17.46 7.41
C PHE E 720 15.18 16.88 6.59
N THR E 721 15.97 16.00 7.21
CA THR E 721 16.99 15.26 6.50
C THR E 721 16.59 13.79 6.42
N ILE E 722 16.62 13.22 5.22
CA ILE E 722 16.12 11.87 4.98
C ILE E 722 17.26 11.03 4.40
N ILE E 723 17.43 9.83 4.93
CA ILE E 723 18.51 8.93 4.52
C ILE E 723 17.90 7.60 4.11
N HIS E 724 18.25 7.14 2.91
CA HIS E 724 17.67 5.93 2.34
C HIS E 724 18.31 4.68 2.93
N GLN E 725 17.86 3.53 2.46
CA GLN E 725 18.48 2.25 2.75
C GLN E 725 19.14 1.73 1.48
N GLY E 726 20.35 1.22 1.61
CA GLY E 726 21.08 0.73 0.45
C GLY E 726 21.63 1.87 -0.38
N ASP E 727 21.57 1.73 -1.71
CA ASP E 727 22.07 2.76 -2.60
C ASP E 727 20.94 3.67 -3.01
N PRO E 728 20.98 4.96 -2.68
CA PRO E 728 19.88 5.84 -3.06
C PRO E 728 19.88 6.23 -4.53
N LEU E 729 21.00 6.07 -5.22
CA LEU E 729 21.12 6.46 -6.62
C LEU E 729 20.84 5.28 -7.55
N THR E 730 19.69 4.65 -7.37
CA THR E 730 19.25 3.55 -8.22
C THR E 730 17.84 3.81 -8.69
N GLU E 731 17.25 2.82 -9.37
CA GLU E 731 15.86 2.95 -9.80
C GLU E 731 14.92 2.81 -8.61
N GLU E 732 15.30 2.03 -7.61
CA GLU E 732 14.49 1.94 -6.40
C GLU E 732 14.54 3.23 -5.61
N GLY E 733 15.72 3.87 -5.56
CA GLY E 733 15.86 5.10 -4.80
C GLY E 733 15.02 6.23 -5.34
N THR E 734 15.06 6.43 -6.66
CA THR E 734 14.32 7.54 -7.25
C THR E 734 12.81 7.32 -7.22
N ALA E 735 12.34 6.10 -7.00
CA ALA E 735 10.92 5.83 -6.94
C ALA E 735 10.31 6.18 -5.59
N ARG E 736 11.13 6.50 -4.59
CA ARG E 736 10.61 6.83 -3.27
C ARG E 736 10.25 8.30 -3.13
N MET E 737 10.51 9.12 -4.15
CA MET E 737 10.26 10.56 -4.01
C MET E 737 8.78 10.87 -3.90
N ASP E 738 7.97 10.25 -4.76
CA ASP E 738 6.53 10.48 -4.70
C ASP E 738 5.94 9.97 -3.39
N GLU E 739 6.45 8.85 -2.90
CA GLU E 739 5.95 8.30 -1.64
C GLU E 739 6.19 9.26 -0.48
N LEU E 740 7.36 9.91 -0.45
CA LEU E 740 7.66 10.84 0.63
C LEU E 740 6.71 12.03 0.61
N LYS E 741 6.45 12.59 -0.58
CA LYS E 741 5.54 13.72 -0.68
C LYS E 741 4.12 13.33 -0.29
N VAL E 742 3.68 12.15 -0.71
CA VAL E 742 2.36 11.69 -0.32
C VAL E 742 2.28 11.51 1.19
N ALA E 743 3.30 10.91 1.78
CA ALA E 743 3.29 10.66 3.22
C ALA E 743 3.25 11.97 4.00
N ALA E 744 4.05 12.95 3.59
CA ALA E 744 4.04 14.24 4.27
C ALA E 744 2.69 14.94 4.12
N ALA E 745 2.13 14.92 2.91
CA ALA E 745 0.84 15.56 2.70
C ALA E 745 -0.25 14.89 3.52
N ASP E 746 -0.16 13.58 3.72
CA ASP E 746 -1.15 12.89 4.53
C ASP E 746 -0.93 13.15 6.01
N ALA E 747 0.32 13.33 6.43
CA ALA E 747 0.57 13.67 7.83
C ALA E 747 0.05 15.06 8.16
N ILE E 748 0.15 15.99 7.22
CA ILE E 748 -0.36 17.33 7.45
C ILE E 748 -1.88 17.34 7.56
N LYS E 749 -2.55 16.45 6.84
CA LYS E 749 -4.01 16.46 6.74
C LYS E 749 -4.66 16.42 8.12
N GLY E 750 -5.64 17.30 8.32
CA GLY E 750 -6.39 17.34 9.56
C GLY E 750 -5.74 18.10 10.70
N THR E 751 -4.63 18.77 10.45
CA THR E 751 -3.88 19.46 11.50
C THR E 751 -3.86 20.95 11.22
N PRO E 752 -3.42 21.78 12.18
CA PRO E 752 -3.27 23.22 11.88
C PRO E 752 -2.25 23.50 10.79
N PHE E 753 -1.44 22.52 10.42
CA PHE E 753 -0.46 22.69 9.35
C PHE E 753 -1.10 22.71 7.97
N GLU E 754 -2.41 22.52 7.86
CA GLU E 754 -3.07 22.51 6.57
C GLU E 754 -2.82 23.80 5.82
N GLY E 755 -2.53 23.67 4.52
CA GLY E 755 -2.13 24.80 3.71
C GLY E 755 -0.64 25.00 3.61
N ALA E 756 0.15 24.12 4.20
CA ALA E 756 1.60 24.23 4.12
C ALA E 756 2.10 23.84 2.74
N ARG E 757 3.34 24.19 2.46
CA ARG E 757 3.98 23.91 1.18
C ARG E 757 5.16 22.98 1.42
N ILE E 758 5.26 21.93 0.61
CA ILE E 758 6.25 20.88 0.78
C ILE E 758 7.24 20.95 -0.37
N TYR E 759 8.52 21.04 -0.04
CA TYR E 759 9.60 21.09 -1.03
C TYR E 759 10.54 19.92 -0.76
N LEU E 760 10.86 19.16 -1.81
CA LEU E 760 11.73 18.00 -1.68
C LEU E 760 12.90 18.14 -2.65
N GLY E 761 14.11 17.98 -2.11
CA GLY E 761 15.31 18.10 -2.92
C GLY E 761 16.36 17.10 -2.46
N GLY E 762 17.43 17.02 -3.24
CA GLY E 762 18.50 16.08 -2.95
C GLY E 762 19.00 15.40 -4.20
N SER E 763 19.89 14.42 -4.05
CA SER E 763 20.44 13.73 -5.22
C SER E 763 19.38 12.87 -5.90
N ALA E 764 18.62 12.11 -5.09
CA ALA E 764 17.63 11.20 -5.66
C ALA E 764 16.55 11.95 -6.42
N ALA E 765 16.09 13.08 -5.88
CA ALA E 765 15.08 13.87 -6.58
C ALA E 765 15.63 14.43 -7.88
N THR E 766 16.89 14.89 -7.85
CA THR E 766 17.53 15.39 -9.06
C THR E 766 17.55 14.32 -10.13
N TYR E 767 17.93 13.09 -9.77
CA TYR E 767 18.03 12.05 -10.79
C TYR E 767 16.65 11.55 -11.21
N ASN E 768 15.65 11.63 -10.34
CA ASN E 768 14.28 11.34 -10.76
C ASN E 768 13.84 12.30 -11.86
N ASP E 769 14.09 13.59 -11.66
CA ASP E 769 13.78 14.57 -12.70
C ASP E 769 14.60 14.33 -13.96
N MET E 770 15.87 13.96 -13.79
CA MET E 770 16.71 13.66 -14.95
C MET E 770 16.14 12.51 -15.75
N GLN E 771 15.66 11.46 -15.07
CA GLN E 771 15.11 10.31 -15.79
C GLN E 771 13.86 10.69 -16.56
N ILE E 772 12.97 11.47 -15.93
CA ILE E 772 11.76 11.89 -16.63
C ILE E 772 12.12 12.71 -17.87
N GLY E 773 13.03 13.67 -17.71
CA GLY E 773 13.46 14.47 -18.84
C GLY E 773 14.09 13.63 -19.94
N ALA E 774 14.89 12.64 -19.56
CA ALA E 774 15.54 11.79 -20.55
C ALA E 774 14.52 10.98 -21.34
N ASP E 775 13.50 10.45 -20.67
CA ASP E 775 12.46 9.72 -21.39
C ASP E 775 11.79 10.61 -22.43
N TYR E 776 11.34 11.79 -22.02
CA TYR E 776 10.65 12.66 -22.96
C TYR E 776 11.57 13.10 -24.09
N ASP E 777 12.84 13.37 -23.77
CA ASP E 777 13.79 13.78 -24.80
C ASP E 777 14.03 12.66 -25.79
N LEU E 778 14.09 11.41 -25.33
CA LEU E 778 14.25 10.30 -26.25
C LEU E 778 13.08 10.22 -27.22
N ILE E 779 11.86 10.35 -26.70
CA ILE E 779 10.69 10.31 -27.59
C ILE E 779 10.75 11.43 -28.62
N ILE E 780 11.04 12.65 -28.15
CA ILE E 780 11.06 13.81 -29.05
C ILE E 780 12.13 13.63 -30.13
N VAL E 781 13.32 13.21 -29.72
CA VAL E 781 14.43 13.06 -30.66
C VAL E 781 14.09 12.01 -31.71
N ALA E 782 13.57 10.87 -31.27
CA ALA E 782 13.23 9.82 -32.22
C ALA E 782 12.21 10.31 -33.23
N ALA E 783 11.14 10.95 -32.76
CA ALA E 783 10.10 11.41 -33.68
C ALA E 783 10.64 12.42 -34.68
N SER E 784 11.33 13.46 -34.19
CA SER E 784 11.81 14.50 -35.08
C SER E 784 12.81 13.97 -36.08
N ALA E 785 13.74 13.12 -35.63
CA ALA E 785 14.75 12.57 -36.53
C ALA E 785 14.11 11.70 -37.61
N LEU E 786 13.14 10.86 -37.22
CA LEU E 786 12.48 10.01 -38.21
C LEU E 786 11.78 10.85 -39.26
N ILE E 787 11.05 11.88 -38.82
CA ILE E 787 10.31 12.70 -39.77
C ILE E 787 11.26 13.43 -40.72
N LEU E 788 12.33 14.00 -40.18
CA LEU E 788 13.27 14.74 -41.01
C LEU E 788 13.97 13.83 -42.01
N ILE E 789 14.41 12.65 -41.57
CA ILE E 789 15.08 11.72 -42.46
C ILE E 789 14.13 11.26 -43.55
N PHE E 790 12.88 10.99 -43.19
CA PHE E 790 11.88 10.60 -44.18
C PHE E 790 11.69 11.69 -45.22
N ILE E 791 11.62 12.94 -44.79
CA ILE E 791 11.43 14.05 -45.72
C ILE E 791 12.62 14.13 -46.68
N ILE E 792 13.84 14.02 -46.13
CA ILE E 792 15.03 14.14 -46.97
C ILE E 792 15.08 13.01 -47.99
N MET E 793 14.80 11.79 -47.56
CA MET E 793 14.84 10.65 -48.47
C MET E 793 13.76 10.74 -49.53
N MET E 794 12.58 11.24 -49.15
CA MET E 794 11.51 11.41 -50.12
C MET E 794 11.86 12.47 -51.15
N VAL E 795 12.50 13.56 -50.72
CA VAL E 795 12.91 14.59 -51.66
C VAL E 795 13.98 14.06 -52.61
N LEU E 796 14.94 13.32 -52.07
CA LEU E 796 16.07 12.88 -52.91
C LEU E 796 15.65 11.79 -53.88
N THR E 797 14.96 10.76 -53.40
CA THR E 797 14.65 9.62 -54.27
C THR E 797 13.37 9.82 -55.05
N ARG E 798 12.62 10.90 -54.79
CA ARG E 798 11.36 11.19 -55.47
C ARG E 798 10.34 10.07 -55.30
N ALA E 799 10.49 9.23 -54.28
CA ALA E 799 9.61 8.10 -54.05
C ALA E 799 9.22 8.04 -52.59
N VAL E 800 8.00 7.59 -52.32
CA VAL E 800 7.50 7.49 -50.96
C VAL E 800 7.80 6.13 -50.36
N VAL E 801 7.51 5.07 -51.11
CA VAL E 801 7.70 3.72 -50.61
C VAL E 801 9.17 3.44 -50.31
N ALA E 802 10.07 3.96 -51.15
CA ALA E 802 11.49 3.77 -50.93
C ALA E 802 11.92 4.41 -49.61
N ALA E 803 11.46 5.63 -49.35
CA ALA E 803 11.81 6.30 -48.09
C ALA E 803 11.25 5.53 -46.90
N ALA E 804 10.01 5.05 -47.01
CA ALA E 804 9.42 4.29 -45.92
C ALA E 804 10.22 3.01 -45.65
N VAL E 805 10.65 2.33 -46.71
CA VAL E 805 11.43 1.11 -46.54
C VAL E 805 12.76 1.42 -45.85
N ILE E 806 13.43 2.49 -46.29
CA ILE E 806 14.70 2.88 -45.67
C ILE E 806 14.51 3.10 -44.18
N VAL E 807 13.49 3.90 -43.82
CA VAL E 807 13.27 4.25 -42.42
C VAL E 807 12.95 2.99 -41.60
N GLY E 808 12.07 2.14 -42.11
CA GLY E 808 11.69 0.95 -41.36
C GLY E 808 12.86 0.01 -41.12
N THR E 809 13.66 -0.22 -42.16
CA THR E 809 14.82 -1.09 -42.01
C THR E 809 15.81 -0.50 -41.01
N VAL E 810 16.02 0.81 -41.05
CA VAL E 810 16.92 1.44 -40.09
C VAL E 810 16.41 1.26 -38.66
N VAL E 811 15.08 1.38 -38.48
CA VAL E 811 14.51 1.22 -37.14
C VAL E 811 14.72 -0.20 -36.62
N LEU E 812 14.50 -1.19 -37.49
CA LEU E 812 14.73 -2.57 -37.09
C LEU E 812 16.19 -2.79 -36.68
N SER E 813 17.12 -2.26 -37.48
CA SER E 813 18.54 -2.36 -37.14
C SER E 813 18.81 -1.67 -35.80
N LEU E 814 18.09 -0.58 -35.53
CA LEU E 814 18.26 0.12 -34.26
C LEU E 814 17.88 -0.76 -33.09
N ALA E 815 16.76 -1.47 -33.21
CA ALA E 815 16.36 -2.39 -32.14
C ALA E 815 17.41 -3.47 -31.92
N SER E 816 17.93 -4.04 -33.02
CA SER E 816 18.96 -5.06 -32.89
C SER E 816 20.21 -4.50 -32.21
N ALA E 817 20.59 -3.28 -32.57
CA ALA E 817 21.76 -2.64 -31.97
C ALA E 817 21.58 -2.46 -30.47
N PHE E 818 20.40 -2.00 -30.06
CA PHE E 818 20.12 -1.84 -28.64
C PHE E 818 20.26 -3.16 -27.91
N GLY E 819 19.70 -4.23 -28.49
CA GLY E 819 19.82 -5.54 -27.87
C GLY E 819 21.26 -5.99 -27.70
N LEU E 820 22.05 -5.86 -28.77
CA LEU E 820 23.44 -6.29 -28.71
C LEU E 820 24.23 -5.49 -27.68
N SER E 821 24.03 -4.17 -27.64
CA SER E 821 24.77 -3.33 -26.70
C SER E 821 24.38 -3.64 -25.27
N VAL E 822 23.09 -3.81 -25.01
CA VAL E 822 22.65 -4.15 -23.66
C VAL E 822 23.26 -5.46 -23.22
N LEU E 823 23.24 -6.48 -24.10
CA LEU E 823 23.90 -7.74 -23.76
C LEU E 823 25.36 -7.50 -23.41
N LEU E 824 26.14 -6.99 -24.36
CA LEU E 824 27.58 -6.86 -24.19
C LEU E 824 27.93 -6.14 -22.90
N TRP E 825 27.27 -5.02 -22.62
CA TRP E 825 27.64 -4.28 -21.42
C TRP E 825 27.06 -4.93 -20.17
N GLN E 826 25.74 -4.96 -20.05
CA GLN E 826 25.09 -5.32 -18.80
C GLN E 826 25.40 -6.75 -18.39
N HIS E 827 25.34 -7.70 -19.31
CA HIS E 827 25.45 -9.11 -18.94
C HIS E 827 26.93 -9.54 -18.87
N ILE E 828 27.71 -9.16 -19.88
CA ILE E 828 29.11 -9.57 -19.92
C ILE E 828 29.94 -8.72 -18.97
N VAL E 829 30.02 -7.42 -19.23
CA VAL E 829 30.95 -6.58 -18.48
C VAL E 829 30.45 -6.37 -17.05
N GLY E 830 29.15 -6.23 -16.88
CA GLY E 830 28.53 -6.08 -15.57
C GLY E 830 28.14 -4.65 -15.25
N ILE E 831 28.61 -3.68 -16.02
CA ILE E 831 28.26 -2.27 -15.81
C ILE E 831 27.06 -1.95 -16.67
N PRO E 832 25.90 -1.63 -16.09
CA PRO E 832 24.73 -1.31 -16.91
C PRO E 832 24.94 -0.01 -17.67
N LEU E 833 24.14 0.15 -18.73
CA LEU E 833 24.24 1.34 -19.56
C LEU E 833 23.89 2.59 -18.77
N HIS E 834 24.58 3.68 -19.07
CA HIS E 834 24.28 4.96 -18.44
C HIS E 834 22.92 5.45 -18.89
N TRP E 835 22.34 6.36 -18.12
CA TRP E 835 20.98 6.79 -18.41
C TRP E 835 20.89 7.70 -19.62
N MET E 836 22.02 8.18 -20.14
CA MET E 836 22.01 9.09 -21.27
C MET E 836 22.62 8.50 -22.54
N VAL E 837 22.88 7.20 -22.57
CA VAL E 837 23.47 6.58 -23.75
C VAL E 837 22.47 6.46 -24.88
N LEU E 838 21.22 6.13 -24.55
CA LEU E 838 20.24 5.73 -25.57
C LEU E 838 19.95 6.83 -26.59
N PRO E 839 19.56 8.05 -26.19
CA PRO E 839 19.25 9.06 -27.22
C PRO E 839 20.46 9.44 -28.07
N MET E 840 21.63 9.57 -27.43
CA MET E 840 22.82 9.92 -28.18
C MET E 840 23.16 8.86 -29.21
N SER E 841 22.99 7.58 -28.86
CA SER E 841 23.24 6.53 -29.84
C SER E 841 22.20 6.54 -30.95
N VAL E 842 20.92 6.72 -30.60
CA VAL E 842 19.85 6.64 -31.59
C VAL E 842 20.02 7.72 -32.65
N ILE E 843 20.33 8.94 -32.21
CA ILE E 843 20.36 10.07 -33.13
C ILE E 843 21.39 9.88 -34.23
N VAL E 844 22.44 9.12 -33.96
CA VAL E 844 23.49 8.89 -34.94
C VAL E 844 23.22 7.63 -35.74
N LEU E 845 22.72 6.58 -35.09
CA LEU E 845 22.44 5.34 -35.80
C LEU E 845 21.42 5.57 -36.91
N LEU E 846 20.34 6.30 -36.60
CA LEU E 846 19.32 6.55 -37.62
C LEU E 846 19.93 7.21 -38.84
N ALA E 847 20.66 8.30 -38.64
CA ALA E 847 21.18 9.09 -39.75
C ALA E 847 22.16 8.27 -40.59
N VAL E 848 23.09 7.58 -39.94
CA VAL E 848 24.13 6.89 -40.72
C VAL E 848 23.54 5.69 -41.48
N GLY E 849 22.66 4.93 -40.84
CA GLY E 849 22.01 3.84 -41.55
C GLY E 849 21.22 4.35 -42.74
N ALA E 850 20.50 5.46 -42.55
CA ALA E 850 19.75 6.04 -43.66
C ALA E 850 20.68 6.45 -44.79
N ASP E 851 21.85 7.00 -44.46
CA ASP E 851 22.79 7.41 -45.50
C ASP E 851 23.26 6.21 -46.32
N TYR E 852 23.61 5.11 -45.66
CA TYR E 852 24.09 3.95 -46.42
C TYR E 852 22.98 3.38 -47.30
N ASN E 853 21.76 3.24 -46.76
CA ASN E 853 20.67 2.75 -47.58
C ASN E 853 20.37 3.69 -48.74
N LEU E 854 20.49 5.00 -48.50
CA LEU E 854 20.28 5.97 -49.56
C LEU E 854 21.31 5.82 -50.67
N LEU E 855 22.56 5.59 -50.31
CA LEU E 855 23.59 5.37 -51.33
C LEU E 855 23.25 4.17 -52.20
N LEU E 856 22.88 3.06 -51.55
CA LEU E 856 22.54 1.86 -52.33
C LEU E 856 21.34 2.11 -53.23
N VAL E 857 20.29 2.74 -52.71
CA VAL E 857 19.07 2.95 -53.49
C VAL E 857 19.34 3.92 -54.63
N SER E 858 20.16 4.93 -54.39
CA SER E 858 20.49 5.89 -55.43
C SER E 858 21.23 5.23 -56.57
N ARG E 859 22.15 4.31 -56.26
CA ARG E 859 22.80 3.55 -57.32
C ARG E 859 21.79 2.65 -58.05
N MET E 860 20.89 2.02 -57.30
CA MET E 860 19.86 1.18 -57.90
C MET E 860 19.04 1.95 -58.92
N LYS E 861 18.67 3.20 -58.59
CA LYS E 861 17.86 3.99 -59.51
C LYS E 861 18.58 4.26 -60.82
N GLU E 862 19.89 4.50 -60.79
CA GLU E 862 20.65 4.69 -62.00
C GLU E 862 20.79 3.41 -62.81
N GLU E 863 20.89 2.25 -62.15
CA GLU E 863 21.09 0.99 -62.86
C GLU E 863 19.78 0.31 -63.28
N ILE E 864 18.64 0.93 -63.02
CA ILE E 864 17.36 0.22 -63.10
C ILE E 864 16.78 0.15 -64.51
N HIS E 865 17.34 0.88 -65.47
CA HIS E 865 16.77 0.88 -66.81
C HIS E 865 16.91 -0.48 -67.49
N ALA E 866 17.75 -1.35 -66.95
CA ALA E 866 18.02 -2.65 -67.53
C ALA E 866 17.17 -3.76 -66.93
N GLY E 867 16.22 -3.42 -66.08
CA GLY E 867 15.43 -4.42 -65.38
C GLY E 867 15.71 -4.30 -63.89
N ILE E 868 14.66 -4.51 -63.09
CA ILE E 868 14.78 -4.32 -61.64
C ILE E 868 15.80 -5.29 -61.06
N ARG E 869 15.72 -6.56 -61.46
CA ARG E 869 16.60 -7.57 -60.87
C ARG E 869 18.05 -7.36 -61.31
N THR E 870 18.27 -7.19 -62.61
CA THR E 870 19.62 -6.91 -63.09
C THR E 870 20.13 -5.58 -62.54
N GLY E 871 19.25 -4.60 -62.43
CA GLY E 871 19.65 -3.33 -61.84
C GLY E 871 20.13 -3.47 -60.41
N ILE E 872 19.39 -4.25 -59.61
CA ILE E 872 19.79 -4.46 -58.21
C ILE E 872 21.11 -5.20 -58.15
N ILE E 873 21.29 -6.23 -58.99
CA ILE E 873 22.54 -6.97 -58.97
C ILE E 873 23.70 -6.05 -59.32
N ARG E 874 23.54 -5.25 -60.38
CA ARG E 874 24.62 -4.35 -60.78
C ARG E 874 24.91 -3.31 -59.71
N ALA E 875 23.87 -2.77 -59.08
CA ALA E 875 24.08 -1.76 -58.04
C ALA E 875 24.82 -2.35 -56.85
N MET E 876 24.45 -3.57 -56.45
CA MET E 876 25.15 -4.22 -55.36
C MET E 876 26.60 -4.46 -55.72
N VAL E 877 26.87 -4.98 -56.92
CA VAL E 877 28.25 -5.22 -57.32
C VAL E 877 29.05 -3.91 -57.33
N GLY E 878 28.42 -2.82 -57.76
CA GLY E 878 29.08 -1.54 -57.79
C GLY E 878 29.38 -0.94 -56.43
N THR E 879 28.44 -1.04 -55.48
CA THR E 879 28.61 -0.30 -54.24
C THR E 879 29.15 -1.14 -53.09
N GLY E 880 28.86 -2.44 -53.06
CA GLY E 880 29.18 -3.30 -51.93
C GLY E 880 30.50 -3.09 -51.24
N ALA E 881 31.61 -3.19 -51.98
CA ALA E 881 32.92 -3.06 -51.36
C ALA E 881 33.12 -1.69 -50.76
N VAL E 882 32.73 -0.64 -51.49
CA VAL E 882 32.91 0.73 -50.99
C VAL E 882 32.11 0.95 -49.72
N VAL E 883 30.84 0.55 -49.73
CA VAL E 883 29.98 0.78 -48.58
C VAL E 883 30.45 -0.05 -47.39
N THR E 884 30.91 -1.28 -47.65
CA THR E 884 31.42 -2.10 -46.55
C THR E 884 32.65 -1.47 -45.92
N ALA E 885 33.57 -0.97 -46.75
CA ALA E 885 34.75 -0.31 -46.19
C ALA E 885 34.36 0.91 -45.37
N ALA E 886 33.45 1.73 -45.89
CA ALA E 886 33.03 2.93 -45.15
C ALA E 886 32.35 2.57 -43.85
N GLY E 887 31.48 1.56 -43.87
CA GLY E 887 30.77 1.18 -42.66
C GLY E 887 31.70 0.61 -41.62
N LEU E 888 32.66 -0.22 -42.03
CA LEU E 888 33.63 -0.75 -41.09
C LEU E 888 34.48 0.35 -40.49
N VAL E 889 34.90 1.32 -41.32
CA VAL E 889 35.70 2.43 -40.80
C VAL E 889 34.91 3.21 -39.77
N PHE E 890 33.65 3.53 -40.07
CA PHE E 890 32.83 4.28 -39.13
C PHE E 890 32.63 3.51 -37.83
N ALA E 891 32.32 2.21 -37.93
CA ALA E 891 32.07 1.41 -36.75
C ALA E 891 33.32 1.32 -35.87
N PHE E 892 34.48 1.12 -36.48
CA PHE E 892 35.69 0.98 -35.68
C PHE E 892 36.20 2.33 -35.18
N THR E 893 35.79 3.42 -35.82
CA THR E 893 36.09 4.74 -35.25
C THR E 893 35.24 4.98 -34.01
N MET E 894 33.94 4.65 -34.09
CA MET E 894 33.08 4.83 -32.92
C MET E 894 33.51 3.93 -31.77
N ALA E 895 33.88 2.68 -32.07
CA ALA E 895 34.22 1.74 -31.00
C ALA E 895 35.52 2.10 -30.31
N SER E 896 36.37 2.89 -30.96
CA SER E 896 37.65 3.28 -30.36
C SER E 896 37.49 4.28 -29.22
N MET E 897 36.28 4.83 -29.02
CA MET E 897 36.03 5.66 -27.86
C MET E 897 36.03 4.88 -26.56
N ALA E 898 36.05 3.55 -26.62
CA ALA E 898 36.01 2.72 -25.42
C ALA E 898 37.28 2.81 -24.59
N VAL E 899 38.35 3.39 -25.14
CA VAL E 899 39.58 3.56 -24.36
C VAL E 899 39.54 4.76 -23.45
N SER E 900 38.43 5.49 -23.42
CA SER E 900 38.31 6.65 -22.55
C SER E 900 38.24 6.22 -21.09
N SER E 901 38.74 7.10 -20.22
CA SER E 901 38.62 6.86 -18.79
C SER E 901 37.17 6.90 -18.35
N LEU E 902 36.38 7.77 -18.96
CA LEU E 902 34.95 7.84 -18.70
C LEU E 902 34.25 6.69 -19.43
N ILE E 903 33.48 5.89 -18.69
CA ILE E 903 32.90 4.69 -19.29
C ILE E 903 31.61 5.03 -20.04
N THR E 904 30.99 6.17 -19.74
CA THR E 904 29.79 6.57 -20.47
C THR E 904 30.09 6.77 -21.95
N ILE E 905 31.20 7.45 -22.24
CA ILE E 905 31.60 7.68 -23.62
C ILE E 905 31.91 6.37 -24.31
N GLY E 906 32.58 5.46 -23.62
CA GLY E 906 32.86 4.15 -24.19
C GLY E 906 31.58 3.39 -24.52
N GLN E 907 30.59 3.47 -23.62
CA GLN E 907 29.32 2.78 -23.88
C GLN E 907 28.63 3.36 -25.10
N VAL E 908 28.60 4.69 -25.21
CA VAL E 908 27.99 5.32 -26.38
C VAL E 908 28.69 4.88 -27.66
N GLY E 909 30.02 4.92 -27.64
CA GLY E 909 30.78 4.55 -28.83
C GLY E 909 30.55 3.12 -29.24
N THR E 910 30.59 2.20 -28.27
CA THR E 910 30.41 0.78 -28.60
C THR E 910 28.99 0.51 -29.09
N THR E 911 27.99 1.18 -28.51
CA THR E 911 26.62 0.99 -28.98
C THR E 911 26.48 1.43 -30.43
N ILE E 912 27.00 2.62 -30.77
CA ILE E 912 26.91 3.09 -32.14
C ILE E 912 27.70 2.19 -33.08
N GLY E 913 28.86 1.70 -32.62
CA GLY E 913 29.66 0.83 -33.46
C GLY E 913 28.96 -0.48 -33.76
N LEU E 914 28.37 -1.11 -32.74
CA LEU E 914 27.63 -2.35 -32.97
C LEU E 914 26.44 -2.10 -33.88
N GLY E 915 25.76 -0.98 -33.70
CA GLY E 915 24.64 -0.67 -34.58
C GLY E 915 25.05 -0.54 -36.03
N LEU E 916 26.14 0.18 -36.29
CA LEU E 916 26.59 0.34 -37.66
C LEU E 916 27.11 -0.97 -38.23
N LEU E 917 27.76 -1.79 -37.40
CA LEU E 917 28.21 -3.10 -37.86
C LEU E 917 27.03 -3.95 -38.32
N PHE E 918 26.01 -4.06 -37.47
CA PHE E 918 24.84 -4.88 -37.83
C PHE E 918 24.15 -4.30 -39.06
N ASP E 919 23.99 -2.98 -39.10
CA ASP E 919 23.34 -2.36 -40.26
C ASP E 919 24.08 -2.69 -41.54
N THR E 920 25.39 -2.43 -41.57
CA THR E 920 26.18 -2.66 -42.77
C THR E 920 26.15 -4.12 -43.20
N LEU E 921 26.29 -5.04 -42.24
CA LEU E 921 26.37 -6.45 -42.63
C LEU E 921 25.03 -7.09 -42.93
N VAL E 922 23.92 -6.52 -42.48
CA VAL E 922 22.65 -7.21 -42.67
C VAL E 922 21.63 -6.36 -43.41
N VAL E 923 21.36 -5.16 -42.91
CA VAL E 923 20.21 -4.40 -43.41
C VAL E 923 20.45 -3.98 -44.85
N ARG E 924 21.62 -3.41 -45.13
CA ARG E 924 21.90 -2.98 -46.49
C ARG E 924 22.16 -4.17 -47.41
N SER E 925 22.85 -5.20 -46.90
CA SER E 925 23.27 -6.30 -47.76
C SER E 925 22.13 -7.21 -48.15
N LEU E 926 21.20 -7.47 -47.22
CA LEU E 926 20.17 -8.48 -47.44
C LEU E 926 18.76 -7.92 -47.39
N MET E 927 18.42 -7.13 -46.37
CA MET E 927 17.03 -6.75 -46.17
C MET E 927 16.55 -5.77 -47.24
N THR E 928 17.32 -4.72 -47.49
CA THR E 928 16.88 -3.70 -48.45
C THR E 928 16.73 -4.23 -49.86
N PRO E 929 17.71 -4.94 -50.45
CA PRO E 929 17.48 -5.48 -51.80
C PRO E 929 16.37 -6.50 -51.85
N SER E 930 16.18 -7.28 -50.79
CA SER E 930 15.08 -8.25 -50.76
C SER E 930 13.74 -7.53 -50.83
N ILE E 931 13.58 -6.48 -50.02
CA ILE E 931 12.33 -5.73 -50.04
C ILE E 931 12.14 -5.07 -51.40
N ALA E 932 13.21 -4.53 -51.97
CA ALA E 932 13.10 -3.89 -53.27
C ALA E 932 12.66 -4.87 -54.34
N THR E 933 13.21 -6.09 -54.31
CA THR E 933 12.81 -7.12 -55.26
C THR E 933 11.36 -7.51 -55.06
N LEU E 934 10.94 -7.70 -53.81
CA LEU E 934 9.58 -8.12 -53.52
C LEU E 934 8.56 -7.08 -53.98
N LEU E 935 8.78 -5.81 -53.64
CA LEU E 935 7.82 -4.78 -54.00
C LEU E 935 7.80 -4.54 -55.51
N GLY E 936 8.94 -4.68 -56.17
CA GLY E 936 8.97 -4.50 -57.61
C GLY E 936 8.70 -3.06 -58.00
N ARG E 937 7.70 -2.87 -58.86
CA ARG E 937 7.42 -1.53 -59.37
C ARG E 937 6.85 -0.62 -58.28
N TRP E 938 6.31 -1.18 -57.20
CA TRP E 938 5.77 -0.35 -56.13
C TRP E 938 6.86 0.26 -55.27
N PHE E 939 8.10 -0.23 -55.38
CA PHE E 939 9.19 0.34 -54.60
C PHE E 939 9.47 1.78 -55.01
N TRP E 940 9.13 2.15 -56.23
CA TRP E 940 9.41 3.49 -56.75
C TRP E 940 8.16 4.33 -56.91
N TRP E 941 7.08 3.97 -56.25
CA TRP E 941 5.86 4.77 -56.32
C TRP E 941 6.12 6.15 -55.75
N PRO E 942 5.54 7.22 -56.31
CA PRO E 942 4.55 7.27 -57.39
C PRO E 942 5.15 7.33 -58.80
N GLN E 943 6.45 7.14 -58.97
CA GLN E 943 7.03 7.11 -60.30
C GLN E 943 6.59 5.84 -61.02
N ARG E 944 6.74 5.84 -62.34
CA ARG E 944 6.39 4.71 -63.17
C ARG E 944 7.66 4.03 -63.66
N VAL E 945 7.81 2.74 -63.32
CA VAL E 945 9.01 1.98 -63.62
C VAL E 945 8.59 0.62 -64.18
N ARG E 946 9.24 0.22 -65.27
CA ARG E 946 9.03 -1.10 -65.83
C ARG E 946 9.75 -2.15 -64.99
N GLU E 947 9.05 -3.24 -64.68
CA GLU E 947 9.68 -4.34 -63.97
C GLU E 947 10.77 -4.97 -64.84
N ARG E 948 10.46 -5.20 -66.11
CA ARG E 948 11.41 -5.71 -67.08
C ARG E 948 11.28 -4.91 -68.37
N PRO E 949 12.38 -4.74 -69.10
CA PRO E 949 12.30 -3.98 -70.34
C PRO E 949 11.62 -4.77 -71.45
N VAL E 950 11.40 -4.10 -72.58
CA VAL E 950 10.84 -4.73 -73.75
C VAL E 950 11.83 -5.81 -74.22
N PRO E 951 11.38 -7.03 -74.45
CA PRO E 951 12.31 -8.08 -74.89
C PRO E 951 12.96 -7.71 -76.21
N SER E 952 14.23 -8.09 -76.35
CA SER E 952 15.05 -7.72 -77.49
C SER E 952 15.38 -8.96 -78.32
N LYS E 953 15.62 -8.74 -79.61
CA LYS E 953 16.03 -9.81 -80.50
C LYS E 953 17.49 -10.18 -80.22
N TRP E 954 17.81 -11.46 -80.44
CA TRP E 954 19.16 -11.93 -80.17
C TRP E 954 20.16 -11.27 -81.10
N PRO E 955 21.34 -10.91 -80.62
CA PRO E 955 22.30 -10.19 -81.46
C PRO E 955 22.84 -11.06 -82.59
N THR E 956 23.22 -10.40 -83.68
CA THR E 956 23.83 -11.09 -84.81
C THR E 956 25.34 -10.96 -84.74
N PRO E 957 26.10 -12.06 -84.65
CA PRO E 957 27.56 -12.01 -84.55
C PRO E 957 28.22 -11.59 -85.87
N ALA F 2 0.71 -34.47 -81.77
CA ALA F 2 0.08 -34.51 -80.46
C ALA F 2 0.03 -35.93 -79.92
N ALA F 3 -1.03 -36.22 -79.15
CA ALA F 3 -1.25 -37.53 -78.59
C ALA F 3 -2.57 -38.09 -79.11
N THR F 4 -2.55 -39.36 -79.52
CA THR F 4 -3.77 -40.00 -80.01
C THR F 4 -4.75 -40.20 -78.86
N GLN F 5 -6.03 -40.32 -79.22
CA GLN F 5 -7.06 -40.53 -78.20
C GLN F 5 -6.79 -41.77 -77.38
N GLU F 6 -6.22 -42.81 -78.01
CA GLU F 6 -5.95 -44.05 -77.31
C GLU F 6 -4.97 -43.85 -76.16
N GLU F 7 -3.91 -43.07 -76.40
CA GLU F 7 -2.91 -42.84 -75.38
C GLU F 7 -3.49 -42.09 -74.19
N ILE F 8 -4.27 -41.03 -74.47
CA ILE F 8 -4.88 -40.26 -73.40
C ILE F 8 -5.84 -41.13 -72.60
N ILE F 9 -6.61 -41.96 -73.29
CA ILE F 9 -7.54 -42.85 -72.60
C ILE F 9 -6.78 -43.83 -71.72
N ALA F 10 -5.65 -44.36 -72.21
CA ALA F 10 -4.87 -45.29 -71.40
C ALA F 10 -4.33 -44.62 -70.14
N GLY F 11 -3.78 -43.41 -70.30
CA GLY F 11 -3.25 -42.72 -69.13
C GLY F 11 -4.33 -42.39 -68.11
N LEU F 12 -5.46 -41.85 -68.59
CA LEU F 12 -6.56 -41.54 -67.69
C LEU F 12 -7.11 -42.79 -67.03
N ALA F 13 -7.15 -43.90 -67.77
CA ALA F 13 -7.63 -45.15 -67.18
C ALA F 13 -6.72 -45.61 -66.06
N GLU F 14 -5.40 -45.52 -66.26
CA GLU F 14 -4.48 -45.88 -65.19
C GLU F 14 -4.67 -45.00 -63.96
N ILE F 15 -4.81 -43.69 -64.18
CA ILE F 15 -4.99 -42.77 -63.05
C ILE F 15 -6.29 -43.08 -62.32
N ILE F 16 -7.37 -43.32 -63.08
CA ILE F 16 -8.66 -43.62 -62.46
C ILE F 16 -8.58 -44.93 -61.69
N GLU F 17 -7.83 -45.90 -62.21
CA GLU F 17 -7.63 -47.15 -61.49
C GLU F 17 -6.95 -46.89 -60.16
N GLU F 18 -5.93 -46.04 -60.15
CA GLU F 18 -5.25 -45.74 -58.89
C GLU F 18 -6.18 -45.02 -57.92
N VAL F 19 -6.95 -44.04 -58.41
CA VAL F 19 -7.73 -43.20 -57.51
C VAL F 19 -8.93 -43.95 -56.95
N THR F 20 -9.70 -44.60 -57.81
CA THR F 20 -10.97 -45.20 -57.42
C THR F 20 -10.94 -46.72 -57.34
N GLY F 21 -10.14 -47.37 -58.17
CA GLY F 21 -10.10 -48.82 -58.23
C GLY F 21 -10.85 -49.41 -59.40
N ILE F 22 -11.49 -48.58 -60.23
CA ILE F 22 -12.19 -49.09 -61.40
C ILE F 22 -11.17 -49.61 -62.41
N GLU F 23 -11.39 -50.82 -62.89
CA GLU F 23 -10.44 -51.45 -63.79
C GLU F 23 -10.35 -50.68 -65.11
N PRO F 24 -9.18 -50.69 -65.75
CA PRO F 24 -9.02 -49.94 -67.00
C PRO F 24 -9.97 -50.36 -68.11
N SER F 25 -10.34 -51.64 -68.14
CA SER F 25 -11.22 -52.12 -69.21
C SER F 25 -12.59 -51.46 -69.16
N GLU F 26 -13.00 -51.01 -67.98
CA GLU F 26 -14.30 -50.36 -67.84
C GLU F 26 -14.31 -48.97 -68.46
N VAL F 27 -13.17 -48.28 -68.44
CA VAL F 27 -13.09 -46.87 -68.86
C VAL F 27 -13.11 -46.83 -70.38
N THR F 28 -14.22 -46.36 -70.95
CA THR F 28 -14.37 -46.15 -72.38
C THR F 28 -14.87 -44.72 -72.61
N PRO F 29 -14.55 -44.12 -73.77
CA PRO F 29 -14.80 -42.69 -73.95
C PRO F 29 -16.25 -42.25 -73.85
N GLU F 30 -17.19 -43.19 -73.91
CA GLU F 30 -18.61 -42.85 -73.83
C GLU F 30 -19.18 -43.00 -72.41
N LYS F 31 -18.33 -43.28 -71.43
CA LYS F 31 -18.80 -43.46 -70.05
C LYS F 31 -18.99 -42.11 -69.37
N SER F 32 -20.07 -41.97 -68.62
CA SER F 32 -20.33 -40.78 -67.83
C SER F 32 -19.74 -40.96 -66.43
N PHE F 33 -18.99 -39.96 -65.97
CA PHE F 33 -18.36 -40.05 -64.65
C PHE F 33 -19.41 -40.14 -63.55
N VAL F 34 -20.47 -39.35 -63.66
CA VAL F 34 -21.46 -39.26 -62.59
C VAL F 34 -22.26 -40.55 -62.49
N ASP F 35 -22.60 -41.15 -63.63
CA ASP F 35 -23.54 -42.27 -63.62
C ASP F 35 -22.88 -43.59 -63.96
N ASP F 36 -22.21 -43.67 -65.12
CA ASP F 36 -21.63 -44.93 -65.55
C ASP F 36 -20.53 -45.38 -64.62
N LEU F 37 -19.58 -44.50 -64.32
CA LEU F 37 -18.44 -44.85 -63.49
C LEU F 37 -18.65 -44.51 -62.02
N ASP F 38 -19.63 -43.67 -61.70
CA ASP F 38 -19.95 -43.28 -60.33
C ASP F 38 -18.73 -42.65 -59.65
N ILE F 39 -18.28 -41.53 -60.21
CA ILE F 39 -17.14 -40.79 -59.70
C ILE F 39 -17.63 -39.43 -59.24
N ASP F 40 -17.42 -39.13 -57.96
CA ASP F 40 -17.84 -37.84 -57.41
C ASP F 40 -16.84 -36.76 -57.77
N SER F 41 -17.16 -35.52 -57.40
CA SER F 41 -16.34 -34.38 -57.81
C SER F 41 -14.95 -34.42 -57.17
N LEU F 42 -14.87 -34.84 -55.91
CA LEU F 42 -13.57 -34.88 -55.25
C LEU F 42 -12.64 -35.87 -55.92
N SER F 43 -13.17 -37.03 -56.32
CA SER F 43 -12.36 -37.97 -57.08
C SER F 43 -11.90 -37.34 -58.40
N MET F 44 -12.75 -36.51 -59.00
CA MET F 44 -12.37 -35.86 -60.25
C MET F 44 -11.24 -34.87 -60.03
N VAL F 45 -11.28 -34.11 -58.93
CA VAL F 45 -10.19 -33.18 -58.69
C VAL F 45 -8.91 -33.94 -58.35
N GLU F 46 -9.03 -35.11 -57.72
CA GLU F 46 -7.85 -35.94 -57.51
C GLU F 46 -7.25 -36.38 -58.84
N ILE F 47 -8.11 -36.79 -59.78
CA ILE F 47 -7.64 -37.16 -61.11
C ILE F 47 -6.95 -35.98 -61.78
N ALA F 48 -7.51 -34.78 -61.62
CA ALA F 48 -6.89 -33.60 -62.19
C ALA F 48 -5.51 -33.34 -61.59
N VAL F 49 -5.38 -33.51 -60.28
CA VAL F 49 -4.10 -33.31 -59.61
C VAL F 49 -3.05 -34.29 -60.14
N GLN F 50 -3.44 -35.56 -60.24
CA GLN F 50 -2.52 -36.58 -60.74
C GLN F 50 -2.11 -36.28 -62.18
N THR F 51 -3.08 -35.88 -63.01
CA THR F 51 -2.78 -35.58 -64.41
C THR F 51 -1.83 -34.40 -64.51
N GLU F 52 -2.04 -33.36 -63.70
CA GLU F 52 -1.15 -32.21 -63.74
C GLU F 52 0.26 -32.59 -63.28
N ASP F 53 0.37 -33.42 -62.25
CA ASP F 53 1.68 -33.76 -61.74
C ASP F 53 2.40 -34.82 -62.57
N LYS F 54 1.71 -35.53 -63.45
CA LYS F 54 2.40 -36.53 -64.25
C LYS F 54 2.66 -36.07 -65.67
N TYR F 55 1.62 -35.61 -66.37
CA TYR F 55 1.74 -35.21 -67.76
C TYR F 55 1.76 -33.70 -67.96
N GLY F 56 1.72 -32.92 -66.89
CA GLY F 56 1.79 -31.48 -67.00
C GLY F 56 0.59 -30.83 -67.68
N VAL F 57 -0.61 -31.36 -67.46
CA VAL F 57 -1.83 -30.80 -68.01
C VAL F 57 -2.63 -30.23 -66.85
N LYS F 58 -2.90 -28.92 -66.90
CA LYS F 58 -3.57 -28.24 -65.80
C LYS F 58 -5.06 -28.09 -66.12
N ILE F 59 -5.92 -28.60 -65.24
CA ILE F 59 -7.36 -28.50 -65.41
C ILE F 59 -7.96 -27.77 -64.22
N PRO F 60 -8.44 -26.53 -64.40
CA PRO F 60 -9.05 -25.82 -63.28
C PRO F 60 -10.38 -26.45 -62.87
N ASP F 61 -10.83 -26.12 -61.66
CA ASP F 61 -12.03 -26.73 -61.10
C ASP F 61 -13.27 -26.34 -61.90
N GLU F 62 -13.34 -25.10 -62.37
CA GLU F 62 -14.50 -24.64 -63.13
C GLU F 62 -14.70 -25.50 -64.37
N ASP F 63 -13.60 -25.83 -65.05
CA ASP F 63 -13.70 -26.75 -66.18
C ASP F 63 -14.07 -28.15 -65.72
N LEU F 64 -13.56 -28.58 -64.57
CA LEU F 64 -13.91 -29.90 -64.05
C LEU F 64 -15.42 -30.03 -63.85
N ALA F 65 -16.07 -28.93 -63.50
CA ALA F 65 -17.54 -28.97 -63.40
C ALA F 65 -18.16 -29.28 -64.76
N GLY F 66 -17.62 -28.67 -65.82
CA GLY F 66 -18.23 -28.85 -67.13
C GLY F 66 -18.06 -30.26 -67.68
N LEU F 67 -16.89 -30.86 -67.46
CA LEU F 67 -16.59 -32.17 -68.03
C LEU F 67 -17.57 -33.21 -67.53
N ARG F 68 -18.12 -34.01 -68.45
CA ARG F 68 -19.15 -34.97 -68.13
C ARG F 68 -18.72 -36.41 -68.40
N THR F 69 -18.25 -36.70 -69.60
CA THR F 69 -17.83 -38.05 -69.98
C THR F 69 -16.34 -38.09 -70.23
N VAL F 70 -15.81 -39.31 -70.32
CA VAL F 70 -14.38 -39.48 -70.57
C VAL F 70 -13.99 -38.83 -71.89
N GLY F 71 -14.85 -38.95 -72.91
CA GLY F 71 -14.57 -38.33 -74.18
C GLY F 71 -14.42 -36.82 -74.06
N ASP F 72 -15.21 -36.21 -73.18
CA ASP F 72 -15.10 -34.76 -72.96
C ASP F 72 -13.73 -34.40 -72.41
N VAL F 73 -13.24 -35.17 -71.43
CA VAL F 73 -11.93 -34.91 -70.86
C VAL F 73 -10.84 -35.11 -71.90
N VAL F 74 -10.96 -36.15 -72.72
CA VAL F 74 -9.98 -36.40 -73.76
C VAL F 74 -9.96 -35.25 -74.74
N ALA F 75 -11.13 -34.77 -75.14
CA ALA F 75 -11.22 -33.64 -76.06
C ALA F 75 -10.59 -32.39 -75.46
N TYR F 76 -10.84 -32.15 -74.18
CA TYR F 76 -10.26 -30.99 -73.50
C TYR F 76 -8.74 -31.08 -73.50
N ILE F 77 -8.20 -32.27 -73.20
CA ILE F 77 -6.75 -32.43 -73.15
C ILE F 77 -6.15 -32.23 -74.53
N GLN F 78 -6.80 -32.79 -75.56
CA GLN F 78 -6.30 -32.62 -76.93
C GLN F 78 -6.36 -31.16 -77.36
N LYS F 79 -7.41 -30.45 -76.97
CA LYS F 79 -7.51 -29.03 -77.30
C LYS F 79 -6.38 -28.25 -76.65
N LEU F 80 -6.09 -28.54 -75.38
CA LEU F 80 -4.96 -27.89 -74.72
C LEU F 80 -3.65 -28.21 -75.41
N GLU F 81 -3.46 -29.48 -75.80
CA GLU F 81 -2.23 -29.88 -76.45
C GLU F 81 -2.06 -29.18 -77.79
N GLU F 82 -3.14 -28.98 -78.52
CA GLU F 82 -3.09 -28.33 -79.82
C GLU F 82 -3.06 -26.81 -79.67
N ALA G 2 12.51 -18.38 -85.88
CA ALA G 2 13.12 -18.38 -84.55
C ALA G 2 14.46 -17.63 -84.57
N ALA G 3 15.39 -18.10 -83.76
CA ALA G 3 16.73 -17.52 -83.68
C ALA G 3 17.76 -18.59 -84.02
N THR G 4 18.74 -18.22 -84.84
CA THR G 4 19.80 -19.15 -85.20
C THR G 4 20.69 -19.42 -84.00
N GLN G 5 21.35 -20.57 -84.02
CA GLN G 5 22.24 -20.95 -82.92
C GLN G 5 23.32 -19.90 -82.70
N GLU G 6 23.78 -19.27 -83.79
CA GLU G 6 24.83 -18.27 -83.68
C GLU G 6 24.40 -17.08 -82.83
N GLU G 7 23.17 -16.62 -83.05
CA GLU G 7 22.67 -15.46 -82.31
C GLU G 7 22.55 -15.77 -80.82
N ILE G 8 21.99 -16.93 -80.48
CA ILE G 8 21.85 -17.32 -79.08
C ILE G 8 23.21 -17.45 -78.44
N ILE G 9 24.17 -18.04 -79.16
CA ILE G 9 25.51 -18.18 -78.61
C ILE G 9 26.14 -16.81 -78.38
N ALA G 10 25.93 -15.87 -79.31
CA ALA G 10 26.50 -14.53 -79.13
C ALA G 10 25.92 -13.84 -77.90
N GLY G 11 24.59 -13.91 -77.74
CA GLY G 11 23.97 -13.27 -76.59
C GLY G 11 24.42 -13.89 -75.27
N LEU G 12 24.45 -15.22 -75.22
CA LEU G 12 24.90 -15.91 -74.01
C LEU G 12 26.36 -15.61 -73.74
N ALA G 13 27.18 -15.48 -74.78
CA ALA G 13 28.59 -15.16 -74.59
C ALA G 13 28.74 -13.77 -73.98
N GLU G 14 27.96 -12.80 -74.46
CA GLU G 14 28.01 -11.47 -73.88
C GLU G 14 27.61 -11.49 -72.41
N ILE G 15 26.52 -12.21 -72.10
CA ILE G 15 26.06 -12.28 -70.71
C ILE G 15 27.11 -12.95 -69.82
N ILE G 16 27.70 -14.05 -70.31
CA ILE G 16 28.73 -14.75 -69.55
C ILE G 16 29.95 -13.86 -69.35
N GLU G 17 30.28 -13.07 -70.36
CA GLU G 17 31.39 -12.13 -70.21
C GLU G 17 31.10 -11.13 -69.10
N GLU G 18 29.88 -10.61 -69.04
CA GLU G 18 29.54 -9.68 -67.97
C GLU G 18 29.58 -10.35 -66.60
N VAL G 19 29.02 -11.55 -66.49
CA VAL G 19 28.86 -12.18 -65.19
C VAL G 19 30.21 -12.66 -64.64
N THR G 20 31.00 -13.33 -65.48
CA THR G 20 32.20 -14.02 -65.02
C THR G 20 33.50 -13.37 -65.49
N GLY G 21 33.49 -12.76 -66.68
CA GLY G 21 34.69 -12.20 -67.26
C GLY G 21 35.34 -13.06 -68.32
N ILE G 22 34.80 -14.25 -68.59
CA ILE G 22 35.35 -15.09 -69.65
C ILE G 22 35.09 -14.43 -70.99
N GLU G 23 36.13 -14.34 -71.82
CA GLU G 23 36.02 -13.65 -73.09
C GLU G 23 35.06 -14.40 -74.01
N PRO G 24 34.36 -13.68 -74.89
CA PRO G 24 33.39 -14.35 -75.78
C PRO G 24 34.00 -15.40 -76.67
N SER G 25 35.26 -15.25 -77.08
CA SER G 25 35.87 -16.21 -77.99
C SER G 25 35.99 -17.59 -77.35
N GLU G 26 36.05 -17.64 -76.02
CA GLU G 26 36.18 -18.92 -75.34
C GLU G 26 34.89 -19.72 -75.38
N VAL G 27 33.74 -19.05 -75.41
CA VAL G 27 32.44 -19.71 -75.28
C VAL G 27 32.11 -20.33 -76.63
N THR G 28 32.16 -21.66 -76.70
CA THR G 28 31.76 -22.43 -77.85
C THR G 28 30.78 -23.51 -77.42
N PRO G 29 29.88 -23.95 -78.32
CA PRO G 29 28.75 -24.80 -77.89
C PRO G 29 29.14 -26.12 -77.28
N GLU G 30 30.38 -26.56 -77.44
CA GLU G 30 30.83 -27.83 -76.89
C GLU G 30 31.50 -27.68 -75.53
N LYS G 31 31.53 -26.48 -74.96
CA LYS G 31 32.19 -26.26 -73.68
C LYS G 31 31.29 -26.66 -72.53
N SER G 32 31.87 -27.29 -71.51
CA SER G 32 31.14 -27.65 -70.31
C SER G 32 31.27 -26.54 -69.28
N PHE G 33 30.15 -26.13 -68.69
CA PHE G 33 30.17 -25.05 -67.71
C PHE G 33 31.00 -25.44 -66.49
N VAL G 34 30.84 -26.68 -66.03
CA VAL G 34 31.48 -27.10 -64.78
C VAL G 34 32.99 -27.21 -64.96
N ASP G 35 33.43 -27.71 -66.12
CA ASP G 35 34.85 -28.05 -66.28
C ASP G 35 35.57 -27.10 -67.23
N ASP G 36 35.06 -26.99 -68.46
CA ASP G 36 35.75 -26.16 -69.45
C ASP G 36 35.76 -24.69 -69.07
N LEU G 37 34.60 -24.15 -68.72
CA LEU G 37 34.47 -22.74 -68.38
C LEU G 37 34.57 -22.48 -66.88
N ASP G 38 34.42 -23.51 -66.06
CA ASP G 38 34.51 -23.39 -64.61
C ASP G 38 33.51 -22.36 -64.08
N ILE G 39 32.22 -22.66 -64.29
CA ILE G 39 31.13 -21.80 -63.87
C ILE G 39 30.32 -22.57 -62.83
N ASP G 40 30.21 -22.01 -61.62
CA ASP G 40 29.46 -22.65 -60.56
C ASP G 40 27.96 -22.39 -60.75
N SER G 41 27.15 -22.97 -59.86
CA SER G 41 25.70 -22.91 -60.04
C SER G 41 25.17 -21.50 -59.83
N LEU G 42 25.74 -20.76 -58.87
CA LEU G 42 25.26 -19.40 -58.63
C LEU G 42 25.50 -18.51 -59.83
N SER G 43 26.65 -18.65 -60.49
CA SER G 43 26.89 -17.92 -61.72
C SER G 43 25.87 -18.31 -62.78
N MET G 44 25.49 -19.58 -62.81
CA MET G 44 24.50 -20.02 -63.79
C MET G 44 23.13 -19.40 -63.52
N VAL G 45 22.72 -19.30 -62.25
CA VAL G 45 21.44 -18.66 -61.97
C VAL G 45 21.51 -17.17 -62.26
N GLU G 46 22.69 -16.55 -62.10
CA GLU G 46 22.82 -15.16 -62.52
C GLU G 46 22.64 -15.02 -64.03
N ILE G 47 23.22 -15.94 -64.79
CA ILE G 47 23.04 -15.94 -66.23
C ILE G 47 21.58 -16.10 -66.59
N ALA G 48 20.87 -16.96 -65.86
CA ALA G 48 19.44 -17.15 -66.10
C ALA G 48 18.66 -15.87 -65.82
N VAL G 49 19.01 -15.17 -64.74
CA VAL G 49 18.32 -13.91 -64.41
C VAL G 49 18.54 -12.88 -65.50
N GLN G 50 19.79 -12.75 -65.95
CA GLN G 50 20.10 -11.77 -67.01
C GLN G 50 19.36 -12.12 -68.30
N THR G 51 19.34 -13.40 -68.65
CA THR G 51 18.65 -13.83 -69.87
C THR G 51 17.16 -13.55 -69.79
N GLU G 52 16.55 -13.81 -68.63
CA GLU G 52 15.12 -13.55 -68.48
C GLU G 52 14.83 -12.06 -68.56
N ASP G 53 15.67 -11.23 -67.97
CA ASP G 53 15.42 -9.80 -67.97
C ASP G 53 15.78 -9.13 -69.29
N LYS G 54 16.55 -9.78 -70.16
CA LYS G 54 16.88 -9.13 -71.42
C LYS G 54 16.10 -9.69 -72.59
N TYR G 55 16.06 -11.02 -72.74
CA TYR G 55 15.41 -11.66 -73.87
C TYR G 55 14.09 -12.32 -73.53
N GLY G 56 13.67 -12.26 -72.26
CA GLY G 56 12.38 -12.81 -71.88
C GLY G 56 12.30 -14.33 -71.90
N VAL G 57 13.41 -15.01 -71.67
CA VAL G 57 13.43 -16.48 -71.61
C VAL G 57 13.57 -16.87 -70.15
N LYS G 58 12.59 -17.61 -69.63
CA LYS G 58 12.57 -17.99 -68.23
C LYS G 58 13.13 -19.41 -68.08
N ILE G 59 14.16 -19.55 -67.26
CA ILE G 59 14.78 -20.85 -67.01
C ILE G 59 14.71 -21.18 -65.52
N PRO G 60 13.87 -22.12 -65.11
CA PRO G 60 13.80 -22.47 -63.68
C PRO G 60 15.07 -23.18 -63.22
N ASP G 61 15.26 -23.19 -61.89
CA ASP G 61 16.48 -23.74 -61.32
C ASP G 61 16.61 -25.24 -61.57
N GLU G 62 15.49 -25.96 -61.52
CA GLU G 62 15.54 -27.40 -61.74
C GLU G 62 16.10 -27.72 -63.11
N ASP G 63 15.70 -26.94 -64.12
CA ASP G 63 16.29 -27.10 -65.45
C ASP G 63 17.75 -26.69 -65.46
N LEU G 64 18.10 -25.65 -64.70
CA LEU G 64 19.49 -25.22 -64.63
C LEU G 64 20.39 -26.33 -64.12
N ALA G 65 19.86 -27.18 -63.24
CA ALA G 65 20.64 -28.33 -62.79
C ALA G 65 20.94 -29.26 -63.96
N GLY G 66 19.97 -29.48 -64.83
CA GLY G 66 20.15 -30.41 -65.93
C GLY G 66 21.15 -29.92 -66.96
N LEU G 67 21.10 -28.63 -67.28
CA LEU G 67 21.94 -28.09 -68.34
C LEU G 67 23.42 -28.27 -68.01
N ARG G 68 24.17 -28.77 -68.99
CA ARG G 68 25.57 -29.12 -68.78
C ARG G 68 26.52 -28.30 -69.65
N THR G 69 26.29 -28.27 -70.96
CA THR G 69 27.14 -27.55 -71.88
C THR G 69 26.38 -26.38 -72.51
N VAL G 70 27.14 -25.52 -73.19
CA VAL G 70 26.51 -24.37 -73.84
C VAL G 70 25.51 -24.82 -74.89
N GLY G 71 25.85 -25.88 -75.62
CA GLY G 71 24.91 -26.40 -76.61
C GLY G 71 23.60 -26.84 -75.99
N ASP G 72 23.66 -27.41 -74.78
CA ASP G 72 22.44 -27.81 -74.10
C ASP G 72 21.54 -26.61 -73.81
N VAL G 73 22.14 -25.52 -73.33
CA VAL G 73 21.36 -24.32 -73.04
C VAL G 73 20.77 -23.74 -74.33
N VAL G 74 21.56 -23.74 -75.40
CA VAL G 74 21.07 -23.23 -76.68
C VAL G 74 19.89 -24.07 -77.16
N ALA G 75 20.00 -25.39 -77.03
CA ALA G 75 18.92 -26.28 -77.43
C ALA G 75 17.67 -26.02 -76.60
N TYR G 76 17.84 -25.82 -75.30
CA TYR G 76 16.71 -25.52 -74.43
C TYR G 76 16.02 -24.22 -74.84
N ILE G 77 16.81 -23.19 -75.13
CA ILE G 77 16.24 -21.91 -75.53
C ILE G 77 15.49 -22.04 -76.85
N GLN G 78 16.08 -22.77 -77.80
CA GLN G 78 15.41 -22.97 -79.09
C GLN G 78 14.13 -23.76 -78.93
N LYS G 79 14.13 -24.77 -78.04
CA LYS G 79 12.92 -25.54 -77.79
C LYS G 79 11.82 -24.65 -77.21
N LEU G 80 12.18 -23.78 -76.27
CA LEU G 80 11.21 -22.84 -75.73
C LEU G 80 10.68 -21.92 -76.81
N GLU G 81 11.57 -21.42 -77.66
CA GLU G 81 11.16 -20.50 -78.72
C GLU G 81 10.21 -21.17 -79.70
N GLU G 82 10.46 -22.44 -80.02
CA GLU G 82 9.61 -23.17 -80.95
C GLU G 82 8.36 -23.69 -80.26
N LEU H 2 -24.39 -31.38 -47.40
CA LEU H 2 -25.03 -30.59 -46.35
C LEU H 2 -25.44 -29.22 -46.88
N GLY H 3 -25.94 -29.19 -48.12
CA GLY H 3 -26.33 -27.93 -48.74
C GLY H 3 -27.49 -27.25 -48.03
N ARG H 4 -28.40 -28.04 -47.45
CA ARG H 4 -29.55 -27.50 -46.74
C ARG H 4 -29.49 -27.74 -45.24
N ILE H 5 -28.30 -28.05 -44.71
CA ILE H 5 -28.16 -28.36 -43.29
C ILE H 5 -27.17 -27.40 -42.64
N TRP H 6 -26.28 -26.82 -43.45
CA TRP H 6 -25.20 -26.01 -42.90
C TRP H 6 -25.73 -24.74 -42.24
N LEU H 7 -26.78 -24.15 -42.80
CA LEU H 7 -27.25 -22.85 -42.29
C LEU H 7 -27.92 -22.99 -40.92
N PRO H 8 -28.97 -23.81 -40.74
CA PRO H 8 -29.62 -23.86 -39.43
C PRO H 8 -28.70 -24.31 -38.29
N VAL H 9 -27.77 -25.22 -38.57
CA VAL H 9 -26.84 -25.67 -37.54
C VAL H 9 -25.96 -24.52 -37.08
N LEU H 10 -25.43 -23.74 -38.02
CA LEU H 10 -24.61 -22.60 -37.66
C LEU H 10 -25.42 -21.55 -36.93
N ILE H 11 -26.68 -21.36 -37.33
CA ILE H 11 -27.55 -20.41 -36.63
C ILE H 11 -27.73 -20.83 -35.18
N VAL H 12 -28.01 -22.11 -34.96
CA VAL H 12 -28.21 -22.62 -33.60
C VAL H 12 -26.93 -22.46 -32.78
N VAL H 13 -25.78 -22.76 -33.41
CA VAL H 13 -24.50 -22.63 -32.70
C VAL H 13 -24.26 -21.20 -32.27
N ALA H 14 -24.49 -20.25 -33.18
CA ALA H 14 -24.29 -18.84 -32.85
C ALA H 14 -25.25 -18.40 -31.74
N VAL H 15 -26.51 -18.81 -31.83
CA VAL H 15 -27.50 -18.44 -30.81
C VAL H 15 -27.08 -18.97 -29.46
N ALA H 16 -26.60 -20.22 -29.42
CA ALA H 16 -26.15 -20.82 -28.17
C ALA H 16 -24.97 -20.05 -27.60
N ALA H 17 -24.01 -19.66 -28.45
CA ALA H 17 -22.85 -18.91 -27.97
C ALA H 17 -23.28 -17.57 -27.38
N GLY H 18 -24.16 -16.86 -28.08
CA GLY H 18 -24.63 -15.58 -27.58
C GLY H 18 -25.37 -15.72 -26.26
N ALA H 19 -26.22 -16.76 -26.16
CA ALA H 19 -26.95 -17.00 -24.93
C ALA H 19 -26.00 -17.30 -23.77
N LEU H 20 -24.96 -18.08 -24.04
CA LEU H 20 -23.97 -18.39 -23.00
C LEU H 20 -23.27 -17.13 -22.52
N ILE H 21 -22.84 -16.29 -23.45
CA ILE H 21 -22.15 -15.04 -23.08
C ILE H 21 -23.08 -14.16 -22.27
N VAL H 22 -24.35 -14.07 -22.68
CA VAL H 22 -25.32 -13.27 -21.93
C VAL H 22 -25.47 -13.82 -20.52
N MET H 23 -25.70 -15.13 -20.40
CA MET H 23 -25.96 -15.72 -19.09
C MET H 23 -24.79 -15.50 -18.15
N ASN H 24 -23.57 -15.51 -18.68
CA ASN H 24 -22.41 -15.25 -17.83
C ASN H 24 -22.34 -13.78 -17.43
N VAL H 25 -22.21 -12.89 -18.43
CA VAL H 25 -21.87 -11.51 -18.13
C VAL H 25 -23.00 -10.81 -17.38
N ARG H 26 -24.25 -11.17 -17.67
CA ARG H 26 -25.38 -10.57 -16.97
C ARG H 26 -25.32 -10.88 -15.47
N THR H 27 -24.96 -12.11 -15.12
CA THR H 27 -24.87 -12.49 -13.72
C THR H 27 -23.59 -12.00 -13.05
N VAL H 28 -22.56 -11.64 -13.83
CA VAL H 28 -21.31 -11.16 -13.22
C VAL H 28 -21.55 -9.87 -12.45
N PHE H 29 -22.43 -9.00 -12.94
CA PHE H 29 -22.66 -7.70 -12.31
C PHE H 29 -23.27 -7.86 -10.92
N GLY H 30 -22.93 -6.93 -10.04
CA GLY H 30 -23.50 -6.94 -8.69
C GLY H 30 -22.79 -7.96 -7.82
N SER H 31 -23.59 -8.73 -7.07
CA SER H 31 -23.11 -9.84 -6.25
C SER H 31 -22.10 -9.41 -5.19
N ASN H 32 -22.29 -8.23 -4.60
CA ASN H 32 -21.47 -7.82 -3.46
C ASN H 32 -22.17 -6.74 -2.65
N PRO H 33 -23.35 -7.01 -2.10
CA PRO H 33 -24.10 -5.94 -1.42
C PRO H 33 -23.59 -5.63 -0.02
N VAL H 34 -23.16 -6.64 0.72
CA VAL H 34 -22.79 -6.50 2.13
C VAL H 34 -21.42 -7.11 2.36
N VAL H 35 -20.75 -6.65 3.42
CA VAL H 35 -19.48 -7.22 3.88
C VAL H 35 -19.70 -7.71 5.30
N VAL H 36 -19.36 -8.98 5.54
CA VAL H 36 -19.51 -9.60 6.86
C VAL H 36 -18.13 -10.00 7.35
N THR H 37 -17.71 -9.44 8.48
CA THR H 37 -16.40 -9.75 9.03
C THR H 37 -16.40 -11.11 9.72
N GLU H 38 -15.23 -11.73 9.76
CA GLU H 38 -15.07 -13.03 10.40
C GLU H 38 -14.94 -12.87 11.91
N LYS H 39 -15.38 -13.89 12.64
CA LYS H 39 -15.36 -13.89 14.09
C LYS H 39 -14.38 -14.94 14.60
N THR H 40 -13.46 -14.53 15.47
CA THR H 40 -12.49 -15.43 16.08
C THR H 40 -12.46 -15.13 17.58
N SER H 41 -13.26 -15.86 18.34
CA SER H 41 -13.31 -15.72 19.79
C SER H 41 -12.50 -16.83 20.46
N ASP H 42 -12.27 -16.65 21.75
CA ASP H 42 -11.53 -17.61 22.56
C ASP H 42 -12.48 -18.44 23.41
N ASN H 43 -12.00 -19.61 23.81
CA ASN H 43 -12.79 -20.47 24.67
C ASN H 43 -12.87 -19.89 26.07
N ALA H 44 -14.08 -19.68 26.56
CA ALA H 44 -14.31 -19.12 27.90
C ALA H 44 -14.62 -20.26 28.84
N GLU H 45 -13.58 -20.81 29.47
CA GLU H 45 -13.72 -21.92 30.40
C GLU H 45 -12.93 -21.62 31.67
N ASP H 46 -13.20 -22.40 32.72
CA ASP H 46 -12.56 -22.23 34.02
C ASP H 46 -11.91 -23.55 34.41
N PHE H 47 -10.67 -23.75 33.94
CA PHE H 47 -9.89 -24.92 34.30
C PHE H 47 -8.58 -24.45 34.92
N ASN H 48 -8.24 -25.03 36.06
CA ASN H 48 -7.08 -24.63 36.85
C ASN H 48 -7.02 -23.11 37.07
N PRO H 49 -8.04 -22.52 37.68
CA PRO H 49 -7.98 -21.07 37.97
C PRO H 49 -7.07 -20.84 39.17
N LYS H 50 -6.23 -19.81 39.09
CA LYS H 50 -5.38 -19.48 40.22
C LYS H 50 -6.23 -18.97 41.37
N VAL H 51 -5.87 -19.38 42.59
CA VAL H 51 -6.64 -19.09 43.79
C VAL H 51 -5.84 -18.16 44.68
N VAL H 52 -6.43 -17.03 45.05
CA VAL H 52 -5.81 -16.05 45.93
C VAL H 52 -6.59 -16.04 47.24
N THR H 53 -5.86 -16.10 48.36
CA THR H 53 -6.48 -16.15 49.68
C THR H 53 -5.96 -15.01 50.54
N TYR H 54 -6.87 -14.22 51.08
CA TYR H 54 -6.54 -13.18 52.05
C TYR H 54 -6.79 -13.72 53.45
N GLU H 55 -5.89 -13.41 54.38
CA GLU H 55 -6.04 -13.82 55.77
C GLU H 55 -5.69 -12.64 56.67
N ILE H 56 -6.57 -12.33 57.61
CA ILE H 56 -6.34 -11.30 58.62
C ILE H 56 -6.58 -11.93 59.98
N PHE H 57 -5.64 -11.75 60.89
CA PHE H 57 -5.77 -12.28 62.24
C PHE H 57 -4.91 -11.48 63.19
N GLY H 58 -5.36 -11.34 64.44
CA GLY H 58 -4.62 -10.59 65.43
C GLY H 58 -5.19 -10.85 66.80
N SER H 59 -4.60 -10.14 67.79
CA SER H 59 -5.06 -10.28 69.16
C SER H 59 -6.36 -9.54 69.41
N GLY H 60 -6.76 -8.67 68.49
CA GLY H 60 -7.98 -7.91 68.67
C GLY H 60 -9.22 -8.74 68.45
N SER H 61 -10.37 -8.14 68.75
CA SER H 61 -11.64 -8.81 68.56
C SER H 61 -12.12 -8.70 67.12
N SER H 62 -12.20 -7.48 66.60
CA SER H 62 -12.67 -7.22 65.25
C SER H 62 -11.69 -6.32 64.51
N ALA H 63 -11.99 -6.06 63.24
CA ALA H 63 -11.11 -5.24 62.41
C ALA H 63 -11.90 -4.65 61.25
N VAL H 64 -11.34 -3.62 60.64
CA VAL H 64 -11.88 -3.01 59.44
C VAL H 64 -10.94 -3.31 58.30
N ILE H 65 -11.46 -3.89 57.22
CA ILE H 65 -10.65 -4.48 56.16
C ILE H 65 -11.04 -3.86 54.83
N ASN H 66 -10.04 -3.41 54.07
CA ASN H 66 -10.21 -2.97 52.69
C ASN H 66 -9.27 -3.77 51.81
N TYR H 67 -9.79 -4.29 50.70
CA TYR H 67 -9.00 -5.13 49.81
C TYR H 67 -9.43 -4.88 48.38
N MET H 68 -8.55 -5.25 47.45
CA MET H 68 -8.82 -5.18 46.03
C MET H 68 -9.17 -6.57 45.53
N ASP H 69 -10.34 -6.71 44.92
CA ASP H 69 -10.69 -7.99 44.34
C ASP H 69 -9.87 -8.22 43.07
N LEU H 70 -9.98 -9.44 42.53
CA LEU H 70 -9.16 -9.80 41.38
C LEU H 70 -9.63 -9.12 40.10
N GLU H 71 -10.75 -8.43 40.12
CA GLU H 71 -11.20 -7.63 39.00
C GLU H 71 -10.67 -6.21 39.03
N GLY H 72 -9.86 -5.88 40.04
CA GLY H 72 -9.27 -4.56 40.13
C GLY H 72 -10.18 -3.48 40.67
N MET H 73 -11.09 -3.84 41.57
CA MET H 73 -12.01 -2.87 42.16
C MET H 73 -11.89 -2.92 43.68
N PRO H 74 -11.88 -1.78 44.36
CA PRO H 74 -11.77 -1.80 45.82
C PRO H 74 -13.06 -2.30 46.47
N GLN H 75 -12.91 -3.14 47.49
CA GLN H 75 -14.01 -3.66 48.28
C GLN H 75 -13.71 -3.41 49.76
N ARG H 76 -14.77 -3.24 50.55
CA ARG H 76 -14.61 -2.91 51.95
C ARG H 76 -15.51 -3.79 52.81
N VAL H 77 -15.03 -4.10 54.01
CA VAL H 77 -15.79 -4.83 55.02
C VAL H 77 -15.92 -3.92 56.23
N GLU H 78 -17.16 -3.71 56.70
CA GLU H 78 -17.42 -2.73 57.73
C GLU H 78 -16.66 -3.05 59.02
N SER H 79 -17.01 -4.15 59.67
CA SER H 79 -16.31 -4.58 60.88
C SER H 79 -16.71 -6.01 61.17
N THR H 80 -15.71 -6.89 61.21
CA THR H 80 -15.97 -8.31 61.36
C THR H 80 -15.03 -8.91 62.40
N PRO H 81 -15.50 -9.87 63.19
CA PRO H 81 -14.62 -10.51 64.17
C PRO H 81 -13.46 -11.24 63.50
N LEU H 82 -12.30 -11.17 64.13
CA LEU H 82 -11.12 -11.90 63.67
C LEU H 82 -11.14 -13.31 64.22
N PRO H 83 -10.53 -14.30 63.54
CA PRO H 83 -9.80 -14.20 62.26
C PRO H 83 -10.73 -14.10 61.06
N TRP H 84 -10.25 -13.53 59.96
CA TRP H 84 -11.06 -13.33 58.77
C TRP H 84 -10.30 -13.86 57.56
N SER H 85 -10.99 -14.58 56.70
CA SER H 85 -10.39 -15.16 55.52
C SER H 85 -11.32 -15.04 54.33
N LEU H 86 -10.73 -14.90 53.14
CA LEU H 86 -11.49 -14.81 51.90
C LEU H 86 -10.68 -15.47 50.80
N THR H 87 -11.35 -16.25 49.96
CA THR H 87 -10.72 -16.94 48.85
C THR H 87 -11.30 -16.44 47.54
N LEU H 88 -10.42 -16.08 46.61
CA LEU H 88 -10.81 -15.59 45.30
C LEU H 88 -10.08 -16.36 44.23
N GLN H 89 -10.69 -16.46 43.05
CA GLN H 89 -10.09 -17.15 41.92
C GLN H 89 -10.28 -16.34 40.65
N THR H 90 -9.37 -16.53 39.70
CA THR H 90 -9.43 -15.83 38.43
C THR H 90 -8.71 -16.65 37.38
N THR H 91 -8.86 -16.24 36.12
CA THR H 91 -8.20 -16.89 35.01
C THR H 91 -7.15 -15.98 34.36
N LEU H 92 -6.94 -14.79 34.88
CA LEU H 92 -6.00 -13.84 34.30
C LEU H 92 -4.56 -14.26 34.58
N PRO H 93 -3.65 -14.02 33.63
CA PRO H 93 -2.24 -14.42 33.85
C PRO H 93 -1.59 -13.73 35.03
N SER H 94 -1.93 -12.48 35.30
CA SER H 94 -1.30 -11.72 36.37
C SER H 94 -2.34 -10.86 37.08
N VAL H 95 -2.28 -10.86 38.40
CA VAL H 95 -3.17 -10.07 39.24
C VAL H 95 -2.35 -9.35 40.29
N MET H 96 -2.98 -8.38 40.95
CA MET H 96 -2.33 -7.56 41.98
C MET H 96 -3.13 -7.68 43.27
N PRO H 97 -2.82 -8.67 44.11
CA PRO H 97 -3.48 -8.76 45.42
C PRO H 97 -3.05 -7.61 46.32
N HIS H 98 -4.00 -7.09 47.09
CA HIS H 98 -3.75 -5.93 47.93
C HIS H 98 -4.82 -5.88 49.01
N ILE H 99 -4.42 -5.66 50.26
CA ILE H 99 -5.36 -5.65 51.37
C ILE H 99 -4.78 -4.84 52.52
N MET H 100 -5.66 -4.11 53.21
CA MET H 100 -5.31 -3.37 54.41
C MET H 100 -6.28 -3.76 55.52
N ALA H 101 -5.83 -3.59 56.77
CA ALA H 101 -6.68 -3.94 57.91
C ALA H 101 -6.23 -3.17 59.14
N GLN H 102 -7.20 -2.68 59.90
CA GLN H 102 -6.93 -2.07 61.19
C GLN H 102 -7.89 -2.64 62.22
N GLY H 103 -7.34 -3.09 63.36
CA GLY H 103 -8.12 -3.67 64.43
C GLY H 103 -8.03 -2.88 65.72
N ASP H 104 -8.70 -3.41 66.74
CA ASP H 104 -8.72 -2.82 68.06
C ASP H 104 -7.71 -3.45 69.01
N GLY H 105 -6.90 -4.40 68.53
CA GLY H 105 -5.91 -5.06 69.35
C GLY H 105 -4.52 -4.45 69.17
N ASP H 106 -3.58 -4.98 69.95
CA ASP H 106 -2.21 -4.48 69.92
C ASP H 106 -1.36 -5.15 68.86
N SER H 107 -1.90 -6.09 68.10
CA SER H 107 -1.16 -6.75 67.04
C SER H 107 -2.15 -7.24 65.99
N ILE H 108 -1.73 -7.18 64.73
CA ILE H 108 -2.55 -7.65 63.61
C ILE H 108 -1.63 -8.05 62.47
N THR H 109 -2.03 -9.07 61.71
CA THR H 109 -1.20 -9.65 60.67
C THR H 109 -2.05 -9.98 59.45
N CYS H 110 -1.50 -9.70 58.27
CA CYS H 110 -2.10 -10.10 57.01
C CYS H 110 -1.19 -11.10 56.30
N ARG H 111 -1.79 -11.93 55.45
CA ARG H 111 -1.05 -12.94 54.71
C ARG H 111 -1.77 -13.21 53.39
N VAL H 112 -1.02 -13.16 52.29
CA VAL H 112 -1.56 -13.41 50.96
C VAL H 112 -0.99 -14.73 50.46
N THR H 113 -1.86 -15.64 50.04
CA THR H 113 -1.46 -16.95 49.56
C THR H 113 -1.98 -17.13 48.14
N VAL H 114 -1.07 -17.42 47.20
CA VAL H 114 -1.41 -17.63 45.80
C VAL H 114 -1.01 -19.06 45.44
N ASP H 115 -2.00 -19.87 45.07
CA ASP H 115 -1.78 -21.27 44.71
C ASP H 115 -1.03 -22.02 45.81
N ASP H 116 -1.50 -21.88 47.05
CA ASP H 116 -0.95 -22.56 48.21
C ASP H 116 0.51 -22.18 48.45
N VAL H 117 0.91 -20.97 48.07
CA VAL H 117 2.24 -20.45 48.34
C VAL H 117 2.07 -19.07 48.96
N VAL H 118 2.76 -18.84 50.08
CA VAL H 118 2.65 -17.56 50.77
C VAL H 118 3.56 -16.55 50.08
N LYS H 119 2.96 -15.46 49.59
CA LYS H 119 3.71 -14.43 48.88
C LYS H 119 4.11 -13.26 49.77
N GLU H 120 3.34 -12.98 50.82
CA GLU H 120 3.58 -11.79 51.63
C GLU H 120 2.95 -12.00 53.00
N GLU H 121 3.60 -11.46 54.03
CA GLU H 121 3.05 -11.50 55.38
C GLU H 121 3.67 -10.37 56.18
N ARG H 122 2.83 -9.54 56.78
CA ARG H 122 3.28 -8.34 57.47
C ARG H 122 2.55 -8.20 58.79
N THR H 123 3.28 -7.80 59.83
CA THR H 123 2.74 -7.67 61.17
C THR H 123 3.01 -6.27 61.70
N ALA H 124 2.00 -5.68 62.35
CA ALA H 124 2.09 -4.36 62.93
C ALA H 124 1.81 -4.44 64.42
N THR H 125 2.54 -3.65 65.20
CA THR H 125 2.48 -3.69 66.66
C THR H 125 2.17 -2.31 67.19
N GLY H 126 1.43 -2.27 68.29
CA GLY H 126 1.03 -1.04 68.93
C GLY H 126 -0.48 -0.95 69.09
N MET H 127 -0.89 0.06 69.84
CA MET H 127 -2.31 0.27 70.07
C MET H 127 -3.00 0.60 68.75
N ASN H 128 -4.11 -0.09 68.48
CA ASN H 128 -4.86 0.06 67.24
C ASN H 128 -3.96 -0.11 66.03
N ALA H 129 -3.27 -1.24 65.99
CA ALA H 129 -2.31 -1.50 64.93
C ALA H 129 -3.00 -1.58 63.57
N GLU H 130 -2.29 -1.15 62.54
CA GLU H 130 -2.78 -1.21 61.16
C GLU H 130 -1.67 -1.77 60.29
N THR H 131 -2.02 -2.73 59.44
CA THR H 131 -1.06 -3.39 58.56
C THR H 131 -1.63 -3.48 57.15
N PHE H 132 -0.73 -3.77 56.20
CA PHE H 132 -1.11 -3.93 54.81
C PHE H 132 -0.25 -5.03 54.19
N CYS H 133 -0.77 -5.64 53.13
CA CYS H 133 -0.04 -6.65 52.37
C CYS H 133 -0.21 -6.33 50.90
N TYR H 134 0.89 -6.04 50.22
CA TYR H 134 0.89 -5.63 48.81
C TYR H 134 1.81 -6.53 48.01
N VAL H 135 1.30 -7.04 46.89
CA VAL H 135 2.09 -7.83 45.95
C VAL H 135 1.92 -7.23 44.57
N LYS H 136 3.04 -6.84 43.95
CA LYS H 136 2.97 -6.11 42.68
C LYS H 136 2.38 -6.98 41.58
N ALA H 137 2.84 -8.23 41.48
CA ALA H 137 2.33 -9.16 40.48
C ALA H 137 2.35 -10.56 41.06
N ALA H 138 1.26 -11.29 40.86
CA ALA H 138 1.15 -12.64 41.37
C ALA H 138 0.41 -13.53 40.38
N LEU I 2 29.22 -26.88 -47.53
CA LEU I 2 29.14 -27.30 -46.14
C LEU I 2 28.09 -28.39 -45.93
N GLY I 3 28.00 -29.30 -46.90
CA GLY I 3 27.00 -30.35 -46.83
C GLY I 3 27.17 -31.28 -45.65
N ARG I 4 28.41 -31.52 -45.23
CA ARG I 4 28.71 -32.40 -44.11
C ARG I 4 29.17 -31.61 -42.88
N ILE I 5 28.95 -30.30 -42.83
CA ILE I 5 29.43 -29.49 -41.73
C ILE I 5 28.26 -28.78 -41.06
N TRP I 6 27.17 -28.56 -41.81
CA TRP I 6 26.07 -27.76 -41.29
C TRP I 6 25.38 -28.44 -40.12
N LEU I 7 25.29 -29.77 -40.14
CA LEU I 7 24.53 -30.47 -39.11
C LEU I 7 25.23 -30.44 -37.76
N PRO I 8 26.48 -30.91 -37.62
CA PRO I 8 27.11 -30.91 -36.28
C PRO I 8 27.26 -29.53 -35.67
N VAL I 9 27.52 -28.51 -36.49
CA VAL I 9 27.66 -27.15 -35.98
C VAL I 9 26.35 -26.67 -35.37
N LEU I 10 25.24 -26.91 -36.07
CA LEU I 10 23.93 -26.51 -35.56
C LEU I 10 23.58 -27.30 -34.31
N ILE I 11 23.96 -28.59 -34.27
CA ILE I 11 23.72 -29.40 -33.08
C ILE I 11 24.45 -28.83 -31.89
N VAL I 12 25.72 -28.47 -32.07
CA VAL I 12 26.51 -27.91 -30.98
C VAL I 12 25.92 -26.57 -30.53
N VAL I 13 25.48 -25.75 -31.49
CA VAL I 13 24.89 -24.46 -31.15
C VAL I 13 23.65 -24.65 -30.29
N ALA I 14 22.77 -25.57 -30.72
CA ALA I 14 21.55 -25.81 -29.96
C ALA I 14 21.85 -26.35 -28.56
N VAL I 15 22.82 -27.26 -28.47
CA VAL I 15 23.20 -27.82 -27.17
C VAL I 15 23.72 -26.71 -26.25
N ALA I 16 24.54 -25.82 -26.80
CA ALA I 16 25.06 -24.72 -26.01
C ALA I 16 23.95 -23.79 -25.52
N ALA I 17 22.98 -23.50 -26.39
CA ALA I 17 21.87 -22.64 -26.00
C ALA I 17 21.06 -23.29 -24.87
N GLY I 18 20.75 -24.58 -25.02
CA GLY I 18 20.00 -25.27 -23.98
C GLY I 18 20.75 -25.31 -22.67
N ALA I 19 22.06 -25.56 -22.73
CA ALA I 19 22.88 -25.59 -21.52
C ALA I 19 22.89 -24.23 -20.84
N LEU I 20 23.00 -23.16 -21.62
CA LEU I 20 22.98 -21.81 -21.05
C LEU I 20 21.66 -21.54 -20.34
N ILE I 21 20.55 -21.87 -20.99
CA ILE I 21 19.23 -21.64 -20.39
C ILE I 21 19.10 -22.44 -19.09
N VAL I 22 19.55 -23.69 -19.13
CA VAL I 22 19.49 -24.52 -17.92
C VAL I 22 20.31 -23.89 -16.80
N MET I 23 21.56 -23.52 -17.10
CA MET I 23 22.45 -22.99 -16.07
C MET I 23 21.87 -21.73 -15.44
N ASN I 24 21.20 -20.91 -16.24
CA ASN I 24 20.57 -19.71 -15.67
C ASN I 24 19.37 -20.07 -14.81
N VAL I 25 18.36 -20.71 -15.41
CA VAL I 25 17.06 -20.85 -14.74
C VAL I 25 17.19 -21.77 -13.53
N ARG I 26 18.05 -22.78 -13.60
CA ARG I 26 18.24 -23.67 -12.47
C ARG I 26 18.76 -22.92 -11.26
N THR I 27 19.69 -21.99 -11.46
CA THR I 27 20.24 -21.22 -10.35
C THR I 27 19.35 -20.06 -9.93
N VAL I 28 18.37 -19.67 -10.75
CA VAL I 28 17.48 -18.58 -10.35
C VAL I 28 16.66 -18.98 -9.12
N PHE I 29 16.26 -20.25 -9.03
CA PHE I 29 15.41 -20.70 -7.93
C PHE I 29 16.11 -20.58 -6.58
N GLY I 30 15.33 -20.31 -5.54
CA GLY I 30 15.88 -20.22 -4.20
C GLY I 30 16.54 -18.88 -3.96
N SER I 31 17.74 -18.93 -3.38
CA SER I 31 18.60 -17.75 -3.18
C SER I 31 17.95 -16.68 -2.32
N ASN I 32 17.14 -17.06 -1.33
CA ASN I 32 16.62 -16.10 -0.37
C ASN I 32 16.20 -16.79 0.92
N PRO I 33 17.12 -17.45 1.63
CA PRO I 33 16.71 -18.23 2.81
C PRO I 33 16.49 -17.38 4.05
N VAL I 34 17.28 -16.32 4.23
CA VAL I 34 17.26 -15.52 5.45
C VAL I 34 17.16 -14.05 5.08
N VAL I 35 16.64 -13.25 6.00
CA VAL I 35 16.58 -11.80 5.88
C VAL I 35 17.38 -11.20 7.02
N VAL I 36 18.34 -10.34 6.69
CA VAL I 36 19.20 -9.69 7.69
C VAL I 36 18.94 -8.19 7.63
N THR I 37 18.48 -7.63 8.75
CA THR I 37 18.20 -6.21 8.81
C THR I 37 19.49 -5.40 8.94
N GLU I 38 19.45 -4.16 8.46
CA GLU I 38 20.59 -3.28 8.52
C GLU I 38 20.69 -2.63 9.90
N LYS I 39 21.92 -2.27 10.28
CA LYS I 39 22.20 -1.69 11.59
C LYS I 39 22.72 -0.27 11.39
N THR I 40 22.10 0.69 12.10
CA THR I 40 22.52 2.10 12.07
C THR I 40 22.52 2.59 13.51
N SER I 41 23.69 2.54 14.15
CA SER I 41 23.85 3.03 15.52
C SER I 41 24.54 4.39 15.52
N ASP I 42 24.55 5.01 16.69
CA ASP I 42 25.15 6.32 16.87
C ASP I 42 26.50 6.21 17.55
N ASN I 43 27.33 7.23 17.36
CA ASN I 43 28.63 7.27 18.01
C ASN I 43 28.47 7.56 19.49
N ALA I 44 28.87 6.59 20.32
CA ALA I 44 28.76 6.72 21.78
C ALA I 44 30.07 7.30 22.30
N GLU I 45 30.15 8.62 22.38
CA GLU I 45 31.34 9.31 22.85
C GLU I 45 30.93 10.39 23.85
N ASP I 46 31.92 10.82 24.65
CA ASP I 46 31.71 11.82 25.70
C ASP I 46 32.59 13.02 25.40
N PHE I 47 32.07 13.93 24.58
CA PHE I 47 32.75 15.19 24.27
C PHE I 47 31.83 16.34 24.64
N ASN I 48 32.38 17.32 25.37
CA ASN I 48 31.62 18.45 25.89
C ASN I 48 30.36 18.01 26.64
N PRO I 49 30.48 17.17 27.67
CA PRO I 49 29.29 16.79 28.43
C PRO I 49 28.89 17.93 29.37
N LYS I 50 27.59 18.18 29.46
CA LYS I 50 27.12 19.21 30.37
C LYS I 50 27.36 18.77 31.81
N VAL I 51 27.76 19.72 32.65
CA VAL I 51 28.13 19.45 34.02
C VAL I 51 27.12 20.11 34.94
N VAL I 52 26.56 19.31 35.85
CA VAL I 52 25.59 19.78 36.84
C VAL I 52 26.20 19.64 38.21
N THR I 53 26.11 20.69 39.02
CA THR I 53 26.70 20.72 40.34
C THR I 53 25.65 21.06 41.39
N TYR I 54 25.56 20.23 42.42
CA TYR I 54 24.71 20.49 43.58
C TYR I 54 25.56 21.06 44.71
N GLU I 55 25.03 22.07 45.40
CA GLU I 55 25.72 22.66 46.54
C GLU I 55 24.74 22.81 47.68
N ILE I 56 25.11 22.31 48.86
CA ILE I 56 24.33 22.48 50.09
C ILE I 56 25.26 23.07 51.14
N PHE I 57 24.82 24.15 51.77
CA PHE I 57 25.61 24.80 52.80
C PHE I 57 24.69 25.60 53.71
N GLY I 58 25.04 25.66 54.99
CA GLY I 58 24.23 26.38 55.95
C GLY I 58 24.97 26.56 57.25
N SER I 59 24.27 27.13 58.22
CA SER I 59 24.87 27.38 59.53
C SER I 59 24.96 26.11 60.36
N GLY I 60 24.26 25.05 59.95
CA GLY I 60 24.28 23.82 60.71
C GLY I 60 25.56 23.04 60.53
N SER I 61 25.66 21.94 61.29
CA SER I 61 26.83 21.08 61.20
C SER I 61 26.68 20.07 60.07
N SER I 62 25.59 19.30 60.09
CA SER I 62 25.35 18.26 59.11
C SER I 62 23.96 18.45 58.50
N ALA I 63 23.63 17.56 57.56
CA ALA I 63 22.35 17.64 56.86
C ALA I 63 22.00 16.29 56.27
N VAL I 64 20.72 16.10 55.97
CA VAL I 64 20.23 14.93 55.26
C VAL I 64 19.81 15.37 53.87
N ILE I 65 20.35 14.74 52.84
CA ILE I 65 20.23 15.21 51.46
C ILE I 65 19.63 14.11 50.60
N ASN I 66 18.63 14.47 49.82
CA ASN I 66 18.06 13.62 48.78
C ASN I 66 18.11 14.36 47.45
N TYR I 67 18.60 13.69 46.41
CA TYR I 67 18.74 14.32 45.11
C TYR I 67 18.45 13.31 44.02
N MET I 68 18.14 13.82 42.84
CA MET I 68 17.93 13.02 41.65
C MET I 68 19.16 13.08 40.77
N ASP I 69 19.77 11.92 40.50
CA ASP I 69 20.90 11.91 39.61
C ASP I 69 20.44 12.16 38.17
N LEU I 70 21.40 12.37 37.28
CA LEU I 70 21.07 12.75 35.92
C LEU I 70 20.50 11.59 35.11
N GLU I 71 20.46 10.39 35.67
CA GLU I 71 19.80 9.25 35.05
C GLU I 71 18.34 9.13 35.46
N GLY I 72 17.84 10.05 36.28
CA GLY I 72 16.45 10.04 36.66
C GLY I 72 16.09 9.08 37.77
N MET I 73 17.01 8.85 38.71
CA MET I 73 16.76 7.95 39.82
C MET I 73 17.01 8.68 41.13
N PRO I 74 16.23 8.43 42.18
CA PRO I 74 16.46 9.11 43.46
C PRO I 74 17.64 8.53 44.20
N GLN I 75 18.47 9.41 44.75
CA GLN I 75 19.63 9.05 45.54
C GLN I 75 19.58 9.76 46.88
N ARG I 76 20.12 9.13 47.91
CA ARG I 76 20.07 9.68 49.26
C ARG I 76 21.42 9.63 49.92
N VAL I 77 21.68 10.61 50.77
CA VAL I 77 22.88 10.68 51.60
C VAL I 77 22.41 10.69 53.05
N GLU I 78 22.94 9.77 53.86
CA GLU I 78 22.43 9.58 55.21
C GLU I 78 22.57 10.83 56.06
N SER I 79 23.81 11.23 56.34
CA SER I 79 24.06 12.46 57.09
C SER I 79 25.52 12.82 56.94
N THR I 80 25.78 14.01 56.40
CA THR I 80 27.14 14.42 56.09
C THR I 80 27.38 15.84 56.55
N PRO I 81 28.59 16.15 57.02
CA PRO I 81 28.88 17.53 57.44
C PRO I 81 28.80 18.50 56.27
N LEU I 82 28.33 19.70 56.57
CA LEU I 82 28.25 20.79 55.60
C LEU I 82 29.56 21.55 55.57
N PRO I 83 29.94 22.18 54.46
CA PRO I 83 29.24 22.25 53.17
C PRO I 83 29.40 20.97 52.35
N TRP I 84 28.44 20.70 51.47
CA TRP I 84 28.44 19.47 50.67
C TRP I 84 28.25 19.84 49.21
N SER I 85 29.07 19.22 48.35
CA SER I 85 29.03 19.50 46.93
C SER I 85 29.14 18.19 46.15
N LEU I 86 28.51 18.16 44.98
CA LEU I 86 28.55 17.01 44.10
C LEU I 86 28.51 17.49 42.66
N THR I 87 29.32 16.87 41.80
CA THR I 87 29.36 17.22 40.39
C THR I 87 28.96 16.03 39.55
N LEU I 88 28.02 16.24 38.64
CA LEU I 88 27.52 15.20 37.75
C LEU I 88 27.60 15.69 36.31
N GLN I 89 27.70 14.74 35.38
CA GLN I 89 27.79 15.06 33.97
C GLN I 89 26.95 14.09 33.17
N THR I 90 26.47 14.54 32.01
CA THR I 90 25.65 13.70 31.14
C THR I 90 25.78 14.22 29.72
N THR I 91 25.33 13.40 28.77
CA THR I 91 25.31 13.76 27.37
C THR I 91 23.90 14.03 26.85
N LEU I 92 22.89 13.92 27.70
CA LEU I 92 21.51 14.09 27.28
C LEU I 92 21.20 15.55 26.99
N PRO I 93 20.34 15.82 26.00
CA PRO I 93 20.01 17.21 25.68
C PRO I 93 19.33 17.97 26.81
N SER I 94 18.49 17.29 27.60
CA SER I 94 17.74 17.95 28.66
C SER I 94 17.68 17.06 29.88
N VAL I 95 17.90 17.65 31.05
CA VAL I 95 17.86 16.94 32.32
C VAL I 95 17.03 17.76 33.32
N MET I 96 16.66 17.11 34.42
CA MET I 96 15.86 17.71 35.47
C MET I 96 16.61 17.60 36.79
N PRO I 97 17.46 18.57 37.12
CA PRO I 97 18.14 18.55 38.42
C PRO I 97 17.16 18.84 39.55
N HIS I 98 17.32 18.14 40.66
CA HIS I 98 16.41 18.24 41.79
C HIS I 98 17.13 17.78 43.04
N ILE I 99 17.03 18.55 44.12
CA ILE I 99 17.70 18.20 45.36
C ILE I 99 16.94 18.80 46.53
N MET I 100 16.89 18.05 47.63
CA MET I 100 16.32 18.52 48.89
C MET I 100 17.32 18.27 50.01
N ALA I 101 17.25 19.08 51.06
CA ALA I 101 18.16 18.93 52.18
C ALA I 101 17.54 19.54 53.43
N GLN I 102 17.69 18.85 54.56
CA GLN I 102 17.30 19.37 55.86
C GLN I 102 18.47 19.22 56.82
N GLY I 103 18.79 20.30 57.53
CA GLY I 103 19.87 20.32 58.47
C GLY I 103 19.42 20.60 59.89
N ASP I 104 20.40 20.64 60.79
CA ASP I 104 20.16 20.94 62.20
C ASP I 104 20.41 22.40 62.55
N GLY I 105 20.73 23.25 61.57
CA GLY I 105 20.95 24.66 61.80
C GLY I 105 19.71 25.49 61.52
N ASP I 106 19.84 26.79 61.79
CA ASP I 106 18.74 27.71 61.60
C ASP I 106 18.63 28.23 60.18
N SER I 107 19.57 27.88 59.30
CA SER I 107 19.53 28.33 57.91
C SER I 107 20.26 27.31 57.04
N ILE I 108 19.71 27.06 55.86
CA ILE I 108 20.31 26.14 54.91
C ILE I 108 19.97 26.61 53.49
N THR I 109 20.90 26.41 52.56
CA THR I 109 20.76 26.92 51.21
C THR I 109 21.20 25.86 50.20
N CYS I 110 20.48 25.77 49.09
CA CYS I 110 20.88 24.93 47.97
C CYS I 110 21.13 25.80 46.74
N ARG I 111 21.93 25.28 45.83
CA ARG I 111 22.30 25.99 44.61
C ARG I 111 22.62 24.99 43.51
N VAL I 112 22.00 25.15 42.36
CA VAL I 112 22.22 24.27 41.21
C VAL I 112 22.94 25.07 40.13
N THR I 113 24.06 24.52 39.64
CA THR I 113 24.88 25.19 38.63
C THR I 113 25.01 24.26 37.43
N VAL I 114 24.61 24.75 36.26
CA VAL I 114 24.72 24.00 35.01
C VAL I 114 25.64 24.78 34.07
N ASP I 115 26.75 24.15 33.69
CA ASP I 115 27.75 24.76 32.81
C ASP I 115 28.21 26.11 33.34
N ASP I 116 28.57 26.13 34.62
CA ASP I 116 29.08 27.32 35.29
C ASP I 116 28.08 28.47 35.28
N VAL I 117 26.79 28.15 35.26
CA VAL I 117 25.73 29.14 35.34
C VAL I 117 24.77 28.71 36.44
N VAL I 118 24.45 29.64 37.34
CA VAL I 118 23.55 29.33 38.45
C VAL I 118 22.12 29.38 37.96
N LYS I 119 21.41 28.26 38.08
CA LYS I 119 20.04 28.16 37.62
C LYS I 119 19.01 28.37 38.71
N GLU I 120 19.35 28.09 39.97
CA GLU I 120 18.39 28.13 41.05
C GLU I 120 19.14 28.22 42.37
N GLU I 121 18.60 28.99 43.30
CA GLU I 121 19.16 29.06 44.65
C GLU I 121 18.05 29.44 45.61
N ARG I 122 17.89 28.64 46.67
CA ARG I 122 16.78 28.81 47.61
C ARG I 122 17.28 28.66 49.03
N THR I 123 16.79 29.52 49.91
CA THR I 123 17.21 29.57 51.31
C THR I 123 16.00 29.43 52.22
N ALA I 124 16.15 28.63 53.27
CA ALA I 124 15.10 28.42 54.26
C ALA I 124 15.61 28.82 55.63
N THR I 125 14.76 29.49 56.39
CA THR I 125 15.11 30.03 57.70
C THR I 125 14.20 29.44 58.76
N GLY I 126 14.76 29.23 59.94
CA GLY I 126 14.05 28.64 61.06
C GLY I 126 14.76 27.43 61.60
N MET I 127 14.30 26.99 62.77
CA MET I 127 14.88 25.83 63.41
C MET I 127 14.68 24.59 62.54
N ASN I 128 15.77 23.83 62.35
CA ASN I 128 15.76 22.64 61.51
C ASN I 128 15.22 22.98 60.12
N ALA I 129 15.79 24.01 59.51
CA ALA I 129 15.31 24.48 58.22
C ALA I 129 15.48 23.41 57.15
N GLU I 130 14.53 23.36 56.23
CA GLU I 130 14.57 22.45 55.10
C GLU I 130 14.29 23.22 53.82
N THR I 131 15.11 23.00 52.80
CA THR I 131 14.99 23.70 51.53
C THR I 131 15.07 22.72 50.38
N PHE I 132 14.70 23.19 49.19
CA PHE I 132 14.75 22.41 47.98
C PHE I 132 15.10 23.30 46.81
N CYS I 133 15.70 22.71 45.78
CA CYS I 133 16.04 23.41 44.54
C CYS I 133 15.58 22.55 43.38
N TYR I 134 14.64 23.06 42.58
CA TYR I 134 14.04 22.33 41.49
C TYR I 134 14.18 23.12 40.19
N VAL I 135 14.66 22.46 39.14
CA VAL I 135 14.76 23.04 37.81
C VAL I 135 14.05 22.10 36.85
N LYS I 136 13.04 22.63 36.15
CA LYS I 136 12.21 21.78 35.28
C LYS I 136 13.02 21.21 34.13
N ALA I 137 13.81 22.04 33.46
CA ALA I 137 14.66 21.59 32.37
C ALA I 137 15.95 22.40 32.37
N ALA I 138 17.07 21.72 32.21
CA ALA I 138 18.36 22.38 32.19
C ALA I 138 19.27 21.75 31.15
#